data_1QXN
#
_entry.id   1QXN
#
loop_
_entity.id
_entity.type
_entity.pdbx_description
1 polymer 'sulfide dehydrogenase'
2 non-polymer PENTASULFIDE-SULFUR
#
_entity_poly.entity_id   1
_entity_poly.type   'polypeptide(L)'
_entity_poly.pdbx_seq_one_letter_code
;ADMGEKFDATFKAQVKAAKADMVMLSPKDAYKLLQENPDITLIDVRDPDELKAMGKPDVKNYKHMSRGKLEPLLAKSGLD
PEKPVVVFCKTAARAALAGKTLREYGFKTIYNSEGGMDKWLEEGLPSLDRSHHHHHH
;
_entity_poly.pdbx_strand_id   A,B
#
# COMPACT_ATOMS: atom_id res chain seq x y z
N ALA A 1 19.02 -21.20 10.30
CA ALA A 1 18.04 -21.20 9.18
C ALA A 1 16.68 -20.76 9.70
N ASP A 2 16.70 -19.65 10.43
CA ASP A 2 15.54 -19.18 11.14
C ASP A 2 15.77 -17.75 11.62
N MET A 3 16.33 -16.94 10.75
CA MET A 3 16.69 -15.56 11.10
C MET A 3 15.49 -14.63 11.03
N GLY A 4 14.29 -15.21 11.07
CA GLY A 4 13.08 -14.42 11.02
C GLY A 4 12.97 -13.41 12.15
N GLU A 5 13.42 -13.82 13.33
CA GLU A 5 13.42 -12.93 14.49
C GLU A 5 14.49 -11.85 14.34
N LYS A 6 15.63 -12.26 13.78
CA LYS A 6 16.77 -11.35 13.64
C LYS A 6 16.45 -10.13 12.78
N PHE A 7 16.01 -10.34 11.54
CA PHE A 7 15.77 -9.20 10.65
C PHE A 7 14.49 -8.45 10.99
N ASP A 8 13.57 -9.13 11.69
CA ASP A 8 12.28 -8.54 12.04
C ASP A 8 12.46 -7.20 12.76
N ALA A 9 13.38 -7.16 13.72
CA ALA A 9 13.68 -5.95 14.47
C ALA A 9 14.09 -4.81 13.54
N THR A 10 14.92 -5.13 12.55
CA THR A 10 15.39 -4.13 11.60
C THR A 10 14.25 -3.62 10.72
N PHE A 11 13.40 -4.53 10.25
CA PHE A 11 12.26 -4.16 9.40
C PHE A 11 11.36 -3.16 10.13
N LYS A 12 11.10 -3.45 11.40
CA LYS A 12 10.30 -2.56 12.24
C LYS A 12 11.00 -1.23 12.49
N ALA A 13 12.32 -1.25 12.42
CA ALA A 13 13.11 -0.03 12.60
C ALA A 13 12.99 0.88 11.39
N GLN A 14 13.04 0.29 10.20
CA GLN A 14 12.94 1.03 8.95
C GLN A 14 11.52 1.54 8.73
N VAL A 15 10.56 0.62 8.83
CA VAL A 15 9.18 0.93 8.50
C VAL A 15 8.57 1.98 9.44
N LYS A 16 8.92 1.91 10.73
CA LYS A 16 8.36 2.83 11.71
C LYS A 16 8.89 4.25 11.51
N ALA A 17 10.13 4.34 11.05
CA ALA A 17 10.76 5.64 10.79
C ALA A 17 9.98 6.43 9.74
N ALA A 18 9.27 5.72 8.88
CA ALA A 18 8.49 6.35 7.81
C ALA A 18 7.32 7.16 8.36
N LYS A 19 6.69 6.68 9.42
CA LYS A 19 5.63 7.43 10.10
C LYS A 19 6.22 8.54 10.98
N ALA A 20 7.48 8.35 11.35
CA ALA A 20 8.18 9.30 12.22
C ALA A 20 8.66 10.52 11.45
N ASP A 21 8.75 10.37 10.14
CA ASP A 21 9.31 11.42 9.28
C ASP A 21 8.49 12.71 9.33
N MET A 22 7.18 12.58 9.47
CA MET A 22 6.29 13.74 9.43
C MET A 22 5.56 13.96 10.75
N VAL A 23 4.63 14.91 10.75
CA VAL A 23 3.83 15.21 11.92
C VAL A 23 2.70 14.19 12.07
N MET A 24 2.78 13.39 13.12
CA MET A 24 1.78 12.35 13.35
C MET A 24 0.61 12.91 14.14
N LEU A 25 -0.57 12.83 13.57
CA LEU A 25 -1.77 13.32 14.18
C LEU A 25 -2.76 12.18 14.40
N SER A 26 -3.98 12.53 14.74
CA SER A 26 -5.05 11.56 14.85
C SER A 26 -6.22 12.01 13.99
N PRO A 27 -6.94 11.07 13.35
CA PRO A 27 -8.02 11.38 12.41
C PRO A 27 -9.01 12.43 12.91
N LYS A 28 -9.22 12.52 14.22
CA LYS A 28 -10.09 13.55 14.78
C LYS A 28 -9.40 14.91 14.77
N ASP A 29 -8.13 14.92 15.15
CA ASP A 29 -7.31 16.13 15.14
C ASP A 29 -7.09 16.61 13.72
N ALA A 30 -7.03 15.66 12.81
CA ALA A 30 -6.86 15.94 11.39
C ALA A 30 -8.15 16.51 10.81
N TYR A 31 -9.28 15.87 11.09
CA TYR A 31 -10.56 16.34 10.60
C TYR A 31 -10.89 17.72 11.19
N LYS A 32 -10.45 17.96 12.42
CA LYS A 32 -10.69 19.22 13.10
C LYS A 32 -10.21 20.40 12.26
N LEU A 33 -8.97 20.35 11.82
CA LEU A 33 -8.40 21.41 11.01
C LEU A 33 -8.95 21.38 9.57
N LEU A 34 -9.37 20.19 9.13
CA LEU A 34 -9.93 20.03 7.79
C LEU A 34 -11.25 20.78 7.65
N GLN A 35 -12.13 20.58 8.63
CA GLN A 35 -13.48 21.14 8.56
C GLN A 35 -13.48 22.63 8.86
N GLU A 36 -12.53 23.09 9.66
CA GLU A 36 -12.48 24.48 10.05
C GLU A 36 -11.73 25.31 9.01
N ASN A 37 -10.69 24.72 8.46
CA ASN A 37 -9.89 25.38 7.45
C ASN A 37 -9.99 24.62 6.13
N PRO A 38 -10.88 25.08 5.23
CA PRO A 38 -11.11 24.42 3.94
C PRO A 38 -9.90 24.50 3.01
N ASP A 39 -8.81 25.06 3.51
CA ASP A 39 -7.56 25.14 2.76
C ASP A 39 -6.69 23.92 3.06
N ILE A 40 -6.87 23.38 4.27
CA ILE A 40 -6.19 22.14 4.65
C ILE A 40 -6.94 20.94 4.10
N THR A 41 -6.34 20.29 3.12
CA THR A 41 -6.98 19.18 2.43
C THR A 41 -6.50 17.83 2.97
N LEU A 42 -7.41 16.85 2.99
CA LEU A 42 -7.01 15.49 3.33
C LEU A 42 -6.87 14.66 2.08
N ILE A 43 -5.78 13.92 1.97
CA ILE A 43 -5.57 13.04 0.85
C ILE A 43 -5.60 11.60 1.32
N ASP A 44 -6.57 10.85 0.81
CA ASP A 44 -6.73 9.47 1.21
C ASP A 44 -6.11 8.57 0.17
N VAL A 45 -5.42 7.54 0.63
CA VAL A 45 -4.81 6.56 -0.24
C VAL A 45 -5.27 5.18 0.17
N ARG A 46 -6.26 4.66 -0.55
CA ARG A 46 -6.78 3.33 -0.30
C ARG A 46 -7.46 2.82 -1.56
N ASP A 47 -7.66 1.52 -1.60
CA ASP A 47 -8.18 0.85 -2.78
C ASP A 47 -9.70 0.98 -2.87
N PRO A 48 -10.25 0.83 -4.08
CA PRO A 48 -11.67 1.12 -4.34
C PRO A 48 -12.66 0.12 -3.75
N ASP A 49 -12.22 -1.10 -3.48
CA ASP A 49 -13.15 -2.11 -2.97
C ASP A 49 -13.45 -1.91 -1.49
N GLU A 50 -12.44 -1.53 -0.72
CA GLU A 50 -12.66 -1.24 0.70
C GLU A 50 -13.46 0.05 0.83
N LEU A 51 -13.13 1.02 -0.03
CA LEU A 51 -13.83 2.31 -0.07
C LEU A 51 -15.30 2.07 -0.37
N LYS A 52 -15.57 1.07 -1.19
CA LYS A 52 -16.92 0.73 -1.60
C LYS A 52 -17.63 -0.07 -0.51
N ALA A 53 -16.94 -1.05 0.05
CA ALA A 53 -17.53 -1.99 1.00
C ALA A 53 -17.63 -1.40 2.41
N MET A 54 -16.54 -0.83 2.89
CA MET A 54 -16.50 -0.36 4.28
C MET A 54 -16.76 1.13 4.38
N GLY A 55 -16.28 1.89 3.41
CA GLY A 55 -16.53 3.31 3.38
C GLY A 55 -15.24 4.13 3.35
N LYS A 56 -15.39 5.43 3.19
CA LYS A 56 -14.26 6.36 3.16
C LYS A 56 -14.65 7.66 3.84
N PRO A 57 -13.67 8.51 4.23
CA PRO A 57 -13.95 9.76 4.94
C PRO A 57 -14.83 10.71 4.13
N ASP A 58 -15.85 11.26 4.79
CA ASP A 58 -16.68 12.28 4.19
C ASP A 58 -16.18 13.65 4.62
N VAL A 59 -15.36 14.25 3.77
CA VAL A 59 -14.77 15.53 4.07
C VAL A 59 -14.97 16.49 2.89
N LYS A 60 -15.16 17.76 3.20
CA LYS A 60 -15.44 18.78 2.20
C LYS A 60 -14.26 18.94 1.24
N ASN A 61 -13.06 18.89 1.79
CA ASN A 61 -11.84 19.06 1.02
C ASN A 61 -11.08 17.75 0.96
N TYR A 62 -11.56 16.86 0.11
CA TYR A 62 -11.05 15.50 0.05
C TYR A 62 -10.50 15.18 -1.33
N LYS A 63 -9.25 14.72 -1.39
CA LYS A 63 -8.67 14.27 -2.64
C LYS A 63 -8.20 12.83 -2.51
N HIS A 64 -8.84 11.92 -3.23
CA HIS A 64 -8.43 10.52 -3.22
C HIS A 64 -7.45 10.29 -4.37
N MET A 65 -6.21 10.01 -4.04
CA MET A 65 -5.16 9.89 -5.05
C MET A 65 -4.65 8.45 -5.11
N SER A 66 -5.08 7.72 -6.13
CA SER A 66 -4.76 6.31 -6.24
C SER A 66 -3.48 6.06 -7.04
N ARG A 67 -3.64 5.59 -8.28
CA ARG A 67 -2.51 5.13 -9.10
C ARG A 67 -1.76 4.03 -8.35
N GLY A 68 -0.43 4.12 -8.28
CA GLY A 68 0.29 3.15 -7.47
C GLY A 68 0.54 3.69 -6.08
N LYS A 69 0.98 4.94 -6.03
CA LYS A 69 1.12 5.63 -4.76
C LYS A 69 0.96 7.13 -4.93
N LEU A 70 -0.05 7.50 -5.74
CA LEU A 70 -0.46 8.89 -5.94
C LEU A 70 0.56 9.72 -6.74
N GLU A 71 1.67 9.09 -7.10
CA GLU A 71 2.76 9.78 -7.81
C GLU A 71 2.26 10.65 -8.99
N PRO A 72 1.65 10.08 -10.04
CA PRO A 72 1.18 10.84 -11.20
C PRO A 72 -0.08 11.65 -10.90
N LEU A 73 -0.77 11.30 -9.82
CA LEU A 73 -2.05 11.92 -9.51
C LEU A 73 -1.87 13.15 -8.63
N LEU A 74 -0.69 13.28 -8.04
CA LEU A 74 -0.39 14.39 -7.14
C LEU A 74 -0.58 15.73 -7.85
N ALA A 75 0.05 15.87 -9.00
CA ALA A 75 -0.05 17.11 -9.77
C ALA A 75 -1.45 17.27 -10.37
N LYS A 76 -2.16 16.16 -10.51
CA LYS A 76 -3.46 16.14 -11.16
C LYS A 76 -4.53 16.75 -10.27
N SER A 77 -4.38 16.64 -8.97
CA SER A 77 -5.36 17.17 -8.04
C SER A 77 -5.20 18.68 -7.91
N GLY A 78 -3.95 19.14 -7.92
CA GLY A 78 -3.68 20.55 -7.73
C GLY A 78 -3.17 20.84 -6.33
N LEU A 79 -1.87 20.72 -6.15
CA LEU A 79 -1.27 20.91 -4.84
C LEU A 79 -0.10 21.89 -4.92
N ASP A 80 0.07 22.69 -3.87
CA ASP A 80 1.15 23.65 -3.80
C ASP A 80 1.87 23.47 -2.47
N PRO A 81 3.20 23.70 -2.43
CA PRO A 81 4.02 23.48 -1.22
C PRO A 81 3.74 24.47 -0.08
N GLU A 82 2.70 25.28 -0.24
CA GLU A 82 2.29 26.18 0.83
C GLU A 82 0.89 25.81 1.32
N LYS A 83 0.48 24.59 1.01
CA LYS A 83 -0.84 24.10 1.39
C LYS A 83 -0.71 23.00 2.45
N PRO A 84 -1.41 23.13 3.58
CA PRO A 84 -1.41 22.12 4.62
C PRO A 84 -2.27 20.92 4.22
N VAL A 85 -1.70 19.73 4.34
CA VAL A 85 -2.40 18.52 3.93
C VAL A 85 -2.16 17.39 4.92
N VAL A 86 -3.12 16.50 5.03
CA VAL A 86 -3.00 15.33 5.90
C VAL A 86 -3.30 14.07 5.10
N VAL A 87 -2.61 12.99 5.42
CA VAL A 87 -2.79 11.73 4.70
C VAL A 87 -3.43 10.68 5.60
N PHE A 88 -4.31 9.87 5.03
CA PHE A 88 -5.02 8.84 5.80
C PHE A 88 -4.51 7.45 5.42
N CYS A 89 -4.71 6.47 6.32
CA CYS A 89 -4.28 5.08 6.08
C CYS A 89 -2.76 4.97 6.06
N LYS A 90 -2.14 5.28 7.20
CA LYS A 90 -0.68 5.33 7.32
C LYS A 90 -0.01 3.98 7.07
N THR A 91 -0.50 2.95 7.73
CA THR A 91 0.20 1.67 7.78
C THR A 91 0.08 0.86 6.50
N ALA A 92 -0.99 0.07 6.38
CA ALA A 92 -1.14 -0.87 5.27
C ALA A 92 -1.04 -0.18 3.91
N ALA A 93 -1.89 0.81 3.69
CA ALA A 93 -1.93 1.56 2.44
C ALA A 93 -0.63 2.34 2.22
N ARG A 94 0.02 2.69 3.33
CA ARG A 94 1.30 3.40 3.31
C ARG A 94 1.11 4.87 2.96
N ALA A 95 0.30 5.56 3.77
CA ALA A 95 0.15 7.02 3.63
C ALA A 95 1.47 7.70 3.93
N ALA A 96 2.33 6.98 4.64
CA ALA A 96 3.67 7.47 4.96
C ALA A 96 4.45 7.77 3.69
N LEU A 97 4.21 6.98 2.64
CA LEU A 97 4.85 7.23 1.35
C LEU A 97 4.23 8.43 0.67
N ALA A 98 2.95 8.66 0.93
CA ALA A 98 2.21 9.75 0.31
C ALA A 98 2.56 11.10 0.91
N GLY A 99 2.72 11.13 2.23
CA GLY A 99 2.90 12.38 2.92
C GLY A 99 4.35 12.74 3.13
N LYS A 100 5.15 11.78 3.58
CA LYS A 100 6.55 12.06 3.95
C LYS A 100 7.35 12.51 2.73
N THR A 101 6.89 12.12 1.55
CA THR A 101 7.49 12.55 0.32
C THR A 101 7.31 14.04 0.13
N LEU A 102 6.07 14.49 0.29
CA LEU A 102 5.70 15.87 0.05
C LEU A 102 6.52 16.82 0.92
N ARG A 103 6.71 16.47 2.19
CA ARG A 103 7.52 17.28 3.09
C ARG A 103 9.00 17.18 2.72
N GLU A 104 9.37 16.05 2.12
CA GLU A 104 10.74 15.86 1.62
C GLU A 104 10.97 16.66 0.35
N TYR A 105 9.90 17.23 -0.19
CA TYR A 105 10.00 18.08 -1.37
C TYR A 105 9.96 19.55 -0.95
N GLY A 106 9.09 19.87 0.00
CA GLY A 106 9.04 21.21 0.54
C GLY A 106 7.64 21.66 0.90
N PHE A 107 6.86 20.77 1.49
CA PHE A 107 5.51 21.13 1.93
C PHE A 107 5.55 21.69 3.34
N LYS A 108 4.76 22.74 3.56
CA LYS A 108 4.77 23.46 4.84
C LYS A 108 4.38 22.56 6.01
N THR A 109 3.08 22.24 6.08
CA THR A 109 2.58 21.45 7.20
C THR A 109 1.83 20.21 6.70
N ILE A 110 2.45 19.06 6.87
CA ILE A 110 1.86 17.81 6.44
C ILE A 110 1.63 16.89 7.64
N TYR A 111 0.43 16.32 7.72
CA TYR A 111 0.08 15.47 8.85
C TYR A 111 -0.14 14.03 8.39
N ASN A 112 0.19 13.08 9.23
CA ASN A 112 -0.11 11.68 8.98
C ASN A 112 -1.11 11.22 10.02
N SER A 113 -2.07 10.40 9.61
CA SER A 113 -3.14 10.00 10.49
C SER A 113 -2.86 8.66 11.16
N GLU A 114 -2.64 8.70 12.47
CA GLU A 114 -2.42 7.49 13.25
C GLU A 114 -3.64 6.59 13.19
N GLY A 115 -3.42 5.29 13.28
CA GLY A 115 -4.49 4.34 13.16
C GLY A 115 -4.70 3.92 11.72
N GLY A 116 -5.77 4.38 11.12
CA GLY A 116 -6.06 4.05 9.75
C GLY A 116 -7.53 4.27 9.42
N MET A 117 -7.99 3.66 8.33
CA MET A 117 -9.39 3.78 7.91
C MET A 117 -10.33 3.25 8.99
N ASP A 118 -9.86 2.23 9.71
CA ASP A 118 -10.62 1.62 10.78
C ASP A 118 -10.91 2.62 11.89
N LYS A 119 -9.99 3.55 12.13
CA LYS A 119 -10.17 4.55 13.17
C LYS A 119 -11.17 5.61 12.75
N TRP A 120 -11.22 5.91 11.46
CA TRP A 120 -12.17 6.91 10.97
C TRP A 120 -13.61 6.44 11.22
N LEU A 121 -13.93 5.24 10.74
CA LEU A 121 -15.26 4.67 10.92
C LEU A 121 -15.59 4.49 12.41
N GLU A 122 -14.64 3.97 13.17
CA GLU A 122 -14.89 3.59 14.56
C GLU A 122 -14.99 4.80 15.49
N GLU A 123 -14.23 5.86 15.21
CA GLU A 123 -14.20 7.03 16.09
C GLU A 123 -15.45 7.90 15.91
N GLY A 124 -16.36 7.45 15.05
CA GLY A 124 -17.61 8.16 14.86
C GLY A 124 -17.44 9.34 13.93
N LEU A 125 -16.36 9.34 13.16
CA LEU A 125 -16.07 10.43 12.25
C LEU A 125 -16.95 10.33 11.01
N PRO A 126 -17.20 11.47 10.35
CA PRO A 126 -18.01 11.53 9.13
C PRO A 126 -17.44 10.65 8.03
N SER A 127 -18.14 9.58 7.71
CA SER A 127 -17.72 8.68 6.67
C SER A 127 -18.79 8.57 5.59
N LEU A 128 -18.38 8.40 4.36
CA LEU A 128 -19.31 8.15 3.28
C LEU A 128 -19.41 6.65 3.05
N ASP A 129 -20.47 6.06 3.55
CA ASP A 129 -20.65 4.62 3.49
C ASP A 129 -22.04 4.29 2.99
N ARG A 130 -22.15 3.24 2.19
CA ARG A 130 -23.43 2.83 1.64
C ARG A 130 -24.16 1.95 2.65
N SER A 131 -24.60 2.55 3.74
CA SER A 131 -25.25 1.85 4.83
C SER A 131 -26.47 1.09 4.33
N HIS A 132 -26.34 -0.23 4.21
CA HIS A 132 -27.41 -1.05 3.68
C HIS A 132 -27.80 -2.13 4.68
N HIS A 133 -29.09 -2.33 4.86
CA HIS A 133 -29.60 -3.31 5.82
C HIS A 133 -30.36 -4.42 5.09
N HIS A 134 -30.49 -4.27 3.77
CA HIS A 134 -31.20 -5.25 2.96
C HIS A 134 -30.32 -6.46 2.65
N HIS A 135 -29.96 -7.20 3.69
CA HIS A 135 -29.10 -8.37 3.54
C HIS A 135 -29.18 -9.24 4.79
N HIS A 136 -29.41 -10.52 4.60
CA HIS A 136 -29.38 -11.49 5.70
C HIS A 136 -28.19 -12.41 5.49
N HIS A 137 -28.11 -12.98 4.30
CA HIS A 137 -26.96 -13.76 3.88
C HIS A 137 -26.36 -13.10 2.66
N ALA B 1 1.42 29.07 -6.24
CA ALA B 1 0.43 28.89 -7.33
C ALA B 1 0.13 27.41 -7.52
N ASP B 2 0.97 26.74 -8.31
CA ASP B 2 0.85 25.30 -8.51
C ASP B 2 2.23 24.71 -8.78
N MET B 3 2.58 23.69 -8.02
CA MET B 3 3.90 23.08 -8.11
C MET B 3 3.78 21.67 -8.67
N GLY B 4 2.70 21.42 -9.40
CA GLY B 4 2.43 20.11 -9.96
C GLY B 4 3.52 19.62 -10.87
N GLU B 5 3.93 20.45 -11.80
CA GLU B 5 4.99 20.11 -12.75
C GLU B 5 6.28 19.77 -12.02
N LYS B 6 6.49 20.42 -10.88
CA LYS B 6 7.73 20.30 -10.15
C LYS B 6 7.84 18.97 -9.40
N PHE B 7 6.88 18.69 -8.51
CA PHE B 7 7.01 17.49 -7.67
C PHE B 7 6.60 16.22 -8.42
N ASP B 8 5.77 16.36 -9.46
CA ASP B 8 5.29 15.20 -10.22
C ASP B 8 6.47 14.35 -10.71
N ALA B 9 7.51 15.00 -11.19
CA ALA B 9 8.70 14.31 -11.64
C ALA B 9 9.50 13.75 -10.47
N THR B 10 9.52 14.47 -9.35
CA THR B 10 10.25 14.03 -8.17
C THR B 10 9.62 12.78 -7.54
N PHE B 11 8.30 12.81 -7.37
CA PHE B 11 7.57 11.68 -6.79
C PHE B 11 7.81 10.42 -7.62
N LYS B 12 7.87 10.61 -8.92
CA LYS B 12 8.13 9.52 -9.85
C LYS B 12 9.55 9.00 -9.72
N ALA B 13 10.45 9.86 -9.27
CA ALA B 13 11.83 9.48 -9.07
C ALA B 13 12.00 8.62 -7.81
N GLN B 14 11.34 9.04 -6.74
CA GLN B 14 11.42 8.32 -5.48
C GLN B 14 10.69 6.98 -5.59
N VAL B 15 9.45 7.03 -6.07
CA VAL B 15 8.64 5.83 -6.20
C VAL B 15 9.28 4.82 -7.17
N LYS B 16 9.97 5.33 -8.18
CA LYS B 16 10.63 4.47 -9.16
C LYS B 16 11.86 3.78 -8.56
N ALA B 17 12.54 4.47 -7.64
CA ALA B 17 13.72 3.92 -6.99
C ALA B 17 13.40 2.63 -6.25
N ALA B 18 12.14 2.51 -5.85
CA ALA B 18 11.67 1.35 -5.13
C ALA B 18 11.59 0.11 -6.02
N LYS B 19 11.28 0.30 -7.30
CA LYS B 19 11.33 -0.81 -8.27
C LYS B 19 12.76 -1.08 -8.72
N ALA B 20 13.61 -0.07 -8.61
CA ALA B 20 15.00 -0.15 -9.06
C ALA B 20 15.85 -0.92 -8.06
N ASP B 21 15.44 -0.89 -6.81
CA ASP B 21 16.15 -1.57 -5.73
C ASP B 21 15.71 -3.03 -5.64
N MET B 22 15.15 -3.54 -6.72
CA MET B 22 14.65 -4.91 -6.77
C MET B 22 14.90 -5.53 -8.14
N VAL B 23 14.96 -6.85 -8.20
CA VAL B 23 15.06 -7.54 -9.47
C VAL B 23 13.67 -7.68 -10.08
N MET B 24 13.37 -6.80 -11.03
CA MET B 24 12.04 -6.76 -11.62
C MET B 24 11.81 -7.92 -12.56
N LEU B 25 10.91 -8.81 -12.17
CA LEU B 25 10.59 -9.99 -12.96
C LEU B 25 9.09 -10.02 -13.26
N SER B 26 8.74 -10.51 -14.43
CA SER B 26 7.35 -10.61 -14.83
C SER B 26 6.71 -11.87 -14.23
N PRO B 27 5.44 -11.77 -13.80
CA PRO B 27 4.73 -12.85 -13.10
C PRO B 27 4.86 -14.25 -13.74
N LYS B 28 5.13 -14.30 -15.03
CA LYS B 28 5.32 -15.59 -15.71
C LYS B 28 6.67 -16.19 -15.34
N ASP B 29 7.71 -15.36 -15.34
CA ASP B 29 9.04 -15.78 -14.92
C ASP B 29 9.06 -15.97 -13.41
N ALA B 30 8.29 -15.16 -12.72
CA ALA B 30 8.18 -15.24 -11.27
C ALA B 30 7.54 -16.56 -10.85
N TYR B 31 6.38 -16.87 -11.42
CA TYR B 31 5.69 -18.10 -11.07
C TYR B 31 6.51 -19.32 -11.46
N LYS B 32 7.30 -19.18 -12.52
CA LYS B 32 8.16 -20.26 -13.00
C LYS B 32 9.08 -20.76 -11.89
N LEU B 33 9.81 -19.85 -11.26
CA LEU B 33 10.73 -20.22 -10.20
C LEU B 33 9.98 -20.69 -8.96
N LEU B 34 8.75 -20.21 -8.79
CA LEU B 34 7.92 -20.59 -7.66
C LEU B 34 7.45 -22.04 -7.77
N GLN B 35 6.91 -22.38 -8.93
CA GLN B 35 6.31 -23.68 -9.14
C GLN B 35 7.35 -24.78 -9.32
N GLU B 36 8.54 -24.42 -9.77
CA GLU B 36 9.58 -25.40 -10.01
C GLU B 36 10.44 -25.61 -8.76
N ASN B 37 10.65 -24.55 -8.00
CA ASN B 37 11.50 -24.61 -6.82
C ASN B 37 10.75 -24.09 -5.60
N PRO B 38 10.25 -24.99 -4.74
CA PRO B 38 9.45 -24.64 -3.56
C PRO B 38 10.23 -23.94 -2.45
N ASP B 39 11.47 -23.57 -2.73
CA ASP B 39 12.25 -22.78 -1.79
C ASP B 39 12.08 -21.30 -2.11
N ILE B 40 11.81 -21.02 -3.38
CA ILE B 40 11.54 -19.67 -3.81
C ILE B 40 10.08 -19.32 -3.55
N THR B 41 9.85 -18.60 -2.46
CA THR B 41 8.50 -18.28 -2.03
C THR B 41 8.04 -16.95 -2.63
N LEU B 42 6.74 -16.85 -2.95
CA LEU B 42 6.17 -15.58 -3.37
C LEU B 42 5.39 -14.98 -2.22
N ILE B 43 5.66 -13.73 -1.94
CA ILE B 43 4.96 -13.02 -0.89
C ILE B 43 4.03 -12.00 -1.50
N ASP B 44 2.75 -12.16 -1.24
CA ASP B 44 1.77 -11.21 -1.71
C ASP B 44 1.46 -10.25 -0.57
N VAL B 45 1.68 -8.98 -0.85
CA VAL B 45 1.43 -7.95 0.13
C VAL B 45 0.37 -7.02 -0.42
N ARG B 46 -0.86 -7.24 0.02
CA ARG B 46 -1.99 -6.52 -0.51
C ARG B 46 -3.16 -6.62 0.45
N ASP B 47 -4.20 -5.84 0.20
CA ASP B 47 -5.41 -5.87 1.00
C ASP B 47 -6.23 -7.11 0.69
N PRO B 48 -6.86 -7.70 1.72
CA PRO B 48 -7.59 -8.96 1.58
C PRO B 48 -9.00 -8.80 0.96
N ASP B 49 -9.55 -7.59 0.99
CA ASP B 49 -10.90 -7.38 0.51
C ASP B 49 -10.97 -7.42 -1.02
N GLU B 50 -10.07 -6.68 -1.68
CA GLU B 50 -9.97 -6.74 -3.13
C GLU B 50 -9.45 -8.12 -3.55
N LEU B 51 -8.64 -8.72 -2.68
CA LEU B 51 -8.16 -10.09 -2.89
C LEU B 51 -9.34 -11.06 -2.95
N LYS B 52 -10.27 -10.88 -2.01
CA LYS B 52 -11.48 -11.69 -1.96
C LYS B 52 -12.29 -11.57 -3.24
N ALA B 53 -12.32 -10.37 -3.80
CA ALA B 53 -13.19 -10.06 -4.92
C ALA B 53 -12.58 -10.45 -6.26
N MET B 54 -11.32 -10.07 -6.48
CA MET B 54 -10.71 -10.21 -7.80
C MET B 54 -9.90 -11.49 -7.93
N GLY B 55 -9.27 -11.90 -6.84
CA GLY B 55 -8.50 -13.12 -6.85
C GLY B 55 -7.09 -12.93 -6.32
N LYS B 56 -6.44 -14.04 -5.99
CA LYS B 56 -5.07 -14.02 -5.47
C LYS B 56 -4.29 -15.17 -6.10
N PRO B 57 -2.95 -15.04 -6.23
CA PRO B 57 -2.12 -16.07 -6.85
C PRO B 57 -2.22 -17.43 -6.13
N ASP B 58 -2.60 -18.45 -6.88
CA ASP B 58 -2.69 -19.80 -6.34
C ASP B 58 -1.44 -20.60 -6.70
N VAL B 59 -0.38 -20.37 -5.95
CA VAL B 59 0.87 -21.08 -6.17
C VAL B 59 1.15 -21.99 -4.99
N LYS B 60 2.05 -22.97 -5.18
CA LYS B 60 2.33 -23.96 -4.15
C LYS B 60 2.83 -23.32 -2.86
N ASN B 61 3.68 -22.32 -3.01
CA ASN B 61 4.27 -21.65 -1.85
C ASN B 61 3.95 -20.16 -1.85
N TYR B 62 2.68 -19.85 -1.65
CA TYR B 62 2.24 -18.47 -1.56
C TYR B 62 1.94 -18.12 -0.11
N LYS B 63 2.56 -17.07 0.39
CA LYS B 63 2.30 -16.60 1.74
C LYS B 63 1.85 -15.14 1.72
N HIS B 64 0.66 -14.90 2.24
CA HIS B 64 0.12 -13.54 2.34
C HIS B 64 0.59 -12.91 3.64
N MET B 65 1.40 -11.88 3.53
CA MET B 65 1.95 -11.23 4.72
C MET B 65 1.25 -9.90 4.93
N SER B 66 0.18 -9.89 5.71
CA SER B 66 -0.65 -8.72 5.84
C SER B 66 -0.48 -8.04 7.20
N ARG B 67 0.19 -6.89 7.18
CA ARG B 67 0.28 -6.03 8.34
C ARG B 67 0.26 -4.58 7.87
N GLY B 68 1.21 -3.75 8.30
CA GLY B 68 1.35 -2.46 7.70
C GLY B 68 2.22 -2.56 6.47
N LYS B 69 3.32 -3.30 6.62
CA LYS B 69 4.20 -3.61 5.51
C LYS B 69 4.91 -4.94 5.76
N LEU B 70 4.14 -5.92 6.24
CA LEU B 70 4.61 -7.31 6.42
C LEU B 70 5.66 -7.47 7.53
N GLU B 71 6.10 -6.36 8.10
CA GLU B 71 7.18 -6.35 9.09
C GLU B 71 7.03 -7.46 10.17
N PRO B 72 5.93 -7.49 10.96
CA PRO B 72 5.77 -8.47 12.05
C PRO B 72 5.47 -9.88 11.56
N LEU B 73 5.03 -10.00 10.31
CA LEU B 73 4.67 -11.29 9.76
C LEU B 73 5.87 -11.95 9.10
N LEU B 74 6.85 -11.14 8.71
CA LEU B 74 8.07 -11.62 8.06
C LEU B 74 8.84 -12.56 8.98
N ALA B 75 8.70 -12.34 10.28
CA ALA B 75 9.38 -13.15 11.29
C ALA B 75 8.71 -14.51 11.47
N LYS B 76 7.40 -14.54 11.26
CA LYS B 76 6.60 -15.73 11.58
C LYS B 76 6.36 -16.61 10.36
N SER B 77 6.75 -16.13 9.19
CA SER B 77 6.50 -16.87 7.96
C SER B 77 7.46 -18.05 7.82
N GLY B 78 8.63 -17.93 8.41
CA GLY B 78 9.65 -18.94 8.23
C GLY B 78 10.55 -18.61 7.07
N LEU B 79 11.09 -17.40 7.09
CA LEU B 79 11.96 -16.93 6.04
C LEU B 79 13.38 -16.82 6.54
N ASP B 80 14.33 -17.16 5.68
CA ASP B 80 15.74 -17.08 6.02
C ASP B 80 16.50 -16.47 4.85
N PRO B 81 17.47 -15.58 5.13
CA PRO B 81 18.22 -14.85 4.09
C PRO B 81 19.03 -15.73 3.12
N GLU B 82 18.71 -17.02 3.08
CA GLU B 82 19.33 -17.93 2.12
C GLU B 82 18.33 -18.32 1.04
N LYS B 83 17.08 -17.89 1.22
CA LYS B 83 16.01 -18.27 0.32
C LYS B 83 15.66 -17.12 -0.61
N PRO B 84 15.30 -17.43 -1.88
CA PRO B 84 14.85 -16.45 -2.83
C PRO B 84 13.36 -16.18 -2.66
N VAL B 85 12.97 -14.92 -2.80
CA VAL B 85 11.59 -14.53 -2.62
C VAL B 85 11.19 -13.48 -3.66
N VAL B 86 9.95 -13.53 -4.09
CA VAL B 86 9.44 -12.55 -5.02
C VAL B 86 8.19 -11.88 -4.43
N VAL B 87 8.07 -10.58 -4.62
CA VAL B 87 6.97 -9.83 -4.06
C VAL B 87 5.97 -9.44 -5.15
N PHE B 88 4.71 -9.80 -4.95
CA PHE B 88 3.67 -9.52 -5.94
C PHE B 88 2.87 -8.29 -5.53
N CYS B 89 2.34 -7.57 -6.53
CA CYS B 89 1.56 -6.35 -6.29
C CYS B 89 2.45 -5.17 -5.92
N LYS B 90 3.26 -4.72 -6.86
CA LYS B 90 4.14 -3.57 -6.66
C LYS B 90 3.40 -2.25 -6.91
N THR B 91 2.14 -2.36 -7.30
CA THR B 91 1.35 -1.19 -7.67
C THR B 91 0.87 -0.41 -6.44
N ALA B 92 -0.43 -0.46 -6.16
CA ALA B 92 -1.03 0.31 -5.08
C ALA B 92 -0.49 -0.12 -3.71
N ALA B 93 -0.43 -1.42 -3.49
CA ALA B 93 0.06 -1.96 -2.22
C ALA B 93 1.56 -1.73 -2.08
N ARG B 94 2.24 -1.66 -3.21
CA ARG B 94 3.67 -1.40 -3.28
C ARG B 94 4.48 -2.48 -2.57
N ALA B 95 4.52 -3.66 -3.19
CA ALA B 95 5.32 -4.78 -2.67
C ALA B 95 6.81 -4.46 -2.73
N ALA B 96 7.15 -3.37 -3.40
CA ALA B 96 8.53 -2.92 -3.49
C ALA B 96 9.12 -2.66 -2.10
N LEU B 97 8.26 -2.23 -1.17
CA LEU B 97 8.70 -1.99 0.20
C LEU B 97 8.98 -3.31 0.92
N ALA B 98 8.30 -4.35 0.49
CA ALA B 98 8.46 -5.66 1.08
C ALA B 98 9.78 -6.28 0.67
N GLY B 99 10.09 -6.18 -0.61
CA GLY B 99 11.27 -6.82 -1.14
C GLY B 99 12.53 -5.99 -1.03
N LYS B 100 12.41 -4.69 -1.29
CA LYS B 100 13.59 -3.82 -1.32
C LYS B 100 14.21 -3.70 0.08
N THR B 101 13.39 -3.79 1.11
CA THR B 101 13.88 -3.76 2.47
C THR B 101 14.62 -5.05 2.83
N LEU B 102 14.14 -6.16 2.31
CA LEU B 102 14.71 -7.47 2.62
C LEU B 102 16.14 -7.63 2.10
N ARG B 103 16.41 -7.08 0.91
CA ARG B 103 17.75 -7.17 0.33
C ARG B 103 18.76 -6.36 1.16
N GLU B 104 18.25 -5.37 1.87
CA GLU B 104 19.05 -4.58 2.80
C GLU B 104 19.48 -5.40 4.01
N TYR B 105 18.96 -6.62 4.10
CA TYR B 105 19.32 -7.52 5.19
C TYR B 105 20.15 -8.68 4.67
N GLY B 106 20.22 -8.82 3.35
CA GLY B 106 21.08 -9.82 2.75
C GLY B 106 20.36 -11.10 2.40
N PHE B 107 19.37 -10.99 1.51
CA PHE B 107 18.65 -12.16 1.04
C PHE B 107 19.29 -12.70 -0.24
N LYS B 108 19.04 -13.96 -0.52
CA LYS B 108 19.65 -14.65 -1.67
C LYS B 108 19.25 -13.98 -2.99
N THR B 109 17.99 -14.13 -3.36
CA THR B 109 17.48 -13.52 -4.57
C THR B 109 16.08 -12.97 -4.35
N ILE B 110 15.94 -11.65 -4.42
CA ILE B 110 14.65 -11.03 -4.21
C ILE B 110 14.14 -10.38 -5.50
N TYR B 111 12.95 -10.79 -5.91
CA TYR B 111 12.37 -10.32 -7.16
C TYR B 111 11.13 -9.48 -6.88
N ASN B 112 10.90 -8.49 -7.72
CA ASN B 112 9.67 -7.71 -7.67
C ASN B 112 8.85 -8.01 -8.91
N SER B 113 7.55 -8.15 -8.75
CA SER B 113 6.71 -8.55 -9.86
C SER B 113 6.23 -7.36 -10.67
N GLU B 114 6.73 -7.27 -11.90
CA GLU B 114 6.32 -6.23 -12.83
C GLU B 114 4.83 -6.36 -13.14
N GLY B 115 4.19 -5.22 -13.39
CA GLY B 115 2.76 -5.21 -13.57
C GLY B 115 2.04 -5.13 -12.24
N GLY B 116 1.40 -6.22 -11.85
CA GLY B 116 0.70 -6.27 -10.59
C GLY B 116 -0.28 -7.42 -10.54
N MET B 117 -1.27 -7.32 -9.67
CA MET B 117 -2.31 -8.36 -9.59
C MET B 117 -3.06 -8.46 -10.91
N ASP B 118 -3.19 -7.32 -11.59
CA ASP B 118 -3.86 -7.26 -12.88
C ASP B 118 -3.15 -8.13 -13.90
N LYS B 119 -1.83 -8.22 -13.80
CA LYS B 119 -1.04 -9.02 -14.73
C LYS B 119 -1.22 -10.51 -14.46
N TRP B 120 -1.43 -10.86 -13.19
CA TRP B 120 -1.63 -12.27 -12.83
C TRP B 120 -2.91 -12.80 -13.46
N LEU B 121 -4.03 -12.12 -13.21
CA LEU B 121 -5.31 -12.53 -13.77
C LEU B 121 -5.30 -12.47 -15.30
N GLU B 122 -4.73 -11.39 -15.84
CA GLU B 122 -4.72 -11.16 -17.29
C GLU B 122 -3.94 -12.24 -18.03
N GLU B 123 -2.90 -12.75 -17.39
CA GLU B 123 -2.04 -13.75 -18.02
C GLU B 123 -2.64 -15.14 -17.90
N GLY B 124 -3.77 -15.23 -17.19
CA GLY B 124 -4.41 -16.51 -17.00
C GLY B 124 -3.59 -17.42 -16.11
N LEU B 125 -2.80 -16.81 -15.24
CA LEU B 125 -1.95 -17.54 -14.32
C LEU B 125 -2.79 -18.21 -13.23
N PRO B 126 -2.24 -19.21 -12.54
CA PRO B 126 -2.93 -19.89 -11.44
C PRO B 126 -3.37 -18.92 -10.35
N SER B 127 -4.66 -18.68 -10.26
CA SER B 127 -5.19 -17.77 -9.28
C SER B 127 -6.33 -18.43 -8.52
N LEU B 128 -6.50 -18.04 -7.27
CA LEU B 128 -7.61 -18.49 -6.46
C LEU B 128 -8.65 -17.39 -6.38
N ASP B 129 -9.69 -17.52 -7.18
CA ASP B 129 -10.72 -16.51 -7.25
C ASP B 129 -12.09 -17.17 -7.23
N ARG B 130 -13.04 -16.53 -6.59
CA ARG B 130 -14.38 -17.05 -6.52
C ARG B 130 -15.21 -16.50 -7.66
N SER B 131 -15.42 -17.33 -8.67
CA SER B 131 -16.16 -16.93 -9.87
C SER B 131 -17.51 -16.33 -9.48
N HIS B 132 -17.77 -15.12 -9.96
CA HIS B 132 -18.98 -14.38 -9.59
C HIS B 132 -20.20 -14.96 -10.33
N HIS B 133 -20.41 -16.26 -10.18
CA HIS B 133 -21.50 -16.94 -10.87
C HIS B 133 -22.78 -16.92 -10.05
N HIS B 134 -23.26 -15.71 -9.78
CA HIS B 134 -24.53 -15.53 -9.09
C HIS B 134 -25.14 -14.21 -9.51
N HIS B 135 -24.83 -13.80 -10.73
CA HIS B 135 -25.31 -12.54 -11.26
C HIS B 135 -25.72 -12.69 -12.71
N HIS B 136 -27.00 -12.46 -12.98
CA HIS B 136 -27.51 -12.50 -14.35
C HIS B 136 -28.28 -11.22 -14.65
N HIS B 137 -28.43 -10.40 -13.62
CA HIS B 137 -29.06 -9.10 -13.73
C HIS B 137 -28.62 -8.28 -12.52
N ALA A 1 15.15 -21.62 8.96
CA ALA A 1 14.26 -21.86 10.13
C ALA A 1 13.79 -20.54 10.74
N ASP A 2 14.12 -20.35 12.02
CA ASP A 2 13.66 -19.18 12.76
C ASP A 2 14.53 -17.96 12.52
N MET A 3 14.88 -17.71 11.26
CA MET A 3 15.57 -16.47 10.90
C MET A 3 14.59 -15.32 10.90
N GLY A 4 13.31 -15.69 10.93
CA GLY A 4 12.23 -14.72 10.92
C GLY A 4 12.36 -13.65 11.98
N GLU A 5 13.05 -13.98 13.07
CA GLU A 5 13.26 -13.03 14.16
C GLU A 5 14.34 -12.01 13.81
N LYS A 6 15.34 -12.45 13.05
CA LYS A 6 16.49 -11.61 12.73
C LYS A 6 16.11 -10.35 11.96
N PHE A 7 15.26 -10.49 10.95
CA PHE A 7 14.89 -9.35 10.12
C PHE A 7 13.64 -8.66 10.64
N ASP A 8 12.85 -9.37 11.43
CA ASP A 8 11.59 -8.83 11.97
C ASP A 8 11.82 -7.50 12.67
N ALA A 9 12.79 -7.46 13.57
CA ALA A 9 13.10 -6.25 14.32
C ALA A 9 13.65 -5.16 13.39
N THR A 10 14.35 -5.56 12.35
CA THR A 10 14.89 -4.61 11.39
C THR A 10 13.77 -4.00 10.57
N PHE A 11 12.81 -4.83 10.14
CA PHE A 11 11.64 -4.34 9.41
C PHE A 11 10.90 -3.29 10.23
N LYS A 12 10.85 -3.52 11.53
CA LYS A 12 10.23 -2.60 12.48
C LYS A 12 11.00 -1.28 12.55
N ALA A 13 12.30 -1.35 12.36
CA ALA A 13 13.15 -0.18 12.41
C ALA A 13 13.03 0.66 11.15
N GLN A 14 13.06 0.00 10.00
CA GLN A 14 13.03 0.70 8.72
C GLN A 14 11.68 1.35 8.50
N VAL A 15 10.61 0.58 8.65
CA VAL A 15 9.28 1.08 8.40
C VAL A 15 8.93 2.22 9.35
N LYS A 16 9.43 2.15 10.58
CA LYS A 16 9.20 3.19 11.57
C LYS A 16 9.71 4.55 11.08
N ALA A 17 10.80 4.54 10.34
CA ALA A 17 11.39 5.77 9.81
C ALA A 17 10.46 6.44 8.82
N ALA A 18 9.65 5.63 8.13
CA ALA A 18 8.71 6.14 7.15
C ALA A 18 7.51 6.81 7.82
N LYS A 19 7.13 6.32 9.00
CA LYS A 19 6.10 6.94 9.81
C LYS A 19 6.64 8.18 10.51
N ALA A 20 7.96 8.18 10.68
CA ALA A 20 8.65 9.28 11.36
C ALA A 20 8.85 10.47 10.43
N ASP A 21 8.73 10.26 9.13
CA ASP A 21 9.00 11.31 8.16
C ASP A 21 7.77 12.17 7.90
N MET A 22 6.81 12.13 8.82
CA MET A 22 5.61 12.94 8.71
C MET A 22 5.08 13.31 10.08
N VAL A 23 4.30 14.39 10.14
CA VAL A 23 3.72 14.83 11.40
C VAL A 23 2.56 13.93 11.80
N MET A 24 2.80 13.05 12.75
CA MET A 24 1.80 12.09 13.18
C MET A 24 0.70 12.78 13.98
N LEU A 25 -0.54 12.59 13.55
CA LEU A 25 -1.69 13.22 14.18
C LEU A 25 -2.86 12.25 14.22
N SER A 26 -3.72 12.42 15.20
CA SER A 26 -4.89 11.58 15.33
C SER A 26 -6.02 12.13 14.45
N PRO A 27 -6.78 11.24 13.79
CA PRO A 27 -7.87 11.61 12.87
C PRO A 27 -8.85 12.62 13.47
N LYS A 28 -8.90 12.74 14.79
CA LYS A 28 -9.75 13.72 15.44
C LYS A 28 -9.19 15.14 15.28
N ASP A 29 -7.88 15.29 15.49
CA ASP A 29 -7.23 16.58 15.33
C ASP A 29 -6.99 16.88 13.86
N ALA A 30 -6.83 15.83 13.08
CA ALA A 30 -6.67 15.96 11.65
C ALA A 30 -7.97 16.43 11.01
N TYR A 31 -9.08 15.95 11.54
CA TYR A 31 -10.39 16.27 11.01
C TYR A 31 -10.82 17.70 11.36
N LYS A 32 -10.52 18.13 12.58
CA LYS A 32 -10.98 19.43 13.05
C LYS A 32 -10.39 20.57 12.22
N LEU A 33 -9.11 20.48 11.86
CA LEU A 33 -8.49 21.50 11.02
C LEU A 33 -8.94 21.34 9.58
N LEU A 34 -9.33 20.12 9.22
CA LEU A 34 -9.80 19.82 7.86
C LEU A 34 -11.04 20.63 7.52
N GLN A 35 -12.07 20.53 8.36
CA GLN A 35 -13.35 21.17 8.08
C GLN A 35 -13.28 22.68 8.33
N GLU A 36 -12.41 23.09 9.25
CA GLU A 36 -12.31 24.49 9.62
C GLU A 36 -11.41 25.26 8.66
N ASN A 37 -10.52 24.55 7.99
CA ASN A 37 -9.64 25.17 7.01
C ASN A 37 -9.84 24.55 5.64
N PRO A 38 -10.48 25.27 4.71
CA PRO A 38 -10.71 24.79 3.35
C PRO A 38 -9.41 24.65 2.55
N ASP A 39 -8.30 25.00 3.18
CA ASP A 39 -6.99 24.92 2.57
C ASP A 39 -6.31 23.62 2.97
N ILE A 40 -6.70 23.09 4.12
CA ILE A 40 -6.20 21.82 4.59
C ILE A 40 -6.99 20.68 3.98
N THR A 41 -6.35 19.94 3.11
CA THR A 41 -7.00 18.86 2.39
C THR A 41 -6.55 17.49 2.93
N LEU A 42 -7.47 16.53 2.94
CA LEU A 42 -7.12 15.17 3.34
C LEU A 42 -6.97 14.30 2.11
N ILE A 43 -5.83 13.65 2.01
CA ILE A 43 -5.59 12.69 0.95
C ILE A 43 -5.58 11.29 1.54
N ASP A 44 -6.64 10.56 1.29
CA ASP A 44 -6.73 9.20 1.77
C ASP A 44 -6.01 8.30 0.80
N VAL A 45 -5.07 7.54 1.32
CA VAL A 45 -4.28 6.64 0.49
C VAL A 45 -4.66 5.21 0.81
N ARG A 46 -5.54 4.69 -0.03
CA ARG A 46 -6.09 3.37 0.14
C ARG A 46 -6.70 2.93 -1.18
N ASP A 47 -7.53 1.89 -1.17
CA ASP A 47 -8.11 1.38 -2.40
C ASP A 47 -9.62 1.47 -2.34
N PRO A 48 -10.27 1.77 -3.47
CA PRO A 48 -11.71 2.05 -3.53
C PRO A 48 -12.60 0.87 -3.18
N ASP A 49 -12.10 -0.35 -3.34
CA ASP A 49 -12.92 -1.54 -3.09
C ASP A 49 -13.12 -1.76 -1.60
N GLU A 50 -12.05 -1.71 -0.83
CA GLU A 50 -12.16 -1.80 0.63
C GLU A 50 -12.80 -0.52 1.18
N LEU A 51 -12.63 0.58 0.46
CA LEU A 51 -13.30 1.83 0.78
C LEU A 51 -14.81 1.64 0.70
N LYS A 52 -15.26 0.95 -0.34
CA LYS A 52 -16.67 0.66 -0.54
C LYS A 52 -17.21 -0.16 0.63
N ALA A 53 -16.38 -1.05 1.15
CA ALA A 53 -16.79 -1.96 2.21
C ALA A 53 -16.71 -1.32 3.60
N MET A 54 -15.71 -0.49 3.82
CA MET A 54 -15.46 0.05 5.15
C MET A 54 -15.97 1.48 5.30
N GLY A 55 -15.90 2.25 4.23
CA GLY A 55 -16.34 3.63 4.25
C GLY A 55 -15.20 4.58 3.93
N LYS A 56 -15.54 5.85 3.72
CA LYS A 56 -14.55 6.89 3.45
C LYS A 56 -14.93 8.16 4.22
N PRO A 57 -13.97 9.06 4.47
CA PRO A 57 -14.21 10.27 5.27
C PRO A 57 -15.13 11.27 4.57
N ASP A 58 -16.09 11.78 5.32
CA ASP A 58 -17.00 12.81 4.82
C ASP A 58 -16.52 14.18 5.26
N VAL A 59 -15.62 14.77 4.48
CA VAL A 59 -15.07 16.08 4.80
C VAL A 59 -15.09 16.98 3.57
N LYS A 60 -15.01 18.29 3.80
CA LYS A 60 -15.12 19.26 2.71
C LYS A 60 -13.99 19.12 1.70
N ASN A 61 -12.78 18.90 2.19
CA ASN A 61 -11.62 18.80 1.31
C ASN A 61 -11.00 17.42 1.39
N TYR A 62 -11.54 16.48 0.61
CA TYR A 62 -11.04 15.12 0.61
C TYR A 62 -10.69 14.69 -0.81
N LYS A 63 -9.46 14.19 -0.99
CA LYS A 63 -9.01 13.71 -2.28
C LYS A 63 -8.47 12.30 -2.16
N HIS A 64 -8.97 11.38 -2.98
CA HIS A 64 -8.52 10.00 -2.95
C HIS A 64 -7.45 9.76 -4.01
N MET A 65 -6.26 9.33 -3.58
CA MET A 65 -5.18 9.02 -4.51
C MET A 65 -4.79 7.55 -4.38
N SER A 66 -5.19 6.75 -5.35
CA SER A 66 -5.03 5.31 -5.25
C SER A 66 -4.40 4.70 -6.51
N ARG A 67 -4.22 3.37 -6.46
CA ARG A 67 -3.70 2.57 -7.58
C ARG A 67 -2.29 3.00 -8.01
N GLY A 68 -2.23 3.84 -9.04
CA GLY A 68 -1.00 4.14 -9.78
C GLY A 68 0.18 4.65 -8.95
N LYS A 69 0.15 4.45 -7.64
CA LYS A 69 1.16 4.95 -6.70
C LYS A 69 0.85 6.40 -6.38
N LEU A 70 -0.40 6.77 -6.69
CA LEU A 70 -0.93 8.12 -6.50
C LEU A 70 -0.33 9.14 -7.48
N GLU A 71 0.87 8.88 -7.94
CA GLU A 71 1.61 9.83 -8.79
C GLU A 71 0.81 10.30 -10.03
N PRO A 72 0.10 9.41 -10.77
CA PRO A 72 -0.67 9.83 -11.94
C PRO A 72 -1.91 10.63 -11.55
N LEU A 73 -2.31 10.50 -10.30
CA LEU A 73 -3.52 11.14 -9.80
C LEU A 73 -3.18 12.45 -9.08
N LEU A 74 -1.93 12.55 -8.65
CA LEU A 74 -1.44 13.71 -7.89
C LEU A 74 -1.70 15.00 -8.66
N ALA A 75 -1.18 15.07 -9.86
CA ALA A 75 -1.24 16.27 -10.67
C ALA A 75 -2.67 16.59 -11.12
N LYS A 76 -3.54 15.58 -11.10
CA LYS A 76 -4.93 15.76 -11.54
C LYS A 76 -5.82 16.29 -10.43
N SER A 77 -5.31 16.29 -9.21
CA SER A 77 -6.12 16.64 -8.06
C SER A 77 -5.78 18.03 -7.52
N GLY A 78 -5.45 18.96 -8.43
CA GLY A 78 -5.23 20.35 -8.05
C GLY A 78 -4.40 20.51 -6.80
N LEU A 79 -3.20 19.95 -6.81
CA LEU A 79 -2.32 20.03 -5.65
C LEU A 79 -1.15 20.95 -5.92
N ASP A 80 -0.78 21.72 -4.91
CA ASP A 80 0.36 22.61 -4.98
C ASP A 80 1.16 22.50 -3.68
N PRO A 81 2.48 22.80 -3.71
CA PRO A 81 3.36 22.62 -2.55
C PRO A 81 3.07 23.60 -1.40
N GLU A 82 2.04 24.42 -1.56
CA GLU A 82 1.64 25.33 -0.49
C GLU A 82 0.34 24.85 0.14
N LYS A 83 0.10 23.55 0.05
CA LYS A 83 -1.12 22.97 0.58
C LYS A 83 -0.85 22.18 1.86
N PRO A 84 -1.41 22.62 2.99
CA PRO A 84 -1.33 21.87 4.24
C PRO A 84 -2.25 20.66 4.19
N VAL A 85 -1.67 19.50 4.01
CA VAL A 85 -2.47 18.31 3.77
C VAL A 85 -2.18 17.22 4.78
N VAL A 86 -3.15 16.35 4.96
CA VAL A 86 -2.99 15.19 5.82
C VAL A 86 -3.28 13.93 4.99
N VAL A 87 -2.58 12.86 5.28
CA VAL A 87 -2.80 11.60 4.58
C VAL A 87 -3.44 10.60 5.53
N PHE A 88 -4.51 9.97 5.10
CA PHE A 88 -5.25 9.05 5.96
C PHE A 88 -4.98 7.61 5.58
N CYS A 89 -4.71 6.80 6.62
CA CYS A 89 -4.38 5.39 6.48
C CYS A 89 -3.97 4.87 7.85
N LYS A 90 -3.71 3.57 7.96
CA LYS A 90 -3.29 2.97 9.23
C LYS A 90 -2.05 3.67 9.78
N THR A 91 -0.98 3.62 9.01
CA THR A 91 0.26 4.32 9.36
C THR A 91 1.19 4.38 8.16
N ALA A 92 2.21 3.51 8.13
CA ALA A 92 3.15 3.46 7.03
C ALA A 92 2.75 2.40 6.00
N ALA A 93 1.46 2.11 5.93
CA ALA A 93 0.95 1.13 4.99
C ALA A 93 0.95 1.70 3.57
N ARG A 94 0.32 2.86 3.41
CA ARG A 94 0.24 3.52 2.10
C ARG A 94 0.50 5.03 2.23
N ALA A 95 -0.17 5.64 3.21
CA ALA A 95 -0.15 7.10 3.39
C ALA A 95 1.28 7.66 3.50
N ALA A 96 2.17 6.90 4.13
CA ALA A 96 3.54 7.33 4.33
C ALA A 96 4.23 7.65 3.01
N LEU A 97 3.92 6.87 1.97
CA LEU A 97 4.53 7.08 0.66
C LEU A 97 4.03 8.38 0.03
N ALA A 98 2.77 8.72 0.27
CA ALA A 98 2.21 9.95 -0.27
C ALA A 98 2.71 11.16 0.50
N GLY A 99 2.55 11.12 1.81
CA GLY A 99 2.89 12.25 2.65
C GLY A 99 4.38 12.56 2.68
N LYS A 100 5.18 11.55 3.01
CA LYS A 100 6.61 11.77 3.22
C LYS A 100 7.29 12.25 1.94
N THR A 101 6.86 11.71 0.80
CA THR A 101 7.43 12.07 -0.47
C THR A 101 7.02 13.48 -0.91
N LEU A 102 5.76 13.85 -0.66
CA LEU A 102 5.26 15.17 -1.05
C LEU A 102 5.97 16.28 -0.28
N ARG A 103 6.08 16.13 1.03
CA ARG A 103 6.74 17.12 1.87
C ARG A 103 8.22 17.25 1.51
N GLU A 104 8.77 16.16 0.98
CA GLU A 104 10.16 16.11 0.54
C GLU A 104 10.42 16.95 -0.70
N TYR A 105 9.37 17.52 -1.27
CA TYR A 105 9.52 18.36 -2.46
C TYR A 105 9.24 19.81 -2.15
N GLY A 106 8.79 20.09 -0.94
CA GLY A 106 8.59 21.46 -0.52
C GLY A 106 7.16 21.75 -0.11
N PHE A 107 6.50 20.73 0.45
CA PHE A 107 5.15 20.91 0.95
C PHE A 107 5.18 21.54 2.34
N LYS A 108 4.23 22.42 2.61
CA LYS A 108 4.19 23.15 3.87
C LYS A 108 4.00 22.20 5.06
N THR A 109 2.75 21.89 5.37
CA THR A 109 2.45 21.05 6.52
C THR A 109 1.77 19.75 6.08
N ILE A 110 2.40 18.63 6.41
CA ILE A 110 1.88 17.33 6.04
C ILE A 110 1.72 16.43 7.28
N TYR A 111 0.54 15.85 7.43
CA TYR A 111 0.22 15.03 8.60
C TYR A 111 -0.08 13.60 8.17
N ASN A 112 0.12 12.65 9.06
CA ASN A 112 -0.31 11.27 8.83
C ASN A 112 -1.07 10.80 10.06
N SER A 113 -1.89 9.78 9.91
CA SER A 113 -2.71 9.31 11.01
C SER A 113 -1.93 8.38 11.94
N GLU A 114 -2.15 8.55 13.24
CA GLU A 114 -1.54 7.69 14.25
C GLU A 114 -2.53 6.63 14.71
N GLY A 115 -3.56 6.41 13.90
CA GLY A 115 -4.58 5.44 14.23
C GLY A 115 -4.84 4.48 13.10
N GLY A 116 -5.56 4.96 12.09
CA GLY A 116 -5.86 4.13 10.95
C GLY A 116 -7.18 4.53 10.30
N MET A 117 -7.49 3.90 9.19
CA MET A 117 -8.77 4.13 8.51
C MET A 117 -9.91 3.65 9.38
N ASP A 118 -9.66 2.56 10.08
CA ASP A 118 -10.63 2.00 11.02
C ASP A 118 -10.90 2.96 12.16
N LYS A 119 -9.92 3.79 12.50
CA LYS A 119 -10.05 4.74 13.60
C LYS A 119 -11.06 5.83 13.25
N TRP A 120 -11.13 6.20 11.98
CA TRP A 120 -12.12 7.17 11.52
C TRP A 120 -13.52 6.69 11.90
N LEU A 121 -13.84 5.45 11.54
CA LEU A 121 -15.12 4.85 11.87
C LEU A 121 -15.28 4.64 13.37
N GLU A 122 -14.19 4.20 14.02
CA GLU A 122 -14.24 3.87 15.45
C GLU A 122 -14.44 5.12 16.31
N GLU A 123 -13.74 6.19 15.97
CA GLU A 123 -13.82 7.43 16.74
C GLU A 123 -15.18 8.10 16.54
N GLY A 124 -15.88 7.70 15.49
CA GLY A 124 -17.22 8.20 15.25
C GLY A 124 -17.23 9.40 14.34
N LEU A 125 -16.21 9.51 13.51
CA LEU A 125 -16.10 10.63 12.58
C LEU A 125 -16.98 10.40 11.36
N PRO A 126 -17.44 11.49 10.72
CA PRO A 126 -18.34 11.41 9.55
C PRO A 126 -17.73 10.58 8.43
N SER A 127 -18.43 9.53 8.05
CA SER A 127 -17.96 8.64 7.01
C SER A 127 -19.07 8.36 5.99
N LEU A 128 -18.68 7.96 4.80
CA LEU A 128 -19.63 7.63 3.75
C LEU A 128 -19.60 6.13 3.48
N ASP A 129 -20.60 5.44 4.01
CA ASP A 129 -20.73 4.00 3.82
C ASP A 129 -22.16 3.68 3.42
N ARG A 130 -22.32 2.86 2.37
CA ARG A 130 -23.65 2.48 1.85
C ARG A 130 -24.35 3.67 1.17
N SER A 131 -24.40 4.81 1.87
CA SER A 131 -25.05 6.01 1.37
C SER A 131 -26.55 5.77 1.14
N HIS A 132 -27.31 5.85 2.22
CA HIS A 132 -28.74 5.58 2.17
C HIS A 132 -29.45 6.62 1.29
N HIS A 133 -29.28 7.88 1.65
CA HIS A 133 -29.85 8.98 0.89
C HIS A 133 -29.24 10.30 1.32
N HIS A 134 -28.72 11.05 0.36
CA HIS A 134 -28.11 12.34 0.65
C HIS A 134 -28.98 13.47 0.10
N HIS A 135 -29.80 13.15 -0.89
CA HIS A 135 -30.71 14.11 -1.46
C HIS A 135 -32.08 13.48 -1.67
N HIS A 136 -33.12 14.27 -1.51
CA HIS A 136 -34.49 13.81 -1.73
C HIS A 136 -35.04 14.47 -2.99
N HIS A 137 -34.33 15.48 -3.45
CA HIS A 137 -34.70 16.23 -4.63
C HIS A 137 -33.44 16.85 -5.22
N ALA B 1 -2.27 23.35 -8.30
CA ALA B 1 -2.76 24.54 -9.03
C ALA B 1 -1.90 24.82 -10.26
N ASP B 2 -0.58 24.83 -10.06
CA ASP B 2 0.34 25.10 -11.15
C ASP B 2 1.67 24.39 -10.93
N MET B 3 2.09 24.31 -9.66
CA MET B 3 3.34 23.65 -9.33
C MET B 3 3.16 22.14 -9.23
N GLY B 4 1.91 21.70 -9.40
CA GLY B 4 1.61 20.28 -9.34
C GLY B 4 2.42 19.47 -10.34
N GLU B 5 2.80 20.12 -11.42
CA GLU B 5 3.64 19.49 -12.44
C GLU B 5 5.09 19.37 -11.97
N LYS B 6 5.51 20.34 -11.16
CA LYS B 6 6.90 20.42 -10.71
C LYS B 6 7.27 19.23 -9.82
N PHE B 7 6.43 18.89 -8.85
CA PHE B 7 6.77 17.82 -7.93
C PHE B 7 6.38 16.46 -8.50
N ASP B 8 5.41 16.46 -9.42
CA ASP B 8 4.93 15.22 -10.03
C ASP B 8 6.08 14.41 -10.63
N ALA B 9 6.93 15.09 -11.40
CA ALA B 9 8.09 14.44 -12.01
C ALA B 9 9.05 13.89 -10.96
N THR B 10 9.30 14.70 -9.93
CA THR B 10 10.18 14.29 -8.85
C THR B 10 9.63 13.06 -8.13
N PHE B 11 8.33 13.06 -7.88
CA PHE B 11 7.65 11.94 -7.23
C PHE B 11 7.89 10.65 -8.00
N LYS B 12 7.83 10.76 -9.33
CA LYS B 12 8.05 9.65 -10.22
C LYS B 12 9.48 9.13 -10.15
N ALA B 13 10.40 10.02 -9.80
CA ALA B 13 11.80 9.65 -9.67
C ALA B 13 12.05 8.84 -8.40
N GLN B 14 11.39 9.24 -7.32
CA GLN B 14 11.53 8.54 -6.04
C GLN B 14 10.82 7.19 -6.11
N VAL B 15 9.56 7.22 -6.56
CA VAL B 15 8.76 6.01 -6.63
C VAL B 15 9.39 4.97 -7.55
N LYS B 16 10.06 5.44 -8.61
CA LYS B 16 10.74 4.55 -9.55
C LYS B 16 11.92 3.85 -8.89
N ALA B 17 12.65 4.58 -8.05
CA ALA B 17 13.82 4.04 -7.38
C ALA B 17 13.46 2.92 -6.41
N ALA B 18 12.22 2.95 -5.92
CA ALA B 18 11.75 1.96 -4.96
C ALA B 18 11.72 0.56 -5.56
N LYS B 19 11.12 0.43 -6.74
CA LYS B 19 11.09 -0.84 -7.45
C LYS B 19 12.44 -1.16 -8.08
N ALA B 20 13.24 -0.12 -8.29
CA ALA B 20 14.56 -0.26 -8.89
C ALA B 20 15.53 -0.95 -7.94
N ASP B 21 15.20 -0.94 -6.64
CA ASP B 21 16.07 -1.53 -5.62
C ASP B 21 15.94 -3.05 -5.60
N MET B 22 14.96 -3.58 -6.33
CA MET B 22 14.74 -5.03 -6.36
C MET B 22 14.95 -5.57 -7.77
N VAL B 23 15.07 -6.90 -7.86
CA VAL B 23 15.17 -7.55 -9.16
C VAL B 23 13.80 -7.54 -9.82
N MET B 24 13.68 -6.78 -10.89
CA MET B 24 12.41 -6.59 -11.57
C MET B 24 12.08 -7.79 -12.45
N LEU B 25 11.15 -8.62 -12.00
CA LEU B 25 10.80 -9.82 -12.73
C LEU B 25 9.32 -9.85 -13.10
N SER B 26 9.04 -10.47 -14.23
CA SER B 26 7.68 -10.57 -14.73
C SER B 26 6.98 -11.78 -14.13
N PRO B 27 5.71 -11.63 -13.71
CA PRO B 27 4.93 -12.68 -13.05
C PRO B 27 5.09 -14.10 -13.61
N LYS B 28 5.33 -14.23 -14.92
CA LYS B 28 5.53 -15.56 -15.51
C LYS B 28 6.89 -16.13 -15.13
N ASP B 29 7.90 -15.26 -15.13
CA ASP B 29 9.26 -15.64 -14.74
C ASP B 29 9.32 -15.90 -13.25
N ALA B 30 8.53 -15.13 -12.52
CA ALA B 30 8.42 -15.30 -11.07
C ALA B 30 7.72 -16.61 -10.75
N TYR B 31 6.66 -16.90 -11.48
CA TYR B 31 5.89 -18.12 -11.31
C TYR B 31 6.71 -19.36 -11.70
N LYS B 32 7.61 -19.19 -12.67
CA LYS B 32 8.45 -20.28 -13.14
C LYS B 32 9.33 -20.82 -12.02
N LEU B 33 10.07 -19.92 -11.36
CA LEU B 33 10.94 -20.32 -10.28
C LEU B 33 10.13 -20.70 -9.03
N LEU B 34 8.94 -20.11 -8.93
CA LEU B 34 8.04 -20.36 -7.81
C LEU B 34 7.67 -21.84 -7.70
N GLN B 35 7.14 -22.39 -8.78
CA GLN B 35 6.65 -23.76 -8.78
C GLN B 35 7.81 -24.75 -8.79
N GLU B 36 8.90 -24.37 -9.44
CA GLU B 36 10.05 -25.24 -9.60
C GLU B 36 10.80 -25.39 -8.27
N ASN B 37 10.94 -24.28 -7.56
CA ASN B 37 11.66 -24.28 -6.30
C ASN B 37 10.69 -24.14 -5.13
N PRO B 38 10.57 -25.17 -4.28
CA PRO B 38 9.64 -25.16 -3.14
C PRO B 38 10.08 -24.20 -2.03
N ASP B 39 11.24 -23.57 -2.22
CA ASP B 39 11.78 -22.66 -1.22
C ASP B 39 11.58 -21.22 -1.68
N ILE B 40 11.30 -21.04 -2.95
CA ILE B 40 11.03 -19.71 -3.48
C ILE B 40 9.59 -19.33 -3.18
N THR B 41 9.42 -18.40 -2.27
CA THR B 41 8.10 -17.98 -1.83
C THR B 41 7.65 -16.72 -2.55
N LEU B 42 6.37 -16.65 -2.87
CA LEU B 42 5.78 -15.41 -3.36
C LEU B 42 4.97 -14.78 -2.24
N ILE B 43 5.25 -13.52 -1.94
CA ILE B 43 4.53 -12.81 -0.90
C ILE B 43 3.58 -11.82 -1.55
N ASP B 44 2.29 -11.99 -1.29
CA ASP B 44 1.30 -11.09 -1.82
C ASP B 44 0.99 -10.03 -0.78
N VAL B 45 1.10 -8.78 -1.19
CA VAL B 45 0.87 -7.68 -0.28
C VAL B 45 -0.34 -6.88 -0.74
N ARG B 46 -1.47 -7.16 -0.13
CA ARG B 46 -2.73 -6.54 -0.48
C ARG B 46 -3.78 -6.86 0.57
N ASP B 47 -4.98 -6.35 0.39
CA ASP B 47 -6.07 -6.62 1.30
C ASP B 47 -6.96 -7.73 0.74
N PRO B 48 -7.67 -8.45 1.62
CA PRO B 48 -8.51 -9.59 1.23
C PRO B 48 -9.74 -9.18 0.42
N ASP B 49 -10.13 -7.91 0.52
CA ASP B 49 -11.33 -7.43 -0.17
C ASP B 49 -11.06 -7.21 -1.66
N GLU B 50 -9.94 -6.56 -1.97
CA GLU B 50 -9.54 -6.38 -3.36
C GLU B 50 -9.04 -7.70 -3.93
N LEU B 51 -8.47 -8.53 -3.06
CA LEU B 51 -8.04 -9.88 -3.45
C LEU B 51 -9.23 -10.68 -3.95
N LYS B 52 -10.31 -10.61 -3.20
CA LYS B 52 -11.54 -11.31 -3.55
C LYS B 52 -12.10 -10.83 -4.89
N ALA B 53 -11.88 -9.56 -5.19
CA ALA B 53 -12.41 -8.96 -6.41
C ALA B 53 -11.51 -9.20 -7.62
N MET B 54 -10.20 -9.16 -7.40
CA MET B 54 -9.24 -9.22 -8.51
C MET B 54 -8.67 -10.62 -8.71
N GLY B 55 -8.78 -11.45 -7.69
CA GLY B 55 -8.17 -12.76 -7.74
C GLY B 55 -6.83 -12.79 -7.03
N LYS B 56 -6.34 -13.99 -6.76
CA LYS B 56 -5.07 -14.15 -6.08
C LYS B 56 -4.31 -15.35 -6.63
N PRO B 57 -2.97 -15.26 -6.71
CA PRO B 57 -2.14 -16.34 -7.27
C PRO B 57 -2.26 -17.64 -6.50
N ASP B 58 -2.38 -18.73 -7.25
CA ASP B 58 -2.48 -20.05 -6.65
C ASP B 58 -1.23 -20.88 -6.97
N VAL B 59 -0.18 -20.70 -6.17
CA VAL B 59 1.07 -21.42 -6.37
C VAL B 59 1.42 -22.22 -5.12
N LYS B 60 2.39 -23.13 -5.25
CA LYS B 60 2.75 -24.04 -4.16
C LYS B 60 3.21 -23.30 -2.91
N ASN B 61 4.11 -22.35 -3.07
CA ASN B 61 4.65 -21.63 -1.91
C ASN B 61 4.27 -20.16 -1.96
N TYR B 62 2.99 -19.88 -1.72
CA TYR B 62 2.51 -18.51 -1.68
C TYR B 62 2.02 -18.19 -0.27
N LYS B 63 2.46 -17.05 0.25
CA LYS B 63 2.05 -16.62 1.59
C LYS B 63 1.65 -15.15 1.57
N HIS B 64 0.45 -14.87 2.05
CA HIS B 64 -0.09 -13.52 2.08
C HIS B 64 0.47 -12.77 3.30
N MET B 65 1.13 -11.65 3.04
CA MET B 65 1.75 -10.88 4.12
C MET B 65 1.54 -9.38 3.86
N SER B 66 0.58 -8.78 4.54
CA SER B 66 0.26 -7.38 4.32
C SER B 66 -0.29 -6.72 5.59
N ARG B 67 -0.96 -5.57 5.40
CA ARG B 67 -1.56 -4.80 6.50
C ARG B 67 -0.49 -4.32 7.49
N GLY B 68 -0.31 -5.10 8.57
CA GLY B 68 0.53 -4.72 9.71
C GLY B 68 1.98 -4.43 9.37
N LYS B 69 2.24 -4.16 8.09
CA LYS B 69 3.58 -3.96 7.55
C LYS B 69 4.21 -5.32 7.29
N LEU B 70 3.34 -6.34 7.27
CA LEU B 70 3.68 -7.74 6.95
C LEU B 70 4.64 -8.37 7.97
N GLU B 71 5.44 -7.55 8.64
CA GLU B 71 6.47 -8.04 9.58
C GLU B 71 5.93 -9.05 10.60
N PRO B 72 4.77 -8.80 11.26
CA PRO B 72 4.21 -9.73 12.25
C PRO B 72 3.88 -11.09 11.65
N LEU B 73 3.77 -11.13 10.32
CA LEU B 73 3.46 -12.37 9.62
C LEU B 73 4.71 -12.90 8.91
N LEU B 74 5.66 -12.02 8.68
CA LEU B 74 6.93 -12.36 8.03
C LEU B 74 7.73 -13.33 8.90
N ALA B 75 7.60 -13.17 10.20
CA ALA B 75 8.25 -14.06 11.15
C ALA B 75 7.51 -15.38 11.30
N LYS B 76 6.22 -15.38 11.00
CA LYS B 76 5.37 -16.56 11.19
C LYS B 76 5.42 -17.49 9.99
N SER B 77 6.13 -17.09 8.95
CA SER B 77 6.10 -17.83 7.70
C SER B 77 7.47 -18.43 7.35
N GLY B 78 8.21 -18.86 8.38
CA GLY B 78 9.48 -19.57 8.19
C GLY B 78 10.32 -19.05 7.03
N LEU B 79 10.63 -17.77 7.06
CA LEU B 79 11.41 -17.15 6.00
C LEU B 79 12.85 -16.95 6.44
N ASP B 80 13.77 -17.20 5.53
CA ASP B 80 15.19 -17.04 5.81
C ASP B 80 15.82 -16.12 4.77
N PRO B 81 16.73 -15.24 5.18
CA PRO B 81 17.41 -14.32 4.25
C PRO B 81 18.31 -15.02 3.24
N GLU B 82 18.29 -16.35 3.23
CA GLU B 82 19.05 -17.11 2.26
C GLU B 82 18.13 -17.70 1.19
N LYS B 83 16.83 -17.54 1.38
CA LYS B 83 15.86 -18.07 0.45
C LYS B 83 15.42 -16.98 -0.54
N PRO B 84 15.38 -17.30 -1.85
CA PRO B 84 14.92 -16.37 -2.88
C PRO B 84 13.40 -16.20 -2.82
N VAL B 85 12.96 -14.96 -2.67
CA VAL B 85 11.54 -14.67 -2.56
C VAL B 85 11.14 -13.58 -3.54
N VAL B 86 9.88 -13.56 -3.92
CA VAL B 86 9.36 -12.55 -4.82
C VAL B 86 8.09 -11.94 -4.23
N VAL B 87 7.91 -10.65 -4.44
CA VAL B 87 6.74 -9.95 -3.92
C VAL B 87 5.75 -9.66 -5.04
N PHE B 88 4.49 -10.03 -4.84
CA PHE B 88 3.48 -9.80 -5.84
C PHE B 88 2.56 -8.65 -5.42
N CYS B 89 2.38 -7.72 -6.36
CA CYS B 89 1.59 -6.50 -6.19
C CYS B 89 2.10 -5.49 -7.21
N LYS B 90 1.40 -4.37 -7.39
CA LYS B 90 1.85 -3.34 -8.30
C LYS B 90 3.22 -2.82 -7.85
N THR B 91 4.21 -2.93 -8.76
CA THR B 91 5.63 -2.59 -8.51
C THR B 91 5.89 -1.81 -7.23
N ALA B 92 5.70 -0.50 -7.28
CA ALA B 92 6.02 0.37 -6.14
C ALA B 92 4.77 0.82 -5.39
N ALA B 93 3.68 0.08 -5.56
CA ALA B 93 2.45 0.40 -4.87
C ALA B 93 2.52 0.00 -3.39
N ARG B 94 3.19 -1.13 -3.14
CA ARG B 94 3.36 -1.63 -1.79
C ARG B 94 4.36 -2.78 -1.76
N ALA B 95 4.44 -3.53 -2.86
CA ALA B 95 5.34 -4.68 -2.96
C ALA B 95 6.79 -4.27 -2.75
N ALA B 96 7.14 -3.09 -3.28
CA ALA B 96 8.50 -2.56 -3.14
C ALA B 96 8.90 -2.42 -1.68
N LEU B 97 7.94 -2.03 -0.84
CA LEU B 97 8.19 -1.88 0.58
C LEU B 97 8.46 -3.23 1.25
N ALA B 98 7.83 -4.27 0.71
CA ALA B 98 7.94 -5.60 1.27
C ALA B 98 9.28 -6.26 0.94
N GLY B 99 9.74 -6.03 -0.28
CA GLY B 99 10.92 -6.73 -0.76
C GLY B 99 12.21 -5.96 -0.61
N LYS B 100 12.17 -4.66 -0.90
CA LYS B 100 13.38 -3.84 -0.86
C LYS B 100 13.96 -3.79 0.56
N THR B 101 13.11 -4.01 1.54
CA THR B 101 13.50 -4.07 2.92
C THR B 101 14.28 -5.35 3.19
N LEU B 102 13.66 -6.47 2.83
CA LEU B 102 14.20 -7.79 3.11
C LEU B 102 15.62 -7.94 2.56
N ARG B 103 15.83 -7.50 1.32
CA ARG B 103 17.15 -7.61 0.69
C ARG B 103 18.17 -6.75 1.43
N GLU B 104 17.70 -5.64 2.00
CA GLU B 104 18.52 -4.75 2.81
C GLU B 104 18.79 -5.36 4.19
N TYR B 105 18.15 -6.48 4.48
CA TYR B 105 18.37 -7.17 5.74
C TYR B 105 19.31 -8.34 5.54
N GLY B 106 19.56 -8.66 4.27
CA GLY B 106 20.53 -9.70 3.95
C GLY B 106 19.94 -10.84 3.15
N PHE B 107 18.86 -10.56 2.41
CA PHE B 107 18.22 -11.59 1.60
C PHE B 107 19.03 -11.86 0.34
N LYS B 108 18.92 -13.07 -0.17
CA LYS B 108 19.71 -13.51 -1.30
C LYS B 108 19.18 -12.90 -2.60
N THR B 109 18.09 -13.47 -3.11
CA THR B 109 17.52 -13.01 -4.37
C THR B 109 16.05 -12.64 -4.19
N ILE B 110 15.78 -11.35 -4.26
CA ILE B 110 14.43 -10.85 -4.05
C ILE B 110 13.88 -10.23 -5.33
N TYR B 111 12.68 -10.64 -5.72
CA TYR B 111 12.10 -10.20 -6.98
C TYR B 111 10.88 -9.32 -6.75
N ASN B 112 10.73 -8.31 -7.60
CA ASN B 112 9.53 -7.47 -7.59
C ASN B 112 8.77 -7.70 -8.89
N SER B 113 7.45 -7.74 -8.80
CA SER B 113 6.62 -8.03 -9.96
C SER B 113 6.38 -6.79 -10.81
N GLU B 114 7.01 -6.75 -11.99
CA GLU B 114 6.95 -5.60 -12.89
C GLU B 114 5.58 -5.44 -13.56
N GLY B 115 4.53 -5.87 -12.89
CA GLY B 115 3.20 -5.75 -13.42
C GLY B 115 2.17 -5.48 -12.35
N GLY B 116 1.86 -6.50 -11.57
CA GLY B 116 0.87 -6.37 -10.53
C GLY B 116 -0.10 -7.53 -10.52
N MET B 117 -1.08 -7.49 -9.63
CA MET B 117 -2.08 -8.55 -9.52
C MET B 117 -2.87 -8.68 -10.82
N ASP B 118 -3.04 -7.56 -11.50
CA ASP B 118 -3.75 -7.50 -12.76
C ASP B 118 -2.98 -8.25 -13.84
N LYS B 119 -1.66 -8.31 -13.72
CA LYS B 119 -0.82 -8.99 -14.69
C LYS B 119 -0.93 -10.50 -14.54
N TRP B 120 -1.12 -10.97 -13.31
CA TRP B 120 -1.27 -12.40 -13.05
C TRP B 120 -2.46 -12.96 -13.84
N LEU B 121 -3.60 -12.30 -13.72
CA LEU B 121 -4.79 -12.70 -14.45
C LEU B 121 -4.62 -12.46 -15.95
N GLU B 122 -3.95 -11.36 -16.30
CA GLU B 122 -3.77 -10.97 -17.69
C GLU B 122 -2.87 -11.94 -18.46
N GLU B 123 -1.76 -12.32 -17.84
CA GLU B 123 -0.77 -13.18 -18.49
C GLU B 123 -1.20 -14.64 -18.45
N GLY B 124 -2.43 -14.87 -18.00
CA GLY B 124 -3.02 -16.20 -18.05
C GLY B 124 -2.48 -17.14 -17.00
N LEU B 125 -1.93 -16.57 -15.93
CA LEU B 125 -1.35 -17.37 -14.87
C LEU B 125 -2.43 -17.90 -13.93
N PRO B 126 -2.13 -18.96 -13.17
CA PRO B 126 -3.09 -19.60 -12.26
C PRO B 126 -3.47 -18.68 -11.11
N SER B 127 -4.69 -18.17 -11.16
CA SER B 127 -5.21 -17.36 -10.09
C SER B 127 -6.52 -17.97 -9.60
N LEU B 128 -6.83 -17.78 -8.32
CA LEU B 128 -8.07 -18.30 -7.78
C LEU B 128 -9.23 -17.43 -8.24
N ASP B 129 -9.94 -17.91 -9.24
CA ASP B 129 -11.02 -17.14 -9.85
C ASP B 129 -12.23 -18.05 -10.08
N ARG B 130 -13.13 -18.04 -9.09
CA ARG B 130 -14.35 -18.86 -9.11
C ARG B 130 -14.05 -20.34 -9.42
N SER B 131 -14.05 -20.68 -10.71
CA SER B 131 -13.81 -22.04 -11.17
C SER B 131 -14.89 -22.98 -10.64
N HIS B 132 -14.53 -23.85 -9.69
CA HIS B 132 -15.49 -24.75 -9.05
C HIS B 132 -14.85 -25.41 -7.84
N HIS B 133 -14.49 -26.68 -7.98
CA HIS B 133 -13.82 -27.40 -6.91
C HIS B 133 -12.78 -28.35 -7.49
N HIS B 134 -11.78 -28.70 -6.70
CA HIS B 134 -10.75 -29.61 -7.16
C HIS B 134 -10.83 -30.94 -6.41
N HIS B 135 -11.97 -31.17 -5.77
CA HIS B 135 -12.19 -32.41 -5.05
C HIS B 135 -13.55 -32.98 -5.40
N HIS B 136 -13.59 -33.82 -6.41
CA HIS B 136 -14.82 -34.49 -6.80
C HIS B 136 -14.93 -35.83 -6.11
N HIS B 137 -14.55 -35.84 -4.84
CA HIS B 137 -14.59 -37.03 -4.01
C HIS B 137 -14.61 -36.60 -2.55
N ALA A 1 18.95 -20.17 8.83
CA ALA A 1 17.78 -21.06 8.92
C ALA A 1 16.79 -20.58 9.97
N ASP A 2 17.03 -19.39 10.51
CA ASP A 2 16.17 -18.80 11.53
C ASP A 2 16.57 -17.35 11.76
N MET A 3 16.89 -16.66 10.68
CA MET A 3 17.34 -15.27 10.78
C MET A 3 16.16 -14.32 10.66
N GLY A 4 14.96 -14.88 10.67
CA GLY A 4 13.75 -14.09 10.56
C GLY A 4 13.60 -13.09 11.68
N GLU A 5 13.97 -13.51 12.89
CA GLU A 5 13.94 -12.62 14.05
C GLU A 5 14.89 -11.43 13.85
N LYS A 6 16.04 -11.73 13.25
CA LYS A 6 17.10 -10.75 13.07
C LYS A 6 16.64 -9.57 12.21
N PHE A 7 16.15 -9.82 11.00
CA PHE A 7 15.76 -8.73 10.11
C PHE A 7 14.40 -8.15 10.48
N ASP A 8 13.59 -8.94 11.18
CA ASP A 8 12.24 -8.53 11.59
C ASP A 8 12.30 -7.22 12.37
N ALA A 9 13.25 -7.14 13.30
CA ALA A 9 13.45 -5.93 14.09
C ALA A 9 13.91 -4.78 13.21
N THR A 10 14.83 -5.08 12.29
CA THR A 10 15.37 -4.07 11.40
C THR A 10 14.27 -3.45 10.53
N PHE A 11 13.37 -4.30 10.04
CA PHE A 11 12.24 -3.84 9.22
C PHE A 11 11.40 -2.84 10.00
N LYS A 12 11.12 -3.18 11.24
CA LYS A 12 10.34 -2.32 12.12
C LYS A 12 11.10 -1.02 12.45
N ALA A 13 12.42 -1.08 12.42
CA ALA A 13 13.24 0.09 12.72
C ALA A 13 13.23 1.08 11.57
N GLN A 14 13.27 0.56 10.35
CA GLN A 14 13.24 1.40 9.17
C GLN A 14 11.84 1.98 8.95
N VAL A 15 10.85 1.11 9.01
CA VAL A 15 9.47 1.50 8.77
C VAL A 15 8.97 2.50 9.83
N LYS A 16 9.44 2.36 11.06
CA LYS A 16 9.03 3.26 12.15
C LYS A 16 9.55 4.66 11.92
N ALA A 17 10.71 4.77 11.26
CA ALA A 17 11.29 6.06 10.94
C ALA A 17 10.37 6.87 10.03
N ALA A 18 9.54 6.16 9.28
CA ALA A 18 8.61 6.78 8.34
C ALA A 18 7.45 7.47 9.06
N LYS A 19 7.06 6.96 10.22
CA LYS A 19 6.05 7.61 11.05
C LYS A 19 6.64 8.81 11.79
N ALA A 20 7.95 8.78 11.97
CA ALA A 20 8.66 9.84 12.68
C ALA A 20 8.95 11.02 11.77
N ASP A 21 8.92 10.76 10.46
CA ASP A 21 9.28 11.74 9.45
C ASP A 21 8.30 12.92 9.42
N MET A 22 7.09 12.70 9.92
CA MET A 22 6.06 13.74 9.89
C MET A 22 5.27 13.80 11.20
N VAL A 23 4.25 14.64 11.22
CA VAL A 23 3.42 14.83 12.41
C VAL A 23 2.28 13.81 12.45
N MET A 24 2.34 12.91 13.42
CA MET A 24 1.33 11.87 13.56
C MET A 24 0.10 12.43 14.28
N LEU A 25 -1.01 12.50 13.58
CA LEU A 25 -2.23 13.06 14.13
C LEU A 25 -3.37 12.05 14.09
N SER A 26 -4.20 12.07 15.12
CA SER A 26 -5.36 11.19 15.18
C SER A 26 -6.43 11.68 14.22
N PRO A 27 -7.12 10.76 13.52
CA PRO A 27 -8.12 11.07 12.49
C PRO A 27 -9.09 12.20 12.85
N LYS A 28 -9.47 12.29 14.12
CA LYS A 28 -10.39 13.33 14.57
C LYS A 28 -9.69 14.68 14.64
N ASP A 29 -8.46 14.67 15.15
CA ASP A 29 -7.62 15.86 15.24
C ASP A 29 -7.26 16.35 13.85
N ALA A 30 -7.18 15.41 12.92
CA ALA A 30 -6.89 15.73 11.53
C ALA A 30 -8.11 16.36 10.86
N TYR A 31 -9.28 15.76 11.09
CA TYR A 31 -10.51 16.27 10.50
C TYR A 31 -10.82 17.67 11.02
N LYS A 32 -10.44 17.94 12.26
CA LYS A 32 -10.69 19.23 12.88
C LYS A 32 -10.11 20.37 12.06
N LEU A 33 -8.83 20.28 11.74
CA LEU A 33 -8.17 21.30 10.94
C LEU A 33 -8.66 21.25 9.49
N LEU A 34 -9.11 20.09 9.05
CA LEU A 34 -9.62 19.92 7.70
C LEU A 34 -10.89 20.75 7.49
N GLN A 35 -11.81 20.68 8.45
CA GLN A 35 -13.08 21.36 8.32
C GLN A 35 -12.96 22.85 8.57
N GLU A 36 -11.99 23.25 9.39
CA GLU A 36 -11.82 24.66 9.73
C GLU A 36 -10.92 25.36 8.71
N ASN A 37 -10.05 24.59 8.06
CA ASN A 37 -9.19 25.14 7.02
C ASN A 37 -9.42 24.38 5.71
N PRO A 38 -10.24 24.93 4.81
CA PRO A 38 -10.56 24.30 3.52
C PRO A 38 -9.35 24.24 2.57
N ASP A 39 -8.22 24.76 3.04
CA ASP A 39 -6.99 24.70 2.27
C ASP A 39 -6.17 23.50 2.69
N ILE A 40 -6.41 23.04 3.92
CA ILE A 40 -5.81 21.81 4.40
C ILE A 40 -6.58 20.63 3.85
N THR A 41 -5.95 19.88 2.98
CA THR A 41 -6.61 18.78 2.28
C THR A 41 -6.17 17.43 2.84
N LEU A 42 -7.10 16.47 2.85
CA LEU A 42 -6.76 15.11 3.25
C LEU A 42 -6.62 14.24 2.01
N ILE A 43 -5.51 13.55 1.92
CA ILE A 43 -5.28 12.61 0.84
C ILE A 43 -5.35 11.20 1.40
N ASP A 44 -6.32 10.44 0.93
CA ASP A 44 -6.55 9.12 1.45
C ASP A 44 -6.06 8.07 0.47
N VAL A 45 -5.42 7.04 1.01
CA VAL A 45 -4.96 5.92 0.22
C VAL A 45 -5.60 4.66 0.75
N ARG A 46 -6.66 4.25 0.08
CA ARG A 46 -7.43 3.09 0.50
C ARG A 46 -7.93 2.37 -0.73
N ASP A 47 -8.05 1.05 -0.63
CA ASP A 47 -8.47 0.23 -1.75
C ASP A 47 -9.88 0.59 -2.20
N PRO A 48 -10.09 0.69 -3.53
CA PRO A 48 -11.39 1.09 -4.10
C PRO A 48 -12.51 0.12 -3.75
N ASP A 49 -12.19 -1.16 -3.59
CA ASP A 49 -13.19 -2.16 -3.25
C ASP A 49 -13.51 -2.08 -1.75
N GLU A 50 -12.49 -1.82 -0.95
CA GLU A 50 -12.67 -1.61 0.47
C GLU A 50 -13.44 -0.33 0.74
N LEU A 51 -13.22 0.68 -0.10
CA LEU A 51 -13.95 1.94 -0.03
C LEU A 51 -15.45 1.70 -0.17
N LYS A 52 -15.78 0.71 -0.97
CA LYS A 52 -17.17 0.33 -1.19
C LYS A 52 -17.72 -0.44 0.01
N ALA A 53 -16.89 -1.31 0.57
CA ALA A 53 -17.31 -2.21 1.64
C ALA A 53 -17.33 -1.53 3.01
N MET A 54 -16.26 -0.84 3.36
CA MET A 54 -16.15 -0.27 4.71
C MET A 54 -16.54 1.20 4.72
N GLY A 55 -16.21 1.91 3.66
CA GLY A 55 -16.55 3.32 3.58
C GLY A 55 -15.35 4.19 3.30
N LYS A 56 -15.59 5.47 3.06
CA LYS A 56 -14.53 6.44 2.78
C LYS A 56 -14.80 7.72 3.56
N PRO A 57 -13.75 8.48 3.92
CA PRO A 57 -13.90 9.71 4.70
C PRO A 57 -14.76 10.76 4.01
N ASP A 58 -15.78 11.21 4.70
CA ASP A 58 -16.63 12.29 4.21
C ASP A 58 -16.04 13.63 4.62
N VAL A 59 -15.16 14.14 3.77
CA VAL A 59 -14.52 15.42 4.02
C VAL A 59 -14.77 16.35 2.85
N LYS A 60 -14.92 17.64 3.15
CA LYS A 60 -15.24 18.64 2.12
C LYS A 60 -14.22 18.59 0.98
N ASN A 61 -12.96 18.46 1.36
CA ASN A 61 -11.87 18.40 0.40
C ASN A 61 -11.21 17.03 0.43
N TYR A 62 -11.90 16.04 -0.11
CA TYR A 62 -11.41 14.68 -0.13
C TYR A 62 -10.76 14.36 -1.46
N LYS A 63 -9.47 14.04 -1.46
CA LYS A 63 -8.80 13.65 -2.68
C LYS A 63 -8.28 12.21 -2.54
N HIS A 64 -8.88 11.31 -3.28
CA HIS A 64 -8.44 9.91 -3.31
C HIS A 64 -7.29 9.80 -4.30
N MET A 65 -6.11 9.45 -3.81
CA MET A 65 -4.93 9.43 -4.68
C MET A 65 -4.36 8.02 -4.77
N SER A 66 -4.78 7.29 -5.79
CA SER A 66 -4.41 5.89 -5.95
C SER A 66 -3.20 5.71 -6.86
N ARG A 67 -3.43 5.15 -8.06
CA ARG A 67 -2.35 4.74 -8.96
C ARG A 67 -1.42 3.76 -8.26
N GLY A 68 -0.10 3.93 -8.38
CA GLY A 68 0.80 3.07 -7.63
C GLY A 68 1.12 3.67 -6.29
N LYS A 69 1.35 4.97 -6.27
CA LYS A 69 1.60 5.69 -5.03
C LYS A 69 1.27 7.17 -5.18
N LEU A 70 0.13 7.43 -5.81
CA LEU A 70 -0.46 8.78 -5.93
C LEU A 70 0.34 9.74 -6.82
N GLU A 71 1.56 9.36 -7.16
CA GLU A 71 2.47 10.24 -7.92
C GLU A 71 1.80 10.94 -9.12
N PRO A 72 1.19 10.19 -10.08
CA PRO A 72 0.57 10.82 -11.26
C PRO A 72 -0.72 11.55 -10.95
N LEU A 73 -1.32 11.24 -9.81
CA LEU A 73 -2.58 11.89 -9.42
C LEU A 73 -2.29 13.14 -8.60
N LEU A 74 -1.06 13.24 -8.12
CA LEU A 74 -0.63 14.38 -7.32
C LEU A 74 -0.58 15.64 -8.18
N ALA A 75 -0.19 15.44 -9.43
CA ALA A 75 -0.17 16.53 -10.40
C ALA A 75 -1.58 16.80 -10.90
N LYS A 76 -2.40 15.75 -10.95
CA LYS A 76 -3.76 15.84 -11.47
C LYS A 76 -4.68 16.64 -10.56
N SER A 77 -4.35 16.70 -9.29
CA SER A 77 -5.17 17.40 -8.33
C SER A 77 -4.86 18.89 -8.33
N GLY A 78 -3.57 19.21 -8.33
CA GLY A 78 -3.16 20.60 -8.26
C GLY A 78 -2.77 20.99 -6.85
N LEU A 79 -1.80 20.28 -6.29
CA LEU A 79 -1.34 20.55 -4.94
C LEU A 79 -0.17 21.54 -4.97
N ASP A 80 -0.09 22.39 -3.96
CA ASP A 80 0.99 23.36 -3.85
C ASP A 80 1.70 23.15 -2.52
N PRO A 81 3.04 23.25 -2.50
CA PRO A 81 3.85 22.94 -1.31
C PRO A 81 3.66 23.91 -0.14
N GLU A 82 2.73 24.84 -0.27
CA GLU A 82 2.42 25.73 0.84
C GLU A 82 1.15 25.29 1.55
N LYS A 83 0.43 24.37 0.93
CA LYS A 83 -0.82 23.88 1.49
C LYS A 83 -0.59 22.70 2.42
N PRO A 84 -0.99 22.84 3.69
CA PRO A 84 -0.88 21.77 4.68
C PRO A 84 -1.83 20.62 4.35
N VAL A 85 -1.32 19.40 4.39
CA VAL A 85 -2.14 18.24 4.03
C VAL A 85 -1.94 17.11 5.03
N VAL A 86 -2.95 16.25 5.11
CA VAL A 86 -2.86 15.07 5.96
C VAL A 86 -3.14 13.82 5.12
N VAL A 87 -2.42 12.75 5.40
CA VAL A 87 -2.60 11.51 4.68
C VAL A 87 -3.30 10.50 5.59
N PHE A 88 -4.17 9.68 5.02
CA PHE A 88 -4.96 8.75 5.81
C PHE A 88 -4.77 7.30 5.37
N CYS A 89 -4.69 6.40 6.36
CA CYS A 89 -4.50 4.96 6.17
C CYS A 89 -3.02 4.59 5.99
N LYS A 90 -2.37 4.29 7.10
CA LYS A 90 -0.97 3.89 7.08
C LYS A 90 -0.81 2.37 7.20
N THR A 91 -1.79 1.73 7.80
CA THR A 91 -1.70 0.31 8.10
C THR A 91 -2.19 -0.57 6.94
N ALA A 92 -1.91 -0.14 5.72
CA ALA A 92 -2.25 -0.92 4.53
C ALA A 92 -1.54 -0.35 3.30
N ALA A 93 -2.08 0.76 2.79
CA ALA A 93 -1.49 1.44 1.64
C ALA A 93 -0.21 2.17 2.03
N ARG A 94 -0.15 2.55 3.31
CA ARG A 94 0.99 3.26 3.88
C ARG A 94 1.00 4.73 3.47
N ALA A 95 0.15 5.51 4.13
CA ALA A 95 0.05 6.95 3.90
C ALA A 95 1.40 7.64 4.14
N ALA A 96 2.27 6.97 4.88
CA ALA A 96 3.61 7.49 5.16
C ALA A 96 4.40 7.71 3.87
N LEU A 97 4.17 6.86 2.86
CA LEU A 97 4.82 7.01 1.57
C LEU A 97 4.25 8.22 0.85
N ALA A 98 2.97 8.49 1.09
CA ALA A 98 2.28 9.58 0.43
C ALA A 98 2.67 10.94 1.01
N GLY A 99 2.86 10.97 2.32
CA GLY A 99 3.09 12.23 3.00
C GLY A 99 4.56 12.57 3.16
N LYS A 100 5.36 11.59 3.58
CA LYS A 100 6.76 11.84 3.87
C LYS A 100 7.51 12.33 2.63
N THR A 101 6.99 11.98 1.46
CA THR A 101 7.53 12.44 0.21
C THR A 101 7.23 13.92 0.00
N LEU A 102 5.95 14.25 0.17
CA LEU A 102 5.45 15.59 -0.12
C LEU A 102 6.22 16.66 0.63
N ARG A 103 6.57 16.38 1.89
CA ARG A 103 7.30 17.34 2.70
C ARG A 103 8.71 17.57 2.14
N GLU A 104 9.24 16.56 1.46
CA GLU A 104 10.54 16.67 0.79
C GLU A 104 10.40 17.47 -0.50
N TYR A 105 9.16 17.76 -0.88
CA TYR A 105 8.89 18.55 -2.08
C TYR A 105 8.52 19.98 -1.69
N GLY A 106 8.44 20.23 -0.38
CA GLY A 106 8.24 21.58 0.10
C GLY A 106 7.05 21.72 1.02
N PHE A 107 6.21 20.69 1.10
CA PHE A 107 5.01 20.75 1.93
C PHE A 107 5.38 20.99 3.39
N LYS A 108 5.01 22.18 3.87
CA LYS A 108 5.43 22.66 5.18
C LYS A 108 4.83 21.84 6.32
N THR A 109 3.52 21.66 6.28
CA THR A 109 2.83 20.99 7.37
C THR A 109 2.07 19.77 6.88
N ILE A 110 2.66 18.61 7.13
CA ILE A 110 2.10 17.35 6.66
C ILE A 110 1.81 16.41 7.83
N TYR A 111 0.60 15.85 7.85
CA TYR A 111 0.17 15.01 8.96
C TYR A 111 -0.01 13.57 8.49
N ASN A 112 0.38 12.62 9.33
CA ASN A 112 0.16 11.21 9.06
C ASN A 112 -0.83 10.66 10.06
N SER A 113 -1.67 9.75 9.62
CA SER A 113 -2.79 9.30 10.41
C SER A 113 -2.37 8.27 11.46
N GLU A 114 -2.80 8.50 12.69
CA GLU A 114 -2.62 7.52 13.74
C GLU A 114 -3.58 6.36 13.52
N GLY A 115 -3.61 5.42 14.46
CA GLY A 115 -4.53 4.30 14.38
C GLY A 115 -4.58 3.64 13.02
N GLY A 116 -5.66 3.92 12.29
CA GLY A 116 -5.82 3.42 10.95
C GLY A 116 -7.10 3.94 10.33
N MET A 117 -7.57 3.31 9.27
CA MET A 117 -8.83 3.70 8.65
C MET A 117 -10.00 3.29 9.54
N ASP A 118 -9.79 2.22 10.29
CA ASP A 118 -10.80 1.72 11.22
C ASP A 118 -11.17 2.79 12.24
N LYS A 119 -10.20 3.62 12.61
CA LYS A 119 -10.42 4.68 13.59
C LYS A 119 -11.37 5.74 13.06
N TRP A 120 -11.34 5.99 11.76
CA TRP A 120 -12.25 6.97 11.16
C TRP A 120 -13.69 6.53 11.39
N LEU A 121 -14.02 5.31 10.97
CA LEU A 121 -15.36 4.77 11.17
C LEU A 121 -15.70 4.63 12.65
N GLU A 122 -14.73 4.14 13.42
CA GLU A 122 -14.96 3.80 14.83
C GLU A 122 -15.15 5.04 15.70
N GLU A 123 -14.48 6.13 15.35
CA GLU A 123 -14.56 7.37 16.13
C GLU A 123 -15.82 8.14 15.78
N GLY A 124 -16.65 7.57 14.92
CA GLY A 124 -17.89 8.21 14.55
C GLY A 124 -17.67 9.43 13.67
N LEU A 125 -16.54 9.44 12.97
CA LEU A 125 -16.22 10.53 12.08
C LEU A 125 -17.07 10.47 10.81
N PRO A 126 -17.17 11.57 10.07
CA PRO A 126 -17.96 11.61 8.83
C PRO A 126 -17.42 10.63 7.80
N SER A 127 -18.21 9.63 7.45
CA SER A 127 -17.78 8.64 6.50
C SER A 127 -18.89 8.40 5.47
N LEU A 128 -18.50 8.03 4.25
CA LEU A 128 -19.44 7.78 3.19
C LEU A 128 -19.63 6.29 2.99
N ASP A 129 -20.73 5.78 3.48
CA ASP A 129 -21.09 4.38 3.32
C ASP A 129 -22.48 4.32 2.72
N ARG A 130 -22.62 3.58 1.64
CA ARG A 130 -23.86 3.55 0.87
C ARG A 130 -24.95 2.72 1.56
N SER A 131 -25.09 2.91 2.87
CA SER A 131 -26.12 2.26 3.67
C SER A 131 -26.17 0.76 3.44
N HIS A 132 -25.41 0.03 4.24
CA HIS A 132 -25.42 -1.43 4.20
C HIS A 132 -26.65 -1.95 4.94
N HIS A 133 -27.81 -1.78 4.31
CA HIS A 133 -29.08 -2.10 4.96
C HIS A 133 -29.89 -3.10 4.15
N HIS A 134 -29.50 -3.31 2.90
CA HIS A 134 -30.22 -4.23 2.04
C HIS A 134 -29.57 -5.60 2.08
N HIS A 135 -30.00 -6.42 3.03
CA HIS A 135 -29.45 -7.75 3.22
C HIS A 135 -30.33 -8.56 4.16
N HIS A 136 -31.41 -9.13 3.62
CA HIS A 136 -32.27 -10.02 4.40
C HIS A 136 -31.48 -11.29 4.73
N HIS A 137 -30.59 -11.64 3.84
CA HIS A 137 -29.68 -12.76 4.03
C HIS A 137 -28.58 -12.64 2.99
N ALA B 1 0.87 28.12 -6.38
CA ALA B 1 -0.34 27.97 -7.20
C ALA B 1 -0.45 26.53 -7.71
N ASP B 2 0.58 26.09 -8.43
CA ASP B 2 0.65 24.72 -8.91
C ASP B 2 2.09 24.27 -9.03
N MET B 3 2.45 23.25 -8.25
CA MET B 3 3.76 22.65 -8.32
C MET B 3 3.64 21.21 -8.79
N GLY B 4 2.51 20.89 -9.41
CA GLY B 4 2.22 19.53 -9.81
C GLY B 4 3.23 18.95 -10.77
N GLU B 5 3.62 19.73 -11.76
CA GLU B 5 4.60 19.29 -12.75
C GLU B 5 5.97 19.13 -12.10
N LYS B 6 6.25 19.97 -11.11
CA LYS B 6 7.56 20.01 -10.49
C LYS B 6 7.83 18.79 -9.62
N PHE B 7 6.93 18.46 -8.70
CA PHE B 7 7.20 17.34 -7.79
C PHE B 7 6.82 15.99 -8.41
N ASP B 8 5.92 16.01 -9.40
CA ASP B 8 5.46 14.76 -10.04
C ASP B 8 6.66 13.96 -10.52
N ALA B 9 7.60 14.64 -11.17
CA ALA B 9 8.82 14.02 -11.63
C ALA B 9 9.64 13.46 -10.46
N THR B 10 9.68 14.18 -9.35
CA THR B 10 10.41 13.76 -8.17
C THR B 10 9.74 12.56 -7.50
N PHE B 11 8.43 12.64 -7.31
CA PHE B 11 7.68 11.55 -6.69
C PHE B 11 7.89 10.27 -7.48
N LYS B 12 7.83 10.40 -8.80
CA LYS B 12 8.09 9.29 -9.69
C LYS B 12 9.53 8.82 -9.62
N ALA B 13 10.43 9.72 -9.22
CA ALA B 13 11.85 9.38 -9.07
C ALA B 13 12.08 8.56 -7.81
N GLN B 14 11.53 9.05 -6.70
CA GLN B 14 11.66 8.36 -5.41
C GLN B 14 10.99 7.00 -5.48
N VAL B 15 9.75 7.01 -5.94
CA VAL B 15 8.92 5.82 -5.97
C VAL B 15 9.47 4.78 -6.97
N LYS B 16 10.07 5.24 -8.06
CA LYS B 16 10.65 4.35 -9.05
C LYS B 16 11.83 3.58 -8.47
N ALA B 17 12.65 4.26 -7.69
CA ALA B 17 13.84 3.67 -7.09
C ALA B 17 13.48 2.44 -6.24
N ALA B 18 12.26 2.44 -5.71
CA ALA B 18 11.79 1.34 -4.89
C ALA B 18 11.49 0.09 -5.73
N LYS B 19 11.03 0.30 -6.96
CA LYS B 19 10.85 -0.79 -7.92
C LYS B 19 12.18 -1.19 -8.55
N ALA B 20 13.10 -0.24 -8.56
CA ALA B 20 14.40 -0.40 -9.22
C ALA B 20 15.43 -1.07 -8.31
N ASP B 21 15.16 -1.07 -7.02
CA ASP B 21 16.12 -1.56 -6.03
C ASP B 21 16.31 -3.08 -6.13
N MET B 22 15.32 -3.78 -6.63
CA MET B 22 15.38 -5.23 -6.70
C MET B 22 15.25 -5.73 -8.14
N VAL B 23 15.37 -7.04 -8.31
CA VAL B 23 15.29 -7.67 -9.62
C VAL B 23 13.85 -7.69 -10.12
N MET B 24 13.58 -6.94 -11.16
CA MET B 24 12.24 -6.84 -11.72
C MET B 24 11.95 -8.02 -12.63
N LEU B 25 11.07 -8.91 -12.19
CA LEU B 25 10.71 -10.08 -12.96
C LEU B 25 9.21 -10.09 -13.28
N SER B 26 8.89 -10.61 -14.44
CA SER B 26 7.51 -10.70 -14.88
C SER B 26 6.83 -11.90 -14.24
N PRO B 27 5.57 -11.74 -13.77
CA PRO B 27 4.80 -12.78 -13.08
C PRO B 27 4.82 -14.15 -13.76
N LYS B 28 5.09 -14.19 -15.06
CA LYS B 28 5.17 -15.46 -15.78
C LYS B 28 6.47 -16.20 -15.42
N ASP B 29 7.56 -15.45 -15.35
CA ASP B 29 8.86 -16.03 -14.95
C ASP B 29 8.91 -16.20 -13.45
N ALA B 30 8.24 -15.28 -12.75
CA ALA B 30 8.16 -15.34 -11.30
C ALA B 30 7.42 -16.59 -10.86
N TYR B 31 6.28 -16.85 -11.48
CA TYR B 31 5.52 -18.06 -11.17
C TYR B 31 6.27 -19.30 -11.61
N LYS B 32 7.03 -19.18 -12.71
CA LYS B 32 7.79 -20.31 -13.24
C LYS B 32 8.75 -20.86 -12.20
N LEU B 33 9.52 -19.99 -11.57
CA LEU B 33 10.44 -20.42 -10.53
C LEU B 33 9.68 -20.80 -9.25
N LEU B 34 8.51 -20.21 -9.07
CA LEU B 34 7.66 -20.51 -7.93
C LEU B 34 7.21 -21.97 -7.93
N GLN B 35 6.66 -22.41 -9.06
CA GLN B 35 6.14 -23.77 -9.16
C GLN B 35 7.26 -24.80 -9.19
N GLU B 36 8.41 -24.41 -9.72
CA GLU B 36 9.54 -25.32 -9.85
C GLU B 36 10.33 -25.41 -8.55
N ASN B 37 10.48 -24.28 -7.87
CA ASN B 37 11.27 -24.22 -6.65
C ASN B 37 10.38 -24.01 -5.44
N PRO B 38 10.22 -25.04 -4.60
CA PRO B 38 9.44 -24.94 -3.37
C PRO B 38 10.17 -24.13 -2.30
N ASP B 39 11.35 -23.65 -2.66
CA ASP B 39 12.17 -22.81 -1.79
C ASP B 39 11.92 -21.34 -2.10
N ILE B 40 11.58 -21.07 -3.35
CA ILE B 40 11.27 -19.71 -3.77
C ILE B 40 9.81 -19.39 -3.45
N THR B 41 9.63 -18.53 -2.47
CA THR B 41 8.30 -18.18 -2.00
C THR B 41 7.87 -16.82 -2.56
N LEU B 42 6.59 -16.67 -2.88
CA LEU B 42 6.07 -15.38 -3.30
C LEU B 42 5.35 -14.73 -2.13
N ILE B 43 5.72 -13.50 -1.83
CA ILE B 43 5.07 -12.77 -0.78
C ILE B 43 4.22 -11.66 -1.36
N ASP B 44 2.93 -11.75 -1.11
CA ASP B 44 2.01 -10.75 -1.58
C ASP B 44 1.60 -9.86 -0.41
N VAL B 45 1.64 -8.57 -0.65
CA VAL B 45 1.20 -7.61 0.33
C VAL B 45 0.26 -6.60 -0.29
N ARG B 46 -1.02 -6.84 -0.08
CA ARG B 46 -2.07 -6.04 -0.67
C ARG B 46 -3.30 -6.10 0.21
N ASP B 47 -4.22 -5.19 -0.02
CA ASP B 47 -5.44 -5.12 0.76
C ASP B 47 -6.30 -6.36 0.50
N PRO B 48 -6.74 -7.00 1.58
CA PRO B 48 -7.38 -8.33 1.55
C PRO B 48 -8.76 -8.37 0.89
N ASP B 49 -9.39 -7.22 0.73
CA ASP B 49 -10.76 -7.20 0.24
C ASP B 49 -10.84 -7.40 -1.27
N GLU B 50 -10.01 -6.70 -2.03
CA GLU B 50 -9.99 -6.87 -3.48
C GLU B 50 -9.37 -8.22 -3.84
N LEU B 51 -8.40 -8.65 -3.03
CA LEU B 51 -7.79 -9.97 -3.20
C LEU B 51 -8.83 -11.06 -3.02
N LYS B 52 -9.66 -10.90 -1.99
CA LYS B 52 -10.69 -11.87 -1.65
C LYS B 52 -11.73 -12.00 -2.75
N ALA B 53 -12.05 -10.88 -3.39
CA ALA B 53 -13.17 -10.85 -4.34
C ALA B 53 -12.73 -11.00 -5.79
N MET B 54 -11.68 -10.28 -6.18
CA MET B 54 -11.32 -10.22 -7.60
C MET B 54 -10.35 -11.33 -7.99
N GLY B 55 -9.43 -11.70 -7.09
CA GLY B 55 -8.52 -12.77 -7.38
C GLY B 55 -7.18 -12.64 -6.69
N LYS B 56 -6.63 -13.78 -6.31
CA LYS B 56 -5.28 -13.84 -5.74
C LYS B 56 -4.52 -14.97 -6.40
N PRO B 57 -3.19 -15.05 -6.27
CA PRO B 57 -2.41 -16.10 -6.93
C PRO B 57 -2.65 -17.48 -6.32
N ASP B 58 -2.95 -18.44 -7.19
CA ASP B 58 -3.08 -19.83 -6.77
C ASP B 58 -1.73 -20.52 -6.88
N VAL B 59 -1.01 -20.56 -5.77
CA VAL B 59 0.35 -21.06 -5.75
C VAL B 59 0.58 -21.93 -4.52
N LYS B 60 1.52 -22.87 -4.64
CA LYS B 60 1.80 -23.81 -3.56
C LYS B 60 2.49 -23.11 -2.38
N ASN B 61 3.32 -22.13 -2.69
CA ASN B 61 4.16 -21.51 -1.69
C ASN B 61 4.11 -19.99 -1.76
N TYR B 62 3.05 -19.42 -1.21
CA TYR B 62 2.92 -17.97 -1.16
C TYR B 62 2.35 -17.54 0.19
N LYS B 63 2.91 -16.48 0.77
CA LYS B 63 2.42 -15.95 2.03
C LYS B 63 1.97 -14.50 1.88
N HIS B 64 0.77 -14.21 2.34
CA HIS B 64 0.28 -12.84 2.39
C HIS B 64 0.64 -12.22 3.72
N MET B 65 1.54 -11.25 3.70
CA MET B 65 2.02 -10.62 4.93
C MET B 65 1.29 -9.32 5.19
N SER B 66 0.20 -9.37 5.93
CA SER B 66 -0.61 -8.19 6.15
C SER B 66 -0.28 -7.52 7.49
N ARG B 67 0.15 -6.27 7.41
CA ARG B 67 0.37 -5.45 8.60
C ARG B 67 0.24 -3.98 8.21
N GLY B 68 1.07 -3.10 8.76
CA GLY B 68 1.13 -1.76 8.24
C GLY B 68 1.99 -1.72 7.02
N LYS B 69 3.10 -2.43 7.11
CA LYS B 69 3.98 -2.66 5.98
C LYS B 69 4.72 -3.98 6.21
N LEU B 70 3.94 -4.98 6.66
CA LEU B 70 4.41 -6.37 6.93
C LEU B 70 5.60 -6.46 7.89
N GLU B 71 6.02 -5.33 8.43
CA GLU B 71 7.22 -5.24 9.27
C GLU B 71 7.30 -6.35 10.34
N PRO B 72 6.35 -6.41 11.31
CA PRO B 72 6.38 -7.42 12.38
C PRO B 72 5.95 -8.81 11.92
N LEU B 73 5.37 -8.89 10.73
CA LEU B 73 4.81 -10.15 10.24
C LEU B 73 5.86 -10.94 9.47
N LEU B 74 7.07 -10.41 9.42
CA LEU B 74 8.16 -11.03 8.67
C LEU B 74 8.66 -12.29 9.38
N ALA B 75 9.01 -12.17 10.65
CA ALA B 75 9.56 -13.29 11.39
C ALA B 75 8.51 -14.34 11.71
N LYS B 76 7.25 -13.93 11.64
CA LYS B 76 6.14 -14.80 12.01
C LYS B 76 5.74 -15.72 10.86
N SER B 77 5.99 -15.28 9.64
CA SER B 77 5.62 -16.07 8.47
C SER B 77 6.61 -17.21 8.22
N GLY B 78 7.84 -17.00 8.67
CA GLY B 78 8.86 -18.03 8.49
C GLY B 78 9.67 -17.83 7.23
N LEU B 79 10.58 -16.86 7.26
CA LEU B 79 11.43 -16.56 6.11
C LEU B 79 12.88 -16.49 6.54
N ASP B 80 13.77 -16.93 5.66
CA ASP B 80 15.20 -16.87 5.92
C ASP B 80 15.90 -16.19 4.74
N PRO B 81 16.87 -15.31 5.04
CA PRO B 81 17.54 -14.50 4.00
C PRO B 81 18.45 -15.29 3.05
N GLU B 82 18.33 -16.61 3.08
CA GLU B 82 19.08 -17.44 2.16
C GLU B 82 18.17 -17.93 1.03
N LYS B 83 16.88 -17.74 1.21
CA LYS B 83 15.90 -18.22 0.24
C LYS B 83 15.52 -17.12 -0.74
N PRO B 84 15.49 -17.43 -2.05
CA PRO B 84 15.05 -16.49 -3.07
C PRO B 84 13.54 -16.29 -2.99
N VAL B 85 13.11 -15.04 -2.90
CA VAL B 85 11.70 -14.74 -2.76
C VAL B 85 11.29 -13.65 -3.74
N VAL B 86 10.04 -13.66 -4.14
CA VAL B 86 9.52 -12.65 -5.04
C VAL B 86 8.29 -11.98 -4.43
N VAL B 87 8.15 -10.68 -4.62
CA VAL B 87 7.02 -9.94 -4.08
C VAL B 87 6.07 -9.55 -5.19
N PHE B 88 4.78 -9.63 -4.90
CA PHE B 88 3.75 -9.42 -5.91
C PHE B 88 2.86 -8.24 -5.56
N CYS B 89 2.47 -7.45 -6.57
CA CYS B 89 1.62 -6.26 -6.42
C CYS B 89 2.43 -5.04 -5.96
N LYS B 90 3.16 -4.46 -6.90
CA LYS B 90 4.00 -3.31 -6.58
C LYS B 90 3.31 -1.98 -6.88
N THR B 91 2.33 -1.99 -7.77
CA THR B 91 1.67 -0.75 -8.17
C THR B 91 0.32 -0.55 -7.48
N ALA B 92 0.26 -0.96 -6.22
CA ALA B 92 -0.95 -0.75 -5.41
C ALA B 92 -0.56 -0.51 -3.95
N ALA B 93 -0.45 -1.59 -3.18
CA ALA B 93 0.01 -1.52 -1.81
C ALA B 93 1.52 -1.28 -1.78
N ARG B 94 2.16 -1.70 -2.87
CA ARG B 94 3.61 -1.55 -3.08
C ARG B 94 4.39 -2.64 -2.37
N ALA B 95 4.49 -3.78 -3.03
CA ALA B 95 5.30 -4.90 -2.54
C ALA B 95 6.77 -4.55 -2.53
N ALA B 96 7.10 -3.42 -3.16
CA ALA B 96 8.46 -2.92 -3.20
C ALA B 96 8.98 -2.67 -1.79
N LEU B 97 8.08 -2.26 -0.90
CA LEU B 97 8.45 -2.02 0.50
C LEU B 97 8.84 -3.31 1.18
N ALA B 98 8.27 -4.42 0.73
CA ALA B 98 8.61 -5.73 1.25
C ALA B 98 9.95 -6.18 0.70
N GLY B 99 10.03 -6.22 -0.62
CA GLY B 99 11.19 -6.79 -1.28
C GLY B 99 12.45 -5.97 -1.17
N LYS B 100 12.35 -4.67 -1.46
CA LYS B 100 13.53 -3.84 -1.51
C LYS B 100 14.14 -3.66 -0.11
N THR B 101 13.29 -3.62 0.90
CA THR B 101 13.76 -3.52 2.27
C THR B 101 14.39 -4.84 2.73
N LEU B 102 13.83 -5.95 2.26
CA LEU B 102 14.36 -7.27 2.62
C LEU B 102 15.76 -7.48 2.08
N ARG B 103 15.97 -7.16 0.81
CA ARG B 103 17.30 -7.30 0.20
C ARG B 103 18.29 -6.34 0.86
N GLU B 104 17.78 -5.24 1.38
CA GLU B 104 18.59 -4.26 2.11
C GLU B 104 18.99 -4.79 3.49
N TYR B 105 18.45 -5.94 3.85
CA TYR B 105 18.83 -6.58 5.11
C TYR B 105 19.72 -7.79 4.83
N GLY B 106 19.84 -8.14 3.55
CA GLY B 106 20.73 -9.21 3.18
C GLY B 106 19.99 -10.45 2.72
N PHE B 107 19.21 -10.30 1.67
CA PHE B 107 18.50 -11.44 1.08
C PHE B 107 19.20 -11.86 -0.20
N LYS B 108 19.28 -13.17 -0.41
CA LYS B 108 20.00 -13.73 -1.55
C LYS B 108 19.46 -13.18 -2.87
N THR B 109 18.33 -13.68 -3.31
CA THR B 109 17.74 -13.25 -4.57
C THR B 109 16.28 -12.88 -4.39
N ILE B 110 16.00 -11.59 -4.49
CA ILE B 110 14.66 -11.08 -4.30
C ILE B 110 14.14 -10.45 -5.59
N TYR B 111 12.93 -10.85 -6.00
CA TYR B 111 12.35 -10.36 -7.25
C TYR B 111 11.11 -9.52 -6.97
N ASN B 112 10.89 -8.53 -7.81
CA ASN B 112 9.66 -7.76 -7.75
C ASN B 112 8.84 -8.06 -9.00
N SER B 113 7.55 -8.22 -8.84
CA SER B 113 6.70 -8.64 -9.93
C SER B 113 6.19 -7.45 -10.76
N GLU B 114 6.66 -7.38 -11.99
CA GLU B 114 6.21 -6.34 -12.92
C GLU B 114 4.72 -6.47 -13.17
N GLY B 115 4.05 -5.36 -13.36
CA GLY B 115 2.61 -5.38 -13.49
C GLY B 115 1.92 -5.38 -12.15
N GLY B 116 1.30 -6.50 -11.81
CA GLY B 116 0.63 -6.63 -10.54
C GLY B 116 -0.39 -7.75 -10.56
N MET B 117 -1.31 -7.76 -9.60
CA MET B 117 -2.36 -8.79 -9.52
C MET B 117 -3.18 -8.80 -10.79
N ASP B 118 -3.42 -7.62 -11.35
CA ASP B 118 -4.15 -7.49 -12.60
C ASP B 118 -3.42 -8.21 -13.72
N LYS B 119 -2.10 -8.19 -13.69
CA LYS B 119 -1.29 -8.88 -14.68
C LYS B 119 -1.32 -10.38 -14.43
N TRP B 120 -1.40 -10.80 -13.18
CA TRP B 120 -1.51 -12.21 -12.84
C TRP B 120 -2.74 -12.81 -13.51
N LEU B 121 -3.89 -12.17 -13.30
CA LEU B 121 -5.13 -12.59 -13.93
C LEU B 121 -5.05 -12.49 -15.45
N GLU B 122 -4.42 -11.41 -15.93
CA GLU B 122 -4.35 -11.11 -17.36
C GLU B 122 -3.44 -12.09 -18.11
N GLU B 123 -2.37 -12.53 -17.47
CA GLU B 123 -1.43 -13.45 -18.12
C GLU B 123 -2.01 -14.85 -18.18
N GLY B 124 -3.19 -15.02 -17.58
CA GLY B 124 -3.85 -16.31 -17.57
C GLY B 124 -3.19 -17.26 -16.60
N LEU B 125 -2.52 -16.70 -15.61
CA LEU B 125 -1.86 -17.49 -14.59
C LEU B 125 -2.89 -18.03 -13.60
N PRO B 126 -2.53 -19.09 -12.84
CA PRO B 126 -3.43 -19.67 -11.84
C PRO B 126 -3.79 -18.65 -10.77
N SER B 127 -5.03 -18.20 -10.80
CA SER B 127 -5.51 -17.23 -9.84
C SER B 127 -6.79 -17.72 -9.19
N LEU B 128 -7.08 -17.24 -8.00
CA LEU B 128 -8.28 -17.64 -7.31
C LEU B 128 -9.26 -16.47 -7.24
N ASP B 129 -10.25 -16.53 -8.11
CA ASP B 129 -11.35 -15.58 -8.09
C ASP B 129 -12.55 -16.28 -7.47
N ARG B 130 -13.35 -15.59 -6.68
CA ARG B 130 -14.48 -16.22 -6.06
C ARG B 130 -15.65 -16.25 -7.02
N SER B 131 -15.75 -17.34 -7.77
CA SER B 131 -16.74 -17.51 -8.83
C SER B 131 -18.09 -16.92 -8.47
N HIS B 132 -18.46 -15.86 -9.17
CA HIS B 132 -19.74 -15.18 -8.94
C HIS B 132 -20.64 -15.36 -10.14
N HIS B 133 -21.40 -16.44 -10.15
CA HIS B 133 -22.29 -16.74 -11.26
C HIS B 133 -23.72 -16.32 -10.94
N HIS B 134 -23.96 -15.96 -9.69
CA HIS B 134 -25.29 -15.51 -9.26
C HIS B 134 -25.57 -14.12 -9.81
N HIS B 135 -24.52 -13.30 -9.93
CA HIS B 135 -24.65 -11.94 -10.43
C HIS B 135 -24.82 -11.92 -11.96
N HIS B 136 -25.97 -12.41 -12.42
CA HIS B 136 -26.28 -12.35 -13.85
C HIS B 136 -26.79 -10.96 -14.21
N HIS B 137 -26.95 -10.16 -13.17
CA HIS B 137 -27.26 -8.75 -13.32
C HIS B 137 -26.75 -8.05 -12.06
N ALA A 1 14.64 -23.85 13.57
CA ALA A 1 13.85 -22.63 13.77
C ALA A 1 13.97 -21.70 12.57
N ASP A 2 13.06 -20.74 12.45
CA ASP A 2 13.09 -19.77 11.37
C ASP A 2 13.79 -18.49 11.82
N MET A 3 14.14 -17.63 10.88
CA MET A 3 14.90 -16.42 11.17
C MET A 3 13.98 -15.20 11.26
N GLY A 4 12.68 -15.46 11.21
CA GLY A 4 11.69 -14.42 11.16
C GLY A 4 11.86 -13.34 12.23
N GLU A 5 12.52 -13.69 13.32
CA GLU A 5 12.77 -12.74 14.40
C GLU A 5 13.84 -11.71 14.02
N LYS A 6 14.81 -12.13 13.22
CA LYS A 6 15.95 -11.29 12.90
C LYS A 6 15.55 -10.04 12.13
N PHE A 7 14.72 -10.19 11.10
CA PHE A 7 14.35 -9.06 10.26
C PHE A 7 13.08 -8.37 10.75
N ASP A 8 12.26 -9.10 11.51
CA ASP A 8 10.99 -8.54 12.02
C ASP A 8 11.23 -7.23 12.76
N ALA A 9 12.11 -7.28 13.75
CA ALA A 9 12.45 -6.11 14.55
C ALA A 9 12.98 -4.98 13.69
N THR A 10 13.85 -5.32 12.75
CA THR A 10 14.46 -4.33 11.87
C THR A 10 13.45 -3.72 10.91
N PHE A 11 12.61 -4.56 10.31
CA PHE A 11 11.60 -4.09 9.36
C PHE A 11 10.69 -3.07 10.03
N LYS A 12 10.23 -3.43 11.22
CA LYS A 12 9.39 -2.55 12.02
C LYS A 12 10.15 -1.30 12.45
N ALA A 13 11.47 -1.41 12.53
CA ALA A 13 12.31 -0.28 12.89
C ALA A 13 12.41 0.73 11.76
N GLN A 14 12.53 0.23 10.54
CA GLN A 14 12.62 1.09 9.36
C GLN A 14 11.28 1.73 9.05
N VAL A 15 10.23 0.91 9.00
CA VAL A 15 8.91 1.40 8.65
C VAL A 15 8.40 2.42 9.67
N LYS A 16 8.73 2.22 10.95
CA LYS A 16 8.31 3.15 12.00
C LYS A 16 8.94 4.52 11.81
N ALA A 17 10.12 4.57 11.22
CA ALA A 17 10.79 5.83 10.94
C ALA A 17 10.01 6.65 9.93
N ALA A 18 9.24 5.96 9.09
CA ALA A 18 8.39 6.60 8.11
C ALA A 18 7.16 7.23 8.76
N LYS A 19 6.70 6.65 9.87
CA LYS A 19 5.65 7.27 10.68
C LYS A 19 6.22 8.41 11.52
N ALA A 20 7.51 8.32 11.77
CA ALA A 20 8.21 9.30 12.59
C ALA A 20 8.63 10.52 11.78
N ASP A 21 8.66 10.36 10.47
CA ASP A 21 9.12 11.42 9.57
C ASP A 21 8.11 12.57 9.50
N MET A 22 6.86 12.30 9.79
CA MET A 22 5.82 13.33 9.73
C MET A 22 5.14 13.50 11.08
N VAL A 23 4.20 14.44 11.14
CA VAL A 23 3.45 14.69 12.37
C VAL A 23 2.28 13.73 12.51
N MET A 24 2.36 12.84 13.48
CA MET A 24 1.35 11.82 13.68
C MET A 24 0.11 12.40 14.36
N LEU A 25 -0.92 12.61 13.56
CA LEU A 25 -2.17 13.18 14.06
C LEU A 25 -3.30 12.14 14.00
N SER A 26 -4.11 12.14 15.03
CA SER A 26 -5.23 11.22 15.13
C SER A 26 -6.42 11.78 14.35
N PRO A 27 -7.26 10.89 13.76
CA PRO A 27 -8.38 11.25 12.90
C PRO A 27 -9.07 12.55 13.30
N LYS A 28 -9.55 12.65 14.53
CA LYS A 28 -10.30 13.82 14.99
C LYS A 28 -9.43 15.08 14.96
N ASP A 29 -8.17 14.94 15.33
CA ASP A 29 -7.25 16.08 15.33
C ASP A 29 -6.97 16.54 13.91
N ALA A 30 -6.93 15.58 13.00
CA ALA A 30 -6.74 15.87 11.60
C ALA A 30 -8.00 16.50 11.01
N TYR A 31 -9.14 15.91 11.30
CA TYR A 31 -10.43 16.40 10.83
C TYR A 31 -10.71 17.81 11.32
N LYS A 32 -10.20 18.13 12.51
CA LYS A 32 -10.38 19.45 13.10
C LYS A 32 -9.79 20.53 12.19
N LEU A 33 -8.54 20.36 11.78
CA LEU A 33 -7.89 21.33 10.91
C LEU A 33 -8.43 21.21 9.48
N LEU A 34 -8.89 20.01 9.11
CA LEU A 34 -9.43 19.78 7.78
C LEU A 34 -10.67 20.62 7.53
N GLN A 35 -11.65 20.49 8.41
CA GLN A 35 -12.95 21.13 8.22
C GLN A 35 -12.89 22.62 8.51
N GLU A 36 -11.91 23.06 9.29
CA GLU A 36 -11.83 24.46 9.67
C GLU A 36 -10.91 25.22 8.71
N ASN A 37 -9.99 24.50 8.08
CA ASN A 37 -9.13 25.10 7.07
C ASN A 37 -9.15 24.26 5.80
N PRO A 38 -10.03 24.61 4.83
CA PRO A 38 -10.15 23.87 3.58
C PRO A 38 -8.92 24.02 2.67
N ASP A 39 -7.87 24.61 3.20
CA ASP A 39 -6.59 24.63 2.52
C ASP A 39 -5.77 23.42 2.94
N ILE A 40 -6.02 22.96 4.16
CA ILE A 40 -5.43 21.73 4.65
C ILE A 40 -6.27 20.55 4.18
N THR A 41 -5.79 19.89 3.15
CA THR A 41 -6.51 18.80 2.51
C THR A 41 -6.12 17.45 3.09
N LEU A 42 -7.07 16.52 3.15
CA LEU A 42 -6.77 15.15 3.56
C LEU A 42 -6.65 14.27 2.33
N ILE A 43 -5.56 13.55 2.25
CA ILE A 43 -5.35 12.62 1.17
C ILE A 43 -5.43 11.19 1.70
N ASP A 44 -6.39 10.44 1.20
CA ASP A 44 -6.58 9.08 1.65
C ASP A 44 -6.01 8.11 0.63
N VAL A 45 -5.11 7.27 1.09
CA VAL A 45 -4.53 6.26 0.24
C VAL A 45 -5.04 4.89 0.67
N ARG A 46 -6.08 4.44 -0.02
CA ARG A 46 -6.73 3.20 0.32
C ARG A 46 -7.31 2.56 -0.93
N ASP A 47 -7.63 1.28 -0.82
CA ASP A 47 -8.16 0.53 -1.95
C ASP A 47 -9.62 0.88 -2.19
N PRO A 48 -10.03 1.04 -3.45
CA PRO A 48 -11.42 1.37 -3.81
C PRO A 48 -12.40 0.29 -3.33
N ASP A 49 -11.94 -0.95 -3.26
CA ASP A 49 -12.77 -2.05 -2.79
C ASP A 49 -12.87 -2.03 -1.27
N GLU A 50 -11.77 -1.67 -0.61
CA GLU A 50 -11.77 -1.47 0.83
C GLU A 50 -12.65 -0.29 1.19
N LEU A 51 -12.63 0.71 0.31
CA LEU A 51 -13.46 1.90 0.45
C LEU A 51 -14.93 1.55 0.31
N LYS A 52 -15.22 0.57 -0.53
CA LYS A 52 -16.59 0.12 -0.73
C LYS A 52 -17.09 -0.67 0.47
N ALA A 53 -16.24 -1.53 1.00
CA ALA A 53 -16.63 -2.43 2.08
C ALA A 53 -16.67 -1.72 3.44
N MET A 54 -15.65 -0.93 3.72
CA MET A 54 -15.50 -0.34 5.05
C MET A 54 -15.94 1.12 5.07
N GLY A 55 -15.69 1.82 3.98
CA GLY A 55 -16.05 3.22 3.92
C GLY A 55 -14.86 4.14 3.77
N LYS A 56 -15.11 5.43 3.67
CA LYS A 56 -14.07 6.44 3.51
C LYS A 56 -14.48 7.73 4.19
N PRO A 57 -13.53 8.59 4.59
CA PRO A 57 -13.83 9.86 5.25
C PRO A 57 -14.56 10.84 4.34
N ASP A 58 -15.57 11.51 4.89
CA ASP A 58 -16.33 12.50 4.13
C ASP A 58 -16.07 13.89 4.68
N VAL A 59 -15.01 14.51 4.22
CA VAL A 59 -14.69 15.87 4.61
C VAL A 59 -14.85 16.81 3.43
N LYS A 60 -14.91 18.10 3.71
CA LYS A 60 -15.11 19.12 2.67
C LYS A 60 -14.06 19.02 1.57
N ASN A 61 -12.82 18.81 1.96
CA ASN A 61 -11.72 18.73 1.02
C ASN A 61 -11.00 17.39 1.11
N TYR A 62 -11.62 16.37 0.55
CA TYR A 62 -11.07 15.03 0.57
C TYR A 62 -10.78 14.55 -0.86
N LYS A 63 -9.54 14.14 -1.10
CA LYS A 63 -9.15 13.58 -2.39
C LYS A 63 -8.61 12.17 -2.22
N HIS A 64 -9.20 11.21 -2.92
CA HIS A 64 -8.79 9.82 -2.83
C HIS A 64 -7.80 9.49 -3.94
N MET A 65 -6.72 8.84 -3.58
CA MET A 65 -5.72 8.43 -4.57
C MET A 65 -5.77 6.94 -4.80
N SER A 66 -5.41 6.52 -6.01
CA SER A 66 -5.54 5.13 -6.42
C SER A 66 -4.40 4.24 -5.91
N ARG A 67 -4.14 4.32 -4.61
CA ARG A 67 -3.20 3.41 -3.92
C ARG A 67 -1.76 3.50 -4.46
N GLY A 68 -1.52 2.85 -5.58
CA GLY A 68 -0.22 2.83 -6.20
C GLY A 68 -0.17 3.80 -7.35
N LYS A 69 -1.31 4.39 -7.60
CA LYS A 69 -1.45 5.39 -8.63
C LYS A 69 -1.81 6.71 -7.99
N LEU A 70 -1.37 6.91 -6.75
CA LEU A 70 -1.54 8.18 -6.07
C LEU A 70 -0.72 9.23 -6.78
N GLU A 71 0.49 8.81 -7.12
CA GLU A 71 1.47 9.70 -7.78
C GLU A 71 0.86 10.42 -8.98
N PRO A 72 0.37 9.69 -10.01
CA PRO A 72 -0.23 10.32 -11.19
C PRO A 72 -1.59 10.97 -10.92
N LEU A 73 -2.22 10.59 -9.82
CA LEU A 73 -3.54 11.13 -9.49
C LEU A 73 -3.42 12.41 -8.67
N LEU A 74 -2.24 12.67 -8.13
CA LEU A 74 -2.00 13.85 -7.31
C LEU A 74 -2.30 15.12 -8.11
N ALA A 75 -1.70 15.21 -9.28
CA ALA A 75 -1.88 16.35 -10.16
C ALA A 75 -3.30 16.41 -10.71
N LYS A 76 -3.92 15.25 -10.87
CA LYS A 76 -5.24 15.16 -11.46
C LYS A 76 -6.32 15.61 -10.49
N SER A 77 -6.06 15.42 -9.19
CA SER A 77 -7.01 15.83 -8.17
C SER A 77 -6.90 17.33 -7.92
N GLY A 78 -5.68 17.85 -7.96
CA GLY A 78 -5.50 19.28 -7.79
C GLY A 78 -4.87 19.61 -6.45
N LEU A 79 -3.55 19.66 -6.41
CA LEU A 79 -2.84 19.97 -5.18
C LEU A 79 -1.75 21.00 -5.41
N ASP A 80 -1.48 21.81 -4.41
CA ASP A 80 -0.47 22.86 -4.49
C ASP A 80 0.39 22.83 -3.21
N PRO A 81 1.71 22.98 -3.35
CA PRO A 81 2.68 22.82 -2.23
C PRO A 81 2.51 23.83 -1.10
N GLU A 82 1.56 24.75 -1.23
CA GLU A 82 1.27 25.69 -0.16
C GLU A 82 0.08 25.19 0.66
N LYS A 83 -0.53 24.10 0.21
CA LYS A 83 -1.65 23.51 0.91
C LYS A 83 -1.16 22.42 1.85
N PRO A 84 -1.34 22.62 3.16
CA PRO A 84 -1.02 21.60 4.16
C PRO A 84 -1.89 20.36 3.95
N VAL A 85 -1.31 19.19 4.14
CA VAL A 85 -2.04 17.96 3.87
C VAL A 85 -1.77 16.92 4.94
N VAL A 86 -2.77 16.11 5.21
CA VAL A 86 -2.63 14.98 6.09
C VAL A 86 -2.97 13.71 5.31
N VAL A 87 -2.26 12.64 5.57
CA VAL A 87 -2.47 11.40 4.86
C VAL A 87 -3.26 10.41 5.71
N PHE A 88 -4.33 9.89 5.15
CA PHE A 88 -5.16 8.91 5.83
C PHE A 88 -5.06 7.58 5.11
N CYS A 89 -5.26 6.49 5.86
CA CYS A 89 -5.13 5.15 5.30
C CYS A 89 -5.38 4.08 6.35
N LYS A 90 -5.08 2.84 6.00
CA LYS A 90 -5.21 1.71 6.90
C LYS A 90 -4.05 0.75 6.69
N THR A 91 -2.83 1.27 6.81
CA THR A 91 -1.63 0.49 6.51
C THR A 91 -0.35 1.27 6.83
N ALA A 92 -0.47 2.61 6.90
CA ALA A 92 0.65 3.51 7.24
C ALA A 92 1.65 3.68 6.10
N ALA A 93 2.00 2.56 5.47
CA ALA A 93 3.05 2.54 4.45
C ALA A 93 2.80 3.53 3.32
N ARG A 94 1.63 3.46 2.68
CA ARG A 94 1.36 4.32 1.55
C ARG A 94 1.06 5.75 1.99
N ALA A 95 0.64 5.90 3.24
CA ALA A 95 0.44 7.22 3.82
C ALA A 95 1.78 7.92 3.96
N ALA A 96 2.70 7.25 4.64
CA ALA A 96 4.06 7.77 4.80
C ALA A 96 4.73 7.99 3.45
N LEU A 97 4.46 7.10 2.49
CA LEU A 97 5.02 7.24 1.16
C LEU A 97 4.46 8.48 0.46
N ALA A 98 3.19 8.77 0.68
CA ALA A 98 2.57 9.92 0.06
C ALA A 98 3.03 11.21 0.74
N GLY A 99 2.98 11.20 2.06
CA GLY A 99 3.33 12.38 2.82
C GLY A 99 4.80 12.72 2.78
N LYS A 100 5.65 11.76 3.10
CA LYS A 100 7.09 12.01 3.20
C LYS A 100 7.68 12.41 1.84
N THR A 101 7.08 11.90 0.76
CA THR A 101 7.51 12.27 -0.58
C THR A 101 7.07 13.70 -0.91
N LEU A 102 5.87 14.06 -0.47
CA LEU A 102 5.34 15.41 -0.71
C LEU A 102 6.20 16.47 0.00
N ARG A 103 6.53 16.21 1.27
CA ARG A 103 7.38 17.12 2.03
C ARG A 103 8.78 17.17 1.41
N GLU A 104 9.16 16.08 0.75
CA GLU A 104 10.45 15.98 0.09
C GLU A 104 10.50 16.82 -1.19
N TYR A 105 9.36 17.35 -1.60
CA TYR A 105 9.31 18.22 -2.77
C TYR A 105 9.13 19.67 -2.36
N GLY A 106 8.67 19.89 -1.12
CA GLY A 106 8.53 21.23 -0.61
C GLY A 106 7.09 21.58 -0.28
N PHE A 107 6.45 20.77 0.55
CA PHE A 107 5.10 21.06 0.98
C PHE A 107 5.10 21.81 2.30
N LYS A 108 3.95 22.35 2.69
CA LYS A 108 3.86 23.15 3.91
C LYS A 108 3.83 22.26 5.16
N THR A 109 2.65 22.00 5.67
CA THR A 109 2.48 21.19 6.86
C THR A 109 1.92 19.82 6.51
N ILE A 110 2.64 18.77 6.85
CA ILE A 110 2.23 17.43 6.44
C ILE A 110 2.04 16.52 7.66
N TYR A 111 0.87 15.90 7.74
CA TYR A 111 0.52 15.06 8.89
C TYR A 111 0.26 13.64 8.44
N ASN A 112 0.58 12.68 9.29
CA ASN A 112 0.31 11.28 9.03
C ASN A 112 -0.65 10.75 10.07
N SER A 113 -1.53 9.85 9.69
CA SER A 113 -2.58 9.40 10.58
C SER A 113 -2.07 8.37 11.58
N GLU A 114 -2.39 8.60 12.85
CA GLU A 114 -2.03 7.66 13.90
C GLU A 114 -3.24 6.77 14.22
N GLY A 115 -4.31 6.96 13.46
CA GLY A 115 -5.47 6.12 13.62
C GLY A 115 -5.59 5.10 12.52
N GLY A 116 -6.33 5.45 11.47
CA GLY A 116 -6.57 4.53 10.38
C GLY A 116 -7.98 4.64 9.86
N MET A 117 -8.22 4.16 8.65
CA MET A 117 -9.54 4.27 8.02
C MET A 117 -10.62 3.64 8.89
N ASP A 118 -10.30 2.50 9.47
CA ASP A 118 -11.22 1.81 10.37
C ASP A 118 -11.37 2.60 11.67
N LYS A 119 -10.35 3.36 12.04
CA LYS A 119 -10.40 4.21 13.21
C LYS A 119 -11.30 5.41 12.96
N TRP A 120 -11.33 5.89 11.72
CA TRP A 120 -12.20 6.99 11.33
C TRP A 120 -13.65 6.62 11.66
N LEU A 121 -14.04 5.42 11.28
CA LEU A 121 -15.36 4.90 11.59
C LEU A 121 -15.52 4.68 13.09
N GLU A 122 -14.45 4.21 13.73
CA GLU A 122 -14.47 3.92 15.16
C GLU A 122 -14.67 5.19 15.99
N GLU A 123 -14.06 6.29 15.56
CA GLU A 123 -14.15 7.55 16.29
C GLU A 123 -15.44 8.30 15.91
N GLY A 124 -16.27 7.64 15.09
CA GLY A 124 -17.57 8.19 14.75
C GLY A 124 -17.51 9.41 13.86
N LEU A 125 -16.47 9.49 13.05
CA LEU A 125 -16.27 10.63 12.17
C LEU A 125 -17.03 10.44 10.86
N PRO A 126 -17.33 11.53 10.14
CA PRO A 126 -18.10 11.50 8.88
C PRO A 126 -17.48 10.60 7.83
N SER A 127 -18.21 9.57 7.43
CA SER A 127 -17.72 8.62 6.44
C SER A 127 -18.76 8.35 5.36
N LEU A 128 -18.29 7.88 4.21
CA LEU A 128 -19.16 7.47 3.12
C LEU A 128 -19.02 5.97 2.92
N ASP A 129 -20.08 5.24 3.23
CA ASP A 129 -20.08 3.79 3.09
C ASP A 129 -21.46 3.34 2.62
N ARG A 130 -21.54 2.24 1.89
CA ARG A 130 -22.81 1.78 1.35
C ARG A 130 -23.54 0.91 2.37
N SER A 131 -24.01 1.54 3.42
CA SER A 131 -24.77 0.85 4.46
C SER A 131 -26.10 0.36 3.91
N HIS A 132 -26.60 1.04 2.87
CA HIS A 132 -27.83 0.63 2.22
C HIS A 132 -27.55 0.07 0.83
N HIS A 133 -27.78 -1.22 0.67
CA HIS A 133 -27.59 -1.90 -0.61
C HIS A 133 -28.90 -1.91 -1.37
N HIS A 134 -29.34 -0.74 -1.80
CA HIS A 134 -30.63 -0.59 -2.46
C HIS A 134 -30.56 -1.07 -3.91
N HIS A 135 -31.27 -2.15 -4.20
CA HIS A 135 -31.36 -2.68 -5.56
C HIS A 135 -32.62 -3.53 -5.70
N HIS A 136 -33.52 -3.08 -6.58
CA HIS A 136 -34.81 -3.74 -6.74
C HIS A 136 -34.93 -4.40 -8.11
N HIS A 137 -35.83 -5.38 -8.21
CA HIS A 137 -36.09 -6.06 -9.45
C HIS A 137 -37.59 -6.35 -9.58
N ALA B 1 -1.71 29.12 -12.46
CA ALA B 1 -1.54 27.68 -12.72
C ALA B 1 -1.45 26.91 -11.41
N ASP B 2 -1.51 25.59 -11.49
CA ASP B 2 -1.39 24.76 -10.31
C ASP B 2 -0.09 23.96 -10.38
N MET B 3 0.50 23.69 -9.22
CA MET B 3 1.81 23.07 -9.18
C MET B 3 1.71 21.56 -9.15
N GLY B 4 0.49 21.05 -9.26
CA GLY B 4 0.27 19.61 -9.22
C GLY B 4 1.04 18.89 -10.30
N GLU B 5 1.15 19.52 -11.47
CA GLU B 5 1.93 18.98 -12.58
C GLU B 5 3.42 18.95 -12.24
N LYS B 6 3.85 19.91 -11.45
CA LYS B 6 5.26 20.06 -11.11
C LYS B 6 5.79 18.87 -10.32
N PHE B 7 5.07 18.44 -9.29
CA PHE B 7 5.55 17.33 -8.46
C PHE B 7 5.07 15.97 -8.97
N ASP B 8 3.98 15.98 -9.73
CA ASP B 8 3.38 14.72 -10.22
C ASP B 8 4.43 13.88 -10.96
N ALA B 9 5.17 14.54 -11.84
CA ALA B 9 6.22 13.86 -12.60
C ALA B 9 7.31 13.33 -11.68
N THR B 10 7.70 14.16 -10.72
CA THR B 10 8.75 13.80 -9.78
C THR B 10 8.33 12.63 -8.89
N PHE B 11 7.09 12.64 -8.41
CA PHE B 11 6.59 11.62 -7.49
C PHE B 11 6.74 10.23 -8.08
N LYS B 12 6.28 10.06 -9.31
CA LYS B 12 6.39 8.80 -10.03
C LYS B 12 7.85 8.51 -10.40
N ALA B 13 8.65 9.56 -10.50
CA ALA B 13 10.08 9.43 -10.77
C ALA B 13 10.80 8.79 -9.60
N GLN B 14 10.46 9.23 -8.40
CA GLN B 14 11.05 8.69 -7.17
C GLN B 14 10.54 7.28 -6.93
N VAL B 15 9.21 7.14 -6.98
CA VAL B 15 8.58 5.85 -6.75
C VAL B 15 9.11 4.78 -7.72
N LYS B 16 9.41 5.19 -8.94
CA LYS B 16 9.96 4.28 -9.95
C LYS B 16 11.31 3.72 -9.52
N ALA B 17 12.08 4.50 -8.78
CA ALA B 17 13.39 4.08 -8.34
C ALA B 17 13.30 2.96 -7.30
N ALA B 18 12.18 2.91 -6.59
CA ALA B 18 11.98 1.92 -5.54
C ALA B 18 11.92 0.50 -6.12
N LYS B 19 11.16 0.32 -7.20
CA LYS B 19 11.08 -0.97 -7.88
C LYS B 19 12.33 -1.25 -8.70
N ALA B 20 13.07 -0.18 -9.01
CA ALA B 20 14.28 -0.27 -9.80
C ALA B 20 15.44 -0.85 -8.98
N ASP B 21 15.29 -0.85 -7.66
CA ASP B 21 16.35 -1.33 -6.77
C ASP B 21 16.45 -2.84 -6.78
N MET B 22 15.40 -3.51 -7.22
CA MET B 22 15.38 -4.97 -7.25
C MET B 22 15.15 -5.47 -8.68
N VAL B 23 15.10 -6.79 -8.84
CA VAL B 23 14.91 -7.41 -10.13
C VAL B 23 13.44 -7.37 -10.55
N MET B 24 13.12 -6.51 -11.51
CA MET B 24 11.76 -6.38 -12.01
C MET B 24 11.42 -7.58 -12.90
N LEU B 25 10.65 -8.51 -12.35
CA LEU B 25 10.27 -9.71 -13.06
C LEU B 25 8.77 -9.76 -13.29
N SER B 26 8.39 -10.24 -14.46
CA SER B 26 6.99 -10.37 -14.82
C SER B 26 6.41 -11.67 -14.28
N PRO B 27 5.13 -11.66 -13.85
CA PRO B 27 4.46 -12.78 -13.19
C PRO B 27 4.76 -14.17 -13.78
N LYS B 28 4.96 -14.27 -15.10
CA LYS B 28 5.25 -15.58 -15.71
C LYS B 28 6.69 -16.01 -15.41
N ASP B 29 7.62 -15.07 -15.53
CA ASP B 29 9.03 -15.34 -15.26
C ASP B 29 9.23 -15.62 -13.78
N ALA B 30 8.43 -14.95 -12.96
CA ALA B 30 8.47 -15.14 -11.52
C ALA B 30 7.87 -16.48 -11.15
N TYR B 31 6.70 -16.80 -11.69
CA TYR B 31 6.03 -18.05 -11.39
C TYR B 31 6.86 -19.25 -11.86
N LYS B 32 7.59 -19.06 -12.97
CA LYS B 32 8.42 -20.12 -13.52
C LYS B 32 9.39 -20.66 -12.47
N LEU B 33 10.15 -19.78 -11.86
CA LEU B 33 11.10 -20.17 -10.83
C LEU B 33 10.38 -20.50 -9.52
N LEU B 34 9.22 -19.88 -9.31
CA LEU B 34 8.45 -20.08 -8.09
C LEU B 34 8.00 -21.53 -7.95
N GLN B 35 7.29 -22.01 -8.95
CA GLN B 35 6.70 -23.34 -8.90
C GLN B 35 7.71 -24.45 -9.14
N GLU B 36 8.83 -24.11 -9.77
CA GLU B 36 9.84 -25.12 -10.09
C GLU B 36 10.86 -25.22 -8.96
N ASN B 37 11.07 -24.12 -8.24
CA ASN B 37 11.94 -24.12 -7.08
C ASN B 37 11.15 -23.72 -5.84
N PRO B 38 10.63 -24.71 -5.11
CA PRO B 38 9.74 -24.47 -3.95
C PRO B 38 10.41 -23.74 -2.78
N ASP B 39 11.66 -23.35 -2.97
CA ASP B 39 12.36 -22.55 -1.96
C ASP B 39 12.18 -21.07 -2.28
N ILE B 40 11.88 -20.78 -3.55
CA ILE B 40 11.57 -19.43 -3.97
C ILE B 40 10.14 -19.09 -3.59
N THR B 41 9.99 -18.24 -2.59
CA THR B 41 8.68 -17.89 -2.07
C THR B 41 8.16 -16.59 -2.68
N LEU B 42 6.85 -16.50 -2.89
CA LEU B 42 6.25 -15.26 -3.36
C LEU B 42 5.53 -14.58 -2.23
N ILE B 43 5.86 -13.33 -1.98
CA ILE B 43 5.19 -12.53 -0.99
C ILE B 43 4.23 -11.59 -1.69
N ASP B 44 2.94 -11.77 -1.42
CA ASP B 44 1.93 -10.98 -2.08
C ASP B 44 1.47 -9.87 -1.16
N VAL B 45 1.60 -8.64 -1.61
CA VAL B 45 1.17 -7.50 -0.82
C VAL B 45 -0.05 -6.88 -1.48
N ARG B 46 -1.21 -7.27 -1.00
CA ARG B 46 -2.46 -6.83 -1.59
C ARG B 46 -3.55 -6.77 -0.53
N ASP B 47 -4.55 -5.95 -0.79
CA ASP B 47 -5.64 -5.76 0.15
C ASP B 47 -6.55 -6.98 0.18
N PRO B 48 -6.96 -7.41 1.37
CA PRO B 48 -7.79 -8.61 1.55
C PRO B 48 -9.13 -8.48 0.83
N ASP B 49 -9.64 -7.27 0.73
CA ASP B 49 -10.93 -7.03 0.08
C ASP B 49 -10.81 -7.17 -1.43
N GLU B 50 -9.73 -6.63 -1.99
CA GLU B 50 -9.46 -6.81 -3.42
C GLU B 50 -9.15 -8.26 -3.72
N LEU B 51 -8.52 -8.94 -2.76
CA LEU B 51 -8.22 -10.37 -2.87
C LEU B 51 -9.51 -11.17 -2.98
N LYS B 52 -10.55 -10.70 -2.30
CA LYS B 52 -11.86 -11.36 -2.34
C LYS B 52 -12.51 -11.17 -3.72
N ALA B 53 -12.37 -9.98 -4.27
CA ALA B 53 -13.08 -9.62 -5.49
C ALA B 53 -12.32 -10.01 -6.76
N MET B 54 -11.01 -9.80 -6.77
CA MET B 54 -10.22 -10.05 -7.98
C MET B 54 -9.55 -11.42 -7.94
N GLY B 55 -9.15 -11.85 -6.76
CA GLY B 55 -8.49 -13.12 -6.60
C GLY B 55 -7.05 -12.97 -6.18
N LYS B 56 -6.37 -14.10 -5.98
CA LYS B 56 -4.98 -14.09 -5.57
C LYS B 56 -4.28 -15.31 -6.17
N PRO B 57 -2.94 -15.31 -6.26
CA PRO B 57 -2.20 -16.42 -6.86
C PRO B 57 -2.42 -17.74 -6.14
N ASP B 58 -2.74 -18.77 -6.91
CA ASP B 58 -2.85 -20.12 -6.38
C ASP B 58 -1.52 -20.81 -6.53
N VAL B 59 -0.74 -20.82 -5.46
CA VAL B 59 0.60 -21.37 -5.48
C VAL B 59 0.88 -22.15 -4.21
N LYS B 60 1.86 -23.02 -4.26
CA LYS B 60 2.17 -23.90 -3.14
C LYS B 60 3.01 -23.16 -2.09
N ASN B 61 3.79 -22.20 -2.55
CA ASN B 61 4.73 -21.50 -1.69
C ASN B 61 4.60 -19.99 -1.81
N TYR B 62 3.50 -19.45 -1.29
CA TYR B 62 3.30 -18.01 -1.28
C TYR B 62 2.75 -17.57 0.07
N LYS B 63 3.20 -16.41 0.53
CA LYS B 63 2.78 -15.88 1.82
C LYS B 63 2.26 -14.46 1.68
N HIS B 64 1.02 -14.26 2.10
CA HIS B 64 0.38 -12.95 2.01
C HIS B 64 0.89 -12.02 3.10
N MET B 65 1.31 -10.84 2.71
CA MET B 65 1.71 -9.81 3.65
C MET B 65 0.57 -8.81 3.84
N SER B 66 0.39 -8.35 5.07
CA SER B 66 -0.73 -7.47 5.40
C SER B 66 -0.48 -6.01 4.97
N ARG B 67 0.05 -5.86 3.76
CA ARG B 67 0.24 -4.54 3.12
C ARG B 67 1.24 -3.66 3.90
N GLY B 68 0.76 -3.09 4.98
CA GLY B 68 1.59 -2.22 5.79
C GLY B 68 2.14 -2.94 6.98
N LYS B 69 1.28 -3.69 7.64
CA LYS B 69 1.69 -4.54 8.75
C LYS B 69 2.23 -5.87 8.22
N LEU B 70 2.97 -5.79 7.12
CA LEU B 70 3.64 -6.95 6.57
C LEU B 70 4.79 -7.32 7.48
N GLU B 71 5.44 -6.28 7.99
CA GLU B 71 6.64 -6.44 8.82
C GLU B 71 6.45 -7.50 9.92
N PRO B 72 5.44 -7.37 10.80
CA PRO B 72 5.19 -8.35 11.86
C PRO B 72 4.63 -9.67 11.31
N LEU B 73 4.11 -9.63 10.09
CA LEU B 73 3.61 -10.84 9.44
C LEU B 73 4.76 -11.63 8.85
N LEU B 74 5.86 -10.96 8.60
CA LEU B 74 7.06 -11.59 8.07
C LEU B 74 7.53 -12.71 9.00
N ALA B 75 7.66 -12.36 10.27
CA ALA B 75 8.05 -13.30 11.31
C ALA B 75 6.99 -14.38 11.52
N LYS B 76 5.72 -13.99 11.36
CA LYS B 76 4.60 -14.92 11.56
C LYS B 76 4.54 -15.95 10.44
N SER B 77 5.05 -15.57 9.28
CA SER B 77 5.05 -16.46 8.13
C SER B 77 6.16 -17.50 8.28
N GLY B 78 7.32 -17.05 8.73
CA GLY B 78 8.45 -17.94 8.88
C GLY B 78 9.30 -17.99 7.64
N LEU B 79 9.84 -16.84 7.27
CA LEU B 79 10.69 -16.72 6.11
C LEU B 79 12.15 -16.84 6.50
N ASP B 80 12.98 -17.34 5.60
CA ASP B 80 14.40 -17.50 5.87
C ASP B 80 15.22 -16.73 4.85
N PRO B 81 16.18 -15.92 5.32
CA PRO B 81 16.94 -14.97 4.48
C PRO B 81 17.74 -15.61 3.35
N GLU B 82 17.81 -16.94 3.30
CA GLU B 82 18.50 -17.61 2.21
C GLU B 82 17.54 -17.91 1.07
N LYS B 83 16.25 -17.65 1.31
CA LYS B 83 15.23 -17.92 0.33
C LYS B 83 15.11 -16.78 -0.68
N PRO B 84 15.20 -17.11 -1.98
CA PRO B 84 14.92 -16.16 -3.04
C PRO B 84 13.43 -15.87 -3.12
N VAL B 85 13.05 -14.61 -2.97
CA VAL B 85 11.64 -14.28 -2.89
C VAL B 85 11.27 -13.19 -3.90
N VAL B 86 10.02 -13.18 -4.30
CA VAL B 86 9.50 -12.16 -5.20
C VAL B 86 8.29 -11.50 -4.55
N VAL B 87 8.13 -10.21 -4.75
CA VAL B 87 7.02 -9.48 -4.16
C VAL B 87 6.00 -9.12 -5.23
N PHE B 88 4.76 -9.55 -5.02
CA PHE B 88 3.69 -9.31 -5.98
C PHE B 88 2.97 -8.01 -5.62
N CYS B 89 2.92 -7.08 -6.57
CA CYS B 89 2.48 -5.74 -6.28
C CYS B 89 1.08 -5.43 -6.82
N LYS B 90 0.77 -4.13 -6.85
CA LYS B 90 -0.49 -3.55 -7.32
C LYS B 90 -0.67 -2.23 -6.59
N THR B 91 -0.01 -2.14 -5.45
CA THR B 91 0.03 -0.91 -4.66
C THR B 91 1.40 -0.25 -4.83
N ALA B 92 2.04 -0.53 -5.97
CA ALA B 92 3.32 0.05 -6.35
C ALA B 92 4.38 -0.04 -5.25
N ALA B 93 4.62 1.10 -4.59
CA ALA B 93 5.72 1.26 -3.66
C ALA B 93 5.75 0.22 -2.55
N ARG B 94 4.60 -0.32 -2.16
CA ARG B 94 4.57 -1.24 -1.02
C ARG B 94 5.25 -2.57 -1.33
N ALA B 95 5.21 -3.02 -2.57
CA ALA B 95 5.94 -4.24 -2.94
C ALA B 95 7.44 -3.95 -2.88
N ALA B 96 7.83 -2.84 -3.47
CA ALA B 96 9.21 -2.40 -3.46
C ALA B 96 9.71 -2.17 -2.04
N LEU B 97 8.81 -1.72 -1.17
CA LEU B 97 9.17 -1.50 0.23
C LEU B 97 9.31 -2.83 0.97
N ALA B 98 8.50 -3.80 0.60
CA ALA B 98 8.59 -5.12 1.23
C ALA B 98 9.84 -5.85 0.77
N GLY B 99 10.11 -5.77 -0.52
CA GLY B 99 11.26 -6.47 -1.08
C GLY B 99 12.58 -5.80 -0.79
N LYS B 100 12.67 -4.51 -1.08
CA LYS B 100 13.93 -3.79 -0.94
C LYS B 100 14.41 -3.76 0.52
N THR B 101 13.47 -3.76 1.45
CA THR B 101 13.81 -3.85 2.86
C THR B 101 14.26 -5.26 3.23
N LEU B 102 13.65 -6.26 2.61
CA LEU B 102 14.02 -7.65 2.84
C LEU B 102 15.46 -7.92 2.41
N ARG B 103 15.81 -7.50 1.19
CA ARG B 103 17.17 -7.67 0.68
C ARG B 103 18.15 -6.84 1.52
N GLU B 104 17.64 -5.77 2.10
CA GLU B 104 18.42 -4.87 2.93
C GLU B 104 18.78 -5.50 4.28
N TYR B 105 18.22 -6.66 4.57
CA TYR B 105 18.50 -7.34 5.83
C TYR B 105 19.29 -8.62 5.60
N GLY B 106 19.44 -8.99 4.33
CA GLY B 106 20.28 -10.13 4.01
C GLY B 106 19.53 -11.25 3.33
N PHE B 107 18.76 -10.91 2.31
CA PHE B 107 18.06 -11.91 1.53
C PHE B 107 18.82 -12.22 0.26
N LYS B 108 18.71 -13.46 -0.22
CA LYS B 108 19.45 -13.94 -1.37
C LYS B 108 19.08 -13.16 -2.64
N THR B 109 18.10 -13.67 -3.37
CA THR B 109 17.66 -13.04 -4.59
C THR B 109 16.22 -12.56 -4.46
N ILE B 110 16.00 -11.28 -4.68
CA ILE B 110 14.69 -10.70 -4.48
C ILE B 110 14.17 -10.06 -5.77
N TYR B 111 12.94 -10.43 -6.14
CA TYR B 111 12.34 -9.95 -7.38
C TYR B 111 11.11 -9.11 -7.07
N ASN B 112 10.83 -8.13 -7.91
CA ASN B 112 9.63 -7.32 -7.79
C ASN B 112 8.74 -7.56 -8.99
N SER B 113 7.45 -7.58 -8.77
CA SER B 113 6.51 -7.96 -9.81
C SER B 113 6.24 -6.80 -10.77
N GLU B 114 6.29 -7.11 -12.04
CA GLU B 114 5.97 -6.12 -13.07
C GLU B 114 4.47 -6.08 -13.34
N GLY B 115 3.89 -4.90 -13.19
CA GLY B 115 2.47 -4.74 -13.43
C GLY B 115 1.66 -4.80 -12.16
N GLY B 116 1.42 -6.00 -11.67
CA GLY B 116 0.66 -6.14 -10.45
C GLY B 116 -0.12 -7.44 -10.39
N MET B 117 -0.92 -7.59 -9.33
CA MET B 117 -1.68 -8.81 -9.08
C MET B 117 -2.70 -9.08 -10.20
N ASP B 118 -3.14 -8.02 -10.85
CA ASP B 118 -4.08 -8.14 -11.96
C ASP B 118 -3.42 -8.81 -13.16
N LYS B 119 -2.09 -8.72 -13.23
CA LYS B 119 -1.34 -9.35 -14.30
C LYS B 119 -1.32 -10.85 -14.13
N TRP B 120 -1.32 -11.31 -12.88
CA TRP B 120 -1.38 -12.74 -12.59
C TRP B 120 -2.59 -13.36 -13.27
N LEU B 121 -3.74 -12.72 -13.08
CA LEU B 121 -4.99 -13.14 -13.72
C LEU B 121 -4.90 -12.97 -15.24
N GLU B 122 -4.25 -11.90 -15.67
CA GLU B 122 -4.14 -11.58 -17.10
C GLU B 122 -3.29 -12.59 -17.86
N GLU B 123 -2.17 -13.01 -17.26
CA GLU B 123 -1.26 -13.95 -17.92
C GLU B 123 -1.84 -15.37 -17.93
N GLY B 124 -2.96 -15.54 -17.22
CA GLY B 124 -3.61 -16.84 -17.17
C GLY B 124 -2.93 -17.79 -16.21
N LEU B 125 -2.26 -17.23 -15.21
CA LEU B 125 -1.53 -18.02 -14.24
C LEU B 125 -2.48 -18.58 -13.18
N PRO B 126 -2.06 -19.64 -12.47
CA PRO B 126 -2.89 -20.29 -11.44
C PRO B 126 -3.32 -19.31 -10.36
N SER B 127 -4.62 -19.10 -10.24
CA SER B 127 -5.15 -18.16 -9.28
C SER B 127 -6.21 -18.83 -8.41
N LEU B 128 -6.31 -18.37 -7.17
CA LEU B 128 -7.37 -18.82 -6.29
C LEU B 128 -8.57 -17.92 -6.49
N ASP B 129 -9.53 -18.42 -7.26
CA ASP B 129 -10.68 -17.62 -7.63
C ASP B 129 -11.95 -18.45 -7.51
N ARG B 130 -12.96 -17.83 -6.91
CA ARG B 130 -14.24 -18.49 -6.71
C ARG B 130 -15.35 -17.61 -7.26
N SER B 131 -15.41 -17.50 -8.58
CA SER B 131 -16.32 -16.60 -9.24
C SER B 131 -17.78 -17.03 -9.05
N HIS B 132 -17.98 -18.31 -8.74
CA HIS B 132 -19.31 -18.81 -8.48
C HIS B 132 -19.66 -18.66 -7.01
N HIS B 133 -20.57 -17.75 -6.72
CA HIS B 133 -20.98 -17.48 -5.35
C HIS B 133 -21.89 -18.58 -4.83
N HIS B 134 -21.32 -19.50 -4.06
CA HIS B 134 -22.07 -20.59 -3.47
C HIS B 134 -23.05 -20.06 -2.43
N HIS B 135 -24.32 -20.01 -2.79
CA HIS B 135 -25.37 -19.55 -1.91
C HIS B 135 -26.73 -19.80 -2.55
N HIS B 136 -27.49 -20.72 -1.98
CA HIS B 136 -28.82 -21.02 -2.50
C HIS B 136 -29.81 -21.24 -1.37
N HIS B 137 -31.09 -21.32 -1.72
CA HIS B 137 -32.15 -21.51 -0.73
C HIS B 137 -33.43 -21.96 -1.43
N ALA A 1 15.50 -23.39 14.08
CA ALA A 1 14.58 -22.24 14.23
C ALA A 1 14.65 -21.36 12.99
N ASP A 2 13.85 -20.29 12.98
CA ASP A 2 13.83 -19.36 11.87
C ASP A 2 14.35 -18.00 12.30
N MET A 3 14.77 -17.19 11.34
CA MET A 3 15.33 -15.87 11.63
C MET A 3 14.25 -14.79 11.63
N GLY A 4 12.99 -15.24 11.63
CA GLY A 4 11.86 -14.33 11.58
C GLY A 4 11.88 -13.30 12.69
N GLU A 5 12.45 -13.66 13.82
CA GLU A 5 12.57 -12.75 14.94
C GLU A 5 13.56 -11.63 14.61
N LYS A 6 14.64 -11.99 13.95
CA LYS A 6 15.72 -11.05 13.68
C LYS A 6 15.31 -9.94 12.74
N PHE A 7 14.87 -10.28 11.53
CA PHE A 7 14.55 -9.25 10.54
C PHE A 7 13.32 -8.45 10.97
N ASP A 8 12.47 -9.08 11.78
CA ASP A 8 11.28 -8.39 12.31
C ASP A 8 11.70 -7.09 12.97
N ALA A 9 12.67 -7.17 13.86
CA ALA A 9 13.19 -6.01 14.58
C ALA A 9 13.76 -4.97 13.62
N THR A 10 14.56 -5.42 12.65
CA THR A 10 15.17 -4.50 11.69
C THR A 10 14.10 -3.83 10.82
N PHE A 11 13.18 -4.62 10.31
CA PHE A 11 12.10 -4.10 9.48
C PHE A 11 11.31 -3.05 10.26
N LYS A 12 11.06 -3.36 11.52
CA LYS A 12 10.38 -2.46 12.44
C LYS A 12 11.17 -1.17 12.65
N ALA A 13 12.49 -1.26 12.54
CA ALA A 13 13.37 -0.12 12.74
C ALA A 13 13.30 0.85 11.57
N GLN A 14 13.32 0.30 10.36
CA GLN A 14 13.28 1.12 9.15
C GLN A 14 11.89 1.71 8.94
N VAL A 15 10.87 0.86 9.04
CA VAL A 15 9.50 1.28 8.78
C VAL A 15 9.04 2.38 9.75
N LYS A 16 9.42 2.25 11.02
CA LYS A 16 9.03 3.22 12.06
C LYS A 16 9.66 4.59 11.81
N ALA A 17 10.82 4.60 11.17
CA ALA A 17 11.52 5.85 10.87
C ALA A 17 10.70 6.74 9.93
N ALA A 18 9.84 6.11 9.14
CA ALA A 18 9.02 6.83 8.17
C ALA A 18 8.01 7.76 8.84
N LYS A 19 7.53 7.40 10.03
CA LYS A 19 6.58 8.22 10.78
C LYS A 19 7.26 9.44 11.40
N ALA A 20 8.57 9.37 11.56
CA ALA A 20 9.33 10.43 12.20
C ALA A 20 9.49 11.63 11.28
N ASP A 21 9.40 11.39 9.97
CA ASP A 21 9.64 12.44 8.97
C ASP A 21 8.38 13.26 8.70
N MET A 22 7.32 13.00 9.44
CA MET A 22 6.07 13.76 9.28
C MET A 22 5.37 13.92 10.62
N VAL A 23 4.44 14.87 10.67
CA VAL A 23 3.69 15.14 11.89
C VAL A 23 2.61 14.10 12.12
N MET A 24 2.77 13.30 13.17
CA MET A 24 1.80 12.26 13.49
C MET A 24 0.59 12.86 14.20
N LEU A 25 -0.55 12.82 13.53
CA LEU A 25 -1.77 13.39 14.10
C LEU A 25 -2.87 12.35 14.12
N SER A 26 -3.71 12.42 15.15
CA SER A 26 -4.82 11.50 15.29
C SER A 26 -6.02 12.01 14.50
N PRO A 27 -6.77 11.08 13.86
CA PRO A 27 -7.90 11.41 12.97
C PRO A 27 -8.91 12.41 13.55
N LYS A 28 -8.99 12.54 14.87
CA LYS A 28 -9.90 13.51 15.47
C LYS A 28 -9.37 14.94 15.30
N ASP A 29 -8.07 15.10 15.54
CA ASP A 29 -7.41 16.39 15.35
C ASP A 29 -7.26 16.68 13.86
N ALA A 30 -6.98 15.62 13.11
CA ALA A 30 -6.85 15.72 11.67
C ALA A 30 -8.16 16.17 11.02
N TYR A 31 -9.25 15.53 11.42
CA TYR A 31 -10.56 15.82 10.83
C TYR A 31 -10.99 17.25 11.10
N LYS A 32 -10.79 17.71 12.33
CA LYS A 32 -11.31 19.02 12.73
C LYS A 32 -10.61 20.16 11.97
N LEU A 33 -9.29 20.07 11.78
CA LEU A 33 -8.61 21.10 10.98
C LEU A 33 -8.92 20.93 9.50
N LEU A 34 -9.23 19.70 9.11
CA LEU A 34 -9.63 19.39 7.74
C LEU A 34 -10.87 20.19 7.34
N GLN A 35 -11.88 20.14 8.18
CA GLN A 35 -13.14 20.81 7.90
C GLN A 35 -13.03 22.32 8.14
N GLU A 36 -12.25 22.69 9.15
CA GLU A 36 -12.08 24.09 9.52
C GLU A 36 -11.29 24.87 8.46
N ASN A 37 -10.50 24.16 7.67
CA ASN A 37 -9.65 24.80 6.68
C ASN A 37 -10.04 24.40 5.26
N PRO A 38 -10.02 25.35 4.32
CA PRO A 38 -10.32 25.08 2.92
C PRO A 38 -9.09 24.55 2.18
N ASP A 39 -7.96 24.60 2.86
CA ASP A 39 -6.70 24.14 2.30
C ASP A 39 -6.48 22.69 2.67
N ILE A 40 -6.29 22.47 3.97
CA ILE A 40 -5.97 21.16 4.53
C ILE A 40 -6.78 20.05 3.89
N THR A 41 -6.13 19.33 3.00
CA THR A 41 -6.74 18.22 2.29
C THR A 41 -6.30 16.90 2.90
N LEU A 42 -7.19 15.91 2.91
CA LEU A 42 -6.84 14.58 3.39
C LEU A 42 -6.67 13.65 2.20
N ILE A 43 -5.54 12.98 2.14
CA ILE A 43 -5.30 11.97 1.13
C ILE A 43 -5.38 10.61 1.80
N ASP A 44 -6.36 9.84 1.40
CA ASP A 44 -6.57 8.52 1.98
C ASP A 44 -6.02 7.46 1.07
N VAL A 45 -5.31 6.50 1.64
CA VAL A 45 -4.80 5.40 0.86
C VAL A 45 -5.46 4.11 1.31
N ARG A 46 -6.49 3.73 0.58
CA ARG A 46 -7.19 2.50 0.83
C ARG A 46 -7.61 1.91 -0.50
N ASP A 47 -7.56 0.60 -0.60
CA ASP A 47 -7.83 -0.07 -1.86
C ASP A 47 -9.31 0.02 -2.18
N PRO A 48 -9.64 0.24 -3.46
CA PRO A 48 -10.99 0.58 -3.91
C PRO A 48 -12.08 -0.39 -3.44
N ASP A 49 -11.72 -1.63 -3.20
CA ASP A 49 -12.68 -2.61 -2.71
C ASP A 49 -12.92 -2.48 -1.21
N GLU A 50 -11.90 -2.07 -0.47
CA GLU A 50 -12.04 -1.83 0.96
C GLU A 50 -12.88 -0.57 1.20
N LEU A 51 -12.69 0.41 0.34
CA LEU A 51 -13.47 1.65 0.39
C LEU A 51 -14.95 1.35 0.20
N LYS A 52 -15.23 0.34 -0.61
CA LYS A 52 -16.60 -0.09 -0.85
C LYS A 52 -17.16 -0.77 0.38
N ALA A 53 -16.32 -1.54 1.05
CA ALA A 53 -16.76 -2.35 2.18
C ALA A 53 -16.94 -1.52 3.45
N MET A 54 -15.97 -0.69 3.77
CA MET A 54 -15.99 0.04 5.04
C MET A 54 -16.41 1.48 4.86
N GLY A 55 -16.03 2.06 3.74
CA GLY A 55 -16.41 3.44 3.45
C GLY A 55 -15.20 4.33 3.22
N LYS A 56 -15.47 5.60 2.94
CA LYS A 56 -14.39 6.57 2.74
C LYS A 56 -14.71 7.83 3.54
N PRO A 57 -13.67 8.57 3.97
CA PRO A 57 -13.86 9.75 4.82
C PRO A 57 -14.66 10.86 4.12
N ASP A 58 -15.61 11.43 4.85
CA ASP A 58 -16.43 12.52 4.33
C ASP A 58 -15.94 13.86 4.86
N VAL A 59 -15.07 14.50 4.10
CA VAL A 59 -14.56 15.82 4.44
C VAL A 59 -14.60 16.75 3.23
N LYS A 60 -14.58 18.05 3.47
CA LYS A 60 -14.67 19.04 2.41
C LYS A 60 -13.57 18.86 1.37
N ASN A 61 -12.36 18.59 1.86
CA ASN A 61 -11.21 18.45 0.98
C ASN A 61 -10.59 17.08 1.13
N TYR A 62 -11.14 16.09 0.45
CA TYR A 62 -10.61 14.73 0.51
C TYR A 62 -10.20 14.26 -0.87
N LYS A 63 -8.95 13.81 -1.00
CA LYS A 63 -8.45 13.30 -2.26
C LYS A 63 -7.97 11.86 -2.10
N HIS A 64 -8.56 10.95 -2.84
CA HIS A 64 -8.22 9.53 -2.75
C HIS A 64 -7.07 9.21 -3.69
N MET A 65 -6.03 8.58 -3.15
CA MET A 65 -4.92 8.14 -3.95
C MET A 65 -4.66 6.65 -3.72
N SER A 66 -3.79 6.09 -4.50
CA SER A 66 -3.36 4.72 -4.30
C SER A 66 -2.00 4.71 -3.60
N ARG A 67 -1.43 3.53 -3.39
CA ARG A 67 -0.14 3.46 -2.73
C ARG A 67 0.98 3.44 -3.77
N GLY A 68 0.99 2.41 -4.60
CA GLY A 68 1.94 2.33 -5.69
C GLY A 68 1.42 2.93 -6.96
N LYS A 69 0.25 3.54 -6.87
CA LYS A 69 -0.35 4.22 -7.99
C LYS A 69 -0.65 5.67 -7.62
N LEU A 70 -0.06 6.11 -6.51
CA LEU A 70 -0.17 7.51 -6.10
C LEU A 70 0.68 8.37 -7.02
N GLU A 71 1.77 7.79 -7.49
CA GLU A 71 2.69 8.48 -8.39
C GLU A 71 1.94 9.18 -9.53
N PRO A 72 1.22 8.43 -10.40
CA PRO A 72 0.44 9.03 -11.48
C PRO A 72 -0.86 9.71 -11.02
N LEU A 73 -1.32 9.38 -9.81
CA LEU A 73 -2.62 9.88 -9.34
C LEU A 73 -2.50 11.21 -8.61
N LEU A 74 -1.34 11.46 -8.03
CA LEU A 74 -1.12 12.68 -7.26
C LEU A 74 -1.07 13.90 -8.19
N ALA A 75 -0.65 13.66 -9.42
CA ALA A 75 -0.67 14.69 -10.44
C ALA A 75 -2.09 14.87 -10.97
N LYS A 76 -2.84 13.78 -11.00
CA LYS A 76 -4.21 13.77 -11.52
C LYS A 76 -5.13 14.66 -10.70
N SER A 77 -4.83 14.80 -9.41
CA SER A 77 -5.68 15.59 -8.53
C SER A 77 -5.37 17.08 -8.68
N GLY A 78 -4.09 17.40 -8.79
CA GLY A 78 -3.69 18.79 -8.88
C GLY A 78 -3.35 19.37 -7.53
N LEU A 79 -2.48 18.67 -6.80
CA LEU A 79 -2.09 19.10 -5.47
C LEU A 79 -1.11 20.28 -5.54
N ASP A 80 -1.23 21.20 -4.60
CA ASP A 80 -0.32 22.33 -4.52
C ASP A 80 0.49 22.22 -3.22
N PRO A 81 1.81 22.46 -3.29
CA PRO A 81 2.72 22.23 -2.17
C PRO A 81 2.54 23.21 -1.00
N GLU A 82 1.58 24.12 -1.13
CA GLU A 82 1.31 25.06 -0.05
C GLU A 82 0.10 24.61 0.77
N LYS A 83 -0.58 23.56 0.31
CA LYS A 83 -1.71 23.02 1.04
C LYS A 83 -1.23 22.04 2.11
N PRO A 84 -1.51 22.33 3.39
CA PRO A 84 -1.20 21.43 4.48
C PRO A 84 -2.07 20.18 4.39
N VAL A 85 -1.47 19.06 4.04
CA VAL A 85 -2.23 17.87 3.77
C VAL A 85 -1.93 16.78 4.79
N VAL A 86 -2.89 15.89 4.99
CA VAL A 86 -2.74 14.77 5.90
C VAL A 86 -2.99 13.47 5.14
N VAL A 87 -2.23 12.45 5.45
CA VAL A 87 -2.36 11.15 4.80
C VAL A 87 -2.99 10.14 5.75
N PHE A 88 -4.07 9.52 5.32
CA PHE A 88 -4.86 8.67 6.20
C PHE A 88 -4.57 7.18 5.98
N CYS A 89 -4.23 6.51 7.10
CA CYS A 89 -3.89 5.07 7.14
C CYS A 89 -2.39 4.86 7.25
N LYS A 90 -1.91 4.67 8.48
CA LYS A 90 -0.48 4.52 8.72
C LYS A 90 -0.10 3.05 8.91
N THR A 91 -0.99 2.27 9.52
CA THR A 91 -0.68 0.88 9.83
C THR A 91 -0.84 -0.02 8.62
N ALA A 92 -2.07 -0.36 8.26
CA ALA A 92 -2.34 -1.28 7.16
C ALA A 92 -1.75 -0.76 5.85
N ALA A 93 -2.15 0.45 5.47
CA ALA A 93 -1.72 1.04 4.21
C ALA A 93 -0.29 1.56 4.26
N ARG A 94 0.00 2.34 5.30
CA ARG A 94 1.29 3.02 5.46
C ARG A 94 1.41 4.21 4.50
N ALA A 95 0.63 5.24 4.79
CA ALA A 95 0.58 6.45 3.98
C ALA A 95 1.86 7.26 4.03
N ALA A 96 2.82 6.82 4.83
CA ALA A 96 4.09 7.52 5.02
C ALA A 96 4.82 7.75 3.69
N LEU A 97 4.62 6.87 2.72
CA LEU A 97 5.27 7.04 1.41
C LEU A 97 4.65 8.20 0.65
N ALA A 98 3.35 8.39 0.81
CA ALA A 98 2.65 9.46 0.13
C ALA A 98 2.98 10.81 0.75
N GLY A 99 3.04 10.85 2.07
CA GLY A 99 3.25 12.10 2.77
C GLY A 99 4.71 12.53 2.83
N LYS A 100 5.57 11.64 3.31
CA LYS A 100 6.97 12.00 3.56
C LYS A 100 7.68 12.43 2.27
N THR A 101 7.31 11.83 1.15
CA THR A 101 7.91 12.18 -0.12
C THR A 101 7.44 13.55 -0.59
N LEU A 102 6.19 13.89 -0.31
CA LEU A 102 5.63 15.16 -0.72
C LEU A 102 6.23 16.32 0.07
N ARG A 103 6.35 16.16 1.37
CA ARG A 103 6.90 17.21 2.22
C ARG A 103 8.35 17.50 1.85
N GLU A 104 9.06 16.47 1.40
CA GLU A 104 10.45 16.59 0.96
C GLU A 104 10.53 17.20 -0.44
N TYR A 105 9.38 17.41 -1.06
CA TYR A 105 9.33 18.02 -2.38
C TYR A 105 8.89 19.48 -2.28
N GLY A 106 8.43 19.89 -1.10
CA GLY A 106 8.10 21.28 -0.90
C GLY A 106 6.78 21.52 -0.20
N PHE A 107 6.10 20.45 0.18
CA PHE A 107 4.83 20.57 0.87
C PHE A 107 5.04 21.16 2.26
N LYS A 108 4.17 22.09 2.64
CA LYS A 108 4.31 22.83 3.89
C LYS A 108 4.12 21.92 5.10
N THR A 109 2.87 21.67 5.44
CA THR A 109 2.54 20.88 6.61
C THR A 109 1.92 19.56 6.21
N ILE A 110 2.62 18.48 6.48
CA ILE A 110 2.12 17.16 6.13
C ILE A 110 1.91 16.31 7.38
N TYR A 111 0.72 15.76 7.52
CA TYR A 111 0.35 15.00 8.70
C TYR A 111 0.16 13.54 8.34
N ASN A 112 0.52 12.66 9.26
CA ASN A 112 0.25 11.24 9.09
C ASN A 112 -0.78 10.82 10.12
N SER A 113 -1.74 10.02 9.71
CA SER A 113 -2.88 9.70 10.56
C SER A 113 -2.65 8.44 11.38
N GLU A 114 -2.63 8.60 12.70
CA GLU A 114 -2.49 7.49 13.62
C GLU A 114 -3.57 6.44 13.38
N GLY A 115 -3.14 5.22 13.09
CA GLY A 115 -4.07 4.16 12.79
C GLY A 115 -4.45 4.13 11.32
N GLY A 116 -5.68 4.52 11.03
CA GLY A 116 -6.12 4.56 9.65
C GLY A 116 -7.63 4.53 9.54
N MET A 117 -8.13 4.04 8.41
CA MET A 117 -9.57 3.99 8.14
C MET A 117 -10.34 3.34 9.29
N ASP A 118 -9.72 2.37 9.94
CA ASP A 118 -10.33 1.68 11.08
C ASP A 118 -10.69 2.66 12.19
N LYS A 119 -9.80 3.63 12.42
CA LYS A 119 -10.01 4.63 13.46
C LYS A 119 -11.06 5.65 13.06
N TRP A 120 -11.14 5.93 11.76
CA TRP A 120 -12.13 6.87 11.25
C TRP A 120 -13.54 6.39 11.60
N LEU A 121 -13.84 5.15 11.22
CA LEU A 121 -15.13 4.54 11.54
C LEU A 121 -15.29 4.36 13.05
N GLU A 122 -14.20 3.98 13.72
CA GLU A 122 -14.23 3.70 15.15
C GLU A 122 -14.51 4.95 15.99
N GLU A 123 -13.85 6.05 15.66
CA GLU A 123 -13.95 7.29 16.44
C GLU A 123 -15.20 8.08 16.08
N GLY A 124 -16.18 7.40 15.48
CA GLY A 124 -17.45 8.02 15.16
C GLY A 124 -17.33 9.12 14.12
N LEU A 125 -16.29 9.05 13.30
CA LEU A 125 -16.06 10.07 12.29
C LEU A 125 -16.89 9.78 11.04
N PRO A 126 -17.25 10.83 10.29
CA PRO A 126 -18.11 10.71 9.11
C PRO A 126 -17.46 9.92 7.98
N SER A 127 -18.09 8.82 7.63
CA SER A 127 -17.65 8.01 6.50
C SER A 127 -18.78 7.89 5.50
N LEU A 128 -18.43 7.76 4.23
CA LEU A 128 -19.42 7.69 3.16
C LEU A 128 -19.60 6.26 2.70
N ASP A 129 -20.82 5.79 2.73
CA ASP A 129 -21.16 4.44 2.30
C ASP A 129 -22.32 4.49 1.31
N ARG A 130 -22.36 3.52 0.39
CA ARG A 130 -23.42 3.47 -0.61
C ARG A 130 -24.68 2.87 -0.03
N SER A 131 -24.52 1.99 0.95
CA SER A 131 -25.65 1.38 1.63
C SER A 131 -26.42 2.43 2.43
N HIS A 132 -27.73 2.23 2.57
CA HIS A 132 -28.59 3.18 3.25
C HIS A 132 -28.66 4.49 2.47
N HIS A 133 -28.35 4.41 1.18
CA HIS A 133 -28.36 5.56 0.30
C HIS A 133 -28.93 5.19 -1.06
N HIS A 134 -29.67 4.08 -1.10
CA HIS A 134 -30.23 3.60 -2.35
C HIS A 134 -31.69 3.17 -2.13
N HIS A 135 -32.39 3.91 -1.29
CA HIS A 135 -33.80 3.64 -1.06
C HIS A 135 -34.66 4.46 -2.02
N HIS A 136 -34.46 4.19 -3.31
CA HIS A 136 -35.22 4.85 -4.38
C HIS A 136 -34.83 4.23 -5.72
N HIS A 137 -35.63 4.47 -6.75
CA HIS A 137 -35.30 3.99 -8.08
C HIS A 137 -34.56 5.06 -8.86
N ALA B 1 -0.48 28.47 -11.46
CA ALA B 1 -0.67 27.08 -11.91
C ALA B 1 -0.49 26.11 -10.76
N ASP B 2 -0.89 24.86 -10.97
CA ASP B 2 -0.72 23.81 -9.99
C ASP B 2 0.65 23.14 -10.17
N MET B 3 1.10 22.42 -9.14
CA MET B 3 2.43 21.83 -9.17
C MET B 3 2.36 20.31 -9.27
N GLY B 4 1.18 19.79 -9.53
CA GLY B 4 0.98 18.36 -9.64
C GLY B 4 1.87 17.71 -10.68
N GLU B 5 2.13 18.42 -11.75
CA GLU B 5 3.01 17.93 -12.81
C GLU B 5 4.47 18.04 -12.40
N LYS B 6 4.79 19.08 -11.63
CA LYS B 6 6.18 19.37 -11.28
C LYS B 6 6.78 18.33 -10.34
N PHE B 7 6.14 18.09 -9.20
CA PHE B 7 6.70 17.14 -8.23
C PHE B 7 6.50 15.71 -8.71
N ASP B 8 5.51 15.53 -9.59
CA ASP B 8 5.20 14.21 -10.15
C ASP B 8 6.46 13.59 -10.74
N ALA B 9 7.15 14.35 -11.58
CA ALA B 9 8.39 13.91 -12.19
C ALA B 9 9.43 13.53 -11.15
N THR B 10 9.48 14.30 -10.06
CA THR B 10 10.41 14.03 -8.97
C THR B 10 10.01 12.76 -8.22
N PHE B 11 8.72 12.67 -7.89
CA PHE B 11 8.18 11.54 -7.16
C PHE B 11 8.49 10.23 -7.87
N LYS B 12 8.22 10.22 -9.16
CA LYS B 12 8.47 9.06 -10.01
C LYS B 12 9.96 8.72 -10.07
N ALA B 13 10.80 9.74 -9.86
CA ALA B 13 12.24 9.55 -9.87
C ALA B 13 12.73 8.82 -8.62
N GLN B 14 12.21 9.24 -7.47
CA GLN B 14 12.59 8.63 -6.19
C GLN B 14 12.00 7.24 -6.06
N VAL B 15 10.70 7.13 -6.31
CA VAL B 15 9.97 5.89 -6.12
C VAL B 15 10.49 4.80 -7.07
N LYS B 16 10.88 5.19 -8.28
CA LYS B 16 11.41 4.24 -9.26
C LYS B 16 12.70 3.61 -8.76
N ALA B 17 13.45 4.33 -7.93
CA ALA B 17 14.67 3.78 -7.35
C ALA B 17 14.37 2.58 -6.45
N ALA B 18 13.15 2.54 -5.93
CA ALA B 18 12.73 1.46 -5.05
C ALA B 18 12.48 0.16 -5.83
N LYS B 19 12.02 0.29 -7.08
CA LYS B 19 11.91 -0.87 -7.97
C LYS B 19 13.27 -1.23 -8.55
N ALA B 20 14.16 -0.24 -8.56
CA ALA B 20 15.52 -0.41 -9.09
C ALA B 20 16.39 -1.17 -8.10
N ASP B 21 15.94 -1.20 -6.84
CA ASP B 21 16.68 -1.88 -5.78
C ASP B 21 16.42 -3.39 -5.81
N MET B 22 15.57 -3.82 -6.73
CA MET B 22 15.26 -5.24 -6.84
C MET B 22 15.16 -5.67 -8.30
N VAL B 23 15.03 -6.97 -8.52
CA VAL B 23 14.95 -7.52 -9.87
C VAL B 23 13.52 -7.41 -10.41
N MET B 24 13.33 -6.58 -11.43
CA MET B 24 12.02 -6.39 -12.03
C MET B 24 11.62 -7.63 -12.85
N LEU B 25 10.79 -8.48 -12.27
CA LEU B 25 10.38 -9.70 -12.94
C LEU B 25 8.88 -9.69 -13.17
N SER B 26 8.48 -10.06 -14.37
CA SER B 26 7.06 -10.10 -14.72
C SER B 26 6.44 -11.41 -14.21
N PRO B 27 5.12 -11.40 -13.92
CA PRO B 27 4.42 -12.54 -13.30
C PRO B 27 4.62 -13.88 -14.02
N LYS B 28 5.03 -13.86 -15.28
CA LYS B 28 5.32 -15.10 -16.00
C LYS B 28 6.66 -15.68 -15.57
N ASP B 29 7.67 -14.83 -15.53
CA ASP B 29 9.01 -15.23 -15.12
C ASP B 29 9.08 -15.47 -13.62
N ALA B 30 8.26 -14.72 -12.88
CA ALA B 30 8.18 -14.87 -11.45
C ALA B 30 7.52 -16.19 -11.08
N TYR B 31 6.44 -16.52 -11.77
CA TYR B 31 5.70 -17.74 -11.53
C TYR B 31 6.52 -18.97 -11.94
N LYS B 32 7.34 -18.80 -12.97
CA LYS B 32 8.18 -19.89 -13.48
C LYS B 32 9.08 -20.46 -12.39
N LEU B 33 9.84 -19.60 -11.73
CA LEU B 33 10.73 -20.03 -10.66
C LEU B 33 9.95 -20.36 -9.39
N LEU B 34 8.79 -19.73 -9.23
CA LEU B 34 7.96 -19.91 -8.05
C LEU B 34 7.56 -21.36 -7.84
N GLN B 35 6.96 -21.95 -8.87
CA GLN B 35 6.43 -23.30 -8.75
C GLN B 35 7.54 -24.35 -8.76
N GLU B 36 8.70 -23.98 -9.25
CA GLU B 36 9.82 -24.91 -9.34
C GLU B 36 10.67 -24.89 -8.07
N ASN B 37 10.81 -23.72 -7.47
CA ASN B 37 11.68 -23.54 -6.32
C ASN B 37 10.93 -23.73 -5.00
N PRO B 38 11.44 -24.61 -4.12
CA PRO B 38 10.88 -24.79 -2.78
C PRO B 38 11.29 -23.65 -1.85
N ASP B 39 12.22 -22.83 -2.32
CA ASP B 39 12.68 -21.66 -1.60
C ASP B 39 11.82 -20.48 -1.99
N ILE B 40 12.00 -20.04 -3.23
CA ILE B 40 11.33 -18.87 -3.77
C ILE B 40 9.85 -18.81 -3.41
N THR B 41 9.54 -17.86 -2.54
CA THR B 41 8.18 -17.60 -2.10
C THR B 41 7.67 -16.31 -2.74
N LEU B 42 6.38 -16.25 -3.06
CA LEU B 42 5.80 -15.01 -3.57
C LEU B 42 5.03 -14.31 -2.47
N ILE B 43 5.38 -13.07 -2.22
CA ILE B 43 4.66 -12.25 -1.26
C ILE B 43 3.77 -11.27 -1.99
N ASP B 44 2.47 -11.45 -1.86
CA ASP B 44 1.52 -10.60 -2.56
C ASP B 44 0.97 -9.54 -1.63
N VAL B 45 0.86 -8.32 -2.13
CA VAL B 45 0.25 -7.26 -1.37
C VAL B 45 -1.03 -6.80 -2.05
N ARG B 46 -2.14 -7.32 -1.59
CA ARG B 46 -3.45 -6.95 -2.08
C ARG B 46 -4.44 -7.07 -0.95
N ASP B 47 -5.29 -6.07 -0.81
CA ASP B 47 -6.15 -6.01 0.37
C ASP B 47 -7.22 -7.10 0.32
N PRO B 48 -7.62 -7.60 1.52
CA PRO B 48 -8.52 -8.76 1.65
C PRO B 48 -9.78 -8.66 0.81
N ASP B 49 -10.28 -7.45 0.63
CA ASP B 49 -11.49 -7.23 -0.14
C ASP B 49 -11.24 -7.48 -1.63
N GLU B 50 -10.12 -6.98 -2.13
CA GLU B 50 -9.72 -7.22 -3.52
C GLU B 50 -9.38 -8.69 -3.73
N LEU B 51 -8.77 -9.30 -2.73
CA LEU B 51 -8.44 -10.72 -2.77
C LEU B 51 -9.70 -11.57 -2.89
N LYS B 52 -10.77 -11.10 -2.25
CA LYS B 52 -12.04 -11.81 -2.28
C LYS B 52 -12.71 -11.68 -3.65
N ALA B 53 -12.64 -10.49 -4.22
CA ALA B 53 -13.34 -10.19 -5.46
C ALA B 53 -12.62 -10.74 -6.69
N MET B 54 -11.31 -10.51 -6.79
CA MET B 54 -10.57 -10.88 -7.99
C MET B 54 -9.82 -12.19 -7.79
N GLY B 55 -9.31 -12.40 -6.60
CA GLY B 55 -8.63 -13.63 -6.29
C GLY B 55 -7.19 -13.42 -5.85
N LYS B 56 -6.48 -14.52 -5.63
CA LYS B 56 -5.09 -14.48 -5.20
C LYS B 56 -4.30 -15.55 -5.96
N PRO B 57 -2.96 -15.44 -6.03
CA PRO B 57 -2.14 -16.40 -6.77
C PRO B 57 -2.22 -17.81 -6.19
N ASP B 58 -2.58 -18.77 -7.05
CA ASP B 58 -2.61 -20.17 -6.64
C ASP B 58 -1.27 -20.83 -6.91
N VAL B 59 -0.38 -20.75 -5.93
CA VAL B 59 0.95 -21.36 -6.04
C VAL B 59 1.28 -22.09 -4.75
N LYS B 60 2.32 -22.90 -4.77
CA LYS B 60 2.67 -23.71 -3.59
C LYS B 60 3.35 -22.85 -2.52
N ASN B 61 4.01 -21.79 -2.96
CA ASN B 61 4.77 -20.96 -2.05
C ASN B 61 4.32 -19.51 -2.10
N TYR B 62 3.12 -19.25 -1.61
CA TYR B 62 2.58 -17.90 -1.61
C TYR B 62 2.25 -17.46 -0.19
N LYS B 63 2.75 -16.30 0.20
CA LYS B 63 2.47 -15.75 1.51
C LYS B 63 1.86 -14.36 1.36
N HIS B 64 0.67 -14.18 1.90
CA HIS B 64 -0.06 -12.92 1.79
C HIS B 64 0.32 -11.98 2.92
N MET B 65 0.60 -10.74 2.58
CA MET B 65 0.96 -9.74 3.57
C MET B 65 0.21 -8.44 3.32
N SER B 66 0.32 -7.52 4.28
CA SER B 66 -0.24 -6.19 4.15
C SER B 66 0.81 -5.25 3.57
N ARG B 67 0.48 -3.97 3.43
CA ARG B 67 1.43 -3.03 2.83
C ARG B 67 2.30 -2.39 3.90
N GLY B 68 1.66 -1.94 4.97
CA GLY B 68 2.39 -1.41 6.11
C GLY B 68 2.50 -2.43 7.21
N LYS B 69 1.40 -3.11 7.48
CA LYS B 69 1.36 -4.18 8.47
C LYS B 69 1.96 -5.46 7.88
N LEU B 70 2.90 -5.29 6.97
CA LEU B 70 3.59 -6.42 6.37
C LEU B 70 4.63 -6.95 7.35
N GLU B 71 5.40 -6.06 7.94
CA GLU B 71 6.51 -6.47 8.82
C GLU B 71 6.07 -7.42 9.95
N PRO B 72 4.98 -7.13 10.69
CA PRO B 72 4.52 -8.04 11.75
C PRO B 72 3.93 -9.32 11.19
N LEU B 73 3.52 -9.29 9.92
CA LEU B 73 2.99 -10.46 9.24
C LEU B 73 4.13 -11.29 8.65
N LEU B 74 5.22 -10.60 8.36
CA LEU B 74 6.41 -11.20 7.77
C LEU B 74 6.95 -12.32 8.66
N ALA B 75 7.16 -11.98 9.93
CA ALA B 75 7.76 -12.90 10.89
C ALA B 75 6.88 -14.10 11.19
N LYS B 76 5.56 -13.93 11.07
CA LYS B 76 4.64 -15.03 11.35
C LYS B 76 4.32 -15.83 10.09
N SER B 77 4.67 -15.26 8.93
CA SER B 77 4.43 -15.94 7.67
C SER B 77 5.40 -17.10 7.49
N GLY B 78 6.57 -17.00 8.11
CA GLY B 78 7.56 -18.05 8.02
C GLY B 78 8.50 -17.86 6.85
N LEU B 79 9.28 -16.80 6.90
CA LEU B 79 10.24 -16.51 5.85
C LEU B 79 11.66 -16.62 6.39
N ASP B 80 12.55 -17.17 5.58
CA ASP B 80 13.95 -17.32 5.97
C ASP B 80 14.81 -16.45 5.06
N PRO B 81 15.74 -15.68 5.64
CA PRO B 81 16.53 -14.66 4.92
C PRO B 81 17.33 -15.18 3.72
N GLU B 82 17.44 -16.50 3.55
CA GLU B 82 18.18 -17.04 2.43
C GLU B 82 17.27 -17.30 1.23
N LYS B 83 15.96 -17.23 1.47
CA LYS B 83 14.98 -17.51 0.44
C LYS B 83 14.82 -16.34 -0.52
N PRO B 84 15.06 -16.58 -1.82
CA PRO B 84 14.82 -15.58 -2.85
C PRO B 84 13.33 -15.44 -3.08
N VAL B 85 12.79 -14.26 -2.82
CA VAL B 85 11.36 -14.07 -2.91
C VAL B 85 10.99 -13.00 -3.92
N VAL B 86 9.77 -13.05 -4.39
CA VAL B 86 9.25 -12.06 -5.31
C VAL B 86 8.02 -11.41 -4.68
N VAL B 87 7.89 -10.11 -4.87
CA VAL B 87 6.78 -9.38 -4.30
C VAL B 87 5.85 -8.90 -5.43
N PHE B 88 4.60 -9.31 -5.34
CA PHE B 88 3.62 -9.01 -6.37
C PHE B 88 3.06 -7.60 -6.19
N CYS B 89 2.46 -7.06 -7.25
CA CYS B 89 1.72 -5.79 -7.18
C CYS B 89 2.61 -4.57 -6.89
N LYS B 90 3.15 -3.97 -7.95
CA LYS B 90 3.79 -2.65 -7.80
C LYS B 90 2.83 -1.57 -8.30
N THR B 91 2.01 -1.94 -9.27
CA THR B 91 1.09 -1.02 -9.93
C THR B 91 0.18 -0.32 -8.93
N ALA B 92 -0.49 -1.08 -8.08
CA ALA B 92 -1.43 -0.49 -7.12
C ALA B 92 -0.83 -0.44 -5.72
N ALA B 93 -0.34 -1.59 -5.25
CA ALA B 93 0.16 -1.70 -3.89
C ALA B 93 1.54 -1.08 -3.70
N ARG B 94 2.45 -1.36 -4.64
CA ARG B 94 3.87 -1.01 -4.53
C ARG B 94 4.55 -1.92 -3.51
N ALA B 95 4.79 -3.15 -3.91
CA ALA B 95 5.43 -4.15 -3.07
C ALA B 95 6.89 -3.82 -2.78
N ALA B 96 7.36 -2.71 -3.33
CA ALA B 96 8.76 -2.29 -3.21
C ALA B 96 9.17 -2.15 -1.75
N LEU B 97 8.22 -1.82 -0.88
CA LEU B 97 8.52 -1.69 0.54
C LEU B 97 8.62 -3.07 1.19
N ALA B 98 7.87 -4.03 0.67
CA ALA B 98 7.89 -5.37 1.22
C ALA B 98 9.16 -6.11 0.81
N GLY B 99 9.63 -5.84 -0.39
CA GLY B 99 10.76 -6.58 -0.92
C GLY B 99 12.10 -5.91 -0.69
N LYS B 100 12.24 -4.67 -1.14
CA LYS B 100 13.54 -4.00 -1.14
C LYS B 100 14.13 -3.90 0.28
N THR B 101 13.27 -3.84 1.28
CA THR B 101 13.71 -3.79 2.66
C THR B 101 14.28 -5.15 3.10
N LEU B 102 13.69 -6.23 2.59
CA LEU B 102 14.11 -7.58 2.95
C LEU B 102 15.53 -7.87 2.50
N ARG B 103 15.84 -7.52 1.26
CA ARG B 103 17.17 -7.77 0.71
C ARG B 103 18.22 -6.92 1.44
N GLU B 104 17.78 -5.79 1.97
CA GLU B 104 18.62 -4.92 2.79
C GLU B 104 18.91 -5.56 4.16
N TYR B 105 18.27 -6.69 4.43
CA TYR B 105 18.47 -7.39 5.69
C TYR B 105 19.24 -8.71 5.48
N GLY B 106 19.41 -9.09 4.22
CA GLY B 106 20.20 -10.27 3.94
C GLY B 106 19.52 -11.25 3.00
N PHE B 107 18.36 -10.88 2.47
CA PHE B 107 17.65 -11.74 1.54
C PHE B 107 18.44 -11.88 0.25
N LYS B 108 18.52 -13.12 -0.25
CA LYS B 108 19.35 -13.43 -1.40
C LYS B 108 18.89 -12.66 -2.64
N THR B 109 17.90 -13.21 -3.33
CA THR B 109 17.40 -12.60 -4.56
C THR B 109 15.96 -12.15 -4.38
N ILE B 110 15.73 -10.86 -4.53
CA ILE B 110 14.40 -10.32 -4.35
C ILE B 110 13.89 -9.71 -5.66
N TYR B 111 12.70 -10.11 -6.06
CA TYR B 111 12.13 -9.67 -7.32
C TYR B 111 10.88 -8.85 -7.08
N ASN B 112 10.65 -7.86 -7.93
CA ASN B 112 9.41 -7.10 -7.88
C ASN B 112 8.60 -7.36 -9.14
N SER B 113 7.30 -7.45 -9.01
CA SER B 113 6.44 -7.76 -10.14
C SER B 113 6.05 -6.51 -10.91
N GLU B 114 6.66 -6.35 -12.07
CA GLU B 114 6.43 -5.18 -12.92
C GLU B 114 5.14 -5.30 -13.73
N GLY B 115 4.23 -6.14 -13.27
CA GLY B 115 2.95 -6.30 -13.94
C GLY B 115 1.79 -5.86 -13.09
N GLY B 116 1.55 -6.59 -12.01
CA GLY B 116 0.44 -6.29 -11.13
C GLY B 116 -0.47 -7.48 -10.97
N MET B 117 -1.42 -7.39 -10.04
CA MET B 117 -2.35 -8.48 -9.80
C MET B 117 -3.21 -8.75 -11.03
N ASP B 118 -3.53 -7.69 -11.75
CA ASP B 118 -4.31 -7.80 -12.97
C ASP B 118 -3.58 -8.62 -14.03
N LYS B 119 -2.25 -8.58 -14.00
CA LYS B 119 -1.43 -9.33 -14.94
C LYS B 119 -1.45 -10.81 -14.61
N TRP B 120 -1.57 -11.14 -13.32
CA TRP B 120 -1.65 -12.52 -12.88
C TRP B 120 -2.87 -13.19 -13.51
N LEU B 121 -4.03 -12.57 -13.32
CA LEU B 121 -5.28 -13.07 -13.89
C LEU B 121 -5.23 -13.03 -15.42
N GLU B 122 -4.68 -11.96 -15.97
CA GLU B 122 -4.62 -11.76 -17.42
C GLU B 122 -3.78 -12.83 -18.11
N GLU B 123 -2.62 -13.13 -17.52
CA GLU B 123 -1.68 -14.08 -18.12
C GLU B 123 -2.18 -15.51 -18.04
N GLY B 124 -3.37 -15.69 -17.48
CA GLY B 124 -3.95 -17.01 -17.37
C GLY B 124 -3.29 -17.83 -16.30
N LEU B 125 -2.74 -17.15 -15.30
CA LEU B 125 -2.05 -17.81 -14.21
C LEU B 125 -3.07 -18.29 -13.17
N PRO B 126 -2.73 -19.38 -12.45
CA PRO B 126 -3.64 -20.00 -11.49
C PRO B 126 -4.08 -19.04 -10.40
N SER B 127 -5.38 -18.95 -10.20
CA SER B 127 -5.96 -18.07 -9.21
C SER B 127 -6.67 -18.87 -8.13
N LEU B 128 -6.57 -18.41 -6.90
CA LEU B 128 -7.29 -19.01 -5.79
C LEU B 128 -8.56 -18.21 -5.53
N ASP B 129 -9.67 -18.74 -5.99
CA ASP B 129 -10.94 -18.03 -5.92
C ASP B 129 -12.00 -18.93 -5.31
N ARG B 130 -12.92 -18.34 -4.54
CA ARG B 130 -13.95 -19.11 -3.85
C ARG B 130 -14.93 -19.74 -4.83
N SER B 131 -15.13 -19.08 -5.97
CA SER B 131 -16.03 -19.60 -6.99
C SER B 131 -15.48 -20.90 -7.57
N HIS B 132 -16.35 -21.64 -8.28
CA HIS B 132 -16.05 -22.97 -8.78
C HIS B 132 -16.09 -23.98 -7.63
N HIS B 133 -16.51 -23.49 -6.47
CA HIS B 133 -16.69 -24.31 -5.29
C HIS B 133 -18.04 -23.97 -4.66
N HIS B 134 -18.27 -24.44 -3.45
CA HIS B 134 -19.48 -24.13 -2.70
C HIS B 134 -20.73 -24.53 -3.48
N HIS B 135 -20.67 -25.69 -4.11
CA HIS B 135 -21.80 -26.18 -4.89
C HIS B 135 -22.76 -26.95 -3.99
N HIS B 136 -22.20 -27.70 -3.05
CA HIS B 136 -23.00 -28.44 -2.10
C HIS B 136 -22.83 -27.84 -0.71
N HIS B 137 -23.94 -27.62 -0.03
CA HIS B 137 -23.92 -27.04 1.30
C HIS B 137 -23.49 -28.10 2.31
N ALA A 1 18.53 -19.93 9.64
CA ALA A 1 17.55 -21.00 9.90
C ALA A 1 16.20 -20.42 10.26
N ASP A 2 16.22 -19.46 11.18
CA ASP A 2 15.02 -18.76 11.62
C ASP A 2 15.40 -17.34 12.02
N MET A 3 16.08 -16.65 11.11
CA MET A 3 16.61 -15.31 11.38
C MET A 3 15.52 -14.25 11.32
N GLY A 4 14.27 -14.69 11.26
CA GLY A 4 13.14 -13.78 11.21
C GLY A 4 13.15 -12.75 12.33
N GLU A 5 13.66 -13.16 13.48
CA GLU A 5 13.80 -12.26 14.63
C GLU A 5 14.80 -11.15 14.35
N LYS A 6 15.81 -11.47 13.56
CA LYS A 6 16.90 -10.55 13.28
C LYS A 6 16.45 -9.37 12.42
N PHE A 7 15.92 -9.65 11.24
CA PHE A 7 15.56 -8.58 10.31
C PHE A 7 14.26 -7.88 10.70
N ASP A 8 13.36 -8.60 11.37
CA ASP A 8 12.05 -8.04 11.74
C ASP A 8 12.24 -6.74 12.53
N ALA A 9 13.17 -6.75 13.47
CA ALA A 9 13.49 -5.57 14.27
C ALA A 9 13.98 -4.43 13.38
N THR A 10 14.82 -4.76 12.41
CA THR A 10 15.36 -3.78 11.49
C THR A 10 14.26 -3.22 10.57
N PHE A 11 13.44 -4.11 10.04
CA PHE A 11 12.34 -3.72 9.17
C PHE A 11 11.46 -2.67 9.84
N LYS A 12 11.13 -2.94 11.09
CA LYS A 12 10.33 -2.02 11.89
C LYS A 12 11.11 -0.76 12.23
N ALA A 13 12.43 -0.87 12.27
CA ALA A 13 13.29 0.28 12.52
C ALA A 13 13.26 1.24 11.34
N GLN A 14 13.28 0.69 10.14
CA GLN A 14 13.23 1.48 8.93
C GLN A 14 11.83 2.06 8.74
N VAL A 15 10.82 1.20 8.86
CA VAL A 15 9.45 1.59 8.58
C VAL A 15 8.93 2.62 9.59
N LYS A 16 9.36 2.50 10.84
CA LYS A 16 8.91 3.43 11.89
C LYS A 16 9.37 4.85 11.60
N ALA A 17 10.51 4.97 10.93
CA ALA A 17 11.05 6.28 10.58
C ALA A 17 10.14 7.01 9.60
N ALA A 18 9.36 6.25 8.83
CA ALA A 18 8.47 6.83 7.84
C ALA A 18 7.25 7.48 8.48
N LYS A 19 6.78 6.92 9.60
CA LYS A 19 5.72 7.55 10.38
C LYS A 19 6.28 8.71 11.22
N ALA A 20 7.58 8.63 11.49
CA ALA A 20 8.26 9.62 12.31
C ALA A 20 8.67 10.83 11.49
N ASP A 21 8.71 10.66 10.18
CA ASP A 21 9.18 11.69 9.26
C ASP A 21 8.23 12.88 9.20
N MET A 22 6.98 12.65 9.56
CA MET A 22 5.97 13.71 9.51
C MET A 22 5.25 13.83 10.84
N VAL A 23 4.32 14.77 10.92
CA VAL A 23 3.55 14.98 12.14
C VAL A 23 2.42 13.97 12.24
N MET A 24 2.56 13.03 13.16
CA MET A 24 1.56 11.99 13.34
C MET A 24 0.38 12.50 14.15
N LEU A 25 -0.80 12.43 13.57
CA LEU A 25 -2.01 12.92 14.19
C LEU A 25 -3.13 11.90 14.02
N SER A 26 -3.97 11.77 15.05
CA SER A 26 -5.07 10.84 15.01
C SER A 26 -6.18 11.40 14.11
N PRO A 27 -6.86 10.54 13.33
CA PRO A 27 -7.89 10.96 12.36
C PRO A 27 -8.95 11.90 12.93
N LYS A 28 -9.14 11.89 14.25
CA LYS A 28 -10.06 12.83 14.87
C LYS A 28 -9.45 14.23 14.93
N ASP A 29 -8.18 14.28 15.35
CA ASP A 29 -7.41 15.52 15.38
C ASP A 29 -7.14 16.02 13.97
N ALA A 30 -7.05 15.08 13.04
CA ALA A 30 -6.83 15.38 11.65
C ALA A 30 -8.09 15.95 11.01
N TYR A 31 -9.22 15.32 11.27
CA TYR A 31 -10.50 15.80 10.73
C TYR A 31 -10.88 17.15 11.35
N LYS A 32 -10.41 17.38 12.57
CA LYS A 32 -10.67 18.63 13.27
C LYS A 32 -10.16 19.82 12.48
N LEU A 33 -8.87 19.77 12.12
CA LEU A 33 -8.26 20.83 11.32
C LEU A 33 -8.75 20.75 9.87
N LEU A 34 -9.11 19.56 9.43
CA LEU A 34 -9.61 19.34 8.08
C LEU A 34 -10.87 20.14 7.81
N GLN A 35 -11.86 19.94 8.66
CA GLN A 35 -13.16 20.59 8.48
C GLN A 35 -13.08 22.07 8.82
N GLU A 36 -12.15 22.43 9.70
CA GLU A 36 -12.01 23.81 10.12
C GLU A 36 -11.26 24.62 9.07
N ASN A 37 -10.23 24.00 8.50
CA ASN A 37 -9.39 24.66 7.53
C ASN A 37 -9.45 23.94 6.19
N PRO A 38 -10.23 24.48 5.24
CA PRO A 38 -10.34 23.91 3.89
C PRO A 38 -9.05 24.04 3.08
N ASP A 39 -8.01 24.54 3.73
CA ASP A 39 -6.69 24.61 3.13
C ASP A 39 -5.96 23.28 3.32
N ILE A 40 -6.25 22.64 4.44
CA ILE A 40 -5.69 21.33 4.73
C ILE A 40 -6.55 20.24 4.13
N THR A 41 -6.04 19.63 3.07
CA THR A 41 -6.75 18.56 2.39
C THR A 41 -6.30 17.20 2.89
N LEU A 42 -7.19 16.22 2.94
CA LEU A 42 -6.81 14.87 3.30
C LEU A 42 -6.63 14.04 2.04
N ILE A 43 -5.48 13.40 1.93
CA ILE A 43 -5.21 12.53 0.81
C ILE A 43 -5.14 11.09 1.28
N ASP A 44 -5.98 10.26 0.72
CA ASP A 44 -6.02 8.85 1.13
C ASP A 44 -5.46 7.97 0.02
N VAL A 45 -4.84 6.88 0.43
CA VAL A 45 -4.31 5.91 -0.52
C VAL A 45 -4.89 4.53 -0.25
N ARG A 46 -5.91 4.19 -1.03
CA ARG A 46 -6.57 2.89 -0.94
C ARG A 46 -7.24 2.60 -2.27
N ASP A 47 -8.05 1.55 -2.33
CA ASP A 47 -8.78 1.23 -3.54
C ASP A 47 -10.22 1.71 -3.43
N PRO A 48 -10.70 2.45 -4.44
CA PRO A 48 -12.06 3.01 -4.43
C PRO A 48 -13.15 1.93 -4.39
N ASP A 49 -12.80 0.71 -4.75
CA ASP A 49 -13.76 -0.39 -4.75
C ASP A 49 -14.10 -0.81 -3.33
N GLU A 50 -13.07 -1.06 -2.54
CA GLU A 50 -13.25 -1.42 -1.13
C GLU A 50 -13.66 -0.19 -0.33
N LEU A 51 -13.24 0.98 -0.81
CA LEU A 51 -13.66 2.25 -0.21
C LEU A 51 -15.17 2.38 -0.23
N LYS A 52 -15.76 2.07 -1.38
CA LYS A 52 -17.21 2.13 -1.55
C LYS A 52 -17.90 1.09 -0.67
N ALA A 53 -17.21 -0.03 -0.44
CA ALA A 53 -17.78 -1.12 0.35
C ALA A 53 -17.64 -0.90 1.86
N MET A 54 -16.44 -0.53 2.30
CA MET A 54 -16.15 -0.46 3.73
C MET A 54 -16.40 0.94 4.29
N GLY A 55 -16.14 1.96 3.49
CA GLY A 55 -16.35 3.32 3.92
C GLY A 55 -15.25 4.25 3.47
N LYS A 56 -15.62 5.49 3.18
CA LYS A 56 -14.65 6.50 2.79
C LYS A 56 -14.92 7.79 3.56
N PRO A 57 -13.86 8.50 3.99
CA PRO A 57 -14.01 9.73 4.77
C PRO A 57 -14.86 10.78 4.07
N ASP A 58 -15.93 11.19 4.72
CA ASP A 58 -16.81 12.22 4.18
C ASP A 58 -16.39 13.58 4.70
N VAL A 59 -15.56 14.26 3.93
CA VAL A 59 -15.15 15.61 4.27
C VAL A 59 -15.28 16.52 3.06
N LYS A 60 -15.28 17.82 3.33
CA LYS A 60 -15.45 18.83 2.31
C LYS A 60 -14.31 18.77 1.28
N ASN A 61 -13.11 18.49 1.75
CA ASN A 61 -11.93 18.52 0.89
C ASN A 61 -11.13 17.22 1.03
N TYR A 62 -11.59 16.19 0.33
CA TYR A 62 -10.92 14.90 0.35
C TYR A 62 -10.54 14.49 -1.07
N LYS A 63 -9.28 14.10 -1.27
CA LYS A 63 -8.83 13.66 -2.58
C LYS A 63 -8.21 12.27 -2.49
N HIS A 64 -8.75 11.35 -3.28
CA HIS A 64 -8.24 10.00 -3.35
C HIS A 64 -7.22 9.89 -4.48
N MET A 65 -5.98 9.60 -4.13
CA MET A 65 -4.92 9.54 -5.13
C MET A 65 -4.31 8.15 -5.21
N SER A 66 -4.70 7.41 -6.24
CA SER A 66 -4.31 6.02 -6.38
C SER A 66 -3.06 5.86 -7.24
N ARG A 67 -3.25 5.43 -8.49
CA ARG A 67 -2.14 5.09 -9.40
C ARG A 67 -1.25 4.02 -8.75
N GLY A 68 0.06 4.14 -8.88
CA GLY A 68 0.94 3.23 -8.18
C GLY A 68 1.27 3.77 -6.81
N LYS A 69 1.59 5.06 -6.76
CA LYS A 69 1.83 5.73 -5.50
C LYS A 69 1.49 7.22 -5.61
N LEU A 70 0.33 7.50 -6.22
CA LEU A 70 -0.26 8.84 -6.28
C LEU A 70 0.53 9.84 -7.14
N GLU A 71 1.76 9.48 -7.50
CA GLU A 71 2.67 10.40 -8.20
C GLU A 71 2.02 11.20 -9.35
N PRO A 72 1.43 10.54 -10.39
CA PRO A 72 0.87 11.25 -11.54
C PRO A 72 -0.43 11.98 -11.23
N LEU A 73 -1.07 11.62 -10.12
CA LEU A 73 -2.32 12.23 -9.74
C LEU A 73 -2.10 13.36 -8.74
N LEU A 74 -0.90 13.38 -8.17
CA LEU A 74 -0.53 14.39 -7.17
C LEU A 74 -0.66 15.78 -7.78
N ALA A 75 0.01 15.99 -8.90
CA ALA A 75 -0.02 17.28 -9.59
C ALA A 75 -1.42 17.64 -10.09
N LYS A 76 -2.29 16.64 -10.14
CA LYS A 76 -3.63 16.82 -10.68
C LYS A 76 -4.63 17.28 -9.63
N SER A 77 -4.30 17.12 -8.36
CA SER A 77 -5.23 17.44 -7.29
C SER A 77 -4.91 18.78 -6.65
N GLY A 78 -4.62 19.78 -7.49
CA GLY A 78 -4.38 21.15 -7.03
C GLY A 78 -3.52 21.21 -5.78
N LEU A 79 -2.27 20.80 -5.90
CA LEU A 79 -1.38 20.77 -4.76
C LEU A 79 -0.21 21.73 -4.96
N ASP A 80 0.00 22.57 -3.98
CA ASP A 80 1.09 23.53 -3.99
C ASP A 80 1.86 23.42 -2.68
N PRO A 81 3.17 23.71 -2.68
CA PRO A 81 4.03 23.53 -1.50
C PRO A 81 3.77 24.56 -0.41
N GLU A 82 2.62 25.22 -0.46
CA GLU A 82 2.24 26.17 0.58
C GLU A 82 0.94 25.73 1.24
N LYS A 83 0.46 24.55 0.86
CA LYS A 83 -0.79 24.04 1.39
C LYS A 83 -0.53 22.90 2.38
N PRO A 84 -1.19 22.92 3.55
CA PRO A 84 -1.09 21.84 4.52
C PRO A 84 -1.95 20.66 4.09
N VAL A 85 -1.45 19.46 4.33
CA VAL A 85 -2.15 18.26 3.91
C VAL A 85 -1.95 17.15 4.94
N VAL A 86 -2.95 16.30 5.06
CA VAL A 86 -2.85 15.15 5.94
C VAL A 86 -3.13 13.89 5.13
N VAL A 87 -2.38 12.84 5.39
CA VAL A 87 -2.51 11.60 4.64
C VAL A 87 -3.16 10.53 5.50
N PHE A 88 -4.11 9.81 4.93
CA PHE A 88 -4.88 8.82 5.68
C PHE A 88 -4.38 7.40 5.39
N CYS A 89 -4.74 6.46 6.27
CA CYS A 89 -4.45 5.03 6.08
C CYS A 89 -2.96 4.71 6.19
N LYS A 90 -2.58 4.02 7.28
CA LYS A 90 -1.21 3.57 7.45
C LYS A 90 -1.16 2.14 7.95
N THR A 91 -2.25 1.41 7.82
CA THR A 91 -2.33 0.04 8.32
C THR A 91 -2.32 -0.99 7.19
N ALA A 92 -1.80 -0.59 6.02
CA ALA A 92 -1.71 -1.48 4.87
C ALA A 92 -0.96 -0.80 3.73
N ALA A 93 -1.54 0.26 3.19
CA ALA A 93 -0.92 1.01 2.11
C ALA A 93 0.22 1.87 2.65
N ARG A 94 -0.05 2.55 3.75
CA ARG A 94 0.92 3.43 4.41
C ARG A 94 1.08 4.74 3.65
N ALA A 95 0.26 5.72 4.03
CA ALA A 95 0.29 7.04 3.41
C ALA A 95 1.59 7.79 3.70
N ALA A 96 2.47 7.16 4.48
CA ALA A 96 3.77 7.73 4.79
C ALA A 96 4.56 8.00 3.51
N LEU A 97 4.34 7.16 2.50
CA LEU A 97 4.97 7.34 1.21
C LEU A 97 4.45 8.61 0.53
N ALA A 98 3.19 8.92 0.76
CA ALA A 98 2.60 10.12 0.19
C ALA A 98 3.07 11.37 0.92
N GLY A 99 2.97 11.32 2.25
CA GLY A 99 3.25 12.49 3.06
C GLY A 99 4.73 12.81 3.20
N LYS A 100 5.52 11.82 3.59
CA LYS A 100 6.94 12.05 3.88
C LYS A 100 7.69 12.46 2.61
N THR A 101 7.23 11.96 1.48
CA THR A 101 7.82 12.31 0.20
C THR A 101 7.45 13.76 -0.18
N LEU A 102 6.23 14.16 0.15
CA LEU A 102 5.77 15.51 -0.16
C LEU A 102 6.52 16.56 0.66
N ARG A 103 6.72 16.29 1.95
CA ARG A 103 7.44 17.22 2.82
C ARG A 103 8.91 17.30 2.41
N GLU A 104 9.40 16.22 1.82
CA GLU A 104 10.74 16.16 1.26
C GLU A 104 10.86 17.02 0.01
N TYR A 105 9.74 17.56 -0.46
CA TYR A 105 9.75 18.43 -1.62
C TYR A 105 9.52 19.88 -1.22
N GLY A 106 9.12 20.09 0.03
CA GLY A 106 9.00 21.44 0.56
C GLY A 106 7.57 21.88 0.75
N PHE A 107 6.78 21.08 1.43
CA PHE A 107 5.39 21.44 1.72
C PHE A 107 5.30 22.22 3.02
N LYS A 108 4.09 22.60 3.41
CA LYS A 108 3.88 23.37 4.63
C LYS A 108 3.77 22.44 5.84
N THR A 109 2.55 22.14 6.24
CA THR A 109 2.32 21.24 7.36
C THR A 109 1.69 19.94 6.88
N ILE A 110 2.40 18.85 7.06
CA ILE A 110 1.94 17.56 6.57
C ILE A 110 1.74 16.58 7.73
N TYR A 111 0.57 15.98 7.80
CA TYR A 111 0.21 15.10 8.91
C TYR A 111 0.01 13.68 8.43
N ASN A 112 0.39 12.72 9.25
CA ASN A 112 0.09 11.32 8.98
C ASN A 112 -0.98 10.86 9.95
N SER A 113 -1.97 10.13 9.46
CA SER A 113 -3.08 9.72 10.29
C SER A 113 -2.81 8.40 10.99
N GLU A 114 -2.61 8.48 12.30
CA GLU A 114 -2.36 7.29 13.11
C GLU A 114 -3.53 6.31 12.99
N GLY A 115 -3.21 5.05 12.82
CA GLY A 115 -4.22 4.04 12.59
C GLY A 115 -4.44 3.81 11.11
N GLY A 116 -5.56 4.29 10.60
CA GLY A 116 -5.87 4.14 9.19
C GLY A 116 -7.34 4.32 8.93
N MET A 117 -7.83 3.77 7.82
CA MET A 117 -9.26 3.83 7.50
C MET A 117 -10.08 3.19 8.61
N ASP A 118 -9.50 2.16 9.21
CA ASP A 118 -10.12 1.47 10.33
C ASP A 118 -10.32 2.41 11.52
N LYS A 119 -9.42 3.38 11.67
CA LYS A 119 -9.51 4.35 12.75
C LYS A 119 -10.59 5.39 12.48
N TRP A 120 -10.80 5.71 11.20
CA TRP A 120 -11.83 6.66 10.81
C TRP A 120 -13.20 6.14 11.27
N LEU A 121 -13.52 4.91 10.88
CA LEU A 121 -14.77 4.28 11.28
C LEU A 121 -14.81 4.06 12.80
N GLU A 122 -13.67 3.68 13.37
CA GLU A 122 -13.58 3.41 14.81
C GLU A 122 -13.80 4.67 15.64
N GLU A 123 -13.34 5.80 15.13
CA GLU A 123 -13.48 7.08 15.83
C GLU A 123 -14.88 7.64 15.65
N GLY A 124 -15.69 6.95 14.84
CA GLY A 124 -17.05 7.39 14.59
C GLY A 124 -17.09 8.63 13.71
N LEU A 125 -16.08 8.77 12.87
CA LEU A 125 -15.95 9.95 12.03
C LEU A 125 -16.84 9.84 10.80
N PRO A 126 -17.14 10.99 10.15
CA PRO A 126 -18.00 11.03 8.97
C PRO A 126 -17.47 10.17 7.83
N SER A 127 -18.24 9.18 7.45
CA SER A 127 -17.88 8.32 6.34
C SER A 127 -19.05 8.23 5.36
N LEU A 128 -18.74 8.12 4.08
CA LEU A 128 -19.76 7.99 3.06
C LEU A 128 -19.94 6.54 2.66
N ASP A 129 -21.00 5.94 3.16
CA ASP A 129 -21.32 4.55 2.89
C ASP A 129 -22.62 4.46 2.11
N ARG A 130 -22.68 3.53 1.16
CA ARG A 130 -23.90 3.29 0.40
C ARG A 130 -24.61 2.09 1.00
N SER A 131 -25.29 2.32 2.11
CA SER A 131 -25.85 1.26 2.93
C SER A 131 -26.68 0.27 2.12
N HIS A 132 -26.19 -0.96 2.05
CA HIS A 132 -26.93 -2.04 1.42
C HIS A 132 -27.63 -2.84 2.50
N HIS A 133 -28.83 -2.39 2.86
CA HIS A 133 -29.58 -2.97 3.96
C HIS A 133 -30.21 -4.30 3.58
N HIS A 134 -30.15 -4.64 2.30
CA HIS A 134 -30.72 -5.90 1.82
C HIS A 134 -29.95 -7.10 2.36
N HIS A 135 -28.67 -6.90 2.61
CA HIS A 135 -27.82 -7.98 3.11
C HIS A 135 -28.02 -8.21 4.60
N HIS A 136 -29.08 -8.92 4.91
CA HIS A 136 -29.33 -9.38 6.28
C HIS A 136 -28.60 -10.70 6.48
N HIS A 137 -28.29 -11.33 5.36
CA HIS A 137 -27.54 -12.57 5.30
C HIS A 137 -27.35 -12.91 3.84
N ALA B 1 1.21 29.54 -9.65
CA ALA B 1 1.23 28.72 -8.41
C ALA B 1 0.82 27.30 -8.72
N ASP B 2 1.66 26.62 -9.47
CA ASP B 2 1.39 25.27 -9.92
C ASP B 2 2.65 24.43 -9.80
N MET B 3 3.09 24.22 -8.56
CA MET B 3 4.34 23.51 -8.32
C MET B 3 4.15 22.00 -8.45
N GLY B 4 2.94 21.60 -8.81
CA GLY B 4 2.65 20.20 -9.03
C GLY B 4 3.57 19.59 -10.07
N GLU B 5 3.84 20.36 -11.10
CA GLU B 5 4.78 19.97 -12.15
C GLU B 5 6.19 19.79 -11.60
N LYS B 6 6.51 20.60 -10.59
CA LYS B 6 7.85 20.64 -10.03
C LYS B 6 8.15 19.38 -9.22
N PHE B 7 7.27 19.03 -8.28
CA PHE B 7 7.54 17.90 -7.41
C PHE B 7 7.17 16.56 -8.06
N ASP B 8 6.24 16.60 -9.02
CA ASP B 8 5.79 15.36 -9.70
C ASP B 8 6.98 14.58 -10.25
N ALA B 9 7.86 15.28 -10.96
CA ALA B 9 9.05 14.67 -11.54
C ALA B 9 9.89 13.97 -10.48
N THR B 10 10.07 14.64 -9.36
CA THR B 10 10.83 14.09 -8.25
C THR B 10 10.13 12.86 -7.66
N PHE B 11 8.82 12.95 -7.50
CA PHE B 11 8.03 11.84 -6.96
C PHE B 11 8.21 10.59 -7.81
N LYS B 12 8.08 10.76 -9.11
CA LYS B 12 8.27 9.68 -10.07
C LYS B 12 9.72 9.18 -10.06
N ALA B 13 10.64 10.06 -9.66
CA ALA B 13 12.05 9.70 -9.56
C ALA B 13 12.34 8.84 -8.34
N GLN B 14 11.80 9.26 -7.20
CA GLN B 14 11.99 8.54 -5.95
C GLN B 14 11.21 7.24 -5.95
N VAL B 15 9.93 7.34 -6.29
CA VAL B 15 9.03 6.20 -6.28
C VAL B 15 9.51 5.09 -7.23
N LYS B 16 10.14 5.48 -8.34
CA LYS B 16 10.67 4.51 -9.30
C LYS B 16 11.88 3.78 -8.73
N ALA B 17 12.72 4.52 -8.02
CA ALA B 17 13.95 3.95 -7.44
C ALA B 17 13.64 2.80 -6.49
N ALA B 18 12.42 2.81 -5.92
CA ALA B 18 12.02 1.77 -4.99
C ALA B 18 11.85 0.41 -5.69
N LYS B 19 11.28 0.43 -6.89
CA LYS B 19 11.19 -0.79 -7.70
C LYS B 19 12.53 -1.12 -8.36
N ALA B 20 13.36 -0.10 -8.48
CA ALA B 20 14.67 -0.23 -9.13
C ALA B 20 15.69 -0.87 -8.19
N ASP B 21 15.40 -0.82 -6.89
CA ASP B 21 16.34 -1.30 -5.88
C ASP B 21 16.51 -2.82 -5.93
N MET B 22 15.48 -3.51 -6.41
CA MET B 22 15.50 -4.97 -6.45
C MET B 22 15.44 -5.50 -7.88
N VAL B 23 15.44 -6.82 -8.01
CA VAL B 23 15.38 -7.47 -9.31
C VAL B 23 13.95 -7.43 -9.86
N MET B 24 13.77 -6.70 -10.94
CA MET B 24 12.44 -6.54 -11.53
C MET B 24 12.14 -7.68 -12.50
N LEU B 25 11.18 -8.50 -12.13
CA LEU B 25 10.77 -9.64 -12.95
C LEU B 25 9.36 -9.41 -13.48
N SER B 26 8.79 -10.45 -14.05
CA SER B 26 7.41 -10.44 -14.48
C SER B 26 6.68 -11.60 -13.83
N PRO B 27 5.40 -11.43 -13.46
CA PRO B 27 4.61 -12.46 -12.75
C PRO B 27 4.67 -13.84 -13.41
N LYS B 28 4.94 -13.88 -14.72
CA LYS B 28 5.10 -15.13 -15.43
C LYS B 28 6.43 -15.80 -15.08
N ASP B 29 7.49 -14.99 -15.04
CA ASP B 29 8.81 -15.47 -14.68
C ASP B 29 8.90 -15.76 -13.19
N ALA B 30 8.16 -14.96 -12.44
CA ALA B 30 8.08 -15.12 -10.99
C ALA B 30 7.39 -16.42 -10.63
N TYR B 31 6.26 -16.70 -11.26
CA TYR B 31 5.53 -17.93 -10.99
C TYR B 31 6.32 -19.14 -11.50
N LYS B 32 7.09 -18.93 -12.57
CA LYS B 32 7.89 -20.00 -13.14
C LYS B 32 8.82 -20.61 -12.10
N LEU B 33 9.59 -19.77 -11.43
CA LEU B 33 10.48 -20.24 -10.38
C LEU B 33 9.70 -20.60 -9.12
N LEU B 34 8.55 -19.96 -8.94
CA LEU B 34 7.71 -20.19 -7.77
C LEU B 34 7.25 -21.64 -7.68
N GLN B 35 6.61 -22.12 -8.73
CA GLN B 35 5.99 -23.44 -8.72
C GLN B 35 7.03 -24.55 -8.85
N GLU B 36 8.22 -24.22 -9.35
CA GLU B 36 9.26 -25.23 -9.54
C GLU B 36 10.26 -25.23 -8.40
N ASN B 37 10.27 -24.15 -7.63
CA ASN B 37 11.18 -24.04 -6.48
C ASN B 37 10.38 -23.84 -5.20
N PRO B 38 10.19 -24.90 -4.41
CA PRO B 38 9.37 -24.87 -3.20
C PRO B 38 9.96 -23.97 -2.10
N ASP B 39 11.15 -23.45 -2.32
CA ASP B 39 11.77 -22.55 -1.36
C ASP B 39 11.56 -21.10 -1.75
N ILE B 40 11.24 -20.87 -3.02
CA ILE B 40 10.94 -19.53 -3.49
C ILE B 40 9.49 -19.20 -3.19
N THR B 41 9.28 -18.36 -2.20
CA THR B 41 7.94 -18.01 -1.75
C THR B 41 7.50 -16.68 -2.35
N LEU B 42 6.22 -16.56 -2.65
CA LEU B 42 5.67 -15.30 -3.12
C LEU B 42 4.95 -14.60 -1.98
N ILE B 43 5.34 -13.37 -1.72
CA ILE B 43 4.66 -12.56 -0.72
C ILE B 43 3.81 -11.52 -1.40
N ASP B 44 2.51 -11.63 -1.22
CA ASP B 44 1.60 -10.68 -1.82
C ASP B 44 1.16 -9.67 -0.78
N VAL B 45 1.20 -8.41 -1.18
CA VAL B 45 0.82 -7.31 -0.31
C VAL B 45 -0.23 -6.48 -1.02
N ARG B 46 -1.48 -6.72 -0.67
CA ARG B 46 -2.61 -6.08 -1.33
C ARG B 46 -3.83 -6.16 -0.42
N ASP B 47 -4.77 -5.23 -0.62
CA ASP B 47 -5.98 -5.16 0.19
C ASP B 47 -6.80 -6.44 0.08
N PRO B 48 -7.46 -6.85 1.17
CA PRO B 48 -8.21 -8.11 1.26
C PRO B 48 -9.50 -8.11 0.43
N ASP B 49 -10.00 -6.94 0.05
CA ASP B 49 -11.24 -6.87 -0.71
C ASP B 49 -11.04 -7.28 -2.14
N GLU B 50 -9.95 -6.82 -2.76
CA GLU B 50 -9.66 -7.18 -4.13
C GLU B 50 -9.37 -8.66 -4.22
N LEU B 51 -8.73 -9.19 -3.18
CA LEU B 51 -8.44 -10.62 -3.07
C LEU B 51 -9.73 -11.43 -3.17
N LYS B 52 -10.80 -10.87 -2.63
CA LYS B 52 -12.11 -11.51 -2.69
C LYS B 52 -12.76 -11.31 -4.05
N ALA B 53 -12.63 -10.11 -4.58
CA ALA B 53 -13.33 -9.72 -5.80
C ALA B 53 -12.64 -10.24 -7.06
N MET B 54 -11.34 -10.04 -7.15
CA MET B 54 -10.59 -10.44 -8.34
C MET B 54 -9.91 -11.79 -8.13
N GLY B 55 -9.49 -12.04 -6.91
CA GLY B 55 -8.84 -13.29 -6.59
C GLY B 55 -7.46 -13.10 -6.02
N LYS B 56 -6.82 -14.19 -5.63
CA LYS B 56 -5.46 -14.15 -5.10
C LYS B 56 -4.64 -15.26 -5.74
N PRO B 57 -3.31 -15.08 -5.87
CA PRO B 57 -2.43 -16.06 -6.52
C PRO B 57 -2.50 -17.43 -5.86
N ASP B 58 -2.77 -18.45 -6.66
CA ASP B 58 -2.84 -19.81 -6.19
C ASP B 58 -1.56 -20.56 -6.50
N VAL B 59 -0.62 -20.53 -5.57
CA VAL B 59 0.62 -21.26 -5.71
C VAL B 59 0.85 -22.09 -4.46
N LYS B 60 1.79 -23.03 -4.52
CA LYS B 60 2.03 -23.95 -3.40
C LYS B 60 2.63 -23.21 -2.21
N ASN B 61 3.37 -22.16 -2.50
CA ASN B 61 4.14 -21.44 -1.49
C ASN B 61 3.90 -19.93 -1.57
N TYR B 62 2.75 -19.50 -1.07
CA TYR B 62 2.41 -18.08 -1.04
C TYR B 62 1.96 -17.67 0.35
N LYS B 63 2.35 -16.49 0.79
CA LYS B 63 1.89 -15.96 2.06
C LYS B 63 1.49 -14.50 1.94
N HIS B 64 0.35 -14.16 2.52
CA HIS B 64 -0.15 -12.79 2.53
C HIS B 64 0.43 -12.07 3.75
N MET B 65 1.19 -11.02 3.51
CA MET B 65 1.74 -10.25 4.62
C MET B 65 1.05 -8.90 4.70
N SER B 66 -0.01 -8.83 5.48
CA SER B 66 -0.83 -7.63 5.52
C SER B 66 -0.79 -6.98 6.90
N ARG B 67 0.29 -6.29 7.19
CA ARG B 67 0.37 -5.48 8.39
C ARG B 67 0.23 -4.01 8.01
N GLY B 68 1.05 -3.13 8.59
CA GLY B 68 1.10 -1.78 8.07
C GLY B 68 2.00 -1.73 6.87
N LYS B 69 3.14 -2.39 7.00
CA LYS B 69 4.03 -2.62 5.89
C LYS B 69 4.71 -3.97 6.07
N LEU B 70 3.88 -4.97 6.43
CA LEU B 70 4.29 -6.38 6.63
C LEU B 70 5.44 -6.58 7.64
N GLU B 71 5.92 -5.48 8.21
CA GLU B 71 7.08 -5.48 9.11
C GLU B 71 7.04 -6.61 10.17
N PRO B 72 6.08 -6.61 11.12
CA PRO B 72 6.05 -7.62 12.19
C PRO B 72 5.54 -8.99 11.71
N LEU B 73 4.93 -9.03 10.54
CA LEU B 73 4.39 -10.28 10.01
C LEU B 73 5.49 -11.07 9.31
N LEU B 74 6.60 -10.40 9.03
CA LEU B 74 7.75 -11.00 8.35
C LEU B 74 8.27 -12.21 9.14
N ALA B 75 8.57 -11.98 10.41
CA ALA B 75 9.12 -13.01 11.28
C ALA B 75 8.11 -14.11 11.57
N LYS B 76 6.84 -13.77 11.47
CA LYS B 76 5.76 -14.70 11.81
C LYS B 76 5.53 -15.73 10.70
N SER B 77 5.88 -15.35 9.48
CA SER B 77 5.57 -16.19 8.33
C SER B 77 6.81 -16.89 7.78
N GLY B 78 7.64 -17.43 8.68
CA GLY B 78 8.77 -18.27 8.29
C GLY B 78 9.58 -17.72 7.13
N LEU B 79 10.42 -16.74 7.40
CA LEU B 79 11.30 -16.19 6.38
C LEU B 79 12.74 -16.18 6.85
N ASP B 80 13.65 -16.59 5.96
CA ASP B 80 15.07 -16.68 6.27
C ASP B 80 15.88 -16.09 5.13
N PRO B 81 16.91 -15.29 5.43
CA PRO B 81 17.71 -14.54 4.43
C PRO B 81 18.48 -15.42 3.45
N GLU B 82 18.18 -16.71 3.41
CA GLU B 82 18.81 -17.60 2.44
C GLU B 82 17.83 -17.98 1.34
N LYS B 83 16.57 -17.61 1.54
CA LYS B 83 15.51 -17.98 0.61
C LYS B 83 15.32 -16.92 -0.47
N PRO B 84 15.20 -17.34 -1.73
CA PRO B 84 14.84 -16.46 -2.84
C PRO B 84 13.33 -16.21 -2.84
N VAL B 85 12.95 -14.95 -2.74
CA VAL B 85 11.54 -14.62 -2.62
C VAL B 85 11.13 -13.59 -3.66
N VAL B 86 9.86 -13.63 -4.04
CA VAL B 86 9.33 -12.67 -4.98
C VAL B 86 8.11 -11.98 -4.38
N VAL B 87 7.99 -10.68 -4.62
CA VAL B 87 6.90 -9.90 -4.07
C VAL B 87 5.92 -9.52 -5.19
N PHE B 88 4.64 -9.62 -4.89
CA PHE B 88 3.60 -9.39 -5.88
C PHE B 88 2.69 -8.24 -5.44
N CYS B 89 2.25 -7.45 -6.42
CA CYS B 89 1.40 -6.27 -6.19
C CYS B 89 2.23 -5.08 -5.69
N LYS B 90 2.94 -4.45 -6.61
CA LYS B 90 3.80 -3.31 -6.27
C LYS B 90 3.03 -1.98 -6.38
N THR B 91 1.72 -2.06 -6.49
CA THR B 91 0.91 -0.88 -6.71
C THR B 91 0.28 -0.37 -5.40
N ALA B 92 -0.91 -0.87 -5.08
CA ALA B 92 -1.67 -0.41 -3.91
C ALA B 92 -0.83 -0.40 -2.64
N ALA B 93 -0.54 -1.58 -2.10
CA ALA B 93 0.28 -1.68 -0.90
C ALA B 93 1.74 -1.44 -1.24
N ARG B 94 2.10 -1.73 -2.48
CA ARG B 94 3.46 -1.56 -2.99
C ARG B 94 4.41 -2.60 -2.40
N ALA B 95 4.46 -3.77 -3.04
CA ALA B 95 5.33 -4.87 -2.63
C ALA B 95 6.80 -4.48 -2.68
N ALA B 96 7.10 -3.36 -3.33
CA ALA B 96 8.46 -2.87 -3.43
C ALA B 96 9.07 -2.63 -2.05
N LEU B 97 8.23 -2.24 -1.09
CA LEU B 97 8.69 -2.03 0.27
C LEU B 97 8.97 -3.36 0.96
N ALA B 98 8.29 -4.41 0.52
CA ALA B 98 8.50 -5.73 1.07
C ALA B 98 9.83 -6.32 0.59
N GLY B 99 10.08 -6.17 -0.70
CA GLY B 99 11.25 -6.79 -1.30
C GLY B 99 12.52 -5.98 -1.17
N LYS B 100 12.43 -4.69 -1.45
CA LYS B 100 13.62 -3.83 -1.46
C LYS B 100 14.25 -3.73 -0.07
N THR B 101 13.42 -3.74 0.95
CA THR B 101 13.88 -3.70 2.32
C THR B 101 14.51 -5.04 2.73
N LEU B 102 13.97 -6.13 2.22
CA LEU B 102 14.44 -7.47 2.57
C LEU B 102 15.85 -7.72 2.03
N ARG B 103 16.12 -7.31 0.78
CA ARG B 103 17.44 -7.49 0.19
C ARG B 103 18.46 -6.63 0.93
N GLU B 104 17.97 -5.55 1.53
CA GLU B 104 18.79 -4.66 2.33
C GLU B 104 19.18 -5.29 3.67
N TYR B 105 18.63 -6.44 3.97
CA TYR B 105 18.95 -7.14 5.22
C TYR B 105 19.80 -8.37 4.94
N GLY B 106 19.80 -8.82 3.70
CA GLY B 106 20.68 -9.91 3.33
C GLY B 106 19.95 -11.11 2.77
N PHE B 107 18.81 -10.88 2.13
CA PHE B 107 18.08 -11.95 1.49
C PHE B 107 18.78 -12.35 0.20
N LYS B 108 18.58 -13.59 -0.22
CA LYS B 108 19.28 -14.13 -1.39
C LYS B 108 18.86 -13.42 -2.67
N THR B 109 17.86 -13.98 -3.34
CA THR B 109 17.38 -13.41 -4.58
C THR B 109 15.95 -12.94 -4.42
N ILE B 110 15.76 -11.63 -4.46
CA ILE B 110 14.45 -11.06 -4.26
C ILE B 110 13.94 -10.42 -5.56
N TYR B 111 12.73 -10.79 -5.95
CA TYR B 111 12.18 -10.35 -7.23
C TYR B 111 10.93 -9.52 -7.01
N ASN B 112 10.70 -8.56 -7.89
CA ASN B 112 9.49 -7.75 -7.86
C ASN B 112 8.68 -7.99 -9.13
N SER B 113 7.38 -8.04 -9.00
CA SER B 113 6.50 -8.35 -10.11
C SER B 113 6.06 -7.09 -10.86
N GLU B 114 6.60 -6.90 -12.07
CA GLU B 114 6.21 -5.78 -12.91
C GLU B 114 4.78 -5.95 -13.41
N GLY B 115 4.16 -4.85 -13.79
CA GLY B 115 2.79 -4.89 -14.27
C GLY B 115 1.80 -4.68 -13.13
N GLY B 116 1.57 -5.74 -12.36
CA GLY B 116 0.67 -5.64 -11.23
C GLY B 116 -0.16 -6.89 -11.04
N MET B 117 -1.15 -6.82 -10.17
CA MET B 117 -2.04 -7.96 -9.91
C MET B 117 -2.87 -8.26 -11.15
N ASP B 118 -3.16 -7.23 -11.92
CA ASP B 118 -3.94 -7.36 -13.14
C ASP B 118 -3.26 -8.31 -14.12
N LYS B 119 -1.93 -8.33 -14.11
CA LYS B 119 -1.16 -9.19 -15.01
C LYS B 119 -1.30 -10.66 -14.63
N TRP B 120 -1.46 -10.94 -13.34
CA TRP B 120 -1.62 -12.31 -12.87
C TRP B 120 -2.86 -12.93 -13.51
N LEU B 121 -4.00 -12.27 -13.33
CA LEU B 121 -5.26 -12.74 -13.90
C LEU B 121 -5.23 -12.68 -15.42
N GLU B 122 -4.64 -11.61 -15.96
CA GLU B 122 -4.60 -11.38 -17.41
C GLU B 122 -3.82 -12.48 -18.13
N GLU B 123 -2.67 -12.83 -17.57
CA GLU B 123 -1.80 -13.84 -18.18
C GLU B 123 -2.36 -15.25 -17.98
N GLY B 124 -3.47 -15.35 -17.26
CA GLY B 124 -4.09 -16.63 -17.01
C GLY B 124 -3.31 -17.44 -15.99
N LEU B 125 -2.66 -16.75 -15.07
CA LEU B 125 -1.91 -17.40 -14.03
C LEU B 125 -2.86 -17.94 -12.96
N PRO B 126 -2.41 -18.93 -12.18
CA PRO B 126 -3.25 -19.58 -11.17
C PRO B 126 -3.71 -18.61 -10.10
N SER B 127 -5.00 -18.45 -9.95
CA SER B 127 -5.57 -17.58 -8.94
C SER B 127 -6.78 -18.25 -8.31
N LEU B 128 -6.98 -18.04 -7.02
CA LEU B 128 -8.14 -18.57 -6.34
C LEU B 128 -9.24 -17.52 -6.34
N ASP B 129 -10.20 -17.70 -7.22
CA ASP B 129 -11.28 -16.75 -7.39
C ASP B 129 -12.62 -17.46 -7.24
N ARG B 130 -13.55 -16.85 -6.52
CA ARG B 130 -14.89 -17.39 -6.43
C ARG B 130 -15.74 -16.73 -7.50
N SER B 131 -15.56 -17.23 -8.72
CA SER B 131 -16.13 -16.64 -9.92
C SER B 131 -17.52 -16.06 -9.69
N HIS B 132 -17.63 -14.76 -9.94
CA HIS B 132 -18.84 -14.00 -9.64
C HIS B 132 -19.97 -14.33 -10.61
N HIS B 133 -20.30 -15.61 -10.71
CA HIS B 133 -21.41 -16.06 -11.54
C HIS B 133 -22.71 -16.06 -10.76
N HIS B 134 -22.94 -14.99 -10.00
CA HIS B 134 -24.16 -14.84 -9.23
C HIS B 134 -24.85 -13.55 -9.58
N HIS B 135 -24.55 -13.02 -10.76
CA HIS B 135 -25.18 -11.80 -11.23
C HIS B 135 -26.12 -12.11 -12.39
N HIS B 136 -27.39 -12.22 -12.08
CA HIS B 136 -28.40 -12.51 -13.09
C HIS B 136 -28.74 -11.25 -13.87
N HIS B 137 -28.48 -10.11 -13.26
CA HIS B 137 -28.68 -8.83 -13.90
C HIS B 137 -27.58 -7.88 -13.51
N ALA A 1 16.53 -21.60 8.79
CA ALA A 1 15.12 -21.33 8.43
C ALA A 1 14.31 -20.91 9.65
N ASP A 2 14.92 -20.13 10.54
CA ASP A 2 14.24 -19.68 11.76
C ASP A 2 14.79 -18.34 12.25
N MET A 3 15.67 -17.73 11.47
CA MET A 3 16.24 -16.43 11.84
C MET A 3 15.24 -15.29 11.64
N GLY A 4 13.99 -15.66 11.33
CA GLY A 4 12.93 -14.68 11.11
C GLY A 4 12.80 -13.64 12.23
N GLU A 5 13.27 -14.02 13.41
CA GLU A 5 13.28 -13.12 14.57
C GLU A 5 14.33 -12.01 14.39
N LYS A 6 15.42 -12.35 13.71
CA LYS A 6 16.55 -11.43 13.55
C LYS A 6 16.17 -10.20 12.73
N PHE A 7 15.69 -10.40 11.51
CA PHE A 7 15.38 -9.26 10.64
C PHE A 7 14.08 -8.57 11.06
N ASP A 8 13.23 -9.29 11.79
CA ASP A 8 11.93 -8.77 12.22
C ASP A 8 12.11 -7.42 12.93
N ALA A 9 13.03 -7.39 13.88
CA ALA A 9 13.34 -6.17 14.62
C ALA A 9 13.78 -5.05 13.68
N THR A 10 14.63 -5.38 12.72
CA THR A 10 15.12 -4.40 11.77
C THR A 10 13.99 -3.89 10.87
N PHE A 11 13.18 -4.80 10.36
CA PHE A 11 12.06 -4.45 9.48
C PHE A 11 11.11 -3.49 10.19
N LYS A 12 10.76 -3.85 11.42
CA LYS A 12 9.89 -3.03 12.25
C LYS A 12 10.55 -1.69 12.59
N ALA A 13 11.88 -1.67 12.60
CA ALA A 13 12.63 -0.46 12.89
C ALA A 13 12.60 0.53 11.71
N GLN A 14 12.73 -0.02 10.51
CA GLN A 14 12.71 0.80 9.30
C GLN A 14 11.31 1.31 9.03
N VAL A 15 10.34 0.40 9.06
CA VAL A 15 8.96 0.76 8.77
C VAL A 15 8.41 1.76 9.79
N LYS A 16 8.83 1.62 11.05
CA LYS A 16 8.40 2.54 12.10
C LYS A 16 8.98 3.93 11.88
N ALA A 17 10.19 4.00 11.38
CA ALA A 17 10.88 5.28 11.14
C ALA A 17 10.09 6.16 10.17
N ALA A 18 9.30 5.54 9.31
CA ALA A 18 8.52 6.26 8.32
C ALA A 18 7.55 7.25 8.94
N LYS A 19 6.98 6.89 10.08
CA LYS A 19 6.03 7.75 10.80
C LYS A 19 6.74 8.91 11.49
N ALA A 20 8.04 8.76 11.70
CA ALA A 20 8.83 9.77 12.39
C ALA A 20 9.07 10.99 11.51
N ASP A 21 9.03 10.80 10.20
CA ASP A 21 9.34 11.86 9.25
C ASP A 21 8.12 12.71 8.91
N MET A 22 7.09 12.63 9.74
CA MET A 22 5.88 13.41 9.51
C MET A 22 5.25 13.87 10.81
N VAL A 23 4.34 14.83 10.71
CA VAL A 23 3.57 15.30 11.85
C VAL A 23 2.38 14.37 12.08
N MET A 24 2.48 13.53 13.09
CA MET A 24 1.44 12.53 13.34
C MET A 24 0.29 13.14 14.12
N LEU A 25 -0.87 13.20 13.47
CA LEU A 25 -2.06 13.76 14.08
C LEU A 25 -3.19 12.74 14.07
N SER A 26 -4.03 12.79 15.08
CA SER A 26 -5.16 11.89 15.19
C SER A 26 -6.25 12.27 14.20
N PRO A 27 -6.94 11.30 13.59
CA PRO A 27 -8.00 11.55 12.59
C PRO A 27 -9.01 12.62 13.02
N LYS A 28 -9.25 12.73 14.32
CA LYS A 28 -10.13 13.78 14.83
C LYS A 28 -9.45 15.15 14.78
N ASP A 29 -8.16 15.15 15.15
CA ASP A 29 -7.33 16.35 15.07
C ASP A 29 -7.20 16.80 13.63
N ALA A 30 -7.11 15.82 12.75
CA ALA A 30 -6.96 16.07 11.33
C ALA A 30 -8.25 16.62 10.73
N TYR A 31 -9.37 15.99 11.06
CA TYR A 31 -10.66 16.44 10.56
C TYR A 31 -11.02 17.81 11.12
N LYS A 32 -10.58 18.08 12.35
CA LYS A 32 -10.86 19.36 12.99
C LYS A 32 -10.33 20.52 12.16
N LEU A 33 -9.06 20.47 11.80
CA LEU A 33 -8.45 21.50 10.96
C LEU A 33 -8.98 21.42 9.53
N LEU A 34 -9.39 20.22 9.13
CA LEU A 34 -9.93 20.00 7.79
C LEU A 34 -11.17 20.85 7.55
N GLN A 35 -12.16 20.71 8.42
CA GLN A 35 -13.42 21.44 8.25
C GLN A 35 -13.25 22.92 8.56
N GLU A 36 -12.37 23.24 9.50
CA GLU A 36 -12.18 24.62 9.92
C GLU A 36 -11.36 25.40 8.91
N ASN A 37 -10.49 24.69 8.20
CA ASN A 37 -9.61 25.32 7.23
C ASN A 37 -9.75 24.68 5.86
N PRO A 38 -10.50 25.32 4.95
CA PRO A 38 -10.73 24.81 3.60
C PRO A 38 -9.45 24.77 2.75
N ASP A 39 -8.34 25.19 3.34
CA ASP A 39 -7.05 25.17 2.67
C ASP A 39 -6.36 23.85 2.94
N ILE A 40 -6.72 23.23 4.05
CA ILE A 40 -6.15 21.95 4.42
C ILE A 40 -6.95 20.81 3.81
N THR A 41 -6.39 20.17 2.81
CA THR A 41 -7.04 19.08 2.12
C THR A 41 -6.59 17.73 2.71
N LEU A 42 -7.50 16.75 2.74
CA LEU A 42 -7.12 15.42 3.19
C LEU A 42 -6.98 14.50 1.99
N ILE A 43 -5.88 13.79 1.93
CA ILE A 43 -5.65 12.84 0.88
C ILE A 43 -5.61 11.43 1.47
N ASP A 44 -6.51 10.59 1.00
CA ASP A 44 -6.56 9.22 1.47
C ASP A 44 -5.93 8.31 0.43
N VAL A 45 -5.05 7.45 0.89
CA VAL A 45 -4.35 6.53 0.02
C VAL A 45 -4.77 5.09 0.31
N ARG A 46 -5.67 4.60 -0.51
CA ARG A 46 -6.16 3.23 -0.41
C ARG A 46 -6.69 2.84 -1.77
N ASP A 47 -7.23 1.64 -1.89
CA ASP A 47 -7.78 1.19 -3.15
C ASP A 47 -9.31 1.09 -3.05
N PRO A 48 -10.01 0.90 -4.17
CA PRO A 48 -11.48 1.03 -4.21
C PRO A 48 -12.24 -0.18 -3.64
N ASP A 49 -11.60 -1.34 -3.63
CA ASP A 49 -12.29 -2.55 -3.22
C ASP A 49 -12.58 -2.54 -1.72
N GLU A 50 -11.56 -2.24 -0.93
CA GLU A 50 -11.71 -2.13 0.51
C GLU A 50 -12.53 -0.90 0.87
N LEU A 51 -12.39 0.16 0.08
CA LEU A 51 -13.14 1.40 0.29
C LEU A 51 -14.63 1.13 0.13
N LYS A 52 -14.94 0.27 -0.83
CA LYS A 52 -16.33 -0.12 -1.08
C LYS A 52 -16.87 -0.91 0.11
N ALA A 53 -16.02 -1.74 0.72
CA ALA A 53 -16.48 -2.65 1.77
C ALA A 53 -16.64 -1.97 3.12
N MET A 54 -15.61 -1.25 3.56
CA MET A 54 -15.63 -0.67 4.91
C MET A 54 -16.01 0.81 4.89
N GLY A 55 -15.62 1.53 3.86
CA GLY A 55 -15.98 2.92 3.73
C GLY A 55 -14.78 3.83 3.56
N LYS A 56 -15.06 5.11 3.37
CA LYS A 56 -14.03 6.11 3.19
C LYS A 56 -14.46 7.41 3.86
N PRO A 57 -13.53 8.32 4.21
CA PRO A 57 -13.86 9.58 4.88
C PRO A 57 -14.75 10.47 4.02
N ASP A 58 -15.74 11.09 4.66
CA ASP A 58 -16.63 12.01 3.99
C ASP A 58 -16.41 13.42 4.51
N VAL A 59 -15.56 14.17 3.83
CA VAL A 59 -15.26 15.53 4.24
C VAL A 59 -15.37 16.48 3.05
N LYS A 60 -15.46 17.76 3.34
CA LYS A 60 -15.64 18.79 2.32
C LYS A 60 -14.53 18.75 1.26
N ASN A 61 -13.29 18.62 1.71
CA ASN A 61 -12.15 18.61 0.80
C ASN A 61 -11.33 17.33 0.95
N TYR A 62 -11.89 16.24 0.45
CA TYR A 62 -11.21 14.96 0.47
C TYR A 62 -10.90 14.51 -0.95
N LYS A 63 -9.65 14.16 -1.20
CA LYS A 63 -9.24 13.65 -2.50
C LYS A 63 -8.68 12.24 -2.37
N HIS A 64 -9.28 11.29 -3.07
CA HIS A 64 -8.78 9.92 -3.08
C HIS A 64 -7.80 9.77 -4.23
N MET A 65 -6.55 9.48 -3.91
CA MET A 65 -5.51 9.40 -4.93
C MET A 65 -5.03 7.97 -5.10
N SER A 66 -5.63 7.26 -6.04
CA SER A 66 -5.31 5.86 -6.24
C SER A 66 -4.51 5.63 -7.53
N ARG A 67 -3.32 5.09 -7.34
CA ARG A 67 -2.49 4.61 -8.43
C ARG A 67 -1.55 3.56 -7.84
N GLY A 68 -0.24 3.72 -7.97
CA GLY A 68 0.64 2.88 -7.19
C GLY A 68 0.67 3.35 -5.76
N LYS A 69 0.82 4.67 -5.60
CA LYS A 69 0.71 5.30 -4.30
C LYS A 69 0.60 6.82 -4.44
N LEU A 70 -0.35 7.26 -5.28
CA LEU A 70 -0.73 8.67 -5.44
C LEU A 70 0.27 9.49 -6.27
N GLU A 71 1.41 8.91 -6.61
CA GLU A 71 2.46 9.62 -7.35
C GLU A 71 1.93 10.35 -8.60
N PRO A 72 1.41 9.64 -9.63
CA PRO A 72 0.96 10.28 -10.87
C PRO A 72 -0.36 11.03 -10.71
N LEU A 73 -1.09 10.73 -9.65
CA LEU A 73 -2.42 11.27 -9.47
C LEU A 73 -2.40 12.58 -8.69
N LEU A 74 -1.41 12.73 -7.81
CA LEU A 74 -1.30 13.91 -6.96
C LEU A 74 -1.10 15.18 -7.78
N ALA A 75 -0.47 15.02 -8.95
CA ALA A 75 -0.27 16.12 -9.86
C ALA A 75 -1.59 16.55 -10.50
N LYS A 76 -2.46 15.58 -10.71
CA LYS A 76 -3.72 15.81 -11.43
C LYS A 76 -4.82 16.31 -10.51
N SER A 77 -4.65 16.18 -9.21
CA SER A 77 -5.68 16.57 -8.26
C SER A 77 -5.76 18.08 -8.11
N GLY A 78 -4.64 18.75 -8.35
CA GLY A 78 -4.59 20.18 -8.17
C GLY A 78 -3.97 20.55 -6.83
N LEU A 79 -2.73 20.16 -6.65
CA LEU A 79 -2.04 20.41 -5.40
C LEU A 79 -0.87 21.37 -5.61
N ASP A 80 -0.61 22.20 -4.61
CA ASP A 80 0.52 23.11 -4.64
C ASP A 80 1.21 23.11 -3.28
N PRO A 81 2.52 23.35 -3.26
CA PRO A 81 3.32 23.28 -2.03
C PRO A 81 3.09 24.43 -1.06
N GLU A 82 1.99 25.15 -1.25
CA GLU A 82 1.60 26.19 -0.32
C GLU A 82 0.38 25.76 0.48
N LYS A 83 -0.11 24.57 0.18
CA LYS A 83 -1.30 24.04 0.81
C LYS A 83 -0.94 23.07 1.92
N PRO A 84 -1.50 23.26 3.13
CA PRO A 84 -1.35 22.31 4.22
C PRO A 84 -2.21 21.09 3.98
N VAL A 85 -1.60 19.92 3.94
CA VAL A 85 -2.33 18.71 3.61
C VAL A 85 -2.11 17.64 4.65
N VAL A 86 -3.12 16.80 4.83
CA VAL A 86 -3.01 15.68 5.74
C VAL A 86 -3.28 14.39 4.97
N VAL A 87 -2.48 13.37 5.25
CA VAL A 87 -2.62 12.08 4.60
C VAL A 87 -3.24 11.09 5.57
N PHE A 88 -4.22 10.35 5.10
CA PHE A 88 -4.98 9.46 5.96
C PHE A 88 -4.82 8.01 5.50
N CYS A 89 -4.78 7.08 6.47
CA CYS A 89 -4.53 5.65 6.23
C CYS A 89 -3.04 5.38 6.10
N LYS A 90 -2.34 5.46 7.23
CA LYS A 90 -0.89 5.28 7.25
C LYS A 90 -0.49 3.83 7.55
N THR A 91 -1.48 2.97 7.71
CA THR A 91 -1.22 1.59 8.10
C THR A 91 -0.72 0.74 6.94
N ALA A 92 -1.60 -0.08 6.38
CA ALA A 92 -1.22 -1.04 5.34
C ALA A 92 -0.82 -0.35 4.03
N ALA A 93 -1.59 0.64 3.64
CA ALA A 93 -1.31 1.37 2.40
C ALA A 93 -0.10 2.27 2.58
N ARG A 94 0.11 2.69 3.82
CA ARG A 94 1.26 3.52 4.20
C ARG A 94 1.16 4.92 3.62
N ALA A 95 0.35 5.75 4.27
CA ALA A 95 0.25 7.17 3.92
C ALA A 95 1.58 7.89 4.18
N ALA A 96 2.49 7.17 4.84
CA ALA A 96 3.82 7.67 5.11
C ALA A 96 4.54 8.01 3.80
N LEU A 97 4.31 7.19 2.77
CA LEU A 97 4.89 7.46 1.45
C LEU A 97 4.23 8.67 0.81
N ALA A 98 2.96 8.89 1.15
CA ALA A 98 2.20 9.98 0.58
C ALA A 98 2.58 11.33 1.19
N GLY A 99 2.79 11.33 2.51
CA GLY A 99 2.99 12.58 3.21
C GLY A 99 4.44 12.98 3.38
N LYS A 100 5.28 12.00 3.74
CA LYS A 100 6.68 12.29 4.04
C LYS A 100 7.43 12.75 2.79
N THR A 101 6.92 12.40 1.62
CA THR A 101 7.52 12.78 0.37
C THR A 101 7.38 14.27 0.12
N LEU A 102 6.12 14.72 0.18
CA LEU A 102 5.77 16.08 -0.19
C LEU A 102 6.57 17.13 0.60
N ARG A 103 6.79 16.86 1.88
CA ARG A 103 7.54 17.80 2.72
C ARG A 103 9.01 17.88 2.30
N GLU A 104 9.53 16.77 1.78
CA GLU A 104 10.91 16.74 1.27
C GLU A 104 10.99 17.38 -0.11
N TYR A 105 9.83 17.69 -0.68
CA TYR A 105 9.78 18.41 -1.95
C TYR A 105 9.67 19.90 -1.67
N GLY A 106 8.90 20.25 -0.64
CA GLY A 106 8.82 21.63 -0.22
C GLY A 106 7.40 22.07 0.05
N PHE A 107 6.69 21.30 0.86
CA PHE A 107 5.32 21.64 1.21
C PHE A 107 5.27 22.45 2.50
N LYS A 108 4.17 23.16 2.70
CA LYS A 108 4.01 24.02 3.86
C LYS A 108 3.85 23.22 5.15
N THR A 109 2.73 22.55 5.27
CA THR A 109 2.44 21.74 6.45
C THR A 109 1.81 20.42 6.07
N ILE A 110 2.49 19.32 6.38
CA ILE A 110 1.98 18.00 6.05
C ILE A 110 1.77 17.17 7.32
N TYR A 111 0.59 16.60 7.45
CA TYR A 111 0.24 15.79 8.60
C TYR A 111 -0.09 14.38 8.16
N ASN A 112 0.12 13.42 9.04
CA ASN A 112 -0.29 12.04 8.78
C ASN A 112 -1.24 11.60 9.87
N SER A 113 -2.17 10.74 9.55
CA SER A 113 -3.20 10.34 10.50
C SER A 113 -2.77 9.13 11.32
N GLU A 114 -2.59 9.34 12.61
CA GLU A 114 -2.24 8.27 13.53
C GLU A 114 -3.36 7.24 13.62
N GLY A 115 -2.98 5.98 13.74
CA GLY A 115 -3.94 4.91 13.76
C GLY A 115 -4.11 4.30 12.38
N GLY A 116 -5.22 4.62 11.73
CA GLY A 116 -5.47 4.12 10.39
C GLY A 116 -6.88 4.45 9.95
N MET A 117 -7.34 3.80 8.88
CA MET A 117 -8.71 4.02 8.40
C MET A 117 -9.71 3.52 9.43
N ASP A 118 -9.30 2.52 10.20
CA ASP A 118 -10.13 1.97 11.25
C ASP A 118 -10.45 3.01 12.30
N LYS A 119 -9.56 3.99 12.48
CA LYS A 119 -9.76 5.02 13.47
C LYS A 119 -10.82 6.01 13.03
N TRP A 120 -10.92 6.26 11.73
CA TRP A 120 -11.92 7.18 11.21
C TRP A 120 -13.31 6.66 11.54
N LEU A 121 -13.59 5.42 11.15
CA LEU A 121 -14.88 4.79 11.43
C LEU A 121 -15.10 4.65 12.93
N GLU A 122 -14.06 4.26 13.66
CA GLU A 122 -14.15 4.03 15.10
C GLU A 122 -14.45 5.31 15.87
N GLU A 123 -13.82 6.41 15.47
CA GLU A 123 -13.99 7.68 16.16
C GLU A 123 -15.36 8.28 15.87
N GLY A 124 -16.12 7.63 14.99
CA GLY A 124 -17.44 8.11 14.65
C GLY A 124 -17.38 9.31 13.74
N LEU A 125 -16.31 9.40 12.96
CA LEU A 125 -16.11 10.52 12.06
C LEU A 125 -16.93 10.32 10.79
N PRO A 126 -17.23 11.41 10.07
CA PRO A 126 -18.02 11.38 8.84
C PRO A 126 -17.41 10.46 7.79
N SER A 127 -18.17 9.46 7.37
CA SER A 127 -17.69 8.52 6.39
C SER A 127 -18.72 8.34 5.29
N LEU A 128 -18.25 8.01 4.10
CA LEU A 128 -19.13 7.73 2.97
C LEU A 128 -19.25 6.23 2.79
N ASP A 129 -20.42 5.70 3.13
CA ASP A 129 -20.65 4.26 3.11
C ASP A 129 -22.08 3.96 2.69
N ARG A 130 -22.24 2.94 1.87
CA ARG A 130 -23.56 2.51 1.42
C ARG A 130 -24.18 1.60 2.46
N SER A 131 -24.88 2.22 3.42
CA SER A 131 -25.49 1.52 4.55
C SER A 131 -26.13 0.19 4.14
N HIS A 132 -25.56 -0.90 4.64
CA HIS A 132 -26.01 -2.24 4.31
C HIS A 132 -27.24 -2.61 5.11
N HIS A 133 -28.40 -2.20 4.64
CA HIS A 133 -29.65 -2.50 5.35
C HIS A 133 -30.49 -3.51 4.57
N HIS A 134 -30.13 -3.73 3.31
CA HIS A 134 -30.82 -4.72 2.50
C HIS A 134 -30.04 -6.02 2.47
N HIS A 135 -28.93 -6.03 3.19
CA HIS A 135 -28.10 -7.23 3.33
C HIS A 135 -28.67 -8.13 4.43
N HIS A 136 -29.89 -8.61 4.21
CA HIS A 136 -30.57 -9.43 5.20
C HIS A 136 -30.09 -10.88 5.14
N HIS A 137 -29.19 -11.15 4.21
CA HIS A 137 -28.61 -12.47 4.04
C HIS A 137 -27.42 -12.38 3.12
N ALA B 1 0.93 28.68 -9.18
CA ALA B 1 -0.04 27.69 -8.67
C ALA B 1 -0.19 26.54 -9.65
N ASP B 2 0.91 25.81 -9.83
CA ASP B 2 0.96 24.73 -10.81
C ASP B 2 2.22 23.90 -10.57
N MET B 3 2.60 23.79 -9.30
CA MET B 3 3.79 23.06 -8.94
C MET B 3 3.53 21.56 -8.88
N GLY B 4 2.29 21.17 -9.15
CA GLY B 4 1.91 19.77 -9.16
C GLY B 4 2.73 18.97 -10.16
N GLU B 5 3.09 19.62 -11.25
CA GLU B 5 3.96 19.02 -12.24
C GLU B 5 5.41 18.97 -11.74
N LYS B 6 5.76 19.95 -10.91
CA LYS B 6 7.13 20.08 -10.42
C LYS B 6 7.50 18.97 -9.44
N PHE B 7 6.74 18.82 -8.35
CA PHE B 7 7.08 17.81 -7.35
C PHE B 7 6.79 16.41 -7.86
N ASP B 8 5.83 16.30 -8.79
CA ASP B 8 5.43 15.02 -9.36
C ASP B 8 6.65 14.28 -9.92
N ALA B 9 7.53 15.02 -10.60
CA ALA B 9 8.75 14.45 -11.15
C ALA B 9 9.63 13.90 -10.03
N THR B 10 9.71 14.63 -8.92
CA THR B 10 10.46 14.19 -7.76
C THR B 10 9.84 12.94 -7.16
N PHE B 11 8.51 12.95 -7.02
CA PHE B 11 7.76 11.79 -6.51
C PHE B 11 8.07 10.56 -7.34
N LYS B 12 8.00 10.74 -8.65
CA LYS B 12 8.29 9.68 -9.60
C LYS B 12 9.74 9.22 -9.51
N ALA B 13 10.60 10.12 -9.08
CA ALA B 13 12.02 9.80 -8.92
C ALA B 13 12.26 8.95 -7.68
N GLN B 14 11.59 9.29 -6.60
CA GLN B 14 11.74 8.57 -5.34
C GLN B 14 11.11 7.18 -5.45
N VAL B 15 9.86 7.14 -5.90
CA VAL B 15 9.13 5.90 -6.03
C VAL B 15 9.80 4.96 -7.04
N LYS B 16 10.41 5.54 -8.07
CA LYS B 16 11.12 4.75 -9.09
C LYS B 16 12.25 3.93 -8.48
N ALA B 17 12.96 4.52 -7.52
CA ALA B 17 14.08 3.87 -6.86
C ALA B 17 13.63 2.61 -6.14
N ALA B 18 12.37 2.59 -5.74
CA ALA B 18 11.80 1.44 -5.05
C ALA B 18 11.58 0.27 -6.01
N LYS B 19 11.30 0.57 -7.27
CA LYS B 19 11.21 -0.46 -8.31
C LYS B 19 12.60 -0.88 -8.78
N ALA B 20 13.56 0.02 -8.63
CA ALA B 20 14.91 -0.18 -9.18
C ALA B 20 15.79 -0.98 -8.22
N ASP B 21 15.36 -1.08 -6.97
CA ASP B 21 16.19 -1.65 -5.92
C ASP B 21 16.38 -3.16 -6.06
N MET B 22 15.45 -3.84 -6.73
CA MET B 22 15.54 -5.29 -6.85
C MET B 22 15.17 -5.78 -8.25
N VAL B 23 15.36 -7.07 -8.48
CA VAL B 23 15.10 -7.68 -9.78
C VAL B 23 13.61 -7.67 -10.11
N MET B 24 13.24 -6.86 -11.07
CA MET B 24 11.86 -6.77 -11.52
C MET B 24 11.54 -7.87 -12.52
N LEU B 25 10.57 -8.69 -12.18
CA LEU B 25 10.18 -9.81 -13.00
C LEU B 25 8.68 -9.80 -13.22
N SER B 26 8.27 -10.16 -14.42
CA SER B 26 6.87 -10.22 -14.75
C SER B 26 6.25 -11.46 -14.10
N PRO B 27 4.98 -11.38 -13.68
CA PRO B 27 4.28 -12.44 -12.95
C PRO B 27 4.47 -13.84 -13.55
N LYS B 28 4.66 -13.92 -14.86
CA LYS B 28 4.92 -15.20 -15.52
C LYS B 28 6.34 -15.69 -15.24
N ASP B 29 7.30 -14.78 -15.36
CA ASP B 29 8.70 -15.09 -15.08
C ASP B 29 8.92 -15.37 -13.59
N ALA B 30 8.09 -14.73 -12.78
CA ALA B 30 8.13 -14.94 -11.34
C ALA B 30 7.52 -16.29 -10.98
N TYR B 31 6.40 -16.63 -11.63
CA TYR B 31 5.74 -17.90 -11.38
C TYR B 31 6.63 -19.06 -11.81
N LYS B 32 7.28 -18.87 -12.95
CA LYS B 32 8.13 -19.89 -13.54
C LYS B 32 9.12 -20.46 -12.52
N LEU B 33 9.87 -19.58 -11.87
CA LEU B 33 10.82 -20.00 -10.84
C LEU B 33 10.11 -20.37 -9.55
N LEU B 34 8.95 -19.77 -9.33
CA LEU B 34 8.18 -20.00 -8.11
C LEU B 34 7.71 -21.45 -8.00
N GLN B 35 6.97 -21.88 -9.00
CA GLN B 35 6.33 -23.19 -8.95
C GLN B 35 7.31 -24.31 -9.25
N GLU B 36 8.44 -23.98 -9.85
CA GLU B 36 9.40 -25.01 -10.24
C GLU B 36 10.52 -25.14 -9.21
N ASN B 37 10.56 -24.23 -8.26
CA ASN B 37 11.56 -24.28 -7.19
C ASN B 37 10.90 -24.05 -5.84
N PRO B 38 10.76 -25.12 -5.03
CA PRO B 38 10.06 -25.05 -3.72
C PRO B 38 10.79 -24.19 -2.70
N ASP B 39 11.95 -23.64 -3.05
CA ASP B 39 12.68 -22.77 -2.16
C ASP B 39 12.30 -21.32 -2.41
N ILE B 40 11.86 -21.05 -3.63
CA ILE B 40 11.44 -19.71 -4.00
C ILE B 40 10.00 -19.46 -3.55
N THR B 41 9.85 -18.63 -2.54
CA THR B 41 8.55 -18.34 -1.97
C THR B 41 8.03 -16.99 -2.46
N LEU B 42 6.72 -16.89 -2.66
CA LEU B 42 6.11 -15.62 -3.04
C LEU B 42 5.40 -15.00 -1.86
N ILE B 43 5.72 -13.74 -1.60
CA ILE B 43 5.04 -12.99 -0.56
C ILE B 43 4.15 -11.95 -1.20
N ASP B 44 2.87 -12.05 -0.93
CA ASP B 44 1.90 -11.13 -1.50
C ASP B 44 1.36 -10.21 -0.40
N VAL B 45 1.26 -8.95 -0.74
CA VAL B 45 0.73 -7.94 0.16
C VAL B 45 -0.42 -7.24 -0.52
N ARG B 46 -1.63 -7.62 -0.18
CA ARG B 46 -2.81 -7.11 -0.86
C ARG B 46 -4.01 -7.19 0.08
N ASP B 47 -4.99 -6.31 -0.13
CA ASP B 47 -6.18 -6.29 0.70
C ASP B 47 -7.04 -7.52 0.42
N PRO B 48 -7.54 -8.16 1.49
CA PRO B 48 -8.29 -9.42 1.38
C PRO B 48 -9.61 -9.28 0.60
N ASP B 49 -10.12 -8.06 0.46
CA ASP B 49 -11.39 -7.88 -0.24
C ASP B 49 -11.21 -7.96 -1.75
N GLU B 50 -10.14 -7.36 -2.27
CA GLU B 50 -9.82 -7.51 -3.69
C GLU B 50 -9.44 -8.96 -3.97
N LEU B 51 -8.77 -9.56 -2.99
CA LEU B 51 -8.44 -10.98 -3.03
C LEU B 51 -9.69 -11.84 -3.11
N LYS B 52 -10.76 -11.38 -2.45
CA LYS B 52 -12.03 -12.09 -2.44
C LYS B 52 -12.71 -12.00 -3.81
N ALA B 53 -12.67 -10.81 -4.39
CA ALA B 53 -13.43 -10.53 -5.60
C ALA B 53 -12.75 -11.07 -6.85
N MET B 54 -11.46 -10.80 -6.97
CA MET B 54 -10.74 -11.15 -8.20
C MET B 54 -9.89 -12.41 -8.00
N GLY B 55 -9.36 -12.57 -6.81
CA GLY B 55 -8.59 -13.76 -6.50
C GLY B 55 -7.18 -13.45 -6.04
N LYS B 56 -6.45 -14.51 -5.71
CA LYS B 56 -5.07 -14.39 -5.27
C LYS B 56 -4.21 -15.43 -5.97
N PRO B 57 -2.90 -15.19 -6.11
CA PRO B 57 -2.00 -16.12 -6.79
C PRO B 57 -2.01 -17.52 -6.19
N ASP B 58 -2.23 -18.51 -7.04
CA ASP B 58 -2.26 -19.91 -6.60
C ASP B 58 -0.95 -20.59 -6.96
N VAL B 59 0.06 -20.40 -6.13
CA VAL B 59 1.37 -20.99 -6.37
C VAL B 59 1.75 -21.90 -5.21
N LYS B 60 2.65 -22.85 -5.47
CA LYS B 60 3.03 -23.85 -4.49
C LYS B 60 3.51 -23.21 -3.18
N ASN B 61 4.44 -22.28 -3.28
CA ASN B 61 4.98 -21.62 -2.10
C ASN B 61 4.53 -20.17 -2.05
N TYR B 62 3.31 -19.95 -1.58
CA TYR B 62 2.75 -18.60 -1.49
C TYR B 62 2.37 -18.30 -0.05
N LYS B 63 2.80 -17.14 0.44
CA LYS B 63 2.46 -16.72 1.79
C LYS B 63 1.92 -15.29 1.77
N HIS B 64 0.70 -15.12 2.26
CA HIS B 64 0.09 -13.79 2.36
C HIS B 64 0.54 -13.14 3.65
N MET B 65 1.36 -12.10 3.55
CA MET B 65 1.89 -11.42 4.73
C MET B 65 1.26 -10.05 4.88
N SER B 66 0.25 -9.96 5.72
CA SER B 66 -0.52 -8.73 5.84
C SER B 66 -0.43 -8.12 7.25
N ARG B 67 0.08 -6.90 7.29
CA ARG B 67 0.08 -6.09 8.51
C ARG B 67 -0.01 -4.63 8.11
N GLY B 68 0.85 -3.76 8.64
CA GLY B 68 0.94 -2.43 8.11
C GLY B 68 1.92 -2.40 6.95
N LYS B 69 3.06 -3.04 7.18
CA LYS B 69 4.01 -3.29 6.12
C LYS B 69 4.66 -4.65 6.35
N LEU B 70 3.82 -5.63 6.70
CA LEU B 70 4.19 -7.05 6.84
C LEU B 70 5.28 -7.32 7.89
N GLU B 71 5.86 -6.27 8.45
CA GLU B 71 7.01 -6.39 9.36
C GLU B 71 6.86 -7.52 10.42
N PRO B 72 5.80 -7.49 11.27
CA PRO B 72 5.60 -8.52 12.29
C PRO B 72 5.13 -9.85 11.72
N LEU B 73 4.66 -9.82 10.48
CA LEU B 73 4.15 -11.02 9.82
C LEU B 73 5.28 -11.76 9.13
N LEU B 74 6.36 -11.04 8.88
CA LEU B 74 7.54 -11.59 8.22
C LEU B 74 8.13 -12.73 9.03
N ALA B 75 8.36 -12.48 10.31
CA ALA B 75 8.92 -13.47 11.21
C ALA B 75 7.98 -14.67 11.37
N LYS B 76 6.69 -14.43 11.13
CA LYS B 76 5.68 -15.46 11.30
C LYS B 76 5.67 -16.44 10.12
N SER B 77 6.19 -16.02 8.98
CA SER B 77 6.22 -16.88 7.81
C SER B 77 7.30 -17.94 7.95
N GLY B 78 8.44 -17.53 8.50
CA GLY B 78 9.56 -18.45 8.64
C GLY B 78 10.47 -18.42 7.42
N LEU B 79 10.68 -17.22 6.88
CA LEU B 79 11.52 -17.06 5.71
C LEU B 79 12.98 -16.98 6.13
N ASP B 80 13.87 -17.39 5.24
CA ASP B 80 15.30 -17.34 5.50
C ASP B 80 16.01 -16.58 4.39
N PRO B 81 16.91 -15.66 4.75
CA PRO B 81 17.62 -14.80 3.80
C PRO B 81 18.55 -15.56 2.85
N GLU B 82 18.55 -16.89 2.93
CA GLU B 82 19.36 -17.68 2.03
C GLU B 82 18.50 -18.36 0.96
N LYS B 83 17.19 -18.14 1.04
CA LYS B 83 16.26 -18.68 0.05
C LYS B 83 15.71 -17.55 -0.82
N PRO B 84 15.44 -17.82 -2.11
CA PRO B 84 14.91 -16.82 -3.02
C PRO B 84 13.43 -16.53 -2.78
N VAL B 85 13.05 -15.28 -2.93
CA VAL B 85 11.67 -14.87 -2.71
C VAL B 85 11.25 -13.80 -3.70
N VAL B 86 9.99 -13.80 -4.07
CA VAL B 86 9.46 -12.79 -4.96
C VAL B 86 8.26 -12.11 -4.31
N VAL B 87 8.17 -10.80 -4.48
CA VAL B 87 7.09 -10.02 -3.92
C VAL B 87 6.15 -9.53 -5.02
N PHE B 88 4.88 -9.87 -4.87
CA PHE B 88 3.90 -9.64 -5.93
C PHE B 88 3.01 -8.44 -5.60
N CYS B 89 2.77 -7.59 -6.61
CA CYS B 89 1.95 -6.38 -6.50
C CYS B 89 2.79 -5.17 -6.06
N LYS B 90 3.70 -4.74 -6.91
CA LYS B 90 4.54 -3.59 -6.62
C LYS B 90 3.77 -2.28 -6.77
N THR B 91 2.68 -2.32 -7.52
CA THR B 91 1.94 -1.13 -7.85
C THR B 91 1.14 -0.58 -6.66
N ALA B 92 -0.17 -0.73 -6.69
CA ALA B 92 -1.05 -0.17 -5.65
C ALA B 92 -0.65 -0.65 -4.25
N ALA B 93 -0.32 -1.93 -4.14
CA ALA B 93 0.03 -2.52 -2.86
C ALA B 93 1.42 -2.09 -2.38
N ARG B 94 2.29 -1.79 -3.34
CA ARG B 94 3.66 -1.38 -3.06
C ARG B 94 4.44 -2.51 -2.40
N ALA B 95 4.49 -3.67 -3.07
CA ALA B 95 5.24 -4.83 -2.57
C ALA B 95 6.73 -4.53 -2.50
N ALA B 96 7.14 -3.43 -3.15
CA ALA B 96 8.53 -2.99 -3.15
C ALA B 96 9.05 -2.83 -1.73
N LEU B 97 8.16 -2.50 -0.80
CA LEU B 97 8.52 -2.37 0.61
C LEU B 97 8.84 -3.73 1.22
N ALA B 98 8.16 -4.76 0.74
CA ALA B 98 8.37 -6.11 1.23
C ALA B 98 9.69 -6.68 0.73
N GLY B 99 9.96 -6.46 -0.56
CA GLY B 99 11.13 -7.04 -1.17
C GLY B 99 12.40 -6.25 -0.90
N LYS B 100 12.32 -4.94 -1.09
CA LYS B 100 13.52 -4.10 -1.02
C LYS B 100 14.17 -4.18 0.35
N THR B 101 13.37 -4.16 1.40
CA THR B 101 13.88 -4.19 2.76
C THR B 101 14.48 -5.55 3.10
N LEU B 102 13.88 -6.62 2.56
CA LEU B 102 14.37 -7.97 2.80
C LEU B 102 15.79 -8.16 2.27
N ARG B 103 16.01 -7.79 1.02
CA ARG B 103 17.34 -7.93 0.41
C ARG B 103 18.34 -7.02 1.09
N GLU B 104 17.86 -5.89 1.59
CA GLU B 104 18.68 -4.94 2.34
C GLU B 104 19.03 -5.50 3.71
N TYR B 105 18.45 -6.63 4.07
CA TYR B 105 18.75 -7.26 5.34
C TYR B 105 19.58 -8.52 5.14
N GLY B 106 19.68 -8.96 3.89
CA GLY B 106 20.58 -10.05 3.58
C GLY B 106 19.94 -11.17 2.78
N PHE B 107 18.77 -10.93 2.21
CA PHE B 107 18.10 -11.95 1.42
C PHE B 107 18.83 -12.17 0.09
N LYS B 108 18.92 -13.43 -0.31
CA LYS B 108 19.71 -13.83 -1.46
C LYS B 108 19.12 -13.31 -2.76
N THR B 109 18.13 -14.02 -3.27
CA THR B 109 17.54 -13.67 -4.55
C THR B 109 16.11 -13.16 -4.36
N ILE B 110 15.94 -11.86 -4.46
CA ILE B 110 14.62 -11.28 -4.29
C ILE B 110 14.15 -10.64 -5.59
N TYR B 111 12.92 -10.96 -5.95
CA TYR B 111 12.33 -10.46 -7.18
C TYR B 111 11.07 -9.68 -6.86
N ASN B 112 10.73 -8.71 -7.69
CA ASN B 112 9.51 -7.95 -7.52
C ASN B 112 8.69 -8.08 -8.79
N SER B 113 7.38 -8.05 -8.67
CA SER B 113 6.54 -8.20 -9.84
C SER B 113 6.35 -6.88 -10.56
N GLU B 114 6.40 -6.96 -11.89
CA GLU B 114 6.05 -5.82 -12.72
C GLU B 114 4.61 -5.97 -13.19
N GLY B 115 3.94 -4.87 -13.48
CA GLY B 115 2.54 -4.91 -13.85
C GLY B 115 1.63 -4.75 -12.66
N GLY B 116 1.31 -5.87 -12.02
CA GLY B 116 0.46 -5.82 -10.85
C GLY B 116 -0.36 -7.08 -10.68
N MET B 117 -1.35 -7.04 -9.81
CA MET B 117 -2.22 -8.19 -9.58
C MET B 117 -3.10 -8.45 -10.80
N ASP B 118 -3.45 -7.39 -11.50
CA ASP B 118 -4.26 -7.50 -12.70
C ASP B 118 -3.50 -8.27 -13.79
N LYS B 119 -2.17 -8.18 -13.77
CA LYS B 119 -1.35 -8.91 -14.73
C LYS B 119 -1.38 -10.41 -14.46
N TRP B 120 -1.49 -10.79 -13.19
CA TRP B 120 -1.57 -12.20 -12.82
C TRP B 120 -2.80 -12.84 -13.47
N LEU B 121 -3.96 -12.24 -13.25
CA LEU B 121 -5.20 -12.72 -13.85
C LEU B 121 -5.17 -12.59 -15.37
N GLU B 122 -4.61 -11.48 -15.85
CA GLU B 122 -4.56 -11.18 -17.28
C GLU B 122 -3.72 -12.20 -18.04
N GLU B 123 -2.67 -12.69 -17.41
CA GLU B 123 -1.78 -13.65 -18.05
C GLU B 123 -2.33 -15.06 -17.95
N GLY B 124 -3.49 -15.20 -17.31
CA GLY B 124 -4.12 -16.50 -17.18
C GLY B 124 -3.38 -17.39 -16.21
N LEU B 125 -2.73 -16.78 -15.24
CA LEU B 125 -1.96 -17.53 -14.26
C LEU B 125 -2.88 -18.12 -13.19
N PRO B 126 -2.41 -19.13 -12.45
CA PRO B 126 -3.19 -19.79 -11.41
C PRO B 126 -3.67 -18.82 -10.34
N SER B 127 -4.98 -18.75 -10.16
CA SER B 127 -5.55 -17.83 -9.20
C SER B 127 -6.58 -18.54 -8.33
N LEU B 128 -6.74 -18.06 -7.11
CA LEU B 128 -7.75 -18.60 -6.20
C LEU B 128 -8.85 -17.57 -6.01
N ASP B 129 -9.96 -17.79 -6.70
CA ASP B 129 -11.09 -16.87 -6.67
C ASP B 129 -12.37 -17.63 -6.41
N ARG B 130 -13.29 -17.03 -5.67
CA ARG B 130 -14.57 -17.66 -5.41
C ARG B 130 -15.53 -17.29 -6.52
N SER B 131 -15.42 -18.02 -7.63
CA SER B 131 -16.16 -17.73 -8.86
C SER B 131 -17.61 -17.35 -8.57
N HIS B 132 -17.95 -16.12 -8.91
CA HIS B 132 -19.27 -15.57 -8.63
C HIS B 132 -20.28 -16.02 -9.67
N HIS B 133 -20.54 -17.32 -9.71
CA HIS B 133 -21.50 -17.88 -10.66
C HIS B 133 -22.93 -17.59 -10.20
N HIS B 134 -23.07 -17.14 -8.96
CA HIS B 134 -24.36 -16.73 -8.45
C HIS B 134 -24.69 -15.32 -8.92
N HIS B 135 -23.76 -14.71 -9.62
CA HIS B 135 -23.95 -13.36 -10.16
C HIS B 135 -24.73 -13.41 -11.47
N HIS B 136 -25.96 -13.89 -11.38
CA HIS B 136 -26.84 -13.97 -12.54
C HIS B 136 -27.32 -12.58 -12.92
N HIS B 137 -27.20 -11.65 -12.00
CA HIS B 137 -27.56 -10.26 -12.24
C HIS B 137 -26.43 -9.35 -11.79
N ALA A 1 15.53 -21.90 9.54
CA ALA A 1 14.57 -20.80 9.78
C ALA A 1 14.70 -20.29 11.20
N ASP A 2 15.64 -19.38 11.42
CA ASP A 2 15.90 -18.84 12.75
C ASP A 2 16.14 -17.34 12.69
N MET A 3 16.18 -16.79 11.48
CA MET A 3 16.44 -15.37 11.31
C MET A 3 15.19 -14.54 11.54
N GLY A 4 14.13 -15.18 12.03
CA GLY A 4 12.88 -14.50 12.30
C GLY A 4 13.03 -13.32 13.24
N GLU A 5 13.99 -13.44 14.16
CA GLU A 5 14.26 -12.37 15.11
C GLU A 5 15.04 -11.23 14.45
N LYS A 6 15.88 -11.59 13.49
CA LYS A 6 16.81 -10.64 12.89
C LYS A 6 16.09 -9.59 12.05
N PHE A 7 15.35 -10.02 11.04
CA PHE A 7 14.76 -9.06 10.11
C PHE A 7 13.61 -8.29 10.75
N ASP A 8 12.88 -8.95 11.65
CA ASP A 8 11.73 -8.31 12.31
C ASP A 8 12.14 -7.00 12.98
N ALA A 9 13.12 -7.09 13.87
CA ALA A 9 13.59 -5.93 14.62
C ALA A 9 14.12 -4.84 13.68
N THR A 10 14.93 -5.24 12.70
CA THR A 10 15.50 -4.29 11.76
C THR A 10 14.42 -3.66 10.88
N PHE A 11 13.51 -4.49 10.36
CA PHE A 11 12.40 -3.99 9.52
C PHE A 11 11.64 -2.90 10.25
N LYS A 12 11.40 -3.15 11.53
CA LYS A 12 10.71 -2.20 12.40
C LYS A 12 11.55 -0.93 12.61
N ALA A 13 12.86 -1.04 12.49
CA ALA A 13 13.74 0.11 12.67
C ALA A 13 13.65 1.05 11.48
N GLN A 14 13.69 0.48 10.29
CA GLN A 14 13.61 1.27 9.06
C GLN A 14 12.22 1.82 8.85
N VAL A 15 11.23 0.94 8.95
CA VAL A 15 9.85 1.28 8.62
C VAL A 15 9.24 2.29 9.62
N LYS A 16 9.62 2.17 10.89
CA LYS A 16 9.05 3.05 11.92
C LYS A 16 9.48 4.50 11.70
N ALA A 17 10.63 4.69 11.08
CA ALA A 17 11.14 6.01 10.77
C ALA A 17 10.18 6.78 9.86
N ALA A 18 9.40 6.03 9.08
CA ALA A 18 8.45 6.61 8.16
C ALA A 18 7.29 7.30 8.88
N LYS A 19 6.93 6.79 10.06
CA LYS A 19 5.90 7.41 10.90
C LYS A 19 6.47 8.63 11.64
N ALA A 20 7.79 8.62 11.81
CA ALA A 20 8.46 9.68 12.55
C ALA A 20 8.83 10.87 11.67
N ASP A 21 8.88 10.63 10.37
CA ASP A 21 9.34 11.66 9.41
C ASP A 21 8.45 12.89 9.42
N MET A 22 7.16 12.71 9.66
CA MET A 22 6.21 13.82 9.59
C MET A 22 5.41 13.96 10.88
N VAL A 23 4.54 14.97 10.91
CA VAL A 23 3.72 15.26 12.09
C VAL A 23 2.58 14.24 12.22
N MET A 24 2.67 13.42 13.24
CA MET A 24 1.68 12.38 13.49
C MET A 24 0.44 12.96 14.16
N LEU A 25 -0.63 13.10 13.39
CA LEU A 25 -1.87 13.65 13.90
C LEU A 25 -2.96 12.59 13.92
N SER A 26 -3.76 12.59 14.96
CA SER A 26 -4.86 11.66 15.09
C SER A 26 -6.03 12.11 14.22
N PRO A 27 -6.76 11.16 13.61
CA PRO A 27 -7.85 11.46 12.67
C PRO A 27 -8.89 12.45 13.23
N LYS A 28 -9.00 12.53 14.55
CA LYS A 28 -9.91 13.48 15.18
C LYS A 28 -9.36 14.91 15.09
N ASP A 29 -8.06 15.05 15.36
CA ASP A 29 -7.40 16.34 15.28
C ASP A 29 -7.21 16.76 13.83
N ALA A 30 -7.08 15.75 12.97
CA ALA A 30 -6.92 15.99 11.54
C ALA A 30 -8.23 16.48 10.93
N TYR A 31 -9.33 15.83 11.29
CA TYR A 31 -10.63 16.22 10.77
C TYR A 31 -11.04 17.60 11.30
N LYS A 32 -10.62 17.91 12.52
CA LYS A 32 -10.94 19.19 13.13
C LYS A 32 -10.50 20.36 12.27
N LEU A 33 -9.24 20.32 11.82
CA LEU A 33 -8.72 21.37 10.95
C LEU A 33 -9.27 21.20 9.54
N LEU A 34 -9.60 19.96 9.17
CA LEU A 34 -10.16 19.67 7.85
C LEU A 34 -11.52 20.34 7.66
N GLN A 35 -12.39 20.19 8.64
CA GLN A 35 -13.75 20.69 8.54
C GLN A 35 -13.80 22.21 8.73
N GLU A 36 -12.78 22.76 9.37
CA GLU A 36 -12.75 24.19 9.63
C GLU A 36 -11.96 24.94 8.56
N ASN A 37 -11.01 24.25 7.94
CA ASN A 37 -10.18 24.85 6.90
C ASN A 37 -10.49 24.21 5.55
N PRO A 38 -11.14 24.94 4.65
CA PRO A 38 -11.45 24.46 3.30
C PRO A 38 -10.20 24.38 2.42
N ASP A 39 -9.05 24.73 3.01
CA ASP A 39 -7.78 24.75 2.28
C ASP A 39 -6.96 23.52 2.66
N ILE A 40 -7.19 23.01 3.87
CA ILE A 40 -6.53 21.79 4.30
C ILE A 40 -7.25 20.58 3.72
N THR A 41 -6.58 19.88 2.84
CA THR A 41 -7.18 18.74 2.18
C THR A 41 -6.66 17.43 2.78
N LEU A 42 -7.52 16.43 2.85
CA LEU A 42 -7.10 15.11 3.30
C LEU A 42 -6.82 14.24 2.09
N ILE A 43 -5.59 13.74 2.01
CA ILE A 43 -5.23 12.83 0.95
C ILE A 43 -5.18 11.42 1.51
N ASP A 44 -6.12 10.60 1.08
CA ASP A 44 -6.22 9.25 1.59
C ASP A 44 -5.70 8.26 0.56
N VAL A 45 -5.00 7.26 1.06
CA VAL A 45 -4.48 6.21 0.21
C VAL A 45 -4.97 4.86 0.71
N ARG A 46 -6.02 4.38 0.08
CA ARG A 46 -6.61 3.10 0.43
C ARG A 46 -7.09 2.41 -0.82
N ASP A 47 -7.06 1.09 -0.81
CA ASP A 47 -7.40 0.30 -1.98
C ASP A 47 -8.88 0.42 -2.30
N PRO A 48 -9.20 0.47 -3.60
CA PRO A 48 -10.55 0.81 -4.10
C PRO A 48 -11.65 -0.11 -3.59
N ASP A 49 -11.32 -1.35 -3.25
CA ASP A 49 -12.35 -2.29 -2.85
C ASP A 49 -12.88 -2.00 -1.46
N GLU A 50 -11.99 -1.69 -0.51
CA GLU A 50 -12.43 -1.32 0.83
C GLU A 50 -13.21 -0.01 0.77
N LEU A 51 -12.78 0.87 -0.12
CA LEU A 51 -13.46 2.14 -0.35
C LEU A 51 -14.92 1.91 -0.73
N LYS A 52 -15.15 0.84 -1.49
CA LYS A 52 -16.49 0.49 -1.94
C LYS A 52 -17.29 -0.19 -0.83
N ALA A 53 -16.63 -1.12 -0.13
CA ALA A 53 -17.33 -2.02 0.78
C ALA A 53 -17.41 -1.49 2.21
N MET A 54 -16.29 -1.03 2.76
CA MET A 54 -16.26 -0.61 4.16
C MET A 54 -16.47 0.89 4.30
N GLY A 55 -15.95 1.65 3.34
CA GLY A 55 -16.19 3.08 3.33
C GLY A 55 -14.93 3.90 3.21
N LYS A 56 -15.11 5.21 3.01
CA LYS A 56 -14.01 6.16 2.90
C LYS A 56 -14.42 7.47 3.59
N PRO A 57 -13.48 8.35 3.93
CA PRO A 57 -13.79 9.60 4.64
C PRO A 57 -14.71 10.52 3.84
N ASP A 58 -15.75 11.01 4.50
CA ASP A 58 -16.72 11.91 3.88
C ASP A 58 -16.53 13.32 4.40
N VAL A 59 -15.51 14.00 3.90
CA VAL A 59 -15.22 15.35 4.31
C VAL A 59 -15.31 16.30 3.12
N LYS A 60 -15.33 17.59 3.40
CA LYS A 60 -15.52 18.61 2.37
C LYS A 60 -14.35 18.64 1.39
N ASN A 61 -13.13 18.53 1.90
CA ASN A 61 -11.95 18.57 1.04
C ASN A 61 -11.11 17.30 1.21
N TYR A 62 -11.46 16.26 0.47
CA TYR A 62 -10.73 15.01 0.50
C TYR A 62 -10.37 14.57 -0.91
N LYS A 63 -9.11 14.19 -1.11
CA LYS A 63 -8.65 13.71 -2.40
C LYS A 63 -8.08 12.30 -2.28
N HIS A 64 -8.69 11.36 -3.00
CA HIS A 64 -8.17 10.00 -3.04
C HIS A 64 -7.12 9.89 -4.12
N MET A 65 -5.90 9.56 -3.76
CA MET A 65 -4.81 9.56 -4.74
C MET A 65 -4.29 8.15 -4.98
N SER A 66 -4.87 7.49 -5.98
CA SER A 66 -4.46 6.13 -6.32
C SER A 66 -3.53 6.13 -7.53
N ARG A 67 -2.50 5.28 -7.46
CA ARG A 67 -1.53 5.10 -8.53
C ARG A 67 -0.58 4.00 -8.08
N GLY A 68 0.71 4.10 -8.41
CA GLY A 68 1.67 3.20 -7.79
C GLY A 68 1.99 3.71 -6.41
N LYS A 69 2.18 5.02 -6.33
CA LYS A 69 2.32 5.71 -5.07
C LYS A 69 1.92 7.17 -5.21
N LEU A 70 0.77 7.40 -5.86
CA LEU A 70 0.14 8.72 -6.00
C LEU A 70 0.96 9.71 -6.85
N GLU A 71 2.17 9.31 -7.23
CA GLU A 71 3.11 10.20 -7.90
C GLU A 71 2.48 11.05 -9.03
N PRO A 72 1.91 10.45 -10.09
CA PRO A 72 1.32 11.21 -11.20
C PRO A 72 -0.02 11.85 -10.85
N LEU A 73 -0.62 11.41 -9.76
CA LEU A 73 -1.93 11.93 -9.36
C LEU A 73 -1.78 13.13 -8.43
N LEU A 74 -0.60 13.26 -7.84
CA LEU A 74 -0.30 14.36 -6.94
C LEU A 74 -0.15 15.67 -7.70
N ALA A 75 0.30 15.55 -8.94
CA ALA A 75 0.37 16.69 -9.83
C ALA A 75 -1.03 17.03 -10.36
N LYS A 76 -1.86 16.00 -10.44
CA LYS A 76 -3.21 16.13 -11.00
C LYS A 76 -4.16 16.80 -10.01
N SER A 77 -3.78 16.84 -8.74
CA SER A 77 -4.64 17.44 -7.72
C SER A 77 -4.49 18.95 -7.74
N GLY A 78 -3.25 19.41 -7.91
CA GLY A 78 -3.00 20.83 -7.89
C GLY A 78 -2.51 21.29 -6.54
N LEU A 79 -1.45 20.66 -6.05
CA LEU A 79 -0.91 20.98 -4.75
C LEU A 79 0.21 22.01 -4.86
N ASP A 80 0.31 22.88 -3.87
CA ASP A 80 1.34 23.91 -3.86
C ASP A 80 2.10 23.85 -2.54
N PRO A 81 3.34 24.39 -2.51
CA PRO A 81 4.22 24.28 -1.33
C PRO A 81 3.77 25.13 -0.14
N GLU A 82 2.58 25.70 -0.22
CA GLU A 82 2.05 26.51 0.87
C GLU A 82 0.78 25.90 1.43
N LYS A 83 0.35 24.79 0.83
CA LYS A 83 -0.89 24.15 1.22
C LYS A 83 -0.68 23.14 2.34
N PRO A 84 -1.54 23.17 3.36
CA PRO A 84 -1.50 22.21 4.46
C PRO A 84 -2.33 20.96 4.14
N VAL A 85 -1.69 19.80 4.20
CA VAL A 85 -2.36 18.56 3.84
C VAL A 85 -2.08 17.48 4.85
N VAL A 86 -3.03 16.57 5.01
CA VAL A 86 -2.87 15.43 5.88
C VAL A 86 -3.10 14.15 5.07
N VAL A 87 -2.31 13.13 5.35
CA VAL A 87 -2.43 11.85 4.67
C VAL A 87 -3.05 10.82 5.61
N PHE A 88 -4.03 10.07 5.11
CA PHE A 88 -4.80 9.18 5.96
C PHE A 88 -4.64 7.72 5.55
N CYS A 89 -4.48 6.86 6.57
CA CYS A 89 -4.32 5.40 6.42
C CYS A 89 -2.87 5.01 6.14
N LYS A 90 -2.20 4.53 7.18
CA LYS A 90 -0.81 4.08 7.04
C LYS A 90 -0.66 2.64 7.51
N THR A 91 -1.78 1.97 7.72
CA THR A 91 -1.76 0.62 8.27
C THR A 91 -1.89 -0.45 7.18
N ALA A 92 -1.62 -0.06 5.95
CA ALA A 92 -1.64 -0.99 4.82
C ALA A 92 -0.97 -0.36 3.59
N ALA A 93 -1.64 0.60 2.99
CA ALA A 93 -1.10 1.32 1.84
C ALA A 93 0.05 2.21 2.28
N ARG A 94 -0.02 2.65 3.54
CA ARG A 94 1.01 3.49 4.15
C ARG A 94 1.04 4.89 3.55
N ALA A 95 0.26 5.79 4.14
CA ALA A 95 0.21 7.18 3.70
C ALA A 95 1.54 7.89 3.95
N ALA A 96 2.44 7.21 4.65
CA ALA A 96 3.75 7.75 4.95
C ALA A 96 4.52 8.08 3.66
N LEU A 97 4.31 7.25 2.64
CA LEU A 97 4.95 7.50 1.34
C LEU A 97 4.41 8.76 0.69
N ALA A 98 3.15 9.06 0.98
CA ALA A 98 2.47 10.20 0.37
C ALA A 98 2.91 11.52 0.98
N GLY A 99 3.07 11.52 2.30
CA GLY A 99 3.31 12.77 3.00
C GLY A 99 4.77 13.05 3.28
N LYS A 100 5.51 12.02 3.66
CA LYS A 100 6.91 12.20 4.07
C LYS A 100 7.76 12.69 2.90
N THR A 101 7.32 12.39 1.69
CA THR A 101 7.99 12.82 0.49
C THR A 101 7.81 14.31 0.27
N LEU A 102 6.57 14.76 0.37
CA LEU A 102 6.21 16.14 0.09
C LEU A 102 6.98 17.12 0.97
N ARG A 103 7.11 16.79 2.24
CA ARG A 103 7.86 17.63 3.17
C ARG A 103 9.34 17.61 2.84
N GLU A 104 9.79 16.52 2.24
CA GLU A 104 11.18 16.37 1.80
C GLU A 104 11.44 17.16 0.53
N TYR A 105 10.39 17.69 -0.07
CA TYR A 105 10.53 18.54 -1.24
C TYR A 105 10.32 19.99 -0.86
N GLY A 106 9.31 20.24 -0.03
CA GLY A 106 9.06 21.58 0.44
C GLY A 106 7.58 21.88 0.57
N PHE A 107 7.00 21.51 1.70
CA PHE A 107 5.59 21.77 1.95
C PHE A 107 5.40 22.52 3.26
N LYS A 108 4.28 23.22 3.37
CA LYS A 108 4.00 24.05 4.55
C LYS A 108 3.73 23.19 5.77
N THR A 109 2.59 22.52 5.78
CA THR A 109 2.18 21.72 6.92
C THR A 109 1.61 20.39 6.48
N ILE A 110 2.31 19.31 6.76
CA ILE A 110 1.88 17.99 6.35
C ILE A 110 1.74 17.06 7.56
N TYR A 111 0.58 16.41 7.66
CA TYR A 111 0.28 15.53 8.80
C TYR A 111 0.07 14.10 8.32
N ASN A 112 0.41 13.14 9.17
CA ASN A 112 0.16 11.74 8.87
C ASN A 112 -0.78 11.18 9.92
N SER A 113 -1.65 10.29 9.53
CA SER A 113 -2.70 9.83 10.41
C SER A 113 -2.21 8.75 11.37
N GLU A 114 -2.59 8.90 12.63
CA GLU A 114 -2.39 7.85 13.60
C GLU A 114 -3.56 6.87 13.51
N GLY A 115 -3.27 5.59 13.56
CA GLY A 115 -4.29 4.59 13.33
C GLY A 115 -4.43 4.30 11.85
N GLY A 116 -5.65 4.39 11.36
CA GLY A 116 -5.92 4.16 9.95
C GLY A 116 -7.38 4.35 9.64
N MET A 117 -7.83 3.79 8.51
CA MET A 117 -9.23 3.88 8.11
C MET A 117 -10.14 3.30 9.17
N ASP A 118 -9.65 2.26 9.85
CA ASP A 118 -10.40 1.62 10.92
C ASP A 118 -10.73 2.62 12.02
N LYS A 119 -9.83 3.55 12.27
CA LYS A 119 -10.03 4.55 13.32
C LYS A 119 -11.05 5.59 12.90
N TRP A 120 -11.12 5.87 11.60
CA TRP A 120 -12.08 6.82 11.09
C TRP A 120 -13.50 6.32 11.35
N LEU A 121 -13.80 5.10 10.90
CA LEU A 121 -15.11 4.49 11.13
C LEU A 121 -15.36 4.27 12.63
N GLU A 122 -14.34 3.81 13.34
CA GLU A 122 -14.44 3.51 14.77
C GLU A 122 -14.78 4.74 15.60
N GLU A 123 -14.16 5.86 15.26
CA GLU A 123 -14.39 7.10 15.98
C GLU A 123 -15.70 7.74 15.57
N GLY A 124 -16.41 7.10 14.65
CA GLY A 124 -17.69 7.60 14.21
C GLY A 124 -17.54 8.88 13.40
N LEU A 125 -16.42 9.01 12.72
CA LEU A 125 -16.14 10.18 11.91
C LEU A 125 -16.91 10.09 10.60
N PRO A 126 -17.14 11.24 9.93
CA PRO A 126 -17.87 11.29 8.66
C PRO A 126 -17.28 10.39 7.61
N SER A 127 -18.02 9.38 7.21
CA SER A 127 -17.54 8.42 6.23
C SER A 127 -18.63 8.13 5.21
N LEU A 128 -18.23 7.76 4.01
CA LEU A 128 -19.16 7.35 2.99
C LEU A 128 -19.14 5.84 2.88
N ASP A 129 -20.13 5.20 3.47
CA ASP A 129 -20.21 3.75 3.48
C ASP A 129 -21.63 3.32 3.12
N ARG A 130 -21.74 2.23 2.39
CA ARG A 130 -23.03 1.76 1.93
C ARG A 130 -23.62 0.75 2.90
N SER A 131 -24.73 1.12 3.54
CA SER A 131 -25.39 0.26 4.51
C SER A 131 -25.95 -0.98 3.83
N HIS A 132 -25.22 -2.09 3.96
CA HIS A 132 -25.65 -3.36 3.39
C HIS A 132 -26.69 -3.99 4.31
N HIS A 133 -27.85 -3.36 4.40
CA HIS A 133 -28.89 -3.77 5.34
C HIS A 133 -29.78 -4.85 4.74
N HIS A 134 -29.48 -5.24 3.52
CA HIS A 134 -30.23 -6.30 2.85
C HIS A 134 -29.54 -7.64 3.05
N HIS A 135 -29.15 -7.93 4.28
CA HIS A 135 -28.45 -9.16 4.60
C HIS A 135 -29.23 -9.98 5.62
N HIS A 136 -30.55 -10.04 5.42
CA HIS A 136 -31.41 -10.82 6.30
C HIS A 136 -31.18 -12.31 6.04
N HIS A 137 -30.74 -12.61 4.83
CA HIS A 137 -30.43 -13.96 4.40
C HIS A 137 -29.99 -13.91 2.94
N ALA B 1 1.97 29.27 -12.23
CA ALA B 1 1.96 29.39 -10.76
C ALA B 1 1.49 28.09 -10.12
N ASP B 2 2.21 27.02 -10.38
CA ASP B 2 1.87 25.71 -9.83
C ASP B 2 3.13 24.87 -9.64
N MET B 3 3.28 24.32 -8.45
CA MET B 3 4.47 23.55 -8.12
C MET B 3 4.22 22.06 -8.36
N GLY B 4 3.04 21.75 -8.88
CA GLY B 4 2.67 20.36 -9.15
C GLY B 4 3.64 19.69 -10.10
N GLU B 5 4.17 20.47 -11.03
CA GLU B 5 5.15 19.97 -11.98
C GLU B 5 6.51 19.79 -11.32
N LYS B 6 6.79 20.62 -10.33
CA LYS B 6 8.11 20.67 -9.71
C LYS B 6 8.38 19.45 -8.83
N PHE B 7 7.53 19.21 -7.83
CA PHE B 7 7.79 18.11 -6.91
C PHE B 7 7.50 16.75 -7.56
N ASP B 8 6.60 16.76 -8.54
CA ASP B 8 6.21 15.52 -9.22
C ASP B 8 7.43 14.78 -9.74
N ALA B 9 8.33 15.50 -10.39
CA ALA B 9 9.56 14.94 -10.91
C ALA B 9 10.38 14.29 -9.80
N THR B 10 10.48 14.98 -8.67
CA THR B 10 11.22 14.47 -7.54
C THR B 10 10.51 13.26 -6.92
N PHE B 11 9.19 13.34 -6.79
CA PHE B 11 8.38 12.25 -6.26
C PHE B 11 8.62 10.97 -7.06
N LYS B 12 8.55 11.12 -8.38
CA LYS B 12 8.77 10.01 -9.30
C LYS B 12 10.22 9.51 -9.25
N ALA B 13 11.14 10.38 -8.86
CA ALA B 13 12.55 10.00 -8.75
C ALA B 13 12.79 9.11 -7.54
N GLN B 14 12.14 9.45 -6.44
CA GLN B 14 12.25 8.66 -5.22
C GLN B 14 11.48 7.34 -5.38
N VAL B 15 10.25 7.46 -5.85
CA VAL B 15 9.35 6.32 -5.96
C VAL B 15 9.86 5.28 -6.97
N LYS B 16 10.51 5.73 -8.02
CA LYS B 16 11.03 4.84 -9.05
C LYS B 16 12.16 3.98 -8.52
N ALA B 17 13.02 4.58 -7.70
CA ALA B 17 14.19 3.90 -7.16
C ALA B 17 13.81 2.65 -6.38
N ALA B 18 12.65 2.70 -5.73
CA ALA B 18 12.18 1.59 -4.91
C ALA B 18 11.86 0.35 -5.74
N LYS B 19 11.38 0.54 -6.96
CA LYS B 19 11.17 -0.56 -7.90
C LYS B 19 12.48 -0.99 -8.55
N ALA B 20 13.42 -0.05 -8.57
CA ALA B 20 14.70 -0.26 -9.24
C ALA B 20 15.71 -0.95 -8.33
N ASP B 21 15.42 -1.00 -7.05
CA ASP B 21 16.34 -1.54 -6.06
C ASP B 21 16.44 -3.06 -6.12
N MET B 22 15.45 -3.70 -6.71
CA MET B 22 15.43 -5.15 -6.79
C MET B 22 15.33 -5.63 -8.23
N VAL B 23 15.37 -6.95 -8.42
CA VAL B 23 15.28 -7.56 -9.74
C VAL B 23 13.86 -7.48 -10.28
N MET B 24 13.66 -6.65 -11.29
CA MET B 24 12.34 -6.46 -11.88
C MET B 24 11.99 -7.61 -12.83
N LEU B 25 11.07 -8.45 -12.42
CA LEU B 25 10.66 -9.60 -13.21
C LEU B 25 9.24 -9.42 -13.71
N SER B 26 8.68 -10.50 -14.25
CA SER B 26 7.29 -10.53 -14.67
C SER B 26 6.63 -11.76 -14.07
N PRO B 27 5.34 -11.66 -13.69
CA PRO B 27 4.61 -12.77 -13.04
C PRO B 27 4.67 -14.09 -13.81
N LYS B 28 5.04 -14.03 -15.09
CA LYS B 28 5.21 -15.24 -15.89
C LYS B 28 6.47 -15.99 -15.49
N ASP B 29 7.56 -15.25 -15.36
CA ASP B 29 8.84 -15.82 -14.95
C ASP B 29 8.88 -16.01 -13.44
N ALA B 30 8.20 -15.11 -12.73
CA ALA B 30 8.14 -15.17 -11.29
C ALA B 30 7.39 -16.42 -10.84
N TYR B 31 6.26 -16.69 -11.46
CA TYR B 31 5.50 -17.88 -11.14
C TYR B 31 6.25 -19.14 -11.55
N LYS B 32 7.04 -19.04 -12.62
CA LYS B 32 7.82 -20.18 -13.11
C LYS B 32 8.80 -20.68 -12.05
N LEU B 33 9.53 -19.77 -11.43
CA LEU B 33 10.48 -20.14 -10.39
C LEU B 33 9.75 -20.61 -9.13
N LEU B 34 8.53 -20.13 -8.93
CA LEU B 34 7.72 -20.54 -7.79
C LEU B 34 7.22 -21.97 -7.99
N GLN B 35 6.72 -22.24 -9.19
CA GLN B 35 6.08 -23.51 -9.49
C GLN B 35 7.10 -24.64 -9.62
N GLU B 36 8.34 -24.31 -9.93
CA GLU B 36 9.36 -25.33 -10.11
C GLU B 36 10.33 -25.39 -8.93
N ASN B 37 10.24 -24.42 -8.03
CA ASN B 37 11.10 -24.41 -6.85
C ASN B 37 10.26 -24.22 -5.59
N PRO B 38 10.16 -25.27 -4.76
CA PRO B 38 9.36 -25.24 -3.53
C PRO B 38 9.97 -24.36 -2.44
N ASP B 39 11.13 -23.79 -2.71
CA ASP B 39 11.83 -22.97 -1.73
C ASP B 39 11.72 -21.49 -2.06
N ILE B 40 11.54 -21.17 -3.33
CA ILE B 40 11.34 -19.79 -3.75
C ILE B 40 9.90 -19.38 -3.45
N THR B 41 9.75 -18.50 -2.48
CA THR B 41 8.44 -18.12 -1.99
C THR B 41 7.98 -16.79 -2.56
N LEU B 42 6.67 -16.67 -2.81
CA LEU B 42 6.11 -15.40 -3.26
C LEU B 42 5.35 -14.74 -2.11
N ILE B 43 5.71 -13.51 -1.82
CA ILE B 43 5.00 -12.73 -0.81
C ILE B 43 4.12 -11.71 -1.51
N ASP B 44 2.82 -11.89 -1.36
CA ASP B 44 1.88 -10.99 -1.99
C ASP B 44 1.33 -10.02 -0.97
N VAL B 45 1.29 -8.75 -1.34
CA VAL B 45 0.82 -7.71 -0.46
C VAL B 45 -0.34 -6.97 -1.11
N ARG B 46 -1.55 -7.38 -0.72
CA ARG B 46 -2.77 -6.80 -1.26
C ARG B 46 -3.85 -6.84 -0.20
N ASP B 47 -4.92 -6.08 -0.43
CA ASP B 47 -6.03 -6.04 0.51
C ASP B 47 -6.82 -7.33 0.47
N PRO B 48 -7.20 -7.87 1.64
CA PRO B 48 -7.92 -9.14 1.74
C PRO B 48 -9.32 -9.11 1.10
N ASP B 49 -9.95 -7.94 1.05
CA ASP B 49 -11.24 -7.81 0.40
C ASP B 49 -11.07 -7.77 -1.11
N GLU B 50 -9.97 -7.17 -1.55
CA GLU B 50 -9.59 -7.21 -2.96
C GLU B 50 -9.27 -8.63 -3.39
N LEU B 51 -8.70 -9.39 -2.46
CA LEU B 51 -8.37 -10.80 -2.69
C LEU B 51 -9.65 -11.62 -2.89
N LYS B 52 -10.68 -11.23 -2.17
CA LYS B 52 -11.98 -11.90 -2.27
C LYS B 52 -12.63 -11.60 -3.63
N ALA B 53 -12.49 -10.35 -4.07
CA ALA B 53 -13.16 -9.89 -5.26
C ALA B 53 -12.46 -10.31 -6.54
N MET B 54 -11.14 -10.10 -6.60
CA MET B 54 -10.40 -10.32 -7.84
C MET B 54 -9.72 -11.69 -7.85
N GLY B 55 -9.27 -12.12 -6.67
CA GLY B 55 -8.60 -13.38 -6.56
C GLY B 55 -7.19 -13.22 -6.04
N LYS B 56 -6.53 -14.34 -5.76
CA LYS B 56 -5.15 -14.32 -5.28
C LYS B 56 -4.37 -15.46 -5.92
N PRO B 57 -3.04 -15.34 -6.03
CA PRO B 57 -2.20 -16.36 -6.68
C PRO B 57 -2.32 -17.72 -6.01
N ASP B 58 -2.67 -18.72 -6.80
CA ASP B 58 -2.79 -20.08 -6.29
C ASP B 58 -1.52 -20.87 -6.58
N VAL B 59 -0.47 -20.57 -5.85
CA VAL B 59 0.78 -21.30 -5.98
C VAL B 59 1.05 -22.08 -4.69
N LYS B 60 2.06 -22.94 -4.73
CA LYS B 60 2.33 -23.82 -3.59
C LYS B 60 3.02 -23.07 -2.45
N ASN B 61 3.79 -22.05 -2.82
CA ASN B 61 4.54 -21.27 -1.84
C ASN B 61 4.16 -19.81 -1.91
N TYR B 62 2.93 -19.52 -1.57
CA TYR B 62 2.44 -18.16 -1.54
C TYR B 62 2.09 -17.77 -0.12
N LYS B 63 2.67 -16.68 0.36
CA LYS B 63 2.40 -16.20 1.70
C LYS B 63 1.90 -14.76 1.67
N HIS B 64 0.69 -14.55 2.17
CA HIS B 64 0.13 -13.21 2.25
C HIS B 64 0.67 -12.50 3.47
N MET B 65 1.42 -11.43 3.27
CA MET B 65 1.99 -10.69 4.39
C MET B 65 1.35 -9.30 4.44
N SER B 66 0.28 -9.18 5.20
CA SER B 66 -0.49 -7.94 5.21
C SER B 66 -0.59 -7.35 6.62
N ARG B 67 0.40 -6.53 6.96
CA ARG B 67 0.33 -5.73 8.18
C ARG B 67 0.20 -4.27 7.80
N GLY B 68 1.05 -3.40 8.35
CA GLY B 68 1.12 -2.05 7.82
C GLY B 68 2.04 -2.02 6.64
N LYS B 69 3.17 -2.70 6.81
CA LYS B 69 4.08 -2.96 5.72
C LYS B 69 4.78 -4.29 5.95
N LEU B 70 3.96 -5.29 6.33
CA LEU B 70 4.38 -6.69 6.52
C LEU B 70 5.48 -6.89 7.57
N GLU B 71 5.97 -5.80 8.15
CA GLU B 71 7.07 -5.83 9.12
C GLU B 71 6.92 -6.94 10.17
N PRO B 72 5.85 -6.94 11.00
CA PRO B 72 5.65 -7.94 12.05
C PRO B 72 5.25 -9.31 11.52
N LEU B 73 4.81 -9.34 10.27
CA LEU B 73 4.32 -10.58 9.67
C LEU B 73 5.46 -11.41 9.09
N LEU B 74 6.61 -10.78 8.92
CA LEU B 74 7.79 -11.44 8.36
C LEU B 74 8.19 -12.64 9.20
N ALA B 75 8.28 -12.43 10.51
CA ALA B 75 8.67 -13.50 11.43
C ALA B 75 7.60 -14.58 11.51
N LYS B 76 6.36 -14.20 11.23
CA LYS B 76 5.23 -15.12 11.36
C LYS B 76 5.19 -16.14 10.22
N SER B 77 5.69 -15.77 9.05
CA SER B 77 5.66 -16.66 7.90
C SER B 77 6.67 -17.79 8.06
N GLY B 78 7.78 -17.49 8.68
CA GLY B 78 8.84 -18.47 8.81
C GLY B 78 9.81 -18.38 7.66
N LEU B 79 10.29 -17.17 7.40
CA LEU B 79 11.21 -16.93 6.30
C LEU B 79 12.64 -16.91 6.81
N ASP B 80 13.56 -17.34 5.95
CA ASP B 80 14.99 -17.28 6.27
C ASP B 80 15.74 -16.78 5.05
N PRO B 81 16.72 -15.88 5.24
CA PRO B 81 17.46 -15.23 4.15
C PRO B 81 18.34 -16.17 3.33
N GLU B 82 18.01 -17.45 3.32
CA GLU B 82 18.72 -18.41 2.49
C GLU B 82 17.83 -18.86 1.34
N LYS B 83 16.65 -18.26 1.26
CA LYS B 83 15.67 -18.62 0.25
C LYS B 83 15.35 -17.43 -0.65
N PRO B 84 15.35 -17.63 -1.98
CA PRO B 84 14.95 -16.60 -2.94
C PRO B 84 13.45 -16.33 -2.84
N VAL B 85 13.05 -15.08 -3.00
CA VAL B 85 11.67 -14.70 -2.86
C VAL B 85 11.27 -13.65 -3.87
N VAL B 86 10.00 -13.64 -4.25
CA VAL B 86 9.46 -12.63 -5.14
C VAL B 86 8.23 -11.99 -4.51
N VAL B 87 8.07 -10.70 -4.72
CA VAL B 87 6.92 -9.98 -4.19
C VAL B 87 5.95 -9.70 -5.33
N PHE B 88 4.67 -9.47 -5.03
CA PHE B 88 3.69 -9.29 -6.09
C PHE B 88 2.93 -7.95 -6.00
N CYS B 89 3.23 -7.09 -6.99
CA CYS B 89 2.59 -5.78 -7.18
C CYS B 89 3.29 -4.68 -6.40
N LYS B 90 4.12 -3.91 -7.10
CA LYS B 90 4.76 -2.73 -6.52
C LYS B 90 3.80 -1.54 -6.55
N THR B 91 2.60 -1.78 -7.03
CA THR B 91 1.58 -0.75 -7.15
C THR B 91 0.66 -0.75 -5.92
N ALA B 92 0.00 0.39 -5.69
CA ALA B 92 -0.94 0.56 -4.57
C ALA B 92 -0.27 0.31 -3.21
N ALA B 93 -0.25 -0.95 -2.78
CA ALA B 93 0.35 -1.33 -1.51
C ALA B 93 1.86 -1.23 -1.59
N ARG B 94 2.39 -1.39 -2.81
CA ARG B 94 3.81 -1.27 -3.09
C ARG B 94 4.62 -2.43 -2.48
N ALA B 95 4.68 -3.54 -3.22
CA ALA B 95 5.49 -4.68 -2.82
C ALA B 95 6.98 -4.34 -2.83
N ALA B 96 7.30 -3.20 -3.45
CA ALA B 96 8.68 -2.73 -3.51
C ALA B 96 9.26 -2.55 -2.12
N LEU B 97 8.40 -2.22 -1.15
CA LEU B 97 8.81 -2.11 0.24
C LEU B 97 8.98 -3.50 0.84
N ALA B 98 8.23 -4.46 0.32
CA ALA B 98 8.29 -5.83 0.80
C ALA B 98 9.59 -6.51 0.38
N GLY B 99 10.11 -6.12 -0.77
CA GLY B 99 11.27 -6.78 -1.31
C GLY B 99 12.57 -5.99 -1.14
N LYS B 100 12.53 -4.70 -1.45
CA LYS B 100 13.73 -3.89 -1.42
C LYS B 100 14.33 -3.82 -0.02
N THR B 101 13.46 -3.85 0.99
CA THR B 101 13.92 -3.84 2.37
C THR B 101 14.52 -5.20 2.76
N LEU B 102 13.93 -6.26 2.24
CA LEU B 102 14.34 -7.62 2.57
C LEU B 102 15.74 -7.95 2.06
N ARG B 103 16.07 -7.48 0.86
CA ARG B 103 17.40 -7.77 0.29
C ARG B 103 18.50 -7.09 1.11
N GLU B 104 18.14 -6.01 1.79
CA GLU B 104 19.04 -5.30 2.67
C GLU B 104 19.21 -6.03 4.01
N TYR B 105 18.43 -7.09 4.20
CA TYR B 105 18.50 -7.85 5.43
C TYR B 105 19.21 -9.18 5.21
N GLY B 106 19.50 -9.49 3.95
CA GLY B 106 20.34 -10.65 3.66
C GLY B 106 19.69 -11.66 2.74
N PHE B 107 18.50 -11.34 2.24
CA PHE B 107 17.79 -12.25 1.35
C PHE B 107 18.51 -12.37 0.01
N LYS B 108 18.73 -13.61 -0.40
CA LYS B 108 19.55 -13.92 -1.57
C LYS B 108 19.03 -13.24 -2.83
N THR B 109 18.01 -13.82 -3.45
CA THR B 109 17.46 -13.30 -4.69
C THR B 109 16.03 -12.84 -4.50
N ILE B 110 15.81 -11.56 -4.66
CA ILE B 110 14.50 -10.98 -4.46
C ILE B 110 13.98 -10.34 -5.76
N TYR B 111 12.79 -10.73 -6.17
CA TYR B 111 12.22 -10.27 -7.44
C TYR B 111 11.01 -9.39 -7.18
N ASN B 112 10.83 -8.37 -8.02
CA ASN B 112 9.67 -7.49 -7.93
C ASN B 112 8.86 -7.60 -9.19
N SER B 113 7.56 -7.54 -9.04
CA SER B 113 6.66 -7.72 -10.15
C SER B 113 6.48 -6.44 -10.95
N GLU B 114 6.55 -6.58 -12.25
CA GLU B 114 6.08 -5.52 -13.13
C GLU B 114 4.60 -5.78 -13.42
N GLY B 115 3.87 -4.72 -13.72
CA GLY B 115 2.45 -4.82 -13.86
C GLY B 115 1.75 -4.76 -12.52
N GLY B 116 1.22 -5.88 -12.08
CA GLY B 116 0.59 -5.93 -10.77
C GLY B 116 -0.34 -7.11 -10.65
N MET B 117 -1.31 -7.01 -9.75
CA MET B 117 -2.29 -8.07 -9.55
C MET B 117 -3.10 -8.30 -10.82
N ASP B 118 -3.35 -7.20 -11.55
CA ASP B 118 -4.07 -7.27 -12.81
C ASP B 118 -3.35 -8.19 -13.79
N LYS B 119 -2.03 -8.14 -13.78
CA LYS B 119 -1.22 -8.97 -14.68
C LYS B 119 -1.35 -10.44 -14.37
N TRP B 120 -1.52 -10.78 -13.09
CA TRP B 120 -1.70 -12.17 -12.70
C TRP B 120 -2.94 -12.75 -13.38
N LEU B 121 -4.07 -12.07 -13.22
CA LEU B 121 -5.31 -12.49 -13.87
C LEU B 121 -5.19 -12.40 -15.40
N GLU B 122 -4.54 -11.34 -15.87
CA GLU B 122 -4.38 -11.11 -17.31
C GLU B 122 -3.60 -12.24 -17.98
N GLU B 123 -2.56 -12.71 -17.30
CA GLU B 123 -1.72 -13.78 -17.84
C GLU B 123 -2.44 -15.12 -17.76
N GLY B 124 -3.54 -15.15 -17.03
CA GLY B 124 -4.30 -16.38 -16.87
C GLY B 124 -3.60 -17.35 -15.94
N LEU B 125 -2.91 -16.80 -14.95
CA LEU B 125 -2.16 -17.60 -14.01
C LEU B 125 -3.08 -18.17 -12.94
N PRO B 126 -2.65 -19.25 -12.27
CA PRO B 126 -3.44 -19.91 -11.22
C PRO B 126 -3.88 -18.94 -10.14
N SER B 127 -5.19 -18.81 -9.97
CA SER B 127 -5.72 -17.88 -9.01
C SER B 127 -6.81 -18.56 -8.18
N LEU B 128 -6.99 -18.08 -6.95
CA LEU B 128 -8.04 -18.58 -6.09
C LEU B 128 -9.19 -17.60 -6.07
N ASP B 129 -10.24 -17.94 -6.82
CA ASP B 129 -11.38 -17.05 -6.99
C ASP B 129 -12.67 -17.83 -6.85
N ARG B 130 -13.63 -17.26 -6.12
CA ARG B 130 -14.94 -17.87 -5.98
C ARG B 130 -15.84 -17.38 -7.11
N SER B 131 -15.64 -17.99 -8.27
CA SER B 131 -16.27 -17.55 -9.51
C SER B 131 -17.75 -17.25 -9.33
N HIS B 132 -18.14 -16.03 -9.70
CA HIS B 132 -19.51 -15.58 -9.61
C HIS B 132 -20.31 -16.05 -10.82
N HIS B 133 -20.52 -17.36 -10.88
CA HIS B 133 -21.17 -18.00 -12.03
C HIS B 133 -22.63 -17.54 -12.17
N HIS B 134 -23.31 -17.35 -11.04
CA HIS B 134 -24.72 -17.03 -11.06
C HIS B 134 -24.98 -15.53 -10.98
N HIS B 135 -23.91 -14.74 -10.97
CA HIS B 135 -24.05 -13.29 -10.93
C HIS B 135 -24.37 -12.73 -12.30
N HIS B 136 -25.55 -13.07 -12.82
CA HIS B 136 -26.00 -12.56 -14.09
C HIS B 136 -26.49 -11.11 -13.94
N HIS B 137 -27.03 -10.81 -12.76
CA HIS B 137 -27.46 -9.47 -12.43
C HIS B 137 -27.89 -9.44 -10.97
N ALA A 1 18.85 -20.41 7.67
CA ALA A 1 19.06 -19.43 8.76
C ALA A 1 17.73 -19.02 9.36
N ASP A 2 17.56 -19.27 10.66
CA ASP A 2 16.34 -18.92 11.36
C ASP A 2 16.35 -17.45 11.73
N MET A 3 16.30 -16.60 10.71
CA MET A 3 16.44 -15.16 10.89
C MET A 3 15.08 -14.48 10.99
N GLY A 4 14.04 -15.25 11.29
CA GLY A 4 12.71 -14.68 11.43
C GLY A 4 12.63 -13.71 12.58
N GLU A 5 13.07 -14.16 13.74
CA GLU A 5 13.15 -13.31 14.93
C GLU A 5 14.08 -12.13 14.69
N LYS A 6 15.09 -12.37 13.86
CA LYS A 6 16.13 -11.39 13.60
C LYS A 6 15.58 -10.17 12.86
N PHE A 7 14.99 -10.37 11.68
CA PHE A 7 14.53 -9.23 10.87
C PHE A 7 13.15 -8.73 11.30
N ASP A 8 12.36 -9.59 11.94
CA ASP A 8 11.00 -9.25 12.36
C ASP A 8 10.99 -7.96 13.19
N ALA A 9 11.96 -7.85 14.09
CA ALA A 9 12.09 -6.68 14.93
C ALA A 9 12.60 -5.48 14.13
N THR A 10 13.52 -5.75 13.21
CA THR A 10 14.12 -4.70 12.41
C THR A 10 13.11 -4.04 11.47
N PHE A 11 12.28 -4.86 10.83
CA PHE A 11 11.28 -4.35 9.90
C PHE A 11 10.35 -3.36 10.60
N LYS A 12 9.98 -3.72 11.83
CA LYS A 12 9.17 -2.88 12.68
C LYS A 12 9.92 -1.60 13.06
N ALA A 13 11.24 -1.67 13.06
CA ALA A 13 12.09 -0.53 13.36
C ALA A 13 12.16 0.43 12.18
N GLN A 14 12.37 -0.12 10.99
CA GLN A 14 12.54 0.71 9.80
C GLN A 14 11.23 1.37 9.40
N VAL A 15 10.17 0.56 9.27
CA VAL A 15 8.86 1.06 8.86
C VAL A 15 8.37 2.15 9.82
N LYS A 16 8.70 2.00 11.10
CA LYS A 16 8.32 2.98 12.11
C LYS A 16 8.96 4.34 11.83
N ALA A 17 10.18 4.32 11.32
CA ALA A 17 10.91 5.54 11.00
C ALA A 17 10.21 6.34 9.89
N ALA A 18 9.46 5.63 9.05
CA ALA A 18 8.69 6.28 8.00
C ALA A 18 7.55 7.09 8.59
N LYS A 19 7.02 6.62 9.71
CA LYS A 19 6.01 7.35 10.47
C LYS A 19 6.64 8.50 11.26
N ALA A 20 7.93 8.40 11.48
CA ALA A 20 8.68 9.39 12.24
C ALA A 20 8.99 10.61 11.40
N ASP A 21 8.97 10.44 10.08
CA ASP A 21 9.32 11.52 9.15
C ASP A 21 8.20 12.56 9.03
N MET A 22 7.01 12.21 9.49
CA MET A 22 5.87 13.11 9.39
C MET A 22 5.29 13.42 10.76
N VAL A 23 4.24 14.22 10.76
CA VAL A 23 3.50 14.52 11.98
C VAL A 23 2.41 13.49 12.20
N MET A 24 2.64 12.59 13.15
CA MET A 24 1.69 11.52 13.42
C MET A 24 0.46 12.05 14.12
N LEU A 25 -0.60 12.25 13.35
CA LEU A 25 -1.81 12.85 13.88
C LEU A 25 -2.98 11.88 13.81
N SER A 26 -3.82 11.93 14.83
CA SER A 26 -5.01 11.09 14.89
C SER A 26 -6.12 11.72 14.06
N PRO A 27 -6.88 10.90 13.30
CA PRO A 27 -7.93 11.37 12.39
C PRO A 27 -8.97 12.30 13.05
N LYS A 28 -8.99 12.33 14.38
CA LYS A 28 -9.88 13.24 15.10
C LYS A 28 -9.37 14.67 15.00
N ASP A 29 -8.08 14.85 15.22
CA ASP A 29 -7.45 16.17 15.07
C ASP A 29 -7.19 16.48 13.61
N ALA A 30 -6.89 15.43 12.84
CA ALA A 30 -6.63 15.58 11.42
C ALA A 30 -7.87 16.10 10.71
N TYR A 31 -9.03 15.60 11.12
CA TYR A 31 -10.29 16.07 10.56
C TYR A 31 -10.64 17.46 11.09
N LYS A 32 -10.24 17.74 12.33
CA LYS A 32 -10.51 19.02 12.96
C LYS A 32 -9.96 20.17 12.12
N LEU A 33 -8.68 20.08 11.75
CA LEU A 33 -8.07 21.11 10.92
C LEU A 33 -8.56 21.01 9.47
N LEU A 34 -8.94 19.80 9.07
CA LEU A 34 -9.46 19.57 7.73
C LEU A 34 -10.73 20.36 7.49
N GLN A 35 -11.68 20.25 8.41
CA GLN A 35 -12.95 20.93 8.27
C GLN A 35 -12.82 22.42 8.58
N GLU A 36 -11.86 22.78 9.42
CA GLU A 36 -11.67 24.16 9.82
C GLU A 36 -10.99 24.97 8.72
N ASN A 37 -10.13 24.31 7.96
CA ASN A 37 -9.38 24.97 6.90
C ASN A 37 -9.70 24.37 5.54
N PRO A 38 -10.33 25.15 4.65
CA PRO A 38 -10.70 24.69 3.30
C PRO A 38 -9.49 24.46 2.40
N ASP A 39 -8.30 24.70 2.93
CA ASP A 39 -7.08 24.51 2.18
C ASP A 39 -6.36 23.24 2.64
N ILE A 40 -6.73 22.77 3.83
CA ILE A 40 -6.21 21.51 4.32
C ILE A 40 -6.87 20.36 3.59
N THR A 41 -6.09 19.64 2.83
CA THR A 41 -6.61 18.55 2.02
C THR A 41 -6.20 17.20 2.60
N LEU A 42 -7.11 16.25 2.58
CA LEU A 42 -6.79 14.90 3.00
C LEU A 42 -6.64 14.02 1.77
N ILE A 43 -5.47 13.43 1.62
CA ILE A 43 -5.22 12.51 0.53
C ILE A 43 -5.24 11.09 1.07
N ASP A 44 -6.21 10.33 0.65
CA ASP A 44 -6.35 8.96 1.10
C ASP A 44 -5.86 8.02 0.04
N VAL A 45 -5.17 6.98 0.45
CA VAL A 45 -4.78 5.94 -0.47
C VAL A 45 -5.32 4.59 0.02
N ARG A 46 -6.48 4.24 -0.49
CA ARG A 46 -7.12 2.99 -0.15
C ARG A 46 -7.83 2.44 -1.38
N ASP A 47 -7.97 1.14 -1.43
CA ASP A 47 -8.49 0.46 -2.61
C ASP A 47 -10.00 0.58 -2.66
N PRO A 48 -10.55 0.76 -3.87
CA PRO A 48 -11.98 1.06 -4.08
C PRO A 48 -12.91 -0.01 -3.53
N ASP A 49 -12.43 -1.24 -3.43
CA ASP A 49 -13.27 -2.33 -2.93
C ASP A 49 -13.39 -2.27 -1.41
N GLU A 50 -12.31 -1.92 -0.72
CA GLU A 50 -12.35 -1.74 0.72
C GLU A 50 -13.09 -0.45 1.05
N LEU A 51 -12.88 0.57 0.22
CA LEU A 51 -13.60 1.84 0.34
C LEU A 51 -15.10 1.61 0.21
N LYS A 52 -15.47 0.63 -0.60
CA LYS A 52 -16.86 0.28 -0.80
C LYS A 52 -17.38 -0.50 0.40
N ALA A 53 -16.52 -1.34 0.96
CA ALA A 53 -16.92 -2.24 2.05
C ALA A 53 -17.00 -1.53 3.39
N MET A 54 -15.94 -0.80 3.75
CA MET A 54 -15.87 -0.18 5.07
C MET A 54 -16.25 1.30 5.01
N GLY A 55 -15.87 1.95 3.92
CA GLY A 55 -16.22 3.34 3.74
C GLY A 55 -14.99 4.20 3.45
N LYS A 56 -15.23 5.49 3.24
CA LYS A 56 -14.17 6.45 3.00
C LYS A 56 -14.49 7.75 3.71
N PRO A 57 -13.48 8.56 4.07
CA PRO A 57 -13.71 9.79 4.81
C PRO A 57 -14.58 10.79 4.04
N ASP A 58 -15.68 11.19 4.65
CA ASP A 58 -16.54 12.22 4.09
C ASP A 58 -16.02 13.59 4.54
N VAL A 59 -15.19 14.19 3.70
CA VAL A 59 -14.58 15.46 4.03
C VAL A 59 -14.75 16.44 2.87
N LYS A 60 -14.80 17.73 3.20
CA LYS A 60 -15.00 18.77 2.19
C LYS A 60 -13.82 18.83 1.23
N ASN A 61 -12.64 18.57 1.77
CA ASN A 61 -11.42 18.62 0.97
C ASN A 61 -10.77 17.25 0.89
N TYR A 62 -11.46 16.33 0.24
CA TYR A 62 -11.01 14.96 0.14
C TYR A 62 -10.52 14.65 -1.26
N LYS A 63 -9.27 14.20 -1.38
CA LYS A 63 -8.74 13.80 -2.67
C LYS A 63 -8.25 12.35 -2.57
N HIS A 64 -8.96 11.45 -3.21
CA HIS A 64 -8.61 10.04 -3.18
C HIS A 64 -7.73 9.71 -4.38
N MET A 65 -6.49 9.34 -4.11
CA MET A 65 -5.55 9.00 -5.17
C MET A 65 -5.40 7.49 -5.27
N SER A 66 -4.71 7.05 -6.31
CA SER A 66 -4.39 5.65 -6.47
C SER A 66 -3.26 5.27 -5.51
N ARG A 67 -2.99 3.98 -5.35
CA ARG A 67 -1.98 3.55 -4.39
C ARG A 67 -0.60 3.54 -5.01
N GLY A 68 -0.51 2.96 -6.21
CA GLY A 68 0.75 2.94 -6.91
C GLY A 68 0.77 4.01 -7.98
N LYS A 69 -0.38 4.23 -8.59
CA LYS A 69 -0.52 5.24 -9.63
C LYS A 69 -0.92 6.58 -9.03
N LEU A 70 -0.52 6.82 -7.79
CA LEU A 70 -0.79 8.09 -7.14
C LEU A 70 0.05 9.19 -7.78
N GLU A 71 1.30 8.85 -8.06
CA GLU A 71 2.26 9.83 -8.59
C GLU A 71 1.67 10.65 -9.76
N PRO A 72 1.14 10.01 -10.83
CA PRO A 72 0.55 10.74 -11.96
C PRO A 72 -0.81 11.36 -11.63
N LEU A 73 -1.43 10.89 -10.55
CA LEU A 73 -2.75 11.38 -10.17
C LEU A 73 -2.65 12.61 -9.28
N LEU A 74 -1.46 12.84 -8.74
CA LEU A 74 -1.21 13.96 -7.84
C LEU A 74 -1.54 15.29 -8.52
N ALA A 75 -0.95 15.50 -9.68
CA ALA A 75 -1.15 16.73 -10.44
C ALA A 75 -2.55 16.80 -11.04
N LYS A 76 -3.12 15.63 -11.29
CA LYS A 76 -4.46 15.54 -11.87
C LYS A 76 -5.52 15.92 -10.83
N SER A 77 -5.22 15.67 -9.57
CA SER A 77 -6.13 16.01 -8.49
C SER A 77 -6.06 17.51 -8.21
N GLY A 78 -4.86 18.06 -8.30
CA GLY A 78 -4.70 19.48 -8.09
C GLY A 78 -4.26 19.82 -6.68
N LEU A 79 -2.96 19.69 -6.45
CA LEU A 79 -2.38 20.00 -5.15
C LEU A 79 -1.31 21.06 -5.30
N ASP A 80 -1.15 21.89 -4.28
CA ASP A 80 -0.16 22.96 -4.30
C ASP A 80 0.71 22.87 -3.04
N PRO A 81 2.02 23.08 -3.19
CA PRO A 81 2.99 22.83 -2.11
C PRO A 81 2.91 23.82 -0.94
N GLU A 82 2.01 24.78 -1.02
CA GLU A 82 1.79 25.70 0.08
C GLU A 82 0.57 25.29 0.87
N LYS A 83 0.05 24.11 0.56
CA LYS A 83 -1.15 23.60 1.21
C LYS A 83 -0.81 22.54 2.25
N PRO A 84 -1.32 22.72 3.47
CA PRO A 84 -1.16 21.72 4.53
C PRO A 84 -2.05 20.51 4.26
N VAL A 85 -1.46 19.34 4.18
CA VAL A 85 -2.19 18.15 3.79
C VAL A 85 -1.91 17.00 4.75
N VAL A 86 -2.87 16.10 4.86
CA VAL A 86 -2.72 14.92 5.68
C VAL A 86 -3.04 13.68 4.83
N VAL A 87 -2.31 12.60 5.04
CA VAL A 87 -2.53 11.39 4.28
C VAL A 87 -3.25 10.34 5.11
N PHE A 88 -4.24 9.70 4.51
CA PHE A 88 -5.05 8.72 5.21
C PHE A 88 -4.94 7.35 4.56
N CYS A 89 -4.97 6.31 5.39
CA CYS A 89 -4.89 4.93 4.94
C CYS A 89 -4.88 3.99 6.14
N LYS A 90 -3.75 3.97 6.82
CA LYS A 90 -3.59 3.20 8.05
C LYS A 90 -2.37 3.70 8.80
N THR A 91 -1.73 2.80 9.55
CA THR A 91 -0.63 3.19 10.42
C THR A 91 0.72 2.68 9.89
N ALA A 92 0.85 2.52 8.59
CA ALA A 92 2.06 1.95 8.03
C ALA A 92 2.67 2.81 6.94
N ALA A 93 3.76 2.31 6.35
CA ALA A 93 4.52 3.02 5.33
C ALA A 93 3.69 3.35 4.10
N ARG A 94 2.65 2.55 3.84
CA ARG A 94 1.80 2.72 2.65
C ARG A 94 1.35 4.17 2.49
N ALA A 95 0.88 4.78 3.58
CA ALA A 95 0.47 6.17 3.56
C ALA A 95 1.70 7.09 3.60
N ALA A 96 2.72 6.65 4.33
CA ALA A 96 3.95 7.41 4.50
C ALA A 96 4.65 7.68 3.17
N LEU A 97 4.45 6.81 2.20
CA LEU A 97 5.07 6.99 0.88
C LEU A 97 4.47 8.21 0.18
N ALA A 98 3.18 8.43 0.38
CA ALA A 98 2.52 9.59 -0.19
C ALA A 98 2.93 10.86 0.55
N GLY A 99 2.92 10.78 1.88
CA GLY A 99 3.25 11.94 2.69
C GLY A 99 4.72 12.33 2.64
N LYS A 100 5.60 11.37 2.91
CA LYS A 100 7.02 11.66 3.01
C LYS A 100 7.58 12.18 1.70
N THR A 101 7.07 11.66 0.58
CA THR A 101 7.52 12.09 -0.72
C THR A 101 7.01 13.52 -1.02
N LEU A 102 5.81 13.83 -0.55
CA LEU A 102 5.24 15.17 -0.72
C LEU A 102 6.04 16.21 0.06
N ARG A 103 6.34 15.90 1.33
CA ARG A 103 7.13 16.82 2.16
C ARG A 103 8.57 16.90 1.64
N GLU A 104 9.00 15.82 0.99
CA GLU A 104 10.32 15.76 0.37
C GLU A 104 10.40 16.72 -0.83
N TYR A 105 9.28 17.32 -1.22
CA TYR A 105 9.27 18.24 -2.35
C TYR A 105 9.06 19.68 -1.90
N GLY A 106 8.70 19.85 -0.63
CA GLY A 106 8.60 21.19 -0.08
C GLY A 106 7.19 21.53 0.39
N PHE A 107 6.37 20.52 0.61
CA PHE A 107 5.03 20.74 1.14
C PHE A 107 5.13 21.28 2.56
N LYS A 108 4.26 22.23 2.88
CA LYS A 108 4.33 22.96 4.14
C LYS A 108 4.15 22.04 5.35
N THR A 109 2.91 21.80 5.71
CA THR A 109 2.59 20.99 6.87
C THR A 109 1.92 19.69 6.47
N ILE A 110 2.63 18.59 6.62
CA ILE A 110 2.14 17.29 6.19
C ILE A 110 1.91 16.36 7.38
N TYR A 111 0.73 15.78 7.46
CA TYR A 111 0.36 14.93 8.58
C TYR A 111 0.19 13.48 8.13
N ASN A 112 0.66 12.56 8.94
CA ASN A 112 0.48 11.14 8.67
C ASN A 112 -0.37 10.53 9.77
N SER A 113 -1.22 9.57 9.42
CA SER A 113 -2.17 9.04 10.38
C SER A 113 -1.54 8.00 11.30
N GLU A 114 -1.75 8.18 12.60
CA GLU A 114 -1.34 7.19 13.60
C GLU A 114 -2.52 6.30 13.94
N GLY A 115 -3.52 6.31 13.07
CA GLY A 115 -4.70 5.50 13.25
C GLY A 115 -5.03 4.70 12.02
N GLY A 116 -5.50 5.39 10.99
CA GLY A 116 -5.83 4.72 9.76
C GLY A 116 -7.32 4.79 9.47
N MET A 117 -7.71 4.25 8.32
CA MET A 117 -9.11 4.28 7.89
C MET A 117 -10.02 3.64 8.93
N ASP A 118 -9.54 2.57 9.54
CA ASP A 118 -10.30 1.87 10.57
C ASP A 118 -10.53 2.77 11.78
N LYS A 119 -9.61 3.70 12.00
CA LYS A 119 -9.75 4.67 13.08
C LYS A 119 -10.78 5.74 12.74
N TRP A 120 -10.89 6.07 11.46
CA TRP A 120 -11.88 7.05 11.00
C TRP A 120 -13.27 6.59 11.43
N LEU A 121 -13.61 5.35 11.06
CA LEU A 121 -14.87 4.74 11.48
C LEU A 121 -14.92 4.59 13.01
N GLU A 122 -13.77 4.26 13.59
CA GLU A 122 -13.65 4.06 15.03
C GLU A 122 -14.02 5.32 15.81
N GLU A 123 -13.60 6.46 15.30
CA GLU A 123 -13.85 7.73 15.99
C GLU A 123 -15.25 8.25 15.71
N GLY A 124 -15.99 7.53 14.86
CA GLY A 124 -17.32 7.95 14.51
C GLY A 124 -17.31 9.20 13.66
N LEU A 125 -16.26 9.33 12.86
CA LEU A 125 -16.09 10.49 12.02
C LEU A 125 -16.97 10.39 10.77
N PRO A 126 -17.20 11.50 10.06
CA PRO A 126 -17.99 11.52 8.83
C PRO A 126 -17.42 10.58 7.79
N SER A 127 -18.16 9.53 7.48
CA SER A 127 -17.72 8.56 6.50
C SER A 127 -18.72 8.48 5.37
N LEU A 128 -18.23 8.14 4.19
CA LEU A 128 -19.07 8.01 3.01
C LEU A 128 -19.40 6.55 2.78
N ASP A 129 -20.59 6.16 3.17
CA ASP A 129 -21.07 4.81 2.97
C ASP A 129 -22.35 4.86 2.16
N ARG A 130 -22.56 3.86 1.31
CA ARG A 130 -23.74 3.80 0.46
C ARG A 130 -25.00 3.86 1.32
N SER A 131 -25.62 5.03 1.33
CA SER A 131 -26.68 5.31 2.28
C SER A 131 -27.99 4.66 1.87
N HIS A 132 -28.60 3.96 2.82
CA HIS A 132 -29.88 3.31 2.61
C HIS A 132 -31.00 4.34 2.72
N HIS A 133 -31.27 5.03 1.62
CA HIS A 133 -32.30 6.05 1.58
C HIS A 133 -32.76 6.24 0.14
N HIS A 134 -33.83 6.99 -0.06
CA HIS A 134 -34.29 7.31 -1.40
C HIS A 134 -33.47 8.46 -1.95
N HIS A 135 -32.19 8.19 -2.17
CA HIS A 135 -31.24 9.22 -2.54
C HIS A 135 -30.38 8.77 -3.72
N HIS A 136 -30.57 9.40 -4.87
CA HIS A 136 -29.76 9.08 -6.04
C HIS A 136 -28.46 9.86 -6.01
N HIS A 137 -27.55 9.53 -6.91
CA HIS A 137 -26.29 10.24 -7.01
C HIS A 137 -26.37 11.30 -8.09
N ALA B 1 -0.41 28.74 -6.79
CA ALA B 1 0.82 28.10 -7.31
C ALA B 1 0.52 26.70 -7.83
N ASP B 2 0.35 26.57 -9.13
CA ASP B 2 0.07 25.28 -9.73
C ASP B 2 1.36 24.55 -10.04
N MET B 3 1.96 24.00 -9.00
CA MET B 3 3.25 23.32 -9.13
C MET B 3 3.06 21.83 -9.38
N GLY B 4 1.87 21.45 -9.83
CA GLY B 4 1.57 20.05 -10.09
C GLY B 4 2.55 19.42 -11.06
N GLU B 5 3.01 20.22 -12.01
CA GLU B 5 4.02 19.80 -12.98
C GLU B 5 5.33 19.42 -12.28
N LYS B 6 5.62 20.07 -11.17
CA LYS B 6 6.89 19.89 -10.48
C LYS B 6 6.96 18.54 -9.76
N PHE B 7 6.03 18.28 -8.86
CA PHE B 7 6.09 17.03 -8.09
C PHE B 7 5.68 15.83 -8.92
N ASP B 8 4.87 16.07 -9.95
CA ASP B 8 4.41 15.00 -10.85
C ASP B 8 5.60 14.23 -11.41
N ALA B 9 6.56 14.96 -11.99
CA ALA B 9 7.73 14.32 -12.58
C ALA B 9 8.63 13.69 -11.52
N THR B 10 8.86 14.41 -10.43
CA THR B 10 9.78 13.94 -9.40
C THR B 10 9.25 12.69 -8.69
N PHE B 11 7.95 12.66 -8.38
CA PHE B 11 7.34 11.52 -7.68
C PHE B 11 7.64 10.22 -8.41
N LYS B 12 7.51 10.26 -9.73
CA LYS B 12 7.80 9.13 -10.60
C LYS B 12 9.30 8.80 -10.60
N ALA B 13 10.12 9.79 -10.30
CA ALA B 13 11.56 9.58 -10.20
C ALA B 13 11.90 8.79 -8.94
N GLN B 14 11.37 9.23 -7.81
CA GLN B 14 11.65 8.58 -6.54
C GLN B 14 11.03 7.18 -6.52
N VAL B 15 9.75 7.10 -6.85
CA VAL B 15 9.03 5.83 -6.84
C VAL B 15 9.72 4.81 -7.77
N LYS B 16 10.31 5.30 -8.87
CA LYS B 16 11.06 4.44 -9.78
C LYS B 16 12.32 3.88 -9.12
N ALA B 17 12.98 4.73 -8.33
CA ALA B 17 14.22 4.37 -7.66
C ALA B 17 14.02 3.20 -6.69
N ALA B 18 12.81 3.07 -6.18
CA ALA B 18 12.48 2.00 -5.25
C ALA B 18 12.38 0.66 -5.99
N LYS B 19 11.91 0.71 -7.23
CA LYS B 19 11.85 -0.48 -8.09
C LYS B 19 13.24 -0.83 -8.62
N ALA B 20 14.12 0.17 -8.61
CA ALA B 20 15.46 0.03 -9.18
C ALA B 20 16.36 -0.85 -8.33
N ASP B 21 15.99 -1.05 -7.08
CA ASP B 21 16.82 -1.82 -6.15
C ASP B 21 16.43 -3.30 -6.15
N MET B 22 15.42 -3.66 -6.91
CA MET B 22 14.97 -5.04 -6.97
C MET B 22 15.07 -5.60 -8.37
N VAL B 23 14.96 -6.92 -8.48
CA VAL B 23 14.88 -7.58 -9.77
C VAL B 23 13.45 -7.48 -10.29
N MET B 24 13.22 -6.58 -11.23
CA MET B 24 11.87 -6.33 -11.72
C MET B 24 11.45 -7.41 -12.70
N LEU B 25 10.55 -8.27 -12.26
CA LEU B 25 10.10 -9.39 -13.05
C LEU B 25 8.59 -9.41 -13.14
N SER B 26 8.08 -9.77 -14.30
CA SER B 26 6.64 -9.85 -14.53
C SER B 26 6.07 -11.09 -13.86
N PRO B 27 4.78 -11.05 -13.46
CA PRO B 27 4.11 -12.15 -12.74
C PRO B 27 4.32 -13.53 -13.38
N LYS B 28 4.47 -13.59 -14.70
CA LYS B 28 4.73 -14.87 -15.37
C LYS B 28 6.15 -15.34 -15.13
N ASP B 29 7.08 -14.40 -15.23
CA ASP B 29 8.50 -14.70 -15.04
C ASP B 29 8.78 -14.99 -13.58
N ALA B 30 8.02 -14.34 -12.71
CA ALA B 30 8.12 -14.57 -11.28
C ALA B 30 7.57 -15.95 -10.93
N TYR B 31 6.42 -16.29 -11.52
CA TYR B 31 5.81 -17.58 -11.26
C TYR B 31 6.65 -18.73 -11.83
N LYS B 32 7.37 -18.45 -12.91
CA LYS B 32 8.21 -19.45 -13.55
C LYS B 32 9.22 -20.02 -12.57
N LEU B 33 9.98 -19.15 -11.92
CA LEU B 33 10.96 -19.58 -10.93
C LEU B 33 10.27 -20.02 -9.65
N LEU B 34 9.09 -19.47 -9.40
CA LEU B 34 8.31 -19.78 -8.20
C LEU B 34 7.91 -21.26 -8.17
N GLN B 35 7.23 -21.70 -9.22
CA GLN B 35 6.68 -23.04 -9.24
C GLN B 35 7.75 -24.10 -9.47
N GLU B 36 8.88 -23.70 -10.06
CA GLU B 36 9.94 -24.64 -10.36
C GLU B 36 10.86 -24.79 -9.15
N ASN B 37 11.00 -23.73 -8.39
CA ASN B 37 11.84 -23.76 -7.20
C ASN B 37 11.03 -23.41 -5.97
N PRO B 38 10.65 -24.41 -5.16
CA PRO B 38 9.87 -24.21 -3.94
C PRO B 38 10.66 -23.48 -2.84
N ASP B 39 11.85 -23.03 -3.20
CA ASP B 39 12.66 -22.22 -2.32
C ASP B 39 12.38 -20.76 -2.57
N ILE B 40 11.98 -20.45 -3.80
CA ILE B 40 11.57 -19.11 -4.16
C ILE B 40 10.13 -18.87 -3.75
N THR B 41 9.94 -18.06 -2.74
CA THR B 41 8.61 -17.80 -2.20
C THR B 41 8.06 -16.49 -2.72
N LEU B 42 6.76 -16.43 -2.94
CA LEU B 42 6.12 -15.19 -3.34
C LEU B 42 5.44 -14.55 -2.14
N ILE B 43 5.84 -13.34 -1.85
CA ILE B 43 5.22 -12.58 -0.79
C ILE B 43 4.29 -11.54 -1.38
N ASP B 44 3.01 -11.73 -1.18
CA ASP B 44 2.03 -10.80 -1.69
C ASP B 44 1.61 -9.85 -0.60
N VAL B 45 1.66 -8.57 -0.90
CA VAL B 45 1.25 -7.55 0.04
C VAL B 45 0.09 -6.77 -0.54
N ARG B 46 -1.11 -7.16 -0.14
CA ARG B 46 -2.31 -6.55 -0.64
C ARG B 46 -3.45 -6.73 0.34
N ASP B 47 -4.51 -5.98 0.11
CA ASP B 47 -5.66 -5.96 1.00
C ASP B 47 -6.48 -7.23 0.81
N PRO B 48 -6.73 -7.96 1.90
CA PRO B 48 -7.38 -9.28 1.86
C PRO B 48 -8.82 -9.23 1.37
N ASP B 49 -9.44 -8.07 1.43
CA ASP B 49 -10.82 -7.92 0.99
C ASP B 49 -10.92 -8.11 -0.52
N GLU B 50 -10.02 -7.45 -1.25
CA GLU B 50 -9.97 -7.59 -2.70
C GLU B 50 -9.40 -8.96 -3.09
N LEU B 51 -8.48 -9.46 -2.28
CA LEU B 51 -7.90 -10.79 -2.47
C LEU B 51 -9.00 -11.85 -2.44
N LYS B 52 -9.87 -11.73 -1.45
CA LYS B 52 -10.96 -12.68 -1.25
C LYS B 52 -11.97 -12.61 -2.39
N ALA B 53 -12.21 -11.40 -2.89
CA ALA B 53 -13.24 -11.18 -3.90
C ALA B 53 -12.75 -11.48 -5.32
N MET B 54 -11.60 -10.95 -5.69
CA MET B 54 -11.13 -11.05 -7.07
C MET B 54 -10.19 -12.24 -7.27
N GLY B 55 -9.38 -12.53 -6.27
CA GLY B 55 -8.49 -13.66 -6.36
C GLY B 55 -7.08 -13.35 -5.89
N LYS B 56 -6.35 -14.41 -5.55
CA LYS B 56 -4.97 -14.30 -5.09
C LYS B 56 -4.16 -15.43 -5.71
N PRO B 57 -2.83 -15.28 -5.86
CA PRO B 57 -2.00 -16.31 -6.49
C PRO B 57 -2.09 -17.66 -5.77
N ASP B 58 -2.47 -18.68 -6.51
CA ASP B 58 -2.58 -20.03 -5.96
C ASP B 58 -1.37 -20.86 -6.35
N VAL B 59 -0.24 -20.59 -5.69
CA VAL B 59 1.00 -21.28 -6.00
C VAL B 59 1.47 -22.11 -4.81
N LYS B 60 2.45 -22.97 -5.04
CA LYS B 60 2.94 -23.89 -4.03
C LYS B 60 3.54 -23.15 -2.83
N ASN B 61 4.31 -22.11 -3.09
CA ASN B 61 4.98 -21.37 -2.03
C ASN B 61 4.57 -19.91 -2.05
N TYR B 62 3.38 -19.63 -1.56
CA TYR B 62 2.89 -18.26 -1.46
C TYR B 62 2.53 -17.94 -0.01
N LYS B 63 3.08 -16.84 0.49
CA LYS B 63 2.76 -16.37 1.83
C LYS B 63 2.22 -14.94 1.77
N HIS B 64 1.03 -14.73 2.31
CA HIS B 64 0.41 -13.42 2.30
C HIS B 64 0.85 -12.62 3.51
N MET B 65 1.33 -11.42 3.27
CA MET B 65 1.66 -10.51 4.34
C MET B 65 0.69 -9.34 4.31
N SER B 66 0.62 -8.61 5.40
CA SER B 66 -0.27 -7.46 5.47
C SER B 66 0.36 -6.27 4.77
N ARG B 67 -0.48 -5.51 4.05
CA ARG B 67 0.00 -4.40 3.21
C ARG B 67 0.97 -3.50 3.97
N GLY B 68 0.58 -3.11 5.17
CA GLY B 68 1.44 -2.31 6.01
C GLY B 68 2.05 -3.11 7.11
N LYS B 69 1.23 -3.95 7.74
CA LYS B 69 1.66 -4.73 8.90
C LYS B 69 2.38 -6.01 8.46
N LEU B 70 3.14 -5.91 7.39
CA LEU B 70 3.98 -7.03 6.97
C LEU B 70 5.18 -7.11 7.90
N GLU B 71 5.52 -5.96 8.48
CA GLU B 71 6.65 -5.86 9.41
C GLU B 71 6.60 -6.96 10.49
N PRO B 72 5.54 -7.01 11.31
CA PRO B 72 5.39 -8.05 12.33
C PRO B 72 5.02 -9.42 11.75
N LEU B 73 4.57 -9.43 10.50
CA LEU B 73 4.08 -10.67 9.89
C LEU B 73 5.22 -11.46 9.25
N LEU B 74 6.41 -10.87 9.23
CA LEU B 74 7.55 -11.50 8.56
C LEU B 74 7.94 -12.81 9.23
N ALA B 75 8.20 -12.77 10.53
CA ALA B 75 8.59 -13.97 11.27
C ALA B 75 7.44 -14.96 11.39
N LYS B 76 6.23 -14.44 11.30
CA LYS B 76 5.03 -15.25 11.46
C LYS B 76 4.80 -16.12 10.22
N SER B 77 5.21 -15.59 9.06
CA SER B 77 5.11 -16.33 7.83
C SER B 77 6.17 -17.42 7.77
N GLY B 78 7.36 -17.10 8.26
CA GLY B 78 8.43 -18.08 8.28
C GLY B 78 9.29 -17.97 7.03
N LEU B 79 10.21 -17.02 7.04
CA LEU B 79 11.08 -16.81 5.89
C LEU B 79 12.55 -16.91 6.29
N ASP B 80 13.36 -17.48 5.41
CA ASP B 80 14.79 -17.62 5.64
C ASP B 80 15.54 -16.77 4.60
N PRO B 81 16.57 -16.02 5.04
CA PRO B 81 17.27 -15.06 4.18
C PRO B 81 18.01 -15.69 2.99
N GLU B 82 17.95 -17.00 2.87
CA GLU B 82 18.56 -17.69 1.75
C GLU B 82 17.53 -18.00 0.67
N LYS B 83 16.26 -17.84 1.01
CA LYS B 83 15.17 -18.09 0.07
C LYS B 83 14.95 -16.88 -0.83
N PRO B 84 15.06 -17.05 -2.15
CA PRO B 84 14.72 -16.01 -3.11
C PRO B 84 13.25 -15.66 -3.02
N VAL B 85 12.93 -14.39 -2.96
CA VAL B 85 11.57 -13.96 -2.74
C VAL B 85 11.16 -12.90 -3.73
N VAL B 86 9.91 -12.95 -4.16
CA VAL B 86 9.36 -11.95 -5.04
C VAL B 86 8.15 -11.31 -4.37
N VAL B 87 8.01 -10.00 -4.50
CA VAL B 87 6.90 -9.29 -3.89
C VAL B 87 5.84 -8.96 -4.93
N PHE B 88 4.61 -9.36 -4.64
CA PHE B 88 3.53 -9.20 -5.59
C PHE B 88 2.51 -8.17 -5.12
N CYS B 89 2.03 -7.37 -6.06
CA CYS B 89 0.99 -6.36 -5.82
C CYS B 89 0.87 -5.48 -7.06
N LYS B 90 1.94 -4.77 -7.37
CA LYS B 90 2.03 -3.95 -8.56
C LYS B 90 3.44 -3.42 -8.70
N THR B 91 3.63 -2.47 -9.59
CA THR B 91 4.94 -1.93 -9.91
C THR B 91 5.48 -1.00 -8.82
N ALA B 92 4.58 -0.22 -8.23
CA ALA B 92 5.00 0.88 -7.35
C ALA B 92 5.49 0.43 -5.98
N ALA B 93 5.61 1.42 -5.09
CA ALA B 93 6.22 1.27 -3.77
C ALA B 93 5.54 0.19 -2.92
N ARG B 94 4.25 -0.07 -3.16
CA ARG B 94 3.50 -1.01 -2.33
C ARG B 94 4.26 -2.33 -2.16
N ALA B 95 4.64 -2.94 -3.27
CA ALA B 95 5.43 -4.16 -3.22
C ALA B 95 6.90 -3.86 -2.91
N ALA B 96 7.37 -2.71 -3.41
CA ALA B 96 8.76 -2.31 -3.27
C ALA B 96 9.15 -2.15 -1.81
N LEU B 97 8.22 -1.72 -0.97
CA LEU B 97 8.50 -1.49 0.44
C LEU B 97 8.80 -2.80 1.14
N ALA B 98 8.05 -3.84 0.81
CA ALA B 98 8.26 -5.15 1.38
C ALA B 98 9.58 -5.73 0.89
N GLY B 99 9.81 -5.62 -0.41
CA GLY B 99 11.01 -6.17 -1.01
C GLY B 99 12.27 -5.44 -0.61
N LYS B 100 12.26 -4.11 -0.75
CA LYS B 100 13.44 -3.30 -0.52
C LYS B 100 13.96 -3.44 0.91
N THR B 101 13.06 -3.51 1.87
CA THR B 101 13.44 -3.68 3.25
C THR B 101 13.95 -5.10 3.52
N LEU B 102 13.35 -6.08 2.85
CA LEU B 102 13.76 -7.47 3.02
C LEU B 102 15.20 -7.68 2.55
N ARG B 103 15.53 -7.17 1.36
CA ARG B 103 16.89 -7.30 0.83
C ARG B 103 17.89 -6.55 1.70
N GLU B 104 17.39 -5.51 2.37
CA GLU B 104 18.21 -4.72 3.28
C GLU B 104 18.59 -5.50 4.55
N TYR B 105 18.03 -6.69 4.70
CA TYR B 105 18.35 -7.54 5.85
C TYR B 105 19.29 -8.66 5.44
N GLY B 106 19.52 -8.80 4.14
CA GLY B 106 20.48 -9.78 3.67
C GLY B 106 19.82 -10.96 2.99
N PHE B 107 18.80 -10.68 2.19
CA PHE B 107 18.14 -11.72 1.43
C PHE B 107 18.85 -11.94 0.11
N LYS B 108 18.80 -13.18 -0.38
CA LYS B 108 19.52 -13.56 -1.60
C LYS B 108 19.02 -12.78 -2.81
N THR B 109 17.97 -13.29 -3.45
CA THR B 109 17.44 -12.68 -4.64
C THR B 109 16.00 -12.21 -4.41
N ILE B 110 15.78 -10.92 -4.55
CA ILE B 110 14.47 -10.35 -4.29
C ILE B 110 13.91 -9.68 -5.56
N TYR B 111 12.69 -10.06 -5.94
CA TYR B 111 12.10 -9.61 -7.18
C TYR B 111 10.90 -8.71 -6.90
N ASN B 112 10.75 -7.68 -7.72
CA ASN B 112 9.56 -6.82 -7.66
C ASN B 112 8.76 -7.00 -8.93
N SER B 113 7.45 -7.05 -8.82
CA SER B 113 6.61 -7.37 -9.96
C SER B 113 6.35 -6.16 -10.86
N GLU B 114 6.77 -6.28 -12.11
CA GLU B 114 6.55 -5.22 -13.10
C GLU B 114 5.14 -5.33 -13.69
N GLY B 115 4.36 -6.23 -13.14
CA GLY B 115 2.98 -6.37 -13.58
C GLY B 115 2.00 -5.86 -12.53
N GLY B 116 1.44 -6.78 -11.77
CA GLY B 116 0.48 -6.42 -10.75
C GLY B 116 -0.45 -7.57 -10.43
N MET B 117 -1.18 -7.47 -9.34
CA MET B 117 -2.09 -8.53 -8.91
C MET B 117 -3.14 -8.82 -9.98
N ASP B 118 -3.62 -7.75 -10.61
CA ASP B 118 -4.60 -7.87 -11.68
C ASP B 118 -3.98 -8.51 -12.91
N LYS B 119 -2.66 -8.41 -13.03
CA LYS B 119 -1.95 -9.03 -14.14
C LYS B 119 -1.86 -10.54 -13.96
N TRP B 120 -1.80 -10.97 -12.70
CA TRP B 120 -1.77 -12.38 -12.37
C TRP B 120 -3.02 -13.07 -12.93
N LEU B 121 -4.18 -12.50 -12.61
CA LEU B 121 -5.46 -13.02 -13.11
C LEU B 121 -5.58 -12.85 -14.62
N GLU B 122 -5.12 -11.69 -15.11
CA GLU B 122 -5.24 -11.35 -16.53
C GLU B 122 -4.44 -12.30 -17.41
N GLU B 123 -3.20 -12.58 -17.01
CA GLU B 123 -2.32 -13.43 -17.79
C GLU B 123 -2.57 -14.91 -17.52
N GLY B 124 -3.73 -15.20 -16.93
CA GLY B 124 -4.16 -16.59 -16.78
C GLY B 124 -3.32 -17.41 -15.82
N LEU B 125 -2.62 -16.75 -14.92
CA LEU B 125 -1.81 -17.44 -13.93
C LEU B 125 -2.68 -18.06 -12.85
N PRO B 126 -2.20 -19.14 -12.20
CA PRO B 126 -2.97 -19.86 -11.17
C PRO B 126 -3.37 -18.95 -10.01
N SER B 127 -4.66 -18.74 -9.83
CA SER B 127 -5.15 -17.88 -8.78
C SER B 127 -6.28 -18.57 -8.03
N LEU B 128 -6.42 -18.24 -6.76
CA LEU B 128 -7.51 -18.75 -5.95
C LEU B 128 -8.75 -17.90 -6.18
N ASP B 129 -9.65 -18.42 -7.00
CA ASP B 129 -10.90 -17.75 -7.31
C ASP B 129 -12.05 -18.64 -6.90
N ARG B 130 -12.92 -18.15 -6.05
CA ARG B 130 -13.99 -18.96 -5.52
C ARG B 130 -15.19 -18.96 -6.44
N SER B 131 -15.11 -19.75 -7.49
CA SER B 131 -16.21 -19.93 -8.41
C SER B 131 -17.30 -20.75 -7.74
N HIS B 132 -18.46 -20.90 -8.38
CA HIS B 132 -19.56 -21.64 -7.79
C HIS B 132 -19.36 -23.15 -7.97
N HIS B 133 -18.21 -23.61 -7.53
CA HIS B 133 -17.91 -25.03 -7.51
C HIS B 133 -18.24 -25.59 -6.13
N HIS B 134 -19.04 -26.64 -6.08
CA HIS B 134 -19.44 -27.23 -4.80
C HIS B 134 -18.21 -27.78 -4.08
N HIS B 135 -17.75 -27.05 -3.09
CA HIS B 135 -16.50 -27.37 -2.41
C HIS B 135 -16.60 -27.05 -0.93
N HIS B 136 -16.63 -28.09 -0.12
CA HIS B 136 -16.70 -27.94 1.33
C HIS B 136 -15.43 -27.27 1.85
N HIS B 137 -15.58 -26.08 2.40
CA HIS B 137 -14.47 -25.36 2.99
C HIS B 137 -14.93 -24.72 4.29
N ALA A 1 18.57 -20.23 8.78
CA ALA A 1 17.11 -20.46 8.70
C ALA A 1 16.37 -19.67 9.77
N ASP A 2 16.84 -19.75 11.00
CA ASP A 2 16.19 -19.07 12.11
C ASP A 2 16.62 -17.61 12.20
N MET A 3 16.23 -16.84 11.20
CA MET A 3 16.55 -15.42 11.15
C MET A 3 15.28 -14.59 11.27
N GLY A 4 14.17 -15.25 11.60
CA GLY A 4 12.90 -14.57 11.69
C GLY A 4 12.87 -13.52 12.77
N GLU A 5 13.49 -13.83 13.90
CA GLU A 5 13.61 -12.89 15.00
C GLU A 5 14.46 -11.69 14.58
N LYS A 6 15.44 -11.97 13.72
CA LYS A 6 16.40 -10.96 13.27
C LYS A 6 15.72 -9.86 12.45
N PHE A 7 15.04 -10.20 11.38
CA PHE A 7 14.49 -9.17 10.50
C PHE A 7 13.17 -8.61 11.04
N ASP A 8 12.46 -9.40 11.82
CA ASP A 8 11.16 -8.98 12.38
C ASP A 8 11.30 -7.67 13.14
N ALA A 9 12.26 -7.60 14.05
CA ALA A 9 12.51 -6.42 14.85
C ALA A 9 12.94 -5.23 13.98
N THR A 10 13.83 -5.50 13.04
CA THR A 10 14.40 -4.46 12.21
C THR A 10 13.37 -3.85 11.26
N PHE A 11 12.51 -4.68 10.68
CA PHE A 11 11.51 -4.19 9.72
C PHE A 11 10.63 -3.15 10.38
N LYS A 12 10.18 -3.47 11.59
CA LYS A 12 9.39 -2.55 12.41
C LYS A 12 10.20 -1.33 12.80
N ALA A 13 11.52 -1.49 12.83
CA ALA A 13 12.43 -0.39 13.16
C ALA A 13 12.57 0.58 12.00
N GLN A 14 12.72 0.04 10.80
CA GLN A 14 12.91 0.88 9.61
C GLN A 14 11.61 1.59 9.24
N VAL A 15 10.53 0.82 9.14
CA VAL A 15 9.22 1.37 8.77
C VAL A 15 8.81 2.48 9.77
N LYS A 16 9.19 2.31 11.02
CA LYS A 16 8.91 3.29 12.06
C LYS A 16 9.47 4.68 11.69
N ALA A 17 10.63 4.69 11.05
CA ALA A 17 11.27 5.93 10.63
C ALA A 17 10.43 6.68 9.60
N ALA A 18 9.61 5.94 8.87
CA ALA A 18 8.73 6.55 7.87
C ALA A 18 7.58 7.30 8.54
N LYS A 19 7.15 6.83 9.71
CA LYS A 19 6.16 7.54 10.52
C LYS A 19 6.79 8.73 11.22
N ALA A 20 8.11 8.66 11.38
CA ALA A 20 8.87 9.73 12.03
C ALA A 20 9.02 10.92 11.09
N ASP A 21 8.87 10.67 9.80
CA ASP A 21 9.06 11.71 8.78
C ASP A 21 7.87 12.66 8.70
N MET A 22 6.79 12.33 9.40
CA MET A 22 5.59 13.15 9.33
C MET A 22 5.10 13.53 10.72
N VAL A 23 4.12 14.40 10.77
CA VAL A 23 3.45 14.73 12.02
C VAL A 23 2.35 13.71 12.27
N MET A 24 2.56 12.86 13.27
CA MET A 24 1.64 11.77 13.54
C MET A 24 0.40 12.27 14.26
N LEU A 25 -0.69 12.38 13.53
CA LEU A 25 -1.93 12.90 14.09
C LEU A 25 -3.06 11.90 13.97
N SER A 26 -3.87 11.83 15.00
CA SER A 26 -5.02 10.94 15.03
C SER A 26 -6.13 11.48 14.13
N PRO A 27 -6.86 10.61 13.42
CA PRO A 27 -7.90 10.99 12.46
C PRO A 27 -8.86 12.07 12.94
N LYS A 28 -9.10 12.13 14.26
CA LYS A 28 -9.98 13.16 14.81
C LYS A 28 -9.30 14.53 14.80
N ASP A 29 -8.03 14.55 15.18
CA ASP A 29 -7.23 15.77 15.16
C ASP A 29 -6.93 16.19 13.74
N ALA A 30 -6.77 15.19 12.89
CA ALA A 30 -6.54 15.43 11.48
C ALA A 30 -7.77 16.06 10.85
N TYR A 31 -8.94 15.50 11.13
CA TYR A 31 -10.20 16.03 10.64
C TYR A 31 -10.48 17.42 11.21
N LYS A 32 -9.98 17.67 12.42
CA LYS A 32 -10.15 18.95 13.07
C LYS A 32 -9.58 20.08 12.22
N LEU A 33 -8.32 19.93 11.80
CA LEU A 33 -7.68 20.93 10.95
C LEU A 33 -8.22 20.86 9.54
N LEU A 34 -8.69 19.69 9.14
CA LEU A 34 -9.24 19.48 7.80
C LEU A 34 -10.49 20.32 7.58
N GLN A 35 -11.45 20.20 8.48
CA GLN A 35 -12.73 20.85 8.32
C GLN A 35 -12.65 22.35 8.65
N GLU A 36 -11.72 22.72 9.53
CA GLU A 36 -11.61 24.11 9.95
C GLU A 36 -10.85 24.92 8.91
N ASN A 37 -9.90 24.27 8.27
CA ASN A 37 -9.11 24.90 7.24
C ASN A 37 -9.32 24.19 5.91
N PRO A 38 -10.26 24.70 5.09
CA PRO A 38 -10.66 24.05 3.82
C PRO A 38 -9.53 23.90 2.81
N ASP A 39 -8.34 24.41 3.15
CA ASP A 39 -7.20 24.27 2.27
C ASP A 39 -6.33 23.09 2.69
N ILE A 40 -6.50 22.65 3.93
CA ILE A 40 -5.85 21.43 4.39
C ILE A 40 -6.59 20.23 3.85
N THR A 41 -5.97 19.55 2.90
CA THR A 41 -6.61 18.44 2.20
C THR A 41 -6.17 17.09 2.76
N LEU A 42 -7.08 16.12 2.78
CA LEU A 42 -6.72 14.77 3.18
C LEU A 42 -6.62 13.89 1.95
N ILE A 43 -5.52 13.17 1.83
CA ILE A 43 -5.33 12.24 0.72
C ILE A 43 -5.33 10.81 1.24
N ASP A 44 -6.24 10.02 0.73
CA ASP A 44 -6.34 8.63 1.15
C ASP A 44 -5.64 7.74 0.14
N VAL A 45 -4.94 6.75 0.64
CA VAL A 45 -4.30 5.76 -0.21
C VAL A 45 -4.77 4.37 0.20
N ARG A 46 -5.79 3.89 -0.49
CA ARG A 46 -6.36 2.59 -0.21
C ARG A 46 -6.96 2.05 -1.50
N ASP A 47 -7.24 0.75 -1.54
CA ASP A 47 -7.79 0.15 -2.74
C ASP A 47 -9.31 0.26 -2.73
N PRO A 48 -9.90 0.55 -3.90
CA PRO A 48 -11.30 0.96 -4.03
C PRO A 48 -12.32 -0.08 -3.57
N ASP A 49 -11.93 -1.34 -3.49
CA ASP A 49 -12.88 -2.37 -3.08
C ASP A 49 -13.12 -2.34 -1.58
N GLU A 50 -12.07 -2.10 -0.81
CA GLU A 50 -12.21 -1.96 0.64
C GLU A 50 -12.86 -0.62 0.97
N LEU A 51 -12.50 0.41 0.21
CA LEU A 51 -13.09 1.74 0.37
C LEU A 51 -14.61 1.70 0.17
N LYS A 52 -15.01 1.01 -0.89
CA LYS A 52 -16.43 0.92 -1.24
C LYS A 52 -17.21 0.14 -0.18
N ALA A 53 -16.57 -0.87 0.39
CA ALA A 53 -17.23 -1.75 1.34
C ALA A 53 -17.30 -1.16 2.74
N MET A 54 -16.17 -0.65 3.25
CA MET A 54 -16.12 -0.20 4.64
C MET A 54 -16.44 1.29 4.77
N GLY A 55 -15.99 2.07 3.81
CA GLY A 55 -16.26 3.49 3.86
C GLY A 55 -15.01 4.33 3.74
N LYS A 56 -15.20 5.64 3.64
CA LYS A 56 -14.11 6.59 3.49
C LYS A 56 -14.51 7.91 4.14
N PRO A 57 -13.59 8.84 4.38
CA PRO A 57 -13.91 10.12 5.03
C PRO A 57 -14.86 10.96 4.20
N ASP A 58 -15.99 11.33 4.79
CA ASP A 58 -16.97 12.18 4.11
C ASP A 58 -16.72 13.63 4.48
N VAL A 59 -15.65 14.20 3.96
CA VAL A 59 -15.32 15.59 4.23
C VAL A 59 -15.37 16.39 2.95
N LYS A 60 -15.21 17.71 3.05
CA LYS A 60 -15.32 18.58 1.89
C LYS A 60 -14.02 18.63 1.09
N ASN A 61 -12.92 18.34 1.75
CA ASN A 61 -11.61 18.45 1.13
C ASN A 61 -10.83 17.15 1.25
N TYR A 62 -11.32 16.12 0.57
CA TYR A 62 -10.66 14.82 0.55
C TYR A 62 -10.59 14.31 -0.89
N LYS A 63 -9.45 13.73 -1.26
CA LYS A 63 -9.30 13.15 -2.57
C LYS A 63 -8.63 11.78 -2.48
N HIS A 64 -9.18 10.82 -3.22
CA HIS A 64 -8.62 9.48 -3.25
C HIS A 64 -7.64 9.37 -4.41
N MET A 65 -6.37 9.15 -4.10
CA MET A 65 -5.35 8.98 -5.13
C MET A 65 -5.05 7.50 -5.33
N SER A 66 -4.28 7.19 -6.36
CA SER A 66 -3.85 5.83 -6.60
C SER A 66 -2.77 5.45 -5.57
N ARG A 67 -2.41 4.18 -5.52
CA ARG A 67 -1.47 3.72 -4.52
C ARG A 67 -0.04 3.72 -5.07
N GLY A 68 0.11 3.22 -6.28
CA GLY A 68 1.40 3.26 -6.93
C GLY A 68 1.46 4.36 -7.96
N LYS A 69 0.42 4.46 -8.76
CA LYS A 69 0.32 5.47 -9.80
C LYS A 69 -0.32 6.74 -9.25
N LEU A 70 -0.04 7.04 -7.99
CA LEU A 70 -0.53 8.27 -7.40
C LEU A 70 0.14 9.45 -8.07
N GLU A 71 1.41 9.25 -8.42
CA GLU A 71 2.25 10.32 -8.96
C GLU A 71 1.54 11.16 -10.04
N PRO A 72 1.03 10.55 -11.14
CA PRO A 72 0.32 11.29 -12.19
C PRO A 72 -1.08 11.70 -11.76
N LEU A 73 -1.59 11.10 -10.69
CA LEU A 73 -2.89 11.45 -10.15
C LEU A 73 -2.76 12.70 -9.27
N LEU A 74 -1.55 12.93 -8.80
CA LEU A 74 -1.24 14.11 -7.98
C LEU A 74 -1.57 15.38 -8.76
N ALA A 75 -1.01 15.47 -9.96
CA ALA A 75 -1.22 16.61 -10.83
C ALA A 75 -2.67 16.72 -11.29
N LYS A 76 -3.37 15.59 -11.34
CA LYS A 76 -4.76 15.58 -11.78
C LYS A 76 -5.70 15.98 -10.66
N SER A 77 -5.24 15.84 -9.43
CA SER A 77 -6.06 16.14 -8.27
C SER A 77 -6.09 17.65 -8.00
N GLY A 78 -4.96 18.31 -8.25
CA GLY A 78 -4.89 19.74 -8.03
C GLY A 78 -4.34 20.06 -6.66
N LEU A 79 -3.10 19.68 -6.42
CA LEU A 79 -2.46 19.91 -5.14
C LEU A 79 -1.36 20.96 -5.27
N ASP A 80 -1.30 21.87 -4.32
CA ASP A 80 -0.32 22.94 -4.33
C ASP A 80 0.51 22.87 -3.05
N PRO A 81 1.84 23.07 -3.15
CA PRO A 81 2.75 22.91 -2.02
C PRO A 81 2.58 23.96 -0.92
N GLU A 82 1.55 24.77 -1.03
CA GLU A 82 1.25 25.75 0.01
C GLU A 82 0.11 25.28 0.89
N LYS A 83 -0.66 24.30 0.41
CA LYS A 83 -1.76 23.76 1.20
C LYS A 83 -1.30 22.54 1.98
N PRO A 84 -1.53 22.54 3.30
CA PRO A 84 -1.20 21.41 4.16
C PRO A 84 -2.03 20.19 3.83
N VAL A 85 -1.43 19.02 3.93
CA VAL A 85 -2.13 17.79 3.60
C VAL A 85 -1.83 16.70 4.61
N VAL A 86 -2.78 15.81 4.80
CA VAL A 86 -2.60 14.68 5.68
C VAL A 86 -2.93 13.39 4.92
N VAL A 87 -2.18 12.35 5.20
CA VAL A 87 -2.35 11.08 4.49
C VAL A 87 -3.10 10.08 5.35
N PHE A 88 -4.07 9.41 4.76
CA PHE A 88 -4.91 8.48 5.50
C PHE A 88 -4.81 7.07 4.92
N CYS A 89 -4.80 6.07 5.80
CA CYS A 89 -4.76 4.67 5.40
C CYS A 89 -4.93 3.78 6.62
N LYS A 90 -3.86 3.65 7.41
CA LYS A 90 -3.88 2.87 8.64
C LYS A 90 -2.57 3.10 9.39
N THR A 91 -2.39 2.38 10.49
CA THR A 91 -1.18 2.47 11.30
C THR A 91 -0.02 1.77 10.62
N ALA A 92 0.42 2.30 9.48
CA ALA A 92 1.43 1.64 8.67
C ALA A 92 2.23 2.63 7.83
N ALA A 93 3.23 2.10 7.14
CA ALA A 93 4.12 2.91 6.30
C ALA A 93 3.45 3.36 5.00
N ARG A 94 2.43 2.61 4.58
CA ARG A 94 1.76 2.85 3.29
C ARG A 94 1.49 4.34 3.02
N ALA A 95 0.87 5.01 3.98
CA ALA A 95 0.51 6.42 3.82
C ALA A 95 1.77 7.31 3.80
N ALA A 96 2.79 6.87 4.51
CA ALA A 96 4.04 7.61 4.62
C ALA A 96 4.72 7.79 3.27
N LEU A 97 4.50 6.85 2.35
CA LEU A 97 5.13 6.94 1.04
C LEU A 97 4.63 8.15 0.27
N ALA A 98 3.35 8.44 0.40
CA ALA A 98 2.76 9.61 -0.24
C ALA A 98 3.17 10.88 0.48
N GLY A 99 3.04 10.86 1.81
CA GLY A 99 3.33 12.04 2.60
C GLY A 99 4.80 12.46 2.56
N LYS A 100 5.68 11.54 2.91
CA LYS A 100 7.10 11.86 3.01
C LYS A 100 7.66 12.31 1.67
N THR A 101 7.13 11.76 0.59
CA THR A 101 7.55 12.15 -0.75
C THR A 101 7.02 13.54 -1.10
N LEU A 102 5.79 13.82 -0.69
CA LEU A 102 5.17 15.12 -0.95
C LEU A 102 5.91 16.25 -0.24
N ARG A 103 6.25 16.04 1.03
CA ARG A 103 6.98 17.04 1.80
C ARG A 103 8.37 17.27 1.22
N GLU A 104 8.90 16.22 0.58
CA GLU A 104 10.19 16.28 -0.07
C GLU A 104 10.15 17.14 -1.33
N TYR A 105 8.97 17.58 -1.71
CA TYR A 105 8.82 18.47 -2.85
C TYR A 105 8.56 19.90 -2.38
N GLY A 106 8.40 20.06 -1.08
CA GLY A 106 8.27 21.39 -0.51
C GLY A 106 6.87 21.71 -0.07
N PHE A 107 6.15 20.71 0.43
CA PHE A 107 4.80 20.93 0.92
C PHE A 107 4.84 21.56 2.32
N LYS A 108 3.93 22.51 2.53
CA LYS A 108 3.94 23.33 3.74
C LYS A 108 3.83 22.50 5.02
N THR A 109 2.75 21.75 5.16
CA THR A 109 2.53 20.94 6.36
C THR A 109 1.96 19.57 6.00
N ILE A 110 2.68 18.52 6.35
CA ILE A 110 2.24 17.18 5.99
C ILE A 110 2.05 16.31 7.24
N TYR A 111 0.88 15.69 7.34
CA TYR A 111 0.53 14.90 8.52
C TYR A 111 0.28 13.45 8.11
N ASN A 112 0.63 12.52 8.99
CA ASN A 112 0.30 11.13 8.79
C ASN A 112 -0.61 10.68 9.93
N SER A 113 -1.57 9.82 9.63
CA SER A 113 -2.58 9.45 10.60
C SER A 113 -2.26 8.14 11.31
N GLU A 114 -2.04 8.22 12.61
CA GLU A 114 -1.70 7.05 13.43
C GLU A 114 -2.94 6.19 13.73
N GLY A 115 -3.86 6.13 12.78
CA GLY A 115 -5.06 5.35 12.95
C GLY A 115 -5.46 4.61 11.69
N GLY A 116 -6.06 5.33 10.76
CA GLY A 116 -6.47 4.72 9.51
C GLY A 116 -7.97 4.70 9.34
N MET A 117 -8.43 4.18 8.20
CA MET A 117 -9.86 4.13 7.89
C MET A 117 -10.65 3.45 9.00
N ASP A 118 -10.05 2.41 9.58
CA ASP A 118 -10.66 1.68 10.67
C ASP A 118 -10.95 2.61 11.84
N LYS A 119 -9.99 3.49 12.13
CA LYS A 119 -10.12 4.45 13.21
C LYS A 119 -11.09 5.56 12.86
N TRP A 120 -11.15 5.91 11.58
CA TRP A 120 -12.08 6.94 11.12
C TRP A 120 -13.51 6.53 11.41
N LEU A 121 -13.89 5.34 10.93
CA LEU A 121 -15.22 4.80 11.17
C LEU A 121 -15.47 4.56 12.67
N GLU A 122 -14.47 4.02 13.36
CA GLU A 122 -14.59 3.71 14.78
C GLU A 122 -14.77 4.95 15.63
N GLU A 123 -14.02 6.01 15.31
CA GLU A 123 -14.06 7.25 16.08
C GLU A 123 -15.41 7.93 15.95
N GLY A 124 -16.12 7.61 14.88
CA GLY A 124 -17.44 8.18 14.66
C GLY A 124 -17.37 9.45 13.85
N LEU A 125 -16.28 9.61 13.11
CA LEU A 125 -16.10 10.76 12.24
C LEU A 125 -16.98 10.61 11.00
N PRO A 126 -17.27 11.72 10.30
CA PRO A 126 -18.10 11.71 9.08
C PRO A 126 -17.54 10.74 8.05
N SER A 127 -18.29 9.69 7.76
CA SER A 127 -17.85 8.68 6.83
C SER A 127 -18.78 8.61 5.63
N LEU A 128 -18.22 8.25 4.48
CA LEU A 128 -19.00 7.98 3.30
C LEU A 128 -19.20 6.49 3.19
N ASP A 129 -20.37 6.05 3.58
CA ASP A 129 -20.68 4.63 3.63
C ASP A 129 -22.14 4.44 3.28
N ARG A 130 -22.50 3.24 2.85
CA ARG A 130 -23.87 2.97 2.42
C ARG A 130 -24.79 2.79 3.61
N SER A 131 -25.02 3.88 4.33
CA SER A 131 -25.93 3.87 5.47
C SER A 131 -27.37 3.74 4.98
N HIS A 132 -28.26 3.28 5.85
CA HIS A 132 -29.64 3.00 5.47
C HIS A 132 -30.47 4.28 5.39
N HIS A 133 -30.05 5.18 4.52
CA HIS A 133 -30.82 6.37 4.21
C HIS A 133 -30.96 6.48 2.71
N HIS A 134 -32.06 7.03 2.23
CA HIS A 134 -32.31 7.08 0.80
C HIS A 134 -31.47 8.16 0.14
N HIS A 135 -30.31 7.76 -0.33
CA HIS A 135 -29.36 8.66 -0.98
C HIS A 135 -28.73 7.96 -2.17
N HIS A 136 -28.62 8.67 -3.27
CA HIS A 136 -28.05 8.12 -4.49
C HIS A 136 -27.10 9.12 -5.14
N HIS A 137 -26.29 8.64 -6.05
CA HIS A 137 -25.36 9.50 -6.76
C HIS A 137 -25.75 9.60 -8.22
N ALA B 1 0.86 27.73 -5.50
CA ALA B 1 1.87 27.35 -6.51
C ALA B 1 1.42 26.11 -7.28
N ASP B 2 1.01 26.30 -8.52
CA ASP B 2 0.54 25.19 -9.35
C ASP B 2 1.73 24.41 -9.88
N MET B 3 2.26 23.53 -9.04
CA MET B 3 3.48 22.80 -9.34
C MET B 3 3.18 21.37 -9.77
N GLY B 4 2.05 21.18 -10.45
CA GLY B 4 1.63 19.86 -10.87
C GLY B 4 2.63 19.17 -11.76
N GLU B 5 3.32 19.93 -12.60
CA GLU B 5 4.35 19.38 -13.47
C GLU B 5 5.58 18.99 -12.68
N LYS B 6 5.83 19.73 -11.60
CA LYS B 6 7.05 19.56 -10.82
C LYS B 6 7.05 18.26 -10.03
N PHE B 7 6.05 18.06 -9.17
CA PHE B 7 6.07 16.89 -8.30
C PHE B 7 5.77 15.59 -9.06
N ASP B 8 4.89 15.67 -10.04
CA ASP B 8 4.49 14.49 -10.82
C ASP B 8 5.71 13.79 -11.41
N ALA B 9 6.51 14.53 -12.16
CA ALA B 9 7.71 13.98 -12.78
C ALA B 9 8.67 13.40 -11.75
N THR B 10 8.91 14.15 -10.68
CA THR B 10 9.85 13.72 -9.64
C THR B 10 9.36 12.48 -8.92
N PHE B 11 8.06 12.42 -8.61
CA PHE B 11 7.49 11.29 -7.87
C PHE B 11 7.81 9.98 -8.59
N LYS B 12 7.66 9.99 -9.90
CA LYS B 12 7.98 8.85 -10.75
C LYS B 12 9.48 8.54 -10.72
N ALA B 13 10.30 9.53 -10.42
CA ALA B 13 11.75 9.35 -10.33
C ALA B 13 12.12 8.59 -9.06
N GLN B 14 11.60 9.05 -7.94
CA GLN B 14 11.91 8.45 -6.64
C GLN B 14 11.23 7.09 -6.51
N VAL B 15 9.92 7.05 -6.75
CA VAL B 15 9.14 5.82 -6.62
C VAL B 15 9.74 4.70 -7.48
N LYS B 16 10.29 5.05 -8.64
CA LYS B 16 10.91 4.07 -9.52
C LYS B 16 12.21 3.54 -8.93
N ALA B 17 12.94 4.41 -8.24
CA ALA B 17 14.20 4.02 -7.60
C ALA B 17 13.99 2.94 -6.56
N ALA B 18 12.79 2.91 -5.98
CA ALA B 18 12.43 1.90 -5.01
C ALA B 18 12.28 0.53 -5.68
N LYS B 19 11.75 0.54 -6.89
CA LYS B 19 11.64 -0.67 -7.71
C LYS B 19 13.00 -1.06 -8.30
N ALA B 20 13.87 -0.06 -8.40
CA ALA B 20 15.20 -0.24 -8.99
C ALA B 20 16.11 -1.02 -8.05
N ASP B 21 15.74 -1.06 -6.78
CA ASP B 21 16.55 -1.75 -5.77
C ASP B 21 16.32 -3.25 -5.78
N MET B 22 15.37 -3.70 -6.60
CA MET B 22 15.06 -5.13 -6.69
C MET B 22 15.23 -5.63 -8.10
N VAL B 23 15.04 -6.92 -8.28
CA VAL B 23 15.01 -7.51 -9.62
C VAL B 23 13.58 -7.47 -10.14
N MET B 24 13.33 -6.56 -11.07
CA MET B 24 11.98 -6.35 -11.58
C MET B 24 11.58 -7.46 -12.53
N LEU B 25 10.64 -8.27 -12.11
CA LEU B 25 10.22 -9.43 -12.88
C LEU B 25 8.73 -9.40 -13.15
N SER B 26 8.35 -9.87 -14.32
CA SER B 26 6.96 -9.98 -14.70
C SER B 26 6.35 -11.23 -14.07
N PRO B 27 5.06 -11.21 -13.69
CA PRO B 27 4.38 -12.32 -13.01
C PRO B 27 4.54 -13.67 -13.71
N LYS B 28 4.83 -13.66 -15.01
CA LYS B 28 5.10 -14.89 -15.74
C LYS B 28 6.48 -15.44 -15.40
N ASP B 29 7.48 -14.57 -15.42
CA ASP B 29 8.85 -14.94 -15.09
C ASP B 29 8.98 -15.26 -13.61
N ALA B 30 8.18 -14.57 -12.80
CA ALA B 30 8.18 -14.79 -11.37
C ALA B 30 7.57 -16.15 -11.03
N TYR B 31 6.42 -16.45 -11.62
CA TYR B 31 5.76 -17.73 -11.39
C TYR B 31 6.58 -18.88 -11.97
N LYS B 32 7.32 -18.58 -13.04
CA LYS B 32 8.18 -19.59 -13.68
C LYS B 32 9.18 -20.16 -12.68
N LEU B 33 9.94 -19.29 -12.02
CA LEU B 33 10.91 -19.74 -11.03
C LEU B 33 10.23 -20.20 -9.75
N LEU B 34 9.05 -19.63 -9.49
CA LEU B 34 8.26 -19.99 -8.31
C LEU B 34 7.84 -21.45 -8.37
N GLN B 35 7.36 -21.89 -9.53
CA GLN B 35 6.86 -23.25 -9.67
C GLN B 35 8.02 -24.25 -9.78
N GLU B 36 9.17 -23.81 -10.26
CA GLU B 36 10.31 -24.70 -10.44
C GLU B 36 11.08 -24.85 -9.13
N ASN B 37 11.05 -23.81 -8.31
CA ASN B 37 11.76 -23.81 -7.05
C ASN B 37 10.81 -23.48 -5.91
N PRO B 38 10.33 -24.51 -5.19
CA PRO B 38 9.40 -24.33 -4.07
C PRO B 38 10.03 -23.61 -2.87
N ASP B 39 11.27 -23.20 -3.03
CA ASP B 39 11.97 -22.44 -2.00
C ASP B 39 11.75 -20.96 -2.23
N ILE B 40 11.37 -20.63 -3.46
CA ILE B 40 11.06 -19.27 -3.82
C ILE B 40 9.66 -18.92 -3.38
N THR B 41 9.57 -18.02 -2.42
CA THR B 41 8.30 -17.61 -1.86
C THR B 41 7.78 -16.36 -2.55
N LEU B 42 6.48 -16.30 -2.79
CA LEU B 42 5.85 -15.08 -3.28
C LEU B 42 5.09 -14.43 -2.14
N ILE B 43 5.42 -13.18 -1.87
CA ILE B 43 4.72 -12.42 -0.86
C ILE B 43 3.90 -11.33 -1.53
N ASP B 44 2.60 -11.43 -1.38
CA ASP B 44 1.70 -10.46 -1.96
C ASP B 44 1.27 -9.46 -0.91
N VAL B 45 1.19 -8.22 -1.31
CA VAL B 45 0.67 -7.19 -0.42
C VAL B 45 -0.43 -6.40 -1.12
N ARG B 46 -1.65 -6.82 -0.88
CA ARG B 46 -2.81 -6.16 -1.44
C ARG B 46 -3.96 -6.22 -0.43
N ASP B 47 -4.96 -5.40 -0.66
CA ASP B 47 -6.05 -5.26 0.30
C ASP B 47 -6.95 -6.49 0.25
N PRO B 48 -7.32 -7.02 1.44
CA PRO B 48 -7.98 -8.32 1.58
C PRO B 48 -9.37 -8.40 0.96
N ASP B 49 -10.02 -7.26 0.78
CA ASP B 49 -11.33 -7.26 0.13
C ASP B 49 -11.18 -7.40 -1.36
N GLU B 50 -10.08 -6.88 -1.90
CA GLU B 50 -9.75 -7.07 -3.31
C GLU B 50 -9.34 -8.51 -3.56
N LEU B 51 -8.56 -9.07 -2.62
CA LEU B 51 -8.13 -10.47 -2.69
C LEU B 51 -9.34 -11.40 -2.67
N LYS B 52 -10.37 -10.97 -1.97
CA LYS B 52 -11.59 -11.75 -1.84
C LYS B 52 -12.42 -11.65 -3.12
N ALA B 53 -12.45 -10.45 -3.70
CA ALA B 53 -13.30 -10.20 -4.86
C ALA B 53 -12.66 -10.68 -6.17
N MET B 54 -11.39 -10.35 -6.37
CA MET B 54 -10.74 -10.65 -7.65
C MET B 54 -9.93 -11.94 -7.58
N GLY B 55 -9.34 -12.20 -6.42
CA GLY B 55 -8.57 -13.40 -6.24
C GLY B 55 -7.14 -13.12 -5.85
N LYS B 56 -6.39 -14.17 -5.52
CA LYS B 56 -5.00 -14.05 -5.16
C LYS B 56 -4.20 -15.18 -5.79
N PRO B 57 -2.87 -15.00 -5.98
CA PRO B 57 -2.03 -16.01 -6.63
C PRO B 57 -2.01 -17.33 -5.89
N ASP B 58 -2.33 -18.41 -6.59
CA ASP B 58 -2.29 -19.74 -6.03
C ASP B 58 -0.98 -20.43 -6.40
N VAL B 59 -0.01 -20.37 -5.50
CA VAL B 59 1.25 -21.04 -5.71
C VAL B 59 1.62 -21.85 -4.47
N LYS B 60 2.58 -22.74 -4.65
CA LYS B 60 3.01 -23.66 -3.59
C LYS B 60 3.50 -22.89 -2.36
N ASN B 61 4.22 -21.79 -2.59
CA ASN B 61 4.78 -21.01 -1.52
C ASN B 61 4.32 -19.55 -1.61
N TYR B 62 3.07 -19.31 -1.22
CA TYR B 62 2.51 -17.97 -1.28
C TYR B 62 2.13 -17.49 0.11
N LYS B 63 2.63 -16.33 0.50
CA LYS B 63 2.30 -15.76 1.79
C LYS B 63 1.81 -14.32 1.63
N HIS B 64 0.58 -14.08 2.09
CA HIS B 64 -0.01 -12.75 1.99
C HIS B 64 0.19 -11.99 3.30
N MET B 65 0.96 -10.93 3.25
CA MET B 65 1.19 -10.11 4.43
C MET B 65 0.25 -8.91 4.43
N SER B 66 0.22 -8.20 5.54
CA SER B 66 -0.51 -6.95 5.60
C SER B 66 0.23 -5.91 4.76
N ARG B 67 -0.51 -5.05 4.07
CA ARG B 67 0.10 -4.14 3.10
C ARG B 67 1.04 -3.15 3.79
N GLY B 68 0.62 -2.67 4.93
CA GLY B 68 1.46 -1.78 5.71
C GLY B 68 2.09 -2.49 6.88
N LYS B 69 1.26 -3.27 7.59
CA LYS B 69 1.69 -4.01 8.76
C LYS B 69 2.31 -5.34 8.35
N LEU B 70 3.07 -5.33 7.26
CA LEU B 70 3.79 -6.51 6.82
C LEU B 70 4.95 -6.74 7.75
N GLU B 71 5.49 -5.64 8.25
CA GLU B 71 6.69 -5.65 9.09
C GLU B 71 6.60 -6.72 10.20
N PRO B 72 5.61 -6.64 11.12
CA PRO B 72 5.45 -7.62 12.20
C PRO B 72 4.90 -8.96 11.72
N LEU B 73 4.33 -8.97 10.52
CA LEU B 73 3.67 -10.16 9.99
C LEU B 73 4.63 -11.05 9.20
N LEU B 74 5.70 -10.43 8.74
CA LEU B 74 6.65 -11.08 7.83
C LEU B 74 7.32 -12.30 8.46
N ALA B 75 7.86 -12.14 9.65
CA ALA B 75 8.60 -13.21 10.31
C ALA B 75 7.68 -14.30 10.84
N LYS B 76 6.40 -13.98 10.97
CA LYS B 76 5.43 -14.92 11.53
C LYS B 76 5.06 -15.99 10.51
N SER B 77 5.22 -15.67 9.23
CA SER B 77 4.90 -16.61 8.17
C SER B 77 6.01 -17.65 8.02
N GLY B 78 7.22 -17.29 8.38
CA GLY B 78 8.34 -18.20 8.25
C GLY B 78 9.06 -18.05 6.93
N LEU B 79 9.98 -17.09 6.89
CA LEU B 79 10.77 -16.84 5.69
C LEU B 79 12.26 -16.87 6.04
N ASP B 80 13.08 -17.37 5.11
CA ASP B 80 14.52 -17.45 5.33
C ASP B 80 15.24 -16.52 4.36
N PRO B 81 16.16 -15.68 4.87
CA PRO B 81 16.85 -14.66 4.05
C PRO B 81 17.82 -15.26 3.02
N GLU B 82 18.03 -16.55 3.06
CA GLU B 82 18.89 -17.19 2.08
C GLU B 82 18.08 -17.83 0.98
N LYS B 83 16.76 -17.66 1.06
CA LYS B 83 15.86 -18.17 0.04
C LYS B 83 15.32 -17.03 -0.81
N PRO B 84 15.16 -17.26 -2.13
CA PRO B 84 14.65 -16.24 -3.04
C PRO B 84 13.18 -15.93 -2.80
N VAL B 85 12.86 -14.66 -2.77
CA VAL B 85 11.48 -14.23 -2.55
C VAL B 85 11.11 -13.13 -3.52
N VAL B 86 9.85 -13.09 -3.91
CA VAL B 86 9.37 -12.05 -4.80
C VAL B 86 8.16 -11.36 -4.16
N VAL B 87 8.07 -10.06 -4.33
CA VAL B 87 6.97 -9.29 -3.79
C VAL B 87 5.98 -8.94 -4.89
N PHE B 88 4.74 -9.35 -4.71
CA PHE B 88 3.71 -9.19 -5.72
C PHE B 88 2.68 -8.15 -5.28
N CYS B 89 2.19 -7.37 -6.24
CA CYS B 89 1.15 -6.38 -5.98
C CYS B 89 0.84 -5.63 -7.27
N LYS B 90 1.81 -4.86 -7.73
CA LYS B 90 1.66 -4.08 -8.95
C LYS B 90 2.98 -3.36 -9.24
N THR B 91 2.98 -2.51 -10.25
CA THR B 91 4.14 -1.70 -10.57
C THR B 91 4.21 -0.49 -9.64
N ALA B 92 4.34 -0.75 -8.35
CA ALA B 92 4.27 0.30 -7.36
C ALA B 92 5.33 0.15 -6.28
N ALA B 93 5.49 1.21 -5.50
CA ALA B 93 6.42 1.23 -4.37
C ALA B 93 5.94 0.31 -3.25
N ARG B 94 4.63 0.10 -3.18
CA ARG B 94 4.00 -0.72 -2.14
C ARG B 94 4.73 -2.05 -1.96
N ALA B 95 4.97 -2.75 -3.07
CA ALA B 95 5.66 -4.03 -3.03
C ALA B 95 7.15 -3.83 -2.76
N ALA B 96 7.70 -2.76 -3.33
CA ALA B 96 9.11 -2.44 -3.17
C ALA B 96 9.48 -2.21 -1.71
N LEU B 97 8.52 -1.76 -0.93
CA LEU B 97 8.75 -1.52 0.50
C LEU B 97 9.01 -2.83 1.22
N ALA B 98 8.26 -3.86 0.85
CA ALA B 98 8.42 -5.17 1.46
C ALA B 98 9.75 -5.80 1.01
N GLY B 99 10.07 -5.63 -0.26
CA GLY B 99 11.26 -6.24 -0.82
C GLY B 99 12.54 -5.53 -0.44
N LYS B 100 12.58 -4.22 -0.62
CA LYS B 100 13.80 -3.45 -0.45
C LYS B 100 14.29 -3.48 0.99
N THR B 101 13.37 -3.59 1.93
CA THR B 101 13.75 -3.73 3.33
C THR B 101 14.33 -5.12 3.58
N LEU B 102 13.78 -6.11 2.89
CA LEU B 102 14.22 -7.50 3.05
C LEU B 102 15.65 -7.69 2.53
N ARG B 103 15.95 -7.10 1.38
CA ARG B 103 17.29 -7.24 0.80
C ARG B 103 18.34 -6.63 1.74
N GLU B 104 17.90 -5.66 2.53
CA GLU B 104 18.76 -5.02 3.52
C GLU B 104 19.06 -5.94 4.69
N TYR B 105 18.42 -7.09 4.72
CA TYR B 105 18.65 -8.07 5.79
C TYR B 105 19.51 -9.22 5.28
N GLY B 106 19.75 -9.24 3.98
CA GLY B 106 20.63 -10.23 3.40
C GLY B 106 19.90 -11.22 2.53
N PHE B 107 18.67 -10.90 2.15
CA PHE B 107 17.88 -11.76 1.31
C PHE B 107 18.55 -11.96 -0.05
N LYS B 108 18.75 -13.23 -0.40
CA LYS B 108 19.51 -13.61 -1.57
C LYS B 108 18.95 -13.00 -2.85
N THR B 109 17.86 -13.56 -3.32
CA THR B 109 17.27 -13.16 -4.59
C THR B 109 15.88 -12.58 -4.37
N ILE B 110 15.78 -11.26 -4.47
CA ILE B 110 14.52 -10.59 -4.21
C ILE B 110 13.98 -9.92 -5.48
N TYR B 111 12.75 -10.25 -5.84
CA TYR B 111 12.17 -9.76 -7.07
C TYR B 111 10.98 -8.84 -6.79
N ASN B 112 10.82 -7.81 -7.61
CA ASN B 112 9.68 -6.92 -7.51
C ASN B 112 8.82 -7.05 -8.76
N SER B 113 7.51 -6.97 -8.60
CA SER B 113 6.60 -7.25 -9.69
C SER B 113 6.49 -6.05 -10.65
N GLU B 114 6.66 -6.31 -11.94
CA GLU B 114 6.59 -5.27 -12.96
C GLU B 114 5.22 -5.24 -13.61
N GLY B 115 4.30 -6.02 -13.07
CA GLY B 115 2.94 -6.03 -13.57
C GLY B 115 1.94 -5.67 -12.50
N GLY B 116 1.37 -6.68 -11.88
CA GLY B 116 0.40 -6.47 -10.83
C GLY B 116 -0.52 -7.65 -10.65
N MET B 117 -1.35 -7.60 -9.62
CA MET B 117 -2.29 -8.69 -9.34
C MET B 117 -3.28 -8.83 -10.49
N ASP B 118 -3.64 -7.71 -11.08
CA ASP B 118 -4.51 -7.70 -12.24
C ASP B 118 -3.86 -8.43 -13.40
N LYS B 119 -2.54 -8.35 -13.48
CA LYS B 119 -1.79 -9.06 -14.51
C LYS B 119 -1.73 -10.55 -14.21
N TRP B 120 -1.68 -10.89 -12.93
CA TRP B 120 -1.68 -12.30 -12.53
C TRP B 120 -2.92 -12.99 -13.07
N LEU B 121 -4.09 -12.40 -12.79
CA LEU B 121 -5.35 -12.93 -13.28
C LEU B 121 -5.41 -12.90 -14.81
N GLU B 122 -4.88 -11.82 -15.38
CA GLU B 122 -4.94 -11.60 -16.83
C GLU B 122 -4.09 -12.60 -17.61
N GLU B 123 -2.88 -12.87 -17.12
CA GLU B 123 -1.95 -13.75 -17.81
C GLU B 123 -2.38 -15.22 -17.69
N GLY B 124 -3.50 -15.44 -17.01
CA GLY B 124 -4.04 -16.79 -16.88
C GLY B 124 -3.28 -17.61 -15.88
N LEU B 125 -2.64 -16.94 -14.93
CA LEU B 125 -1.89 -17.62 -13.89
C LEU B 125 -2.85 -18.17 -12.82
N PRO B 126 -2.40 -19.12 -12.00
CA PRO B 126 -3.26 -19.77 -11.00
C PRO B 126 -3.68 -18.82 -9.90
N SER B 127 -4.97 -18.78 -9.61
CA SER B 127 -5.51 -17.87 -8.62
C SER B 127 -6.46 -18.61 -7.67
N LEU B 128 -6.51 -18.15 -6.42
CA LEU B 128 -7.44 -18.69 -5.44
C LEU B 128 -8.68 -17.81 -5.39
N ASP B 129 -9.77 -18.32 -5.95
CA ASP B 129 -11.02 -17.57 -6.00
C ASP B 129 -12.18 -18.49 -5.64
N ARG B 130 -13.30 -17.90 -5.22
CA ARG B 130 -14.46 -18.67 -4.82
C ARG B 130 -15.25 -19.09 -6.07
N SER B 131 -14.67 -20.01 -6.82
CA SER B 131 -15.26 -20.45 -8.08
C SER B 131 -16.59 -21.17 -7.85
N HIS B 132 -17.43 -21.19 -8.88
CA HIS B 132 -18.75 -21.81 -8.79
C HIS B 132 -18.67 -23.34 -8.91
N HIS B 133 -17.51 -23.90 -8.57
CA HIS B 133 -17.32 -25.34 -8.64
C HIS B 133 -17.98 -26.05 -7.46
N HIS B 134 -18.29 -25.27 -6.43
CA HIS B 134 -18.91 -25.79 -5.20
C HIS B 134 -17.94 -26.73 -4.48
N HIS B 135 -16.89 -26.14 -3.92
CA HIS B 135 -15.86 -26.88 -3.20
C HIS B 135 -15.82 -26.42 -1.75
N HIS B 136 -16.28 -27.28 -0.85
CA HIS B 136 -16.36 -26.91 0.57
C HIS B 136 -14.96 -26.78 1.18
N HIS B 137 -14.76 -25.70 1.92
CA HIS B 137 -13.48 -25.42 2.55
C HIS B 137 -13.55 -25.79 4.03
#